data_8R3Q
#
_entry.id   8R3Q
#
_cell.length_a   97.040
_cell.length_b   114.340
_cell.length_c   149.900
_cell.angle_alpha   90.000
_cell.angle_beta   90.110
_cell.angle_gamma   90.000
#
_symmetry.space_group_name_H-M   'P 1 21 1'
#
loop_
_entity.id
_entity.type
_entity.pdbx_description
1 polymer transketolase
2 non-polymer 'THIAMINE DIPHOSPHATE'
3 non-polymer 'CITRIC ACID'
4 non-polymer 1,2-ETHANEDIOL
5 non-polymer 'MAGNESIUM ION'
6 water water
#
_entity_poly.entity_id   1
_entity_poly.type   'polypeptide(L)'
_entity_poly.pdbx_seq_one_letter_code
;MNIMDNEIDTKCINEIRMLSAELPLEAKSGHQGAPIGCAPIAHILWSYVMNYYNEDTKWINRDRFILSNGHASALLYTML
YLTEQGLSMEDLKSFRQFGSLTPGHPENHITKGVEVTTGPLGQGASNAVGMAIAAHNLADKYNTEEHKIFDNYVYAICGD
GCMQEGVFCEAASLAGHLGLGRLILLYDDNKITIDGNTDLSFTENIEKKFEALNWEVRRVEDGNKDYKKILHEIEQGKKN
LQQPTLIIVRTACGFGTKVEGTCKSHGLALNDEDLKNAKSFFGLDPQKKFHISDEVKEFYKNVIQKKKENYIKWKNMFDD
FSLKYPQVSQEIIRRFQNDLPNNWKDALPKYTPKDAPGATRNLSGIVLNSINKIFPELIGGSADLSESNCTSLKEENDIK
KNSYGNKYIRFGVREHGMVAITNGLYAYGGFKPYCGTFLNFYTYAFGALRLAALSNHHILCIATHDSVELGEDGPTHQPI
EVLSLLRSTPNLNIIRPADGNEVSGAYLSHFSNPHTPTVIALCRNKVPHLNNTQPEQVLKGAYILEDFDTSNNPKVILTG
SGSELHLCFEAKEILKNQHQLNVRIVSFPSWTLFKKQPEDYQYSVMMHNHPNLPRFYIEPASTHGFDTYFNVYIGINQFG
YSAPKNKIWEHLGFTPENIVQKVLAFMKNKLKENLYFQGLEHHHHHH
;
_entity_poly.pdbx_strand_id   B,A,C,D
#
# COMPACT_ATOMS: atom_id res chain seq x y z
N ASP A 5 24.72 -33.32 -37.58
CA ASP A 5 24.15 -34.43 -36.80
C ASP A 5 25.15 -35.55 -36.57
N ASN A 6 25.13 -36.10 -35.37
CA ASN A 6 25.90 -37.30 -35.03
C ASN A 6 24.93 -38.45 -34.90
N GLU A 7 25.24 -39.56 -35.57
CA GLU A 7 24.30 -40.67 -35.59
C GLU A 7 24.08 -41.25 -34.21
N ILE A 8 25.02 -41.04 -33.27
CA ILE A 8 24.88 -41.60 -31.93
C ILE A 8 23.62 -41.08 -31.25
N ASP A 9 23.27 -39.82 -31.47
CA ASP A 9 22.07 -39.28 -30.83
C ASP A 9 20.82 -39.97 -31.36
N THR A 10 20.71 -40.13 -32.68
CA THR A 10 19.59 -40.88 -33.24
C THR A 10 19.59 -42.33 -32.76
N LYS A 11 20.78 -42.93 -32.66
CA LYS A 11 20.85 -44.30 -32.15
C LYS A 11 20.39 -44.38 -30.70
N CYS A 12 20.84 -43.43 -29.87
CA CYS A 12 20.37 -43.40 -28.48
C CYS A 12 18.86 -43.27 -28.43
N ILE A 13 18.32 -42.30 -29.18
CA ILE A 13 16.89 -42.05 -29.16
C ILE A 13 16.12 -43.31 -29.56
N ASN A 14 16.56 -44.00 -30.62
CA ASN A 14 15.82 -45.16 -31.10
C ASN A 14 15.92 -46.33 -30.14
N GLU A 15 17.07 -46.53 -29.51
CA GLU A 15 17.15 -47.60 -28.52
C GLU A 15 16.33 -47.28 -27.28
N ILE A 16 16.21 -46.01 -26.92
CA ILE A 16 15.32 -45.62 -25.83
C ILE A 16 13.86 -45.90 -26.20
N ARG A 17 13.46 -45.57 -27.43
CA ARG A 17 12.10 -45.89 -27.88
C ARG A 17 11.77 -47.36 -27.71
N MET A 18 12.66 -48.25 -28.17
CA MET A 18 12.33 -49.68 -28.17
C MET A 18 12.46 -50.32 -26.79
N LEU A 19 13.48 -49.96 -26.01
CA LEU A 19 13.54 -50.48 -24.65
C LEU A 19 12.30 -50.05 -23.86
N SER A 20 11.92 -48.77 -23.96
CA SER A 20 10.74 -48.28 -23.26
C SER A 20 9.50 -49.08 -23.68
N ALA A 21 9.33 -49.29 -25.00
CA ALA A 21 8.15 -49.99 -25.49
C ALA A 21 8.11 -51.44 -25.03
N GLU A 22 9.28 -52.03 -24.77
CA GLU A 22 9.33 -53.43 -24.34
C GLU A 22 8.84 -53.63 -22.92
N LEU A 23 8.87 -52.60 -22.07
CA LEU A 23 8.46 -52.82 -20.69
C LEU A 23 6.99 -53.16 -20.59
N PRO A 24 6.05 -52.38 -21.17
CA PRO A 24 4.64 -52.80 -21.09
C PRO A 24 4.38 -54.14 -21.77
N LEU A 25 5.06 -54.41 -22.88
CA LEU A 25 4.89 -55.71 -23.54
C LEU A 25 5.23 -56.86 -22.60
N GLU A 26 6.37 -56.75 -21.90
CA GLU A 26 6.75 -57.77 -20.93
C GLU A 26 5.70 -57.93 -19.84
N ALA A 27 5.14 -56.81 -19.35
CA ALA A 27 4.10 -56.86 -18.33
C ALA A 27 2.74 -57.24 -18.88
N LYS A 28 2.58 -57.25 -20.20
CA LYS A 28 1.27 -57.34 -20.86
C LYS A 28 0.31 -56.28 -20.33
N SER A 29 0.84 -55.10 -20.03
CA SER A 29 0.04 -54.05 -19.43
C SER A 29 0.82 -52.74 -19.52
N GLY A 30 0.14 -51.66 -19.88
CA GLY A 30 0.79 -50.36 -19.86
C GLY A 30 0.74 -49.66 -21.20
N HIS A 31 1.57 -48.63 -21.33
CA HIS A 31 1.45 -47.65 -22.40
C HIS A 31 2.76 -47.52 -23.13
N GLN A 32 2.71 -47.69 -24.46
CA GLN A 32 3.90 -47.63 -25.31
C GLN A 32 4.01 -46.37 -26.14
N GLY A 33 2.88 -45.73 -26.49
CA GLY A 33 2.91 -44.70 -27.50
C GLY A 33 3.65 -43.45 -27.09
N ALA A 34 3.36 -42.93 -25.89
CA ALA A 34 4.01 -41.71 -25.44
C ALA A 34 5.48 -41.96 -25.12
N PRO A 35 5.86 -43.08 -24.48
CA PRO A 35 7.30 -43.33 -24.29
C PRO A 35 8.07 -43.30 -25.60
N ILE A 36 7.49 -43.85 -26.68
CA ILE A 36 8.11 -43.77 -28.01
C ILE A 36 8.12 -42.33 -28.51
N GLY A 37 6.97 -41.66 -28.42
CA GLY A 37 6.87 -40.31 -28.93
C GLY A 37 7.79 -39.32 -28.24
N CYS A 38 7.96 -39.47 -26.92
CA CYS A 38 8.74 -38.51 -26.16
C CYS A 38 10.21 -38.87 -25.99
N ALA A 39 10.66 -39.97 -26.59
CA ALA A 39 12.07 -40.36 -26.45
C ALA A 39 13.03 -39.27 -26.88
N PRO A 40 12.81 -38.51 -27.96
CA PRO A 40 13.75 -37.43 -28.28
C PRO A 40 13.88 -36.40 -27.16
N ILE A 41 12.77 -35.96 -26.58
CA ILE A 41 12.84 -35.01 -25.47
C ILE A 41 13.69 -35.57 -24.35
N ALA A 42 13.45 -36.83 -23.99
CA ALA A 42 14.14 -37.44 -22.85
C ALA A 42 15.63 -37.52 -23.11
N HIS A 43 16.02 -37.99 -24.30
CA HIS A 43 17.45 -38.08 -24.61
C HIS A 43 18.11 -36.71 -24.46
N ILE A 44 17.45 -35.65 -24.96
CA ILE A 44 18.01 -34.30 -24.86
C ILE A 44 18.08 -33.85 -23.42
N LEU A 45 17.02 -34.09 -22.63
CA LEU A 45 17.00 -33.61 -21.25
C LEU A 45 18.11 -34.24 -20.43
N TRP A 46 18.25 -35.58 -20.49
CA TRP A 46 19.25 -36.21 -19.64
C TRP A 46 20.66 -36.13 -20.21
N SER A 47 20.84 -36.05 -21.54
CA SER A 47 22.21 -36.01 -22.06
C SER A 47 22.79 -34.62 -22.17
N TYR A 48 21.99 -33.60 -22.44
CA TYR A 48 22.54 -32.25 -22.65
C TYR A 48 22.02 -31.19 -21.70
N VAL A 49 20.75 -31.23 -21.30
CA VAL A 49 20.15 -30.09 -20.61
C VAL A 49 20.35 -30.14 -19.10
N MET A 50 19.86 -31.21 -18.47
CA MET A 50 19.69 -31.20 -17.03
C MET A 50 20.99 -31.44 -16.29
N ASN A 51 21.15 -30.73 -15.17
CA ASN A 51 22.27 -30.94 -14.26
C ASN A 51 21.81 -31.77 -13.08
N TYR A 52 22.44 -32.92 -12.90
CA TYR A 52 22.09 -33.85 -11.84
C TYR A 52 23.36 -34.60 -11.46
N TYR A 53 23.27 -35.42 -10.43
CA TYR A 53 24.40 -36.24 -9.99
C TYR A 53 23.87 -37.64 -9.74
N ASN A 54 24.27 -38.58 -10.59
CA ASN A 54 23.67 -39.90 -10.56
C ASN A 54 23.86 -40.61 -9.22
N GLU A 55 24.92 -40.28 -8.49
CA GLU A 55 25.20 -40.92 -7.21
C GLU A 55 24.47 -40.28 -6.05
N ASP A 56 23.79 -39.14 -6.25
CA ASP A 56 23.02 -38.46 -5.20
C ASP A 56 21.76 -37.86 -5.82
N THR A 57 20.70 -38.67 -5.88
CA THR A 57 19.42 -38.21 -6.38
C THR A 57 18.77 -37.19 -5.46
N LYS A 58 19.39 -36.86 -4.32
CA LYS A 58 18.88 -35.81 -3.44
C LYS A 58 19.81 -34.59 -3.39
N TRP A 59 20.73 -34.47 -4.35
CA TRP A 59 21.59 -33.30 -4.45
C TRP A 59 20.74 -32.03 -4.42
N ILE A 60 21.04 -31.13 -3.49
CA ILE A 60 20.15 -29.99 -3.25
C ILE A 60 20.09 -29.02 -4.43
N ASN A 61 21.07 -29.05 -5.33
CA ASN A 61 21.06 -28.15 -6.48
C ASN A 61 20.82 -28.87 -7.80
N ARG A 62 20.32 -30.11 -7.75
CA ARG A 62 19.94 -30.78 -8.99
C ARG A 62 18.81 -30.03 -9.69
N ASP A 63 18.72 -30.20 -11.00
CA ASP A 63 17.52 -29.84 -11.74
C ASP A 63 16.49 -30.94 -11.47
N ARG A 64 15.32 -30.58 -10.93
CA ARG A 64 14.27 -31.57 -10.72
C ARG A 64 13.49 -31.80 -12.00
N PHE A 65 13.18 -33.08 -12.29
CA PHE A 65 12.38 -33.50 -13.43
C PHE A 65 11.06 -34.11 -12.98
N ILE A 66 9.99 -33.83 -13.72
CA ILE A 66 8.67 -34.38 -13.39
C ILE A 66 7.99 -34.86 -14.67
N LEU A 67 7.55 -36.13 -14.66
CA LEU A 67 6.76 -36.71 -15.74
C LEU A 67 5.29 -36.54 -15.42
N SER A 68 4.69 -35.45 -15.90
CA SER A 68 3.27 -35.20 -15.60
C SER A 68 2.37 -36.21 -16.30
N ASN A 69 2.71 -36.60 -17.53
CA ASN A 69 1.96 -37.66 -18.23
C ASN A 69 2.49 -38.99 -17.72
N GLY A 70 2.07 -39.34 -16.49
CA GLY A 70 2.69 -40.43 -15.75
C GLY A 70 2.54 -41.79 -16.39
N HIS A 71 1.54 -41.97 -17.27
CA HIS A 71 1.40 -43.24 -17.98
C HIS A 71 2.61 -43.54 -18.86
N ALA A 72 3.43 -42.53 -19.16
CA ALA A 72 4.66 -42.73 -19.92
C ALA A 72 5.83 -43.22 -19.05
N SER A 73 5.52 -43.83 -17.89
CA SER A 73 6.55 -44.19 -16.91
C SER A 73 7.68 -45.03 -17.50
N ALA A 74 7.38 -45.88 -18.49
CA ALA A 74 8.42 -46.75 -19.05
C ALA A 74 9.58 -45.92 -19.59
N LEU A 75 9.28 -44.75 -20.15
CA LEU A 75 10.33 -43.83 -20.62
C LEU A 75 11.19 -43.35 -19.46
N LEU A 76 10.57 -42.87 -18.39
CA LEU A 76 11.33 -42.41 -17.23
C LEU A 76 12.23 -43.52 -16.68
N TYR A 77 11.71 -44.74 -16.55
CA TYR A 77 12.52 -45.81 -15.98
C TYR A 77 13.72 -46.13 -16.87
N THR A 78 13.50 -46.13 -18.19
CA THR A 78 14.61 -46.33 -19.12
C THR A 78 15.70 -45.29 -18.89
N MET A 79 15.32 -44.04 -18.65
CA MET A 79 16.29 -42.98 -18.47
C MET A 79 17.04 -43.13 -17.15
N LEU A 80 16.33 -43.53 -16.09
CA LEU A 80 17.00 -43.75 -14.81
C LEU A 80 17.94 -44.95 -14.87
N TYR A 81 17.61 -45.96 -15.68
CA TYR A 81 18.54 -47.07 -15.91
C TYR A 81 19.78 -46.59 -16.65
N LEU A 82 19.59 -45.87 -17.76
CA LEU A 82 20.73 -45.45 -18.58
C LEU A 82 21.65 -44.50 -17.86
N THR A 83 21.10 -43.63 -17.00
CA THR A 83 21.91 -42.68 -16.24
C THR A 83 22.33 -43.24 -14.88
N GLU A 84 22.13 -44.54 -14.65
CA GLU A 84 22.56 -45.24 -13.45
C GLU A 84 22.12 -44.52 -12.18
N GLN A 85 20.82 -44.19 -12.12
CA GLN A 85 20.25 -43.57 -10.92
C GLN A 85 19.42 -44.55 -10.11
N GLY A 86 19.78 -45.83 -10.14
CA GLY A 86 19.27 -46.79 -9.18
C GLY A 86 18.40 -47.90 -9.74
N LEU A 87 18.12 -47.95 -11.04
CA LEU A 87 17.36 -49.05 -11.63
C LEU A 87 18.27 -49.96 -12.46
N SER A 88 18.14 -51.25 -12.25
CA SER A 88 18.81 -52.27 -13.02
C SER A 88 17.93 -52.73 -14.19
N MET A 89 18.52 -53.47 -15.13
CA MET A 89 17.69 -54.09 -16.15
C MET A 89 16.65 -55.05 -15.56
N GLU A 90 16.99 -55.77 -14.50
CA GLU A 90 15.99 -56.65 -13.92
C GLU A 90 14.83 -55.84 -13.34
N ASP A 91 15.10 -54.65 -12.81
CA ASP A 91 14.02 -53.76 -12.38
C ASP A 91 13.11 -53.39 -13.54
N LEU A 92 13.70 -53.04 -14.70
CA LEU A 92 12.91 -52.71 -15.87
C LEU A 92 12.03 -53.87 -16.28
N LYS A 93 12.59 -55.09 -16.25
CA LYS A 93 11.84 -56.30 -16.58
C LYS A 93 10.78 -56.62 -15.54
N SER A 94 10.76 -55.93 -14.39
CA SER A 94 9.75 -56.13 -13.36
C SER A 94 8.69 -55.03 -13.39
N PHE A 95 8.60 -54.31 -14.51
CA PHE A 95 7.60 -53.27 -14.71
C PHE A 95 6.21 -53.79 -14.38
N ARG A 96 5.51 -53.05 -13.51
CA ARG A 96 4.12 -53.32 -13.13
C ARG A 96 3.95 -54.65 -12.38
N GLN A 97 5.00 -55.17 -11.75
CA GLN A 97 4.92 -56.38 -10.95
C GLN A 97 4.94 -56.08 -9.45
N PHE A 98 4.30 -56.96 -8.67
CA PHE A 98 4.21 -56.78 -7.22
C PHE A 98 5.58 -56.50 -6.60
N GLY A 99 5.66 -55.41 -5.85
CA GLY A 99 6.85 -55.07 -5.11
C GLY A 99 8.00 -54.54 -5.93
N SER A 100 7.81 -54.24 -7.21
CA SER A 100 8.93 -53.81 -8.01
C SER A 100 9.21 -52.32 -7.80
N LEU A 101 10.40 -51.89 -8.25
CA LEU A 101 10.76 -50.48 -8.23
C LEU A 101 10.22 -49.73 -9.44
N THR A 102 9.47 -50.41 -10.30
CA THR A 102 8.98 -49.82 -11.56
C THR A 102 7.47 -49.96 -11.68
N PRO A 103 6.70 -49.31 -10.80
CA PRO A 103 5.23 -49.35 -10.92
C PRO A 103 4.73 -48.65 -12.18
N GLY A 104 3.48 -48.99 -12.55
CA GLY A 104 2.93 -48.52 -13.83
C GLY A 104 2.81 -47.01 -13.93
N HIS A 105 2.67 -46.33 -12.79
CA HIS A 105 2.77 -44.88 -12.73
C HIS A 105 3.82 -44.55 -11.68
N PRO A 106 4.63 -43.51 -11.91
CA PRO A 106 5.79 -43.29 -11.03
C PRO A 106 5.36 -42.89 -9.62
N GLU A 107 6.02 -43.49 -8.62
CA GLU A 107 5.81 -43.18 -7.20
C GLU A 107 7.12 -42.72 -6.58
N ASN A 108 7.13 -41.49 -6.05
CA ASN A 108 8.38 -40.98 -5.46
C ASN A 108 8.79 -41.75 -4.22
N HIS A 109 7.83 -42.34 -3.51
CA HIS A 109 8.19 -43.09 -2.31
C HIS A 109 8.85 -44.44 -2.62
N ILE A 110 8.67 -44.95 -3.84
CA ILE A 110 9.23 -46.25 -4.21
C ILE A 110 10.61 -46.12 -4.86
N THR A 111 10.77 -45.15 -5.76
CA THR A 111 11.86 -45.13 -6.73
C THR A 111 12.74 -43.90 -6.58
N LYS A 112 14.04 -44.11 -6.47
CA LYS A 112 15.00 -43.01 -6.51
C LYS A 112 14.94 -42.31 -7.86
N GLY A 113 15.15 -40.99 -7.85
CA GLY A 113 15.07 -40.24 -9.07
C GLY A 113 13.65 -39.91 -9.53
N VAL A 114 12.63 -40.40 -8.84
CA VAL A 114 11.24 -40.01 -9.09
C VAL A 114 10.89 -38.99 -8.03
N GLU A 115 10.57 -37.76 -8.45
CA GLU A 115 10.45 -36.63 -7.54
C GLU A 115 9.07 -36.51 -6.90
N VAL A 116 8.02 -36.81 -7.67
CA VAL A 116 6.64 -36.74 -7.21
C VAL A 116 5.92 -37.96 -7.80
N THR A 117 4.73 -38.23 -7.27
CA THR A 117 3.92 -39.33 -7.75
C THR A 117 2.91 -38.80 -8.77
N THR A 118 2.95 -39.35 -9.98
CA THR A 118 2.06 -38.90 -11.04
C THR A 118 1.27 -40.08 -11.57
N GLY A 119 0.44 -39.83 -12.57
CA GLY A 119 -0.57 -40.79 -12.96
C GLY A 119 -1.93 -40.12 -13.03
N PRO A 120 -2.33 -39.46 -11.94
CA PRO A 120 -3.51 -38.59 -12.02
C PRO A 120 -3.13 -37.34 -12.79
N LEU A 121 -3.80 -37.10 -13.91
CA LEU A 121 -3.33 -36.08 -14.85
C LEU A 121 -3.39 -34.68 -14.26
N GLY A 122 -2.47 -33.82 -14.73
CA GLY A 122 -2.38 -32.45 -14.29
C GLY A 122 -1.58 -32.23 -13.02
N GLN A 123 -1.41 -33.27 -12.20
CA GLN A 123 -0.75 -33.10 -10.91
C GLN A 123 0.73 -32.77 -11.08
N GLY A 124 1.45 -33.53 -11.91
CA GLY A 124 2.88 -33.32 -12.01
C GLY A 124 3.24 -31.92 -12.48
N ALA A 125 2.57 -31.44 -13.53
CA ALA A 125 2.85 -30.11 -14.02
C ALA A 125 2.53 -29.05 -12.97
N SER A 126 1.52 -29.30 -12.13
CA SER A 126 1.21 -28.34 -11.06
C SER A 126 2.24 -28.43 -9.94
N ASN A 127 2.66 -29.65 -9.59
CA ASN A 127 3.78 -29.86 -8.67
C ASN A 127 5.00 -29.05 -9.12
N ALA A 128 5.29 -29.06 -10.42
CA ALA A 128 6.46 -28.36 -10.95
C ALA A 128 6.38 -26.86 -10.72
N VAL A 129 5.18 -26.28 -10.74
CA VAL A 129 5.04 -24.87 -10.39
C VAL A 129 5.53 -24.62 -8.97
N GLY A 130 5.14 -25.49 -8.03
CA GLY A 130 5.65 -25.36 -6.67
C GLY A 130 7.15 -25.53 -6.56
N MET A 131 7.73 -26.50 -7.30
CA MET A 131 9.18 -26.61 -7.30
C MET A 131 9.86 -25.37 -7.89
N ALA A 132 9.24 -24.74 -8.90
CA ALA A 132 9.83 -23.52 -9.44
C ALA A 132 9.78 -22.38 -8.44
N ILE A 133 8.71 -22.29 -7.64
CA ILE A 133 8.70 -21.31 -6.55
C ILE A 133 9.87 -21.55 -5.62
N ALA A 134 10.10 -22.82 -5.26
CA ALA A 134 11.20 -23.15 -4.35
C ALA A 134 12.54 -22.73 -4.94
N ALA A 135 12.77 -23.06 -6.22
CA ALA A 135 14.03 -22.75 -6.87
C ALA A 135 14.29 -21.25 -6.92
N HIS A 136 13.27 -20.44 -7.24
CA HIS A 136 13.43 -18.99 -7.22
C HIS A 136 13.68 -18.48 -5.80
N ASN A 137 12.91 -18.99 -4.84
CA ASN A 137 13.04 -18.51 -3.46
C ASN A 137 14.44 -18.76 -2.91
N LEU A 138 14.97 -19.98 -3.10
CA LEU A 138 16.26 -20.31 -2.50
C LEU A 138 17.40 -19.58 -3.19
N ALA A 139 17.32 -19.39 -4.51
CA ALA A 139 18.30 -18.56 -5.20
C ALA A 139 18.32 -17.17 -4.61
N ASP A 140 17.14 -16.59 -4.35
CA ASP A 140 17.07 -15.23 -3.82
C ASP A 140 17.55 -15.19 -2.38
N LYS A 141 17.19 -16.20 -1.58
CA LYS A 141 17.53 -16.20 -0.16
C LYS A 141 19.03 -16.41 0.08
N TYR A 142 19.67 -17.33 -0.66
CA TYR A 142 21.01 -17.78 -0.27
C TYR A 142 22.13 -17.43 -1.22
N ASN A 143 21.88 -17.20 -2.50
CA ASN A 143 22.98 -16.97 -3.42
C ASN A 143 23.70 -15.66 -3.11
N THR A 144 25.01 -15.67 -3.35
CA THR A 144 25.83 -14.46 -3.35
C THR A 144 26.33 -14.20 -4.76
N GLU A 145 27.13 -13.15 -4.91
CA GLU A 145 27.73 -12.86 -6.22
C GLU A 145 28.64 -14.00 -6.67
N GLU A 146 29.43 -14.56 -5.75
CA GLU A 146 30.40 -15.58 -6.11
C GLU A 146 29.87 -17.00 -5.93
N HIS A 147 28.88 -17.20 -5.06
CA HIS A 147 28.37 -18.53 -4.73
C HIS A 147 26.91 -18.63 -5.17
N LYS A 148 26.67 -19.25 -6.33
CA LYS A 148 25.33 -19.58 -6.78
C LYS A 148 25.00 -20.98 -6.26
N ILE A 149 24.64 -21.02 -4.97
CA ILE A 149 24.32 -22.31 -4.34
C ILE A 149 23.12 -22.96 -4.99
N PHE A 150 22.05 -22.19 -5.19
CA PHE A 150 20.83 -22.69 -5.81
C PHE A 150 20.67 -22.01 -7.16
N ASP A 151 20.97 -22.74 -8.23
CA ASP A 151 20.81 -22.20 -9.57
C ASP A 151 20.33 -23.35 -10.43
N ASN A 152 19.08 -23.75 -10.23
CA ASN A 152 18.57 -24.90 -10.92
C ASN A 152 17.21 -24.58 -11.54
N TYR A 153 16.80 -25.48 -12.43
CA TYR A 153 15.62 -25.33 -13.25
C TYR A 153 14.72 -26.54 -13.06
N VAL A 154 13.43 -26.35 -13.28
CA VAL A 154 12.43 -27.40 -13.14
C VAL A 154 11.97 -27.78 -14.53
N TYR A 155 12.18 -29.04 -14.92
CA TYR A 155 11.75 -29.56 -16.21
C TYR A 155 10.61 -30.53 -16.01
N ALA A 156 9.59 -30.42 -16.86
CA ALA A 156 8.45 -31.32 -16.82
C ALA A 156 8.04 -31.65 -18.24
N ILE A 157 7.51 -32.85 -18.41
CA ILE A 157 6.83 -33.26 -19.64
C ILE A 157 5.36 -33.48 -19.30
N CYS A 158 4.47 -33.02 -20.18
CA CYS A 158 3.05 -33.30 -20.02
C CYS A 158 2.46 -33.62 -21.38
N GLY A 159 1.23 -34.14 -21.37
CA GLY A 159 0.49 -34.39 -22.59
C GLY A 159 -0.78 -33.58 -22.66
N ASP A 160 -1.70 -33.97 -23.56
CA ASP A 160 -2.94 -33.22 -23.73
C ASP A 160 -3.82 -33.31 -22.49
N GLY A 161 -3.78 -34.44 -21.79
CA GLY A 161 -4.63 -34.61 -20.62
C GLY A 161 -4.31 -33.60 -19.54
N CYS A 162 -3.02 -33.38 -19.25
CA CYS A 162 -2.64 -32.40 -18.24
C CYS A 162 -3.06 -30.99 -18.64
N MET A 163 -2.98 -30.67 -19.93
CA MET A 163 -3.43 -29.37 -20.46
C MET A 163 -4.93 -29.16 -20.34
N GLN A 164 -5.73 -30.18 -20.06
CA GLN A 164 -7.17 -30.03 -19.90
C GLN A 164 -7.62 -29.97 -18.45
N GLU A 165 -6.79 -30.43 -17.50
CA GLU A 165 -7.24 -30.51 -16.12
C GLU A 165 -7.19 -29.17 -15.42
N GLY A 166 -8.23 -28.90 -14.63
CA GLY A 166 -8.33 -27.65 -13.94
C GLY A 166 -7.21 -27.41 -12.95
N VAL A 167 -6.65 -28.48 -12.36
CA VAL A 167 -5.61 -28.26 -11.35
C VAL A 167 -4.43 -27.55 -12.00
N PHE A 168 -4.07 -27.97 -13.22
CA PHE A 168 -2.98 -27.29 -13.92
C PHE A 168 -3.41 -25.99 -14.57
N CYS A 169 -4.68 -25.82 -14.95
CA CYS A 169 -5.13 -24.48 -15.34
C CYS A 169 -4.88 -23.50 -14.20
N GLU A 170 -5.16 -23.91 -12.96
CA GLU A 170 -4.95 -23.04 -11.81
C GLU A 170 -3.47 -22.79 -11.57
N ALA A 171 -2.67 -23.86 -11.56
CA ALA A 171 -1.25 -23.69 -11.26
C ALA A 171 -0.54 -22.89 -12.36
N ALA A 172 -0.92 -23.10 -13.63
CA ALA A 172 -0.29 -22.37 -14.72
C ALA A 172 -0.55 -20.87 -14.60
N SER A 173 -1.77 -20.50 -14.20
CA SER A 173 -2.09 -19.10 -14.00
C SER A 173 -1.17 -18.48 -12.95
N LEU A 174 -0.98 -19.17 -11.81
CA LEU A 174 -0.08 -18.65 -10.79
C LEU A 174 1.37 -18.59 -11.28
N ALA A 175 1.80 -19.60 -12.05
CA ALA A 175 3.18 -19.60 -12.55
C ALA A 175 3.46 -18.37 -13.40
N GLY A 176 2.53 -18.03 -14.29
CA GLY A 176 2.68 -16.82 -15.08
C GLY A 176 2.61 -15.57 -14.24
N HIS A 177 1.66 -15.51 -13.29
CA HIS A 177 1.57 -14.35 -12.42
C HIS A 177 2.86 -14.10 -11.67
N LEU A 178 3.52 -15.16 -11.21
CA LEU A 178 4.74 -15.04 -10.42
C LEU A 178 6.01 -14.94 -11.26
N GLY A 179 5.91 -15.07 -12.58
CA GLY A 179 7.07 -14.96 -13.44
C GLY A 179 8.13 -16.02 -13.22
N LEU A 180 7.71 -17.28 -13.10
CA LEU A 180 8.65 -18.36 -12.72
C LEU A 180 9.43 -18.87 -13.93
N GLY A 181 10.43 -18.09 -14.34
CA GLY A 181 11.25 -18.45 -15.48
C GLY A 181 12.12 -19.68 -15.29
N ARG A 182 12.29 -20.16 -14.07
CA ARG A 182 13.03 -21.40 -13.88
C ARG A 182 12.21 -22.65 -14.20
N LEU A 183 10.96 -22.48 -14.60
CA LEU A 183 10.10 -23.59 -15.02
C LEU A 183 10.12 -23.75 -16.55
N ILE A 184 10.46 -24.95 -17.02
CA ILE A 184 10.40 -25.30 -18.43
C ILE A 184 9.48 -26.50 -18.59
N LEU A 185 8.35 -26.32 -19.26
CA LEU A 185 7.38 -27.38 -19.48
C LEU A 185 7.37 -27.76 -20.95
N LEU A 186 7.67 -29.03 -21.24
CA LEU A 186 7.60 -29.56 -22.59
C LEU A 186 6.28 -30.33 -22.76
N TYR A 187 5.48 -29.87 -23.70
CA TYR A 187 4.16 -30.39 -23.95
C TYR A 187 4.20 -31.32 -25.16
N ASP A 188 3.84 -32.58 -24.95
CA ASP A 188 3.78 -33.59 -26.01
C ASP A 188 2.49 -33.38 -26.78
N ASP A 189 2.58 -32.55 -27.82
CA ASP A 189 1.42 -32.17 -28.63
C ASP A 189 1.26 -33.22 -29.72
N ASN A 190 0.56 -34.32 -29.41
CA ASN A 190 0.46 -35.45 -30.34
C ASN A 190 -0.95 -35.68 -30.90
N LYS A 191 -1.90 -34.79 -30.63
CA LYS A 191 -3.24 -34.82 -31.21
C LYS A 191 -4.03 -36.07 -30.82
N ILE A 192 -3.60 -36.76 -29.77
CA ILE A 192 -4.20 -38.02 -29.35
C ILE A 192 -4.51 -37.96 -27.87
N THR A 193 -5.70 -38.44 -27.48
CA THR A 193 -5.97 -38.86 -26.10
C THR A 193 -6.58 -40.26 -26.17
N ILE A 194 -7.19 -40.75 -25.08
CA ILE A 194 -7.65 -42.14 -25.09
C ILE A 194 -8.85 -42.34 -26.02
N ASP A 195 -9.78 -41.38 -26.05
CA ASP A 195 -10.98 -41.55 -26.88
C ASP A 195 -10.67 -41.41 -28.37
N GLY A 196 -9.57 -40.76 -28.72
CA GLY A 196 -9.23 -40.60 -30.14
C GLY A 196 -8.53 -39.27 -30.36
N ASN A 197 -8.78 -38.70 -31.54
CA ASN A 197 -8.18 -37.42 -31.87
C ASN A 197 -8.58 -36.37 -30.84
N THR A 198 -7.67 -35.43 -30.56
CA THR A 198 -8.03 -34.33 -29.66
C THR A 198 -9.18 -33.50 -30.21
N ASP A 199 -9.39 -33.53 -31.53
N ASP A 199 -9.41 -33.51 -31.53
CA ASP A 199 -10.47 -32.76 -32.15
CA ASP A 199 -10.48 -32.67 -32.04
C ASP A 199 -11.84 -33.13 -31.58
C ASP A 199 -11.86 -33.13 -31.60
N LEU A 200 -11.95 -34.30 -30.96
CA LEU A 200 -13.22 -34.70 -30.35
C LEU A 200 -13.61 -33.76 -29.21
N SER A 201 -12.65 -33.20 -28.51
CA SER A 201 -12.97 -32.53 -27.24
C SER A 201 -12.05 -31.37 -26.88
N PHE A 202 -11.01 -31.09 -27.64
CA PHE A 202 -9.93 -30.19 -27.17
C PHE A 202 -9.31 -29.50 -28.37
N THR A 203 -9.70 -28.23 -28.59
CA THR A 203 -9.29 -27.47 -29.77
C THR A 203 -8.80 -26.06 -29.42
N GLU A 204 -8.41 -25.81 -28.18
CA GLU A 204 -7.91 -24.50 -27.76
C GLU A 204 -6.67 -24.10 -28.56
N ASN A 205 -6.48 -22.79 -28.71
CA ASN A 205 -5.23 -22.25 -29.23
C ASN A 205 -4.29 -22.15 -28.03
N ILE A 206 -3.52 -23.22 -27.79
CA ILE A 206 -2.70 -23.31 -26.59
C ILE A 206 -1.67 -22.19 -26.54
N GLU A 207 -1.05 -21.87 -27.68
CA GLU A 207 -0.04 -20.81 -27.69
C GLU A 207 -0.63 -19.48 -27.24
N LYS A 208 -1.76 -19.09 -27.82
CA LYS A 208 -2.38 -17.83 -27.45
C LYS A 208 -2.85 -17.84 -25.99
N LYS A 209 -3.39 -18.98 -25.55
CA LYS A 209 -3.83 -19.08 -24.15
C LYS A 209 -2.66 -18.89 -23.19
N PHE A 210 -1.54 -19.58 -23.43
CA PHE A 210 -0.44 -19.46 -22.49
C PHE A 210 0.24 -18.08 -22.54
N GLU A 211 0.29 -17.44 -23.71
CA GLU A 211 0.72 -16.04 -23.72
C GLU A 211 -0.19 -15.15 -22.87
N ALA A 212 -1.50 -15.42 -22.90
CA ALA A 212 -2.42 -14.65 -22.06
C ALA A 212 -2.15 -14.89 -20.58
N LEU A 213 -1.62 -16.06 -20.24
CA LEU A 213 -1.26 -16.36 -18.86
C LEU A 213 0.11 -15.82 -18.46
N ASN A 214 0.80 -15.08 -19.34
CA ASN A 214 2.16 -14.57 -19.11
C ASN A 214 3.23 -15.64 -19.18
N TRP A 215 3.00 -16.72 -19.89
CA TRP A 215 4.06 -17.65 -20.24
C TRP A 215 4.71 -17.23 -21.56
N GLU A 216 5.98 -17.56 -21.71
CA GLU A 216 6.62 -17.59 -23.03
C GLU A 216 6.33 -18.94 -23.68
N VAL A 217 6.03 -18.93 -24.99
CA VAL A 217 5.67 -20.14 -25.72
C VAL A 217 6.67 -20.34 -26.86
N ARG A 218 7.23 -21.54 -26.95
CA ARG A 218 8.13 -21.92 -28.02
C ARG A 218 7.59 -23.19 -28.68
N ARG A 219 8.08 -23.51 -29.87
CA ARG A 219 7.52 -24.62 -30.62
C ARG A 219 8.61 -25.43 -31.29
N VAL A 220 8.37 -26.74 -31.39
CA VAL A 220 9.20 -27.65 -32.17
C VAL A 220 8.25 -28.36 -33.11
N GLU A 221 8.36 -28.07 -34.42
CA GLU A 221 7.38 -28.61 -35.37
C GLU A 221 7.61 -30.10 -35.65
N ASP A 222 8.86 -30.57 -35.60
CA ASP A 222 9.14 -31.99 -35.82
C ASP A 222 9.79 -32.55 -34.57
N GLY A 223 8.97 -32.84 -33.56
CA GLY A 223 9.52 -33.40 -32.35
C GLY A 223 9.92 -34.85 -32.46
N ASN A 224 9.60 -35.53 -33.56
CA ASN A 224 10.05 -36.91 -33.72
C ASN A 224 11.50 -37.00 -34.13
N LYS A 225 11.99 -36.05 -34.91
CA LYS A 225 13.35 -36.14 -35.45
C LYS A 225 14.24 -34.94 -35.17
N ASP A 226 13.67 -33.76 -34.92
CA ASP A 226 14.47 -32.54 -34.78
C ASP A 226 14.89 -32.32 -33.33
N TYR A 227 15.74 -33.22 -32.85
CA TYR A 227 16.20 -33.12 -31.47
C TYR A 227 17.14 -31.94 -31.25
N LYS A 228 17.81 -31.44 -32.29
CA LYS A 228 18.58 -30.21 -32.08
C LYS A 228 17.68 -29.01 -31.81
N LYS A 229 16.50 -28.95 -32.44
CA LYS A 229 15.60 -27.84 -32.14
C LYS A 229 15.01 -27.95 -30.75
N ILE A 230 14.74 -29.17 -30.27
CA ILE A 230 14.29 -29.33 -28.90
C ILE A 230 15.31 -28.74 -27.94
N LEU A 231 16.60 -29.09 -28.15
CA LEU A 231 17.66 -28.55 -27.32
C LEU A 231 17.73 -27.04 -27.41
N HIS A 232 17.64 -26.49 -28.63
CA HIS A 232 17.74 -25.05 -28.80
C HIS A 232 16.62 -24.32 -28.07
N GLU A 233 15.38 -24.80 -28.19
CA GLU A 233 14.28 -24.10 -27.55
C GLU A 233 14.36 -24.17 -26.03
N ILE A 234 14.77 -25.32 -25.48
CA ILE A 234 15.00 -25.40 -24.04
C ILE A 234 16.06 -24.37 -23.61
N GLU A 235 17.20 -24.34 -24.30
CA GLU A 235 18.27 -23.41 -23.91
C GLU A 235 17.80 -21.96 -24.00
N GLN A 236 17.02 -21.62 -25.02
CA GLN A 236 16.51 -20.25 -25.10
C GLN A 236 15.49 -19.97 -24.01
N GLY A 237 14.66 -20.97 -23.68
CA GLY A 237 13.69 -20.77 -22.61
C GLY A 237 14.33 -20.44 -21.28
N LYS A 238 15.45 -21.10 -20.96
CA LYS A 238 16.16 -20.86 -19.71
C LYS A 238 16.65 -19.41 -19.62
N LYS A 239 16.97 -18.78 -20.76
CA LYS A 239 17.47 -17.41 -20.72
C LYS A 239 16.38 -16.41 -20.35
N ASN A 240 15.10 -16.73 -20.55
CA ASN A 240 14.01 -15.86 -20.10
C ASN A 240 13.62 -16.25 -18.68
N LEU A 241 14.24 -15.60 -17.70
CA LEU A 241 13.96 -15.93 -16.30
C LEU A 241 12.71 -15.24 -15.77
N GLN A 242 12.07 -14.36 -16.53
N GLN A 242 12.09 -14.34 -16.52
CA GLN A 242 10.91 -13.62 -16.06
CA GLN A 242 10.91 -13.61 -16.07
C GLN A 242 9.59 -14.26 -16.46
C GLN A 242 9.60 -14.26 -16.46
N GLN A 243 9.61 -15.31 -17.28
CA GLN A 243 8.39 -16.03 -17.65
C GLN A 243 8.64 -17.53 -17.70
N PRO A 244 7.72 -18.33 -17.16
CA PRO A 244 7.78 -19.78 -17.41
C PRO A 244 7.65 -20.02 -18.89
N THR A 245 8.31 -21.07 -19.38
CA THR A 245 8.36 -21.37 -20.79
C THR A 245 7.61 -22.66 -21.08
N LEU A 246 6.68 -22.59 -22.01
CA LEU A 246 6.02 -23.76 -22.56
C LEU A 246 6.63 -24.05 -23.93
N ILE A 247 7.09 -25.28 -24.13
CA ILE A 247 7.59 -25.71 -25.43
C ILE A 247 6.62 -26.75 -25.99
N ILE A 248 5.92 -26.35 -27.04
CA ILE A 248 4.95 -27.22 -27.69
C ILE A 248 5.71 -28.07 -28.69
N VAL A 249 5.88 -29.36 -28.36
CA VAL A 249 6.64 -30.30 -29.16
C VAL A 249 5.65 -31.18 -29.91
N ARG A 250 5.62 -31.05 -31.24
CA ARG A 250 4.72 -31.86 -32.06
C ARG A 250 5.33 -33.25 -32.23
N THR A 251 4.67 -34.28 -31.71
CA THR A 251 5.14 -35.64 -31.92
C THR A 251 4.01 -36.50 -32.47
N ALA A 252 4.40 -37.69 -32.93
CA ALA A 252 3.46 -38.75 -33.27
C ALA A 252 3.51 -39.79 -32.16
N CYS A 253 2.36 -40.06 -31.56
CA CYS A 253 2.26 -41.13 -30.59
C CYS A 253 2.63 -42.46 -31.26
N GLY A 254 3.56 -43.21 -30.68
CA GLY A 254 3.96 -44.46 -31.29
C GLY A 254 4.71 -44.30 -32.60
N PHE A 255 5.48 -43.21 -32.73
CA PHE A 255 6.23 -42.89 -33.94
C PHE A 255 7.06 -44.08 -34.44
N GLY A 256 6.95 -44.36 -35.73
CA GLY A 256 7.75 -45.40 -36.36
C GLY A 256 7.20 -46.80 -36.25
N THR A 257 6.02 -46.97 -35.67
CA THR A 257 5.45 -48.29 -35.45
C THR A 257 4.14 -48.42 -36.20
N LYS A 258 3.59 -49.64 -36.16
CA LYS A 258 2.36 -49.95 -36.86
C LYS A 258 1.19 -49.06 -36.41
N VAL A 259 1.19 -48.61 -35.16
CA VAL A 259 0.04 -47.91 -34.59
C VAL A 259 0.23 -46.39 -34.57
N GLU A 260 1.29 -45.88 -35.19
CA GLU A 260 1.62 -44.45 -35.14
C GLU A 260 0.40 -43.56 -35.43
N GLY A 261 0.17 -42.60 -34.53
CA GLY A 261 -0.85 -41.59 -34.74
C GLY A 261 -2.29 -42.01 -34.56
N THR A 262 -2.54 -43.23 -34.09
CA THR A 262 -3.90 -43.69 -33.81
C THR A 262 -4.09 -43.78 -32.31
N CYS A 263 -5.34 -43.67 -31.85
CA CYS A 263 -5.51 -43.62 -30.41
C CYS A 263 -5.19 -44.95 -29.75
N LYS A 264 -5.18 -46.06 -30.50
CA LYS A 264 -4.74 -47.31 -29.90
C LYS A 264 -3.25 -47.26 -29.53
N SER A 265 -2.46 -46.35 -30.14
CA SER A 265 -1.06 -46.23 -29.75
C SER A 265 -0.90 -45.79 -28.31
N HIS A 266 -1.93 -45.19 -27.72
CA HIS A 266 -1.85 -44.72 -26.33
C HIS A 266 -1.43 -45.85 -25.40
N GLY A 267 -1.99 -47.04 -25.60
CA GLY A 267 -1.80 -48.11 -24.64
C GLY A 267 -0.84 -49.19 -25.10
N LEU A 268 -1.27 -50.43 -24.95
CA LEU A 268 -0.47 -51.61 -25.29
C LEU A 268 -1.02 -52.21 -26.58
N ALA A 269 -0.49 -51.74 -27.71
CA ALA A 269 -0.94 -52.22 -29.01
C ALA A 269 0.20 -52.71 -29.89
N LEU A 270 1.40 -52.90 -29.34
CA LEU A 270 2.55 -53.41 -30.08
C LEU A 270 2.99 -54.73 -29.46
N ASN A 271 2.85 -55.83 -30.20
CA ASN A 271 3.26 -57.14 -29.73
C ASN A 271 4.71 -57.42 -30.14
N ASP A 272 5.19 -58.65 -29.89
CA ASP A 272 6.58 -59.00 -30.20
C ASP A 272 6.92 -58.73 -31.66
N GLU A 273 6.07 -59.19 -32.58
CA GLU A 273 6.33 -58.99 -34.00
C GLU A 273 6.36 -57.51 -34.38
N ASP A 274 5.43 -56.72 -33.85
CA ASP A 274 5.40 -55.30 -34.16
C ASP A 274 6.68 -54.61 -33.71
N LEU A 275 7.23 -55.04 -32.57
CA LEU A 275 8.48 -54.44 -32.09
C LEU A 275 9.67 -54.85 -32.94
N LYS A 276 9.67 -56.09 -33.44
CA LYS A 276 10.71 -56.49 -34.39
C LYS A 276 10.68 -55.59 -35.62
N ASN A 277 9.48 -55.38 -36.18
CA ASN A 277 9.36 -54.51 -37.34
C ASN A 277 9.80 -53.09 -37.03
N ALA A 278 9.42 -52.56 -35.85
CA ALA A 278 9.85 -51.22 -35.50
C ALA A 278 11.37 -51.14 -35.36
N LYS A 279 11.98 -52.16 -34.75
CA LYS A 279 13.43 -52.14 -34.59
C LYS A 279 14.13 -52.13 -35.95
N SER A 280 13.60 -52.88 -36.92
CA SER A 280 14.18 -52.84 -38.26
C SER A 280 14.02 -51.46 -38.89
N PHE A 281 12.84 -50.88 -38.76
CA PHE A 281 12.63 -49.52 -39.25
C PHE A 281 13.64 -48.55 -38.67
N PHE A 282 13.97 -48.69 -37.38
CA PHE A 282 14.91 -47.78 -36.72
C PHE A 282 16.37 -48.20 -36.86
N GLY A 283 16.65 -49.27 -37.62
CA GLY A 283 18.03 -49.68 -37.81
C GLY A 283 18.63 -50.48 -36.69
N LEU A 284 17.82 -51.14 -35.87
CA LEU A 284 18.29 -51.93 -34.75
C LEU A 284 18.07 -53.41 -35.03
N ASP A 285 18.78 -54.24 -34.28
CA ASP A 285 18.67 -55.69 -34.40
C ASP A 285 17.33 -56.20 -33.89
N PRO A 286 16.43 -56.68 -34.75
CA PRO A 286 15.12 -57.15 -34.27
C PRO A 286 15.20 -58.39 -33.40
N GLN A 287 16.35 -59.07 -33.34
CA GLN A 287 16.48 -60.31 -32.60
C GLN A 287 16.89 -60.09 -31.15
N LYS A 288 17.36 -58.90 -30.79
CA LYS A 288 17.85 -58.62 -29.45
C LYS A 288 16.78 -57.88 -28.67
N LYS A 289 16.37 -58.46 -27.54
CA LYS A 289 15.33 -57.89 -26.70
C LYS A 289 15.96 -57.32 -25.44
N PHE A 290 15.35 -56.25 -24.92
CA PHE A 290 15.89 -55.53 -23.76
C PHE A 290 17.38 -55.23 -23.95
N HIS A 291 17.71 -54.61 -25.08
CA HIS A 291 19.09 -54.49 -25.53
C HIS A 291 19.48 -53.02 -25.67
N ILE A 292 20.60 -52.66 -25.04
CA ILE A 292 21.25 -51.38 -25.28
C ILE A 292 22.63 -51.68 -25.87
N SER A 293 22.94 -51.06 -27.01
CA SER A 293 24.19 -51.32 -27.70
C SER A 293 25.38 -50.77 -26.90
N ASP A 294 26.58 -51.25 -27.27
CA ASP A 294 27.78 -50.79 -26.57
C ASP A 294 28.02 -49.31 -26.81
N GLU A 295 27.69 -48.82 -28.00
CA GLU A 295 27.90 -47.41 -28.32
C GLU A 295 26.98 -46.51 -27.50
N VAL A 296 25.73 -46.93 -27.30
CA VAL A 296 24.80 -46.14 -26.50
C VAL A 296 25.20 -46.19 -25.04
N LYS A 297 25.61 -47.38 -24.55
CA LYS A 297 26.13 -47.47 -23.20
C LYS A 297 27.33 -46.55 -23.01
N GLU A 298 28.25 -46.55 -23.97
CA GLU A 298 29.43 -45.69 -23.86
C GLU A 298 29.02 -44.22 -23.87
N PHE A 299 28.02 -43.86 -24.66
CA PHE A 299 27.55 -42.47 -24.68
C PHE A 299 27.04 -42.05 -23.31
N TYR A 300 26.18 -42.88 -22.70
CA TYR A 300 25.60 -42.48 -21.42
C TYR A 300 26.61 -42.58 -20.28
N LYS A 301 27.62 -43.46 -20.39
CA LYS A 301 28.71 -43.43 -19.42
C LYS A 301 29.40 -42.07 -19.44
N ASN A 302 29.61 -41.52 -20.63
CA ASN A 302 30.20 -40.19 -20.75
C ASN A 302 29.30 -39.10 -20.21
N VAL A 303 27.98 -39.22 -20.44
CA VAL A 303 27.05 -38.24 -19.88
C VAL A 303 27.18 -38.19 -18.37
N ILE A 304 27.15 -39.38 -17.73
CA ILE A 304 27.25 -39.50 -16.28
C ILE A 304 28.50 -38.83 -15.75
N GLN A 305 29.64 -39.11 -16.40
CA GLN A 305 30.90 -38.50 -16.02
C GLN A 305 30.88 -36.98 -16.10
N LYS A 306 30.29 -36.42 -17.17
CA LYS A 306 30.19 -34.97 -17.27
C LYS A 306 29.27 -34.40 -16.19
N LYS A 307 28.19 -35.12 -15.87
CA LYS A 307 27.34 -34.65 -14.77
C LYS A 307 28.13 -34.58 -13.47
N LYS A 308 28.92 -35.61 -13.18
CA LYS A 308 29.71 -35.63 -11.94
C LYS A 308 30.75 -34.51 -11.91
N GLU A 309 31.36 -34.20 -13.05
CA GLU A 309 32.32 -33.11 -13.09
C GLU A 309 31.65 -31.79 -12.72
N ASN A 310 30.43 -31.57 -13.21
CA ASN A 310 29.71 -30.36 -12.86
C ASN A 310 29.36 -30.35 -11.37
N TYR A 311 28.96 -31.50 -10.84
CA TYR A 311 28.67 -31.62 -9.42
C TYR A 311 29.89 -31.28 -8.58
N ILE A 312 31.06 -31.77 -8.97
CA ILE A 312 32.28 -31.52 -8.21
C ILE A 312 32.61 -30.03 -8.17
N LYS A 313 32.37 -29.31 -9.27
CA LYS A 313 32.58 -27.87 -9.24
C LYS A 313 31.63 -27.18 -8.27
N TRP A 314 30.35 -27.59 -8.26
CA TRP A 314 29.41 -27.05 -7.28
C TRP A 314 29.85 -27.38 -5.85
N LYS A 315 30.24 -28.63 -5.62
CA LYS A 315 30.62 -29.07 -4.28
C LYS A 315 31.81 -28.26 -3.75
N ASN A 316 32.79 -28.00 -4.61
CA ASN A 316 33.93 -27.18 -4.16
C ASN A 316 33.48 -25.76 -3.88
N MET A 317 32.55 -25.26 -4.70
CA MET A 317 32.00 -23.93 -4.43
C MET A 317 31.22 -23.93 -3.12
N PHE A 318 30.43 -24.98 -2.85
CA PHE A 318 29.67 -25.03 -1.59
C PHE A 318 30.59 -25.12 -0.38
N ASP A 319 31.69 -25.89 -0.49
CA ASP A 319 32.65 -25.96 0.61
C ASP A 319 33.28 -24.59 0.88
N ASP A 320 33.60 -23.84 -0.18
CA ASP A 320 34.12 -22.48 0.01
C ASP A 320 33.08 -21.58 0.67
N PHE A 321 31.84 -21.64 0.18
CA PHE A 321 30.76 -20.86 0.80
C PHE A 321 30.63 -21.20 2.28
N SER A 322 30.69 -22.49 2.62
CA SER A 322 30.43 -22.94 3.98
C SER A 322 31.52 -22.48 4.95
N LEU A 323 32.75 -22.34 4.49
CA LEU A 323 33.79 -21.78 5.34
C LEU A 323 33.54 -20.29 5.60
N LYS A 324 33.10 -19.55 4.58
CA LYS A 324 32.89 -18.11 4.73
C LYS A 324 31.62 -17.77 5.50
N TYR A 325 30.58 -18.58 5.35
CA TYR A 325 29.28 -18.33 6.01
C TYR A 325 28.84 -19.61 6.72
N PRO A 326 29.49 -19.96 7.83
CA PRO A 326 29.14 -21.24 8.48
C PRO A 326 27.70 -21.32 8.97
N GLN A 327 27.17 -20.26 9.58
CA GLN A 327 25.79 -20.30 10.09
C GLN A 327 24.77 -20.44 8.97
N VAL A 328 25.01 -19.83 7.82
CA VAL A 328 24.08 -20.01 6.70
C VAL A 328 24.19 -21.42 6.15
N SER A 329 25.41 -21.93 6.00
CA SER A 329 25.59 -23.30 5.56
C SER A 329 24.88 -24.27 6.50
N GLN A 330 25.04 -24.05 7.81
CA GLN A 330 24.37 -24.90 8.79
C GLN A 330 22.85 -24.89 8.59
N GLU A 331 22.27 -23.72 8.33
CA GLU A 331 20.83 -23.63 8.09
C GLU A 331 20.41 -24.41 6.85
N ILE A 332 21.15 -24.25 5.74
CA ILE A 332 20.83 -24.98 4.52
C ILE A 332 20.87 -26.48 4.78
N ILE A 333 21.92 -26.96 5.47
CA ILE A 333 22.01 -28.39 5.76
C ILE A 333 20.83 -28.85 6.61
N ARG A 334 20.50 -28.09 7.66
CA ARG A 334 19.41 -28.49 8.55
C ARG A 334 18.09 -28.60 7.78
N ARG A 335 17.78 -27.59 6.96
CA ARG A 335 16.52 -27.59 6.21
C ARG A 335 16.43 -28.76 5.26
N PHE A 336 17.49 -29.02 4.48
CA PHE A 336 17.39 -30.13 3.55
C PHE A 336 17.52 -31.49 4.22
N GLN A 337 17.95 -31.56 5.47
CA GLN A 337 17.88 -32.83 6.19
C GLN A 337 16.55 -33.03 6.90
N ASN A 338 15.61 -32.10 6.74
CA ASN A 338 14.30 -32.12 7.41
C ASN A 338 14.42 -32.00 8.93
N ASP A 339 15.59 -31.60 9.44
CA ASP A 339 15.72 -31.37 10.88
C ASP A 339 14.99 -30.10 11.28
N LEU A 340 14.45 -30.12 12.50
CA LEU A 340 13.66 -29.02 13.01
C LEU A 340 14.55 -28.04 13.77
N PRO A 341 14.13 -26.78 13.86
CA PRO A 341 14.93 -25.78 14.59
C PRO A 341 15.14 -26.18 16.04
N ASN A 342 16.30 -25.80 16.58
N ASN A 342 16.30 -25.78 16.57
CA ASN A 342 16.60 -26.05 17.98
CA ASN A 342 16.61 -26.06 17.97
C ASN A 342 15.54 -25.42 18.87
C ASN A 342 15.59 -25.41 18.89
N ASN A 343 15.11 -26.16 19.89
CA ASN A 343 14.11 -25.71 20.87
C ASN A 343 12.80 -25.26 20.23
N TRP A 344 12.43 -25.86 19.08
CA TRP A 344 11.24 -25.40 18.38
C TRP A 344 9.97 -25.55 19.21
N LYS A 345 9.89 -26.55 20.09
CA LYS A 345 8.68 -26.75 20.88
C LYS A 345 8.43 -25.60 21.86
N ASP A 346 9.45 -24.80 22.18
CA ASP A 346 9.23 -23.64 23.03
C ASP A 346 8.35 -22.59 22.35
N ALA A 347 8.16 -22.66 21.04
CA ALA A 347 7.31 -21.72 20.34
C ALA A 347 5.82 -22.06 20.43
N LEU A 348 5.46 -23.22 20.99
CA LEU A 348 4.05 -23.63 21.08
C LEU A 348 3.41 -23.06 22.34
N PRO A 349 2.43 -22.17 22.22
CA PRO A 349 1.82 -21.54 23.40
C PRO A 349 1.11 -22.54 24.30
N LYS A 350 1.01 -22.17 25.59
CA LYS A 350 0.30 -22.95 26.59
C LYS A 350 -0.80 -22.09 27.22
N TYR A 351 -1.91 -22.73 27.61
CA TYR A 351 -3.07 -22.03 28.15
C TYR A 351 -3.61 -22.78 29.37
N THR A 352 -4.48 -22.09 30.13
CA THR A 352 -5.22 -22.72 31.22
C THR A 352 -6.68 -22.25 31.14
N PRO A 353 -7.61 -22.88 31.86
CA PRO A 353 -9.01 -22.42 31.83
C PRO A 353 -9.21 -21.00 32.30
N LYS A 354 -8.22 -20.40 32.96
CA LYS A 354 -8.37 -19.00 33.34
C LYS A 354 -8.15 -18.03 32.19
N ASP A 355 -7.57 -18.48 31.08
CA ASP A 355 -7.42 -17.60 29.93
C ASP A 355 -8.74 -17.36 29.22
N ALA A 356 -8.80 -16.25 28.48
CA ALA A 356 -10.04 -15.87 27.83
C ALA A 356 -10.35 -16.82 26.67
N PRO A 357 -11.64 -17.05 26.39
CA PRO A 357 -11.99 -17.94 25.27
C PRO A 357 -11.47 -17.41 23.95
N GLY A 358 -11.16 -18.33 23.04
CA GLY A 358 -10.71 -17.96 21.72
C GLY A 358 -11.18 -18.99 20.71
N ALA A 359 -11.40 -18.54 19.47
CA ALA A 359 -11.72 -19.47 18.40
C ALA A 359 -10.48 -20.27 18.05
N THR A 360 -10.64 -21.54 17.70
CA THR A 360 -9.42 -22.29 17.41
C THR A 360 -8.75 -21.80 16.14
N ARG A 361 -9.48 -21.20 15.19
CA ARG A 361 -8.77 -20.63 14.05
C ARG A 361 -7.82 -19.52 14.48
N ASN A 362 -8.29 -18.64 15.39
CA ASN A 362 -7.43 -17.56 15.87
C ASN A 362 -6.26 -18.11 16.65
N LEU A 363 -6.51 -19.10 17.52
CA LEU A 363 -5.41 -19.75 18.24
C LEU A 363 -4.40 -20.37 17.27
N SER A 364 -4.87 -20.94 16.17
CA SER A 364 -3.94 -21.46 15.16
C SER A 364 -3.09 -20.35 14.55
N GLY A 365 -3.69 -19.20 14.25
CA GLY A 365 -2.90 -18.10 13.73
C GLY A 365 -1.81 -17.65 14.69
N ILE A 366 -2.10 -17.68 16.00
CA ILE A 366 -1.05 -17.37 16.98
C ILE A 366 0.11 -18.36 16.90
N VAL A 367 -0.19 -19.66 16.79
CA VAL A 367 0.87 -20.66 16.67
C VAL A 367 1.68 -20.43 15.40
N LEU A 368 0.98 -20.29 14.27
CA LEU A 368 1.66 -20.06 12.99
C LEU A 368 2.66 -18.90 13.08
N ASN A 369 2.21 -17.78 13.66
CA ASN A 369 3.11 -16.63 13.77
C ASN A 369 4.24 -16.89 14.74
N SER A 370 4.00 -17.68 15.78
CA SER A 370 5.08 -18.03 16.71
C SER A 370 6.15 -18.89 16.05
N ILE A 371 5.73 -19.96 15.37
CA ILE A 371 6.74 -20.82 14.73
C ILE A 371 7.36 -20.13 13.52
N ASN A 372 6.65 -19.22 12.86
CA ASN A 372 7.24 -18.52 11.72
C ASN A 372 8.55 -17.83 12.10
N LYS A 373 8.65 -17.33 13.34
CA LYS A 373 9.84 -16.61 13.75
C LYS A 373 11.09 -17.49 13.79
N ILE A 374 10.93 -18.80 13.96
CA ILE A 374 12.07 -19.70 14.13
C ILE A 374 12.18 -20.75 13.03
N PHE A 375 11.23 -20.81 12.10
CA PHE A 375 11.28 -21.74 10.96
C PHE A 375 11.57 -20.93 9.71
N PRO A 376 12.83 -20.72 9.32
CA PRO A 376 13.08 -20.09 8.00
C PRO A 376 12.47 -20.88 6.85
N GLU A 377 12.21 -22.17 7.06
CA GLU A 377 11.72 -23.06 6.02
C GLU A 377 10.19 -23.09 5.93
N LEU A 378 9.49 -22.37 6.80
CA LEU A 378 8.03 -22.28 6.72
C LEU A 378 7.61 -21.45 5.51
N ILE A 379 6.68 -21.98 4.71
CA ILE A 379 6.22 -21.29 3.51
C ILE A 379 4.77 -21.69 3.26
N GLY A 380 3.95 -20.74 2.79
CA GLY A 380 2.60 -21.11 2.39
C GLY A 380 1.66 -19.92 2.42
N GLY A 381 0.37 -20.24 2.55
CA GLY A 381 -0.64 -19.20 2.49
C GLY A 381 -2.02 -19.81 2.29
N SER A 382 -2.98 -18.92 1.98
CA SER A 382 -4.37 -19.28 1.88
C SER A 382 -4.88 -19.11 0.44
N ALA A 383 -5.92 -19.88 0.09
CA ALA A 383 -6.62 -19.67 -1.18
C ALA A 383 -7.65 -18.54 -1.03
N ASP A 384 -7.13 -17.31 -1.01
CA ASP A 384 -7.94 -16.09 -0.94
C ASP A 384 -8.80 -15.97 0.32
N LEU A 385 -8.36 -16.58 1.42
CA LEU A 385 -9.08 -16.50 2.69
C LEU A 385 -8.10 -16.28 3.84
N SER A 386 -7.11 -15.42 3.62
CA SER A 386 -6.02 -15.30 4.59
C SER A 386 -6.51 -14.81 5.95
N GLU A 387 -7.38 -13.81 5.98
CA GLU A 387 -7.90 -13.32 7.27
C GLU A 387 -8.84 -14.34 7.93
N SER A 388 -9.82 -14.85 7.18
CA SER A 388 -10.76 -15.82 7.77
C SER A 388 -10.06 -17.11 8.19
N ASN A 389 -9.07 -17.57 7.41
CA ASN A 389 -8.32 -18.77 7.78
C ASN A 389 -7.30 -18.51 8.87
N CYS A 390 -7.03 -17.24 9.19
CA CYS A 390 -5.98 -16.85 10.14
C CYS A 390 -4.61 -17.36 9.72
N THR A 391 -4.31 -17.31 8.42
CA THR A 391 -3.01 -17.76 7.94
C THR A 391 -2.00 -16.63 7.77
N SER A 392 -2.41 -15.36 7.86
CA SER A 392 -1.48 -14.27 7.62
C SER A 392 -0.32 -14.31 8.60
N LEU A 393 0.87 -14.02 8.09
CA LEU A 393 2.09 -13.97 8.89
C LEU A 393 2.50 -12.51 9.07
N LYS A 394 2.47 -12.05 10.32
CA LYS A 394 2.84 -10.65 10.59
C LYS A 394 4.28 -10.39 10.18
N GLU A 395 4.50 -9.27 9.51
CA GLU A 395 5.84 -8.83 9.12
C GLU A 395 6.52 -9.76 8.13
N GLU A 396 5.77 -10.59 7.41
CA GLU A 396 6.33 -11.23 6.23
C GLU A 396 5.71 -10.59 5.00
N ASN A 397 6.32 -10.84 3.85
CA ASN A 397 5.86 -10.27 2.59
C ASN A 397 5.48 -11.38 1.62
N ASP A 398 4.64 -11.01 0.64
CA ASP A 398 4.22 -11.95 -0.39
C ASP A 398 5.37 -12.27 -1.33
N ILE A 399 5.44 -13.54 -1.72
CA ILE A 399 6.21 -13.92 -2.90
C ILE A 399 5.56 -13.28 -4.12
N LYS A 400 6.36 -12.59 -4.92
CA LYS A 400 5.83 -11.97 -6.13
C LYS A 400 6.96 -11.91 -7.15
N LYS A 401 6.57 -11.60 -8.39
CA LYS A 401 7.54 -11.43 -9.46
C LYS A 401 8.67 -10.52 -9.00
N ASN A 402 9.90 -11.02 -9.13
CA ASN A 402 11.12 -10.32 -8.77
C ASN A 402 11.28 -10.11 -7.26
N SER A 403 10.54 -10.87 -6.44
CA SER A 403 10.71 -10.82 -5.00
C SER A 403 10.37 -12.21 -4.42
N TYR A 404 11.24 -13.18 -4.69
CA TYR A 404 10.94 -14.58 -4.41
C TYR A 404 11.38 -15.07 -3.04
N GLY A 405 12.30 -14.39 -2.36
CA GLY A 405 12.81 -14.90 -1.09
C GLY A 405 11.90 -14.61 0.08
N ASN A 406 10.60 -14.60 -0.14
CA ASN A 406 9.62 -14.33 0.91
C ASN A 406 8.89 -15.61 1.26
N LYS A 407 8.05 -15.54 2.30
CA LYS A 407 7.44 -16.74 2.86
C LYS A 407 5.95 -16.92 2.56
N TYR A 408 5.24 -15.86 2.17
CA TYR A 408 3.79 -15.94 2.02
C TYR A 408 3.38 -15.99 0.55
N ILE A 409 2.48 -16.92 0.23
CA ILE A 409 1.98 -17.09 -1.13
C ILE A 409 0.50 -16.74 -1.18
N ARG A 410 0.14 -15.85 -2.10
CA ARG A 410 -1.25 -15.51 -2.35
C ARG A 410 -1.73 -16.47 -3.43
N PHE A 411 -2.39 -17.56 -3.02
CA PHE A 411 -2.81 -18.56 -4.00
C PHE A 411 -3.99 -18.11 -4.85
N GLY A 412 -4.74 -17.10 -4.41
CA GLY A 412 -5.98 -16.79 -5.10
C GLY A 412 -7.00 -17.92 -4.92
N VAL A 413 -8.04 -17.89 -5.76
CA VAL A 413 -9.17 -18.81 -5.63
C VAL A 413 -8.87 -20.11 -6.36
N ARG A 414 -7.92 -20.87 -5.84
CA ARG A 414 -7.33 -22.00 -6.56
C ARG A 414 -6.97 -23.12 -5.56
N GLU A 415 -7.99 -23.77 -4.98
CA GLU A 415 -7.70 -24.75 -3.93
C GLU A 415 -6.89 -25.92 -4.46
N HIS A 416 -7.29 -26.47 -5.62
CA HIS A 416 -6.62 -27.66 -6.12
C HIS A 416 -5.19 -27.34 -6.56
N GLY A 417 -5.02 -26.26 -7.31
CA GLY A 417 -3.68 -25.80 -7.63
C GLY A 417 -2.85 -25.52 -6.40
N MET A 418 -3.45 -24.90 -5.39
CA MET A 418 -2.78 -24.69 -4.10
C MET A 418 -2.12 -25.96 -3.56
N VAL A 419 -2.91 -27.01 -3.38
CA VAL A 419 -2.42 -28.19 -2.70
C VAL A 419 -1.36 -28.88 -3.55
N ALA A 420 -1.54 -28.88 -4.88
CA ALA A 420 -0.53 -29.48 -5.74
C ALA A 420 0.78 -28.68 -5.70
N ILE A 421 0.69 -27.36 -5.66
CA ILE A 421 1.88 -26.51 -5.51
C ILE A 421 2.55 -26.75 -4.16
N THR A 422 1.73 -26.87 -3.11
CA THR A 422 2.25 -27.18 -1.78
C THR A 422 2.97 -28.53 -1.77
N ASN A 423 2.39 -29.52 -2.44
CA ASN A 423 3.09 -30.79 -2.65
C ASN A 423 4.45 -30.58 -3.31
N GLY A 424 4.48 -29.77 -4.38
CA GLY A 424 5.74 -29.54 -5.09
C GLY A 424 6.77 -28.85 -4.23
N LEU A 425 6.34 -27.88 -3.42
CA LEU A 425 7.27 -27.22 -2.50
C LEU A 425 7.90 -28.21 -1.54
N TYR A 426 7.09 -29.10 -0.94
CA TYR A 426 7.66 -30.09 -0.05
C TYR A 426 8.61 -31.01 -0.80
N ALA A 427 8.18 -31.51 -1.96
CA ALA A 427 8.97 -32.49 -2.69
C ALA A 427 10.29 -31.92 -3.19
N TYR A 428 10.37 -30.59 -3.38
CA TYR A 428 11.64 -29.99 -3.78
C TYR A 428 12.73 -30.26 -2.76
N GLY A 429 12.36 -30.23 -1.48
CA GLY A 429 13.28 -30.31 -0.37
C GLY A 429 13.50 -28.96 0.28
N GLY A 430 13.86 -28.99 1.56
CA GLY A 430 14.21 -27.78 2.29
C GLY A 430 13.04 -26.94 2.79
N PHE A 431 11.79 -27.38 2.62
CA PHE A 431 10.63 -26.59 3.02
C PHE A 431 9.66 -27.38 3.89
N LYS A 432 8.98 -26.65 4.77
CA LYS A 432 7.85 -27.16 5.56
C LYS A 432 6.67 -26.29 5.15
N PRO A 433 5.93 -26.69 4.13
CA PRO A 433 4.87 -25.83 3.59
C PRO A 433 3.51 -26.05 4.27
N TYR A 434 2.69 -25.01 4.18
CA TYR A 434 1.31 -25.08 4.67
C TYR A 434 0.39 -24.39 3.68
N CYS A 435 -0.89 -24.73 3.75
CA CYS A 435 -1.89 -24.13 2.89
C CYS A 435 -3.17 -23.98 3.70
N GLY A 436 -4.10 -23.19 3.17
CA GLY A 436 -5.35 -22.94 3.89
C GLY A 436 -6.55 -22.68 3.01
N THR A 437 -7.70 -23.21 3.43
CA THR A 437 -9.02 -22.84 2.92
C THR A 437 -10.06 -23.32 3.94
N PHE A 438 -11.33 -23.08 3.65
CA PHE A 438 -12.40 -23.68 4.47
C PHE A 438 -12.35 -25.19 4.31
N LEU A 439 -12.63 -25.93 5.41
CA LEU A 439 -12.59 -27.39 5.34
C LEU A 439 -13.42 -27.93 4.18
N ASN A 440 -14.62 -27.37 3.97
CA ASN A 440 -15.50 -27.88 2.92
C ASN A 440 -14.92 -27.74 1.53
N PHE A 441 -14.01 -26.81 1.30
CA PHE A 441 -13.47 -26.68 -0.04
C PHE A 441 -12.17 -27.43 -0.24
N TYR A 442 -11.70 -28.21 0.74
CA TYR A 442 -10.60 -29.12 0.44
C TYR A 442 -11.05 -30.24 -0.51
N THR A 443 -12.36 -30.50 -0.66
CA THR A 443 -12.71 -31.51 -1.64
C THR A 443 -12.52 -31.01 -3.07
N TYR A 444 -12.45 -29.69 -3.28
CA TYR A 444 -12.01 -29.16 -4.57
C TYR A 444 -10.61 -29.68 -4.92
N ALA A 445 -9.81 -29.96 -3.90
CA ALA A 445 -8.38 -30.23 -4.01
C ALA A 445 -8.02 -31.65 -3.62
N PHE A 446 -9.00 -32.53 -3.42
CA PHE A 446 -8.65 -33.85 -2.89
C PHE A 446 -7.78 -34.67 -3.83
N GLY A 447 -7.86 -34.43 -5.16
CA GLY A 447 -6.91 -35.08 -6.06
C GLY A 447 -5.48 -34.93 -5.59
N ALA A 448 -5.09 -33.71 -5.21
CA ALA A 448 -3.72 -33.46 -4.76
C ALA A 448 -3.51 -33.85 -3.30
N LEU A 449 -4.53 -33.69 -2.45
CA LEU A 449 -4.36 -34.05 -1.04
C LEU A 449 -4.15 -35.56 -0.88
N ARG A 450 -4.94 -36.37 -1.60
CA ARG A 450 -4.73 -37.82 -1.58
C ARG A 450 -3.31 -38.18 -2.00
N LEU A 451 -2.77 -37.47 -2.99
CA LEU A 451 -1.40 -37.72 -3.42
C LEU A 451 -0.38 -37.32 -2.37
N ALA A 452 -0.66 -36.28 -1.56
CA ALA A 452 0.25 -35.99 -0.45
C ALA A 452 0.36 -37.20 0.47
N ALA A 453 -0.76 -37.83 0.77
CA ALA A 453 -0.75 -39.01 1.65
C ALA A 453 -0.01 -40.18 0.99
N LEU A 454 -0.29 -40.46 -0.28
CA LEU A 454 0.37 -41.57 -0.97
C LEU A 454 1.87 -41.32 -1.14
N SER A 455 2.27 -40.07 -1.35
CA SER A 455 3.65 -39.67 -1.61
C SER A 455 4.45 -39.39 -0.35
N ASN A 456 3.85 -39.49 0.83
CA ASN A 456 4.50 -39.08 2.08
C ASN A 456 4.93 -37.61 2.08
N HIS A 457 4.20 -36.73 1.41
CA HIS A 457 4.54 -35.30 1.46
C HIS A 457 4.10 -34.70 2.78
N HIS A 458 5.03 -34.05 3.47
CA HIS A 458 4.77 -33.51 4.82
C HIS A 458 4.25 -32.08 4.68
N ILE A 459 2.95 -31.98 4.35
CA ILE A 459 2.32 -30.67 4.16
C ILE A 459 1.29 -30.46 5.26
N LEU A 460 1.07 -29.19 5.61
CA LEU A 460 0.16 -28.79 6.67
C LEU A 460 -1.03 -28.08 6.04
N CYS A 461 -2.24 -28.63 6.22
CA CYS A 461 -3.47 -28.06 5.66
C CYS A 461 -4.30 -27.47 6.79
N ILE A 462 -4.34 -26.15 6.84
CA ILE A 462 -5.18 -25.41 7.78
C ILE A 462 -6.59 -25.37 7.19
N ALA A 463 -7.57 -25.88 7.93
CA ALA A 463 -8.94 -25.98 7.41
C ALA A 463 -9.91 -25.38 8.41
N THR A 464 -10.26 -24.12 8.22
CA THR A 464 -11.15 -23.46 9.17
C THR A 464 -12.61 -23.64 8.75
N HIS A 465 -13.52 -23.13 9.58
CA HIS A 465 -14.95 -23.20 9.29
C HIS A 465 -15.36 -24.66 9.06
N ASP A 466 -15.05 -25.49 10.06
CA ASP A 466 -15.10 -26.94 9.92
C ASP A 466 -16.48 -27.57 10.10
N SER A 467 -17.55 -26.81 10.35
CA SER A 467 -18.84 -27.45 10.59
C SER A 467 -19.98 -26.43 10.49
N VAL A 468 -21.21 -26.88 10.76
CA VAL A 468 -22.38 -26.00 10.77
C VAL A 468 -22.20 -24.86 11.76
N GLU A 469 -21.27 -25.00 12.70
CA GLU A 469 -20.91 -23.92 13.63
C GLU A 469 -20.58 -22.63 12.90
N LEU A 470 -20.23 -22.70 11.61
CA LEU A 470 -19.90 -21.49 10.88
C LEU A 470 -21.12 -20.60 10.62
N GLY A 471 -22.33 -21.18 10.68
CA GLY A 471 -23.54 -20.35 10.65
C GLY A 471 -24.06 -19.98 9.26
N GLU A 472 -24.26 -18.67 9.03
CA GLU A 472 -25.17 -18.21 7.97
C GLU A 472 -24.71 -18.46 6.55
N ASP A 473 -23.41 -18.70 6.31
CA ASP A 473 -23.01 -19.00 4.94
C ASP A 473 -23.69 -20.28 4.41
N GLY A 474 -24.13 -21.18 5.29
CA GLY A 474 -25.09 -22.19 4.91
C GLY A 474 -24.54 -23.52 4.39
N PRO A 475 -25.44 -24.39 3.90
CA PRO A 475 -25.03 -25.78 3.58
C PRO A 475 -23.96 -25.94 2.48
N THR A 476 -23.82 -25.00 1.55
CA THR A 476 -22.76 -25.14 0.54
C THR A 476 -21.37 -24.99 1.14
N HIS A 477 -21.27 -24.45 2.36
CA HIS A 477 -20.02 -24.20 3.05
C HIS A 477 -19.80 -25.14 4.22
N GLN A 478 -20.82 -25.86 4.67
CA GLN A 478 -20.73 -26.64 5.90
C GLN A 478 -20.41 -28.10 5.60
N PRO A 479 -19.23 -28.59 5.95
CA PRO A 479 -18.90 -29.99 5.69
C PRO A 479 -19.76 -30.93 6.52
N ILE A 480 -20.07 -32.09 5.93
CA ILE A 480 -20.78 -33.17 6.62
C ILE A 480 -19.98 -34.46 6.47
N GLU A 481 -19.44 -34.66 5.27
CA GLU A 481 -18.79 -35.89 4.84
C GLU A 481 -17.26 -35.84 4.93
N VAL A 482 -16.67 -34.68 5.21
CA VAL A 482 -15.22 -34.50 5.01
C VAL A 482 -14.42 -35.18 6.11
N LEU A 483 -14.82 -35.04 7.37
CA LEU A 483 -14.09 -35.71 8.44
C LEU A 483 -14.03 -37.21 8.19
N SER A 484 -15.14 -37.79 7.73
CA SER A 484 -15.18 -39.22 7.42
C SER A 484 -14.25 -39.58 6.28
N LEU A 485 -14.29 -38.79 5.19
CA LEU A 485 -13.33 -38.96 4.10
C LEU A 485 -11.89 -39.00 4.61
N LEU A 486 -11.49 -37.98 5.38
CA LEU A 486 -10.09 -37.93 5.81
C LEU A 486 -9.72 -39.11 6.69
N ARG A 487 -10.65 -39.55 7.57
CA ARG A 487 -10.37 -40.70 8.41
C ARG A 487 -10.27 -42.00 7.62
N SER A 488 -10.76 -42.03 6.37
CA SER A 488 -10.75 -43.23 5.55
C SER A 488 -9.59 -43.26 4.57
N THR A 489 -8.74 -42.22 4.59
CA THR A 489 -7.59 -42.10 3.70
C THR A 489 -6.33 -42.55 4.42
N PRO A 490 -5.60 -43.52 3.87
CA PRO A 490 -4.35 -43.96 4.51
C PRO A 490 -3.33 -42.84 4.58
N ASN A 491 -2.51 -42.90 5.63
CA ASN A 491 -1.39 -41.97 5.83
C ASN A 491 -1.82 -40.51 5.72
N LEU A 492 -2.87 -40.17 6.46
CA LEU A 492 -3.28 -38.78 6.56
C LEU A 492 -3.78 -38.55 7.97
N ASN A 493 -3.34 -37.48 8.61
CA ASN A 493 -3.87 -37.14 9.93
C ASN A 493 -4.89 -36.02 9.82
N ILE A 494 -6.02 -36.21 10.47
CA ILE A 494 -7.01 -35.16 10.63
C ILE A 494 -7.13 -34.91 12.14
N ILE A 495 -6.89 -33.68 12.55
CA ILE A 495 -6.90 -33.31 13.97
C ILE A 495 -7.88 -32.15 14.13
N ARG A 496 -8.74 -32.23 15.15
CA ARG A 496 -9.80 -31.26 15.36
C ARG A 496 -9.70 -30.78 16.81
N PRO A 497 -8.79 -29.83 17.08
CA PRO A 497 -8.50 -29.47 18.48
C PRO A 497 -9.64 -28.71 19.13
N ALA A 498 -9.82 -28.96 20.43
CA ALA A 498 -10.93 -28.37 21.17
C ALA A 498 -10.59 -26.98 21.74
N ASP A 499 -9.33 -26.68 21.96
CA ASP A 499 -9.00 -25.42 22.63
C ASP A 499 -7.53 -25.07 22.36
N GLY A 500 -7.00 -24.09 23.11
CA GLY A 500 -5.67 -23.58 22.83
C GLY A 500 -4.56 -24.61 23.03
N ASN A 501 -4.59 -25.32 24.16
CA ASN A 501 -3.61 -26.37 24.35
C ASN A 501 -3.66 -27.40 23.24
N GLU A 502 -4.86 -27.76 22.79
CA GLU A 502 -4.94 -28.79 21.75
C GLU A 502 -4.50 -28.25 20.39
N VAL A 503 -4.70 -26.95 20.14
CA VAL A 503 -4.15 -26.38 18.91
C VAL A 503 -2.63 -26.51 18.91
N SER A 504 -2.00 -26.21 20.06
CA SER A 504 -0.55 -26.41 20.14
C SER A 504 -0.21 -27.88 19.93
N GLY A 505 -1.02 -28.78 20.50
CA GLY A 505 -0.81 -30.20 20.28
C GLY A 505 -0.97 -30.62 18.82
N ALA A 506 -1.85 -29.96 18.07
CA ALA A 506 -2.03 -30.32 16.67
C ALA A 506 -0.79 -29.95 15.85
N TYR A 507 -0.21 -28.77 16.10
CA TYR A 507 1.06 -28.44 15.45
C TYR A 507 2.18 -29.36 15.94
N LEU A 508 2.20 -29.69 17.24
CA LEU A 508 3.19 -30.65 17.73
C LEU A 508 3.06 -31.99 17.01
N SER A 509 1.83 -32.45 16.80
CA SER A 509 1.58 -33.70 16.10
C SER A 509 2.10 -33.64 14.67
N HIS A 510 1.85 -32.53 13.97
CA HIS A 510 2.31 -32.41 12.58
C HIS A 510 3.82 -32.59 12.49
N PHE A 511 4.56 -31.78 13.26
CA PHE A 511 6.03 -31.87 13.17
C PHE A 511 6.61 -33.12 13.81
N SER A 512 5.84 -33.90 14.59
CA SER A 512 6.32 -35.17 15.12
C SER A 512 6.02 -36.34 14.20
N ASN A 513 5.32 -36.11 13.08
CA ASN A 513 4.95 -37.16 12.13
C ASN A 513 5.38 -36.68 10.76
N PRO A 514 6.68 -36.72 10.45
CA PRO A 514 7.21 -36.00 9.30
C PRO A 514 7.02 -36.69 7.95
N HIS A 515 6.28 -37.80 7.88
CA HIS A 515 6.04 -38.41 6.58
C HIS A 515 4.55 -38.49 6.26
N THR A 516 3.73 -37.70 6.95
CA THR A 516 2.27 -37.78 6.88
C THR A 516 1.69 -36.37 6.80
N PRO A 517 0.85 -36.07 5.81
CA PRO A 517 0.19 -34.77 5.77
C PRO A 517 -0.81 -34.66 6.91
N THR A 518 -1.00 -33.43 7.38
CA THR A 518 -1.92 -33.12 8.47
C THR A 518 -2.97 -32.13 7.99
N VAL A 519 -4.24 -32.40 8.32
CA VAL A 519 -5.32 -31.40 8.19
C VAL A 519 -5.72 -31.02 9.60
N ILE A 520 -5.67 -29.73 9.93
CA ILE A 520 -6.15 -29.24 11.22
C ILE A 520 -7.48 -28.56 11.00
N ALA A 521 -8.55 -29.13 11.57
CA ALA A 521 -9.90 -28.60 11.45
C ALA A 521 -10.15 -27.61 12.59
N LEU A 522 -10.54 -26.39 12.23
CA LEU A 522 -10.61 -25.25 13.15
C LEU A 522 -11.98 -24.57 13.07
N CYS A 523 -12.47 -24.06 14.21
CA CYS A 523 -13.81 -23.48 14.29
C CYS A 523 -13.78 -21.97 14.17
N ARG A 524 -14.96 -21.40 13.92
CA ARG A 524 -15.10 -19.98 13.60
C ARG A 524 -15.17 -19.10 14.85
N ASN A 525 -15.93 -19.53 15.85
CA ASN A 525 -16.26 -18.69 17.01
C ASN A 525 -15.52 -19.16 18.26
N LYS A 526 -15.50 -18.30 19.27
CA LYS A 526 -14.75 -18.57 20.49
C LYS A 526 -15.27 -19.78 21.24
N VAL A 527 -14.33 -20.56 21.81
CA VAL A 527 -14.65 -21.67 22.69
C VAL A 527 -13.77 -21.54 23.93
N PRO A 528 -14.18 -22.09 25.07
CA PRO A 528 -13.39 -21.95 26.29
C PRO A 528 -12.16 -22.86 26.31
N HIS A 529 -11.13 -22.40 27.01
CA HIS A 529 -10.02 -23.29 27.34
C HIS A 529 -10.49 -24.28 28.39
N LEU A 530 -10.18 -25.56 28.19
CA LEU A 530 -10.79 -26.61 28.99
C LEU A 530 -9.81 -27.20 30.01
N ASN A 531 -10.40 -27.84 31.02
CA ASN A 531 -9.63 -28.49 32.08
C ASN A 531 -8.82 -29.66 31.55
N ASN A 532 -7.53 -29.68 31.89
N ASN A 532 -7.53 -29.68 31.89
CA ASN A 532 -6.65 -30.83 31.69
CA ASN A 532 -6.65 -30.82 31.69
C ASN A 532 -6.30 -31.13 30.23
C ASN A 532 -6.32 -31.13 30.23
N THR A 533 -6.50 -30.19 29.31
CA THR A 533 -6.05 -30.45 27.94
C THR A 533 -4.53 -30.39 27.90
N GLN A 534 -3.92 -31.25 27.09
CA GLN A 534 -2.47 -31.44 27.11
C GLN A 534 -1.94 -31.57 25.69
N PRO A 535 -1.06 -30.66 25.24
CA PRO A 535 -0.55 -30.77 23.86
C PRO A 535 0.08 -32.11 23.54
N GLU A 536 0.89 -32.68 24.45
CA GLU A 536 1.55 -33.94 24.11
C GLU A 536 0.55 -35.08 23.94
N GLN A 537 -0.58 -35.03 24.64
CA GLN A 537 -1.56 -36.10 24.54
C GLN A 537 -2.37 -36.05 23.26
N VAL A 538 -2.38 -34.92 22.55
CA VAL A 538 -3.02 -34.89 21.24
C VAL A 538 -2.37 -35.92 20.32
N LEU A 539 -1.06 -36.17 20.52
CA LEU A 539 -0.35 -37.16 19.74
C LEU A 539 -0.97 -38.55 19.84
N LYS A 540 -1.69 -38.83 20.92
CA LYS A 540 -2.34 -40.13 21.09
C LYS A 540 -3.74 -40.19 20.49
N GLY A 541 -4.23 -39.08 19.94
CA GLY A 541 -5.50 -39.07 19.24
C GLY A 541 -6.70 -38.90 20.14
N ALA A 542 -6.74 -39.63 21.25
CA ALA A 542 -7.76 -39.46 22.27
C ALA A 542 -7.13 -39.71 23.63
N TYR A 543 -7.63 -38.99 24.64
CA TYR A 543 -7.10 -39.10 25.99
C TYR A 543 -8.14 -38.58 26.98
N ILE A 544 -7.98 -38.97 28.25
CA ILE A 544 -8.96 -38.65 29.29
C ILE A 544 -8.69 -37.28 29.87
N LEU A 545 -9.70 -36.41 29.86
CA LEU A 545 -9.60 -35.11 30.52
C LEU A 545 -10.01 -35.20 31.99
N GLU A 546 -11.15 -35.83 32.26
CA GLU A 546 -11.59 -36.05 33.64
C GLU A 546 -12.00 -37.50 33.78
N ASP A 547 -11.36 -38.22 34.69
CA ASP A 547 -11.70 -39.62 34.88
C ASP A 547 -12.86 -39.80 35.84
N PHE A 548 -13.29 -41.05 35.97
CA PHE A 548 -14.33 -41.40 36.93
C PHE A 548 -13.91 -41.02 38.34
N ASP A 549 -14.90 -40.60 39.15
CA ASP A 549 -14.67 -40.40 40.58
C ASP A 549 -14.77 -41.74 41.31
N THR A 550 -14.57 -41.72 42.62
CA THR A 550 -14.54 -42.96 43.38
C THR A 550 -15.91 -43.38 43.92
N SER A 551 -16.98 -42.69 43.51
CA SER A 551 -18.32 -43.04 43.97
C SER A 551 -18.77 -44.37 43.38
N ASN A 552 -19.90 -44.86 43.87
N ASN A 552 -19.90 -44.85 43.88
CA ASN A 552 -20.55 -46.04 43.33
CA ASN A 552 -20.55 -46.04 43.34
C ASN A 552 -21.66 -45.69 42.35
C ASN A 552 -21.68 -45.68 42.37
N ASN A 553 -21.70 -44.45 41.87
CA ASN A 553 -22.77 -44.03 40.96
C ASN A 553 -22.58 -44.69 39.59
N PRO A 554 -23.66 -44.84 38.83
CA PRO A 554 -23.54 -45.42 37.48
C PRO A 554 -22.60 -44.60 36.62
N LYS A 555 -21.77 -45.29 35.83
CA LYS A 555 -20.74 -44.64 35.03
C LYS A 555 -21.23 -44.34 33.62
N VAL A 556 -20.69 -43.25 33.07
CA VAL A 556 -20.99 -42.72 31.74
C VAL A 556 -19.67 -42.18 31.17
N ILE A 557 -19.45 -42.35 29.87
CA ILE A 557 -18.36 -41.64 29.20
C ILE A 557 -18.96 -40.67 28.20
N LEU A 558 -18.50 -39.41 28.24
CA LEU A 558 -18.83 -38.42 27.23
C LEU A 558 -17.56 -38.10 26.44
N THR A 559 -17.64 -38.21 25.13
CA THR A 559 -16.51 -37.90 24.26
C THR A 559 -16.89 -36.83 23.24
N GLY A 560 -15.94 -35.96 22.92
CA GLY A 560 -16.17 -34.94 21.92
C GLY A 560 -14.86 -34.34 21.46
N SER A 561 -14.96 -33.38 20.54
CA SER A 561 -13.77 -32.74 20.01
C SER A 561 -14.17 -31.34 19.53
N GLY A 562 -13.16 -30.57 19.13
CA GLY A 562 -13.40 -29.29 18.51
C GLY A 562 -14.35 -28.41 19.29
N SER A 563 -15.27 -27.77 18.58
CA SER A 563 -16.12 -26.76 19.21
C SER A 563 -17.25 -27.35 20.07
N GLU A 564 -17.43 -28.67 20.07
CA GLU A 564 -18.49 -29.27 20.89
C GLU A 564 -18.00 -29.93 22.17
N LEU A 565 -16.68 -30.07 22.37
CA LEU A 565 -16.22 -30.71 23.61
C LEU A 565 -16.67 -29.94 24.84
N HIS A 566 -16.73 -28.61 24.76
CA HIS A 566 -17.17 -27.85 25.92
C HIS A 566 -18.62 -28.17 26.29
N LEU A 567 -19.44 -28.61 25.33
CA LEU A 567 -20.81 -29.03 25.64
C LEU A 567 -20.83 -30.26 26.52
N CYS A 568 -19.82 -31.12 26.40
CA CYS A 568 -19.75 -32.31 27.24
C CYS A 568 -19.46 -31.95 28.68
N PHE A 569 -18.61 -30.94 28.90
CA PHE A 569 -18.37 -30.46 30.26
C PHE A 569 -19.66 -29.92 30.86
N GLU A 570 -20.43 -29.17 30.07
CA GLU A 570 -21.71 -28.65 30.57
C GLU A 570 -22.69 -29.78 30.85
N ALA A 571 -22.77 -30.78 29.96
CA ALA A 571 -23.64 -31.92 30.22
C ALA A 571 -23.21 -32.69 31.45
N LYS A 572 -21.88 -32.79 31.68
CA LYS A 572 -21.40 -33.51 32.85
C LYS A 572 -21.93 -32.89 34.14
N GLU A 573 -21.91 -31.56 34.22
CA GLU A 573 -22.43 -30.85 35.39
C GLU A 573 -23.86 -31.29 35.70
N ILE A 574 -24.71 -31.32 34.68
CA ILE A 574 -26.09 -31.75 34.87
C ILE A 574 -26.15 -33.23 35.25
N LEU A 575 -25.45 -34.09 34.51
CA LEU A 575 -25.53 -35.52 34.79
C LEU A 575 -25.06 -35.84 36.21
N LYS A 576 -24.00 -35.16 36.67
CA LYS A 576 -23.45 -35.42 37.99
C LYS A 576 -24.36 -34.91 39.10
N ASN A 577 -24.71 -33.62 39.03
CA ASN A 577 -25.43 -32.98 40.12
C ASN A 577 -26.93 -33.13 40.04
N GLN A 578 -27.49 -33.31 38.84
CA GLN A 578 -28.93 -33.52 38.75
C GLN A 578 -29.33 -34.99 38.64
N HIS A 579 -28.44 -35.85 38.15
CA HIS A 579 -28.81 -37.26 37.97
C HIS A 579 -27.87 -38.26 38.64
N GLN A 580 -26.92 -37.79 39.46
CA GLN A 580 -26.10 -38.68 40.30
C GLN A 580 -25.35 -39.73 39.46
N LEU A 581 -24.69 -39.28 38.40
CA LEU A 581 -23.87 -40.14 37.57
C LEU A 581 -22.39 -39.82 37.72
N ASN A 582 -21.57 -40.81 37.38
CA ASN A 582 -20.12 -40.75 37.48
C ASN A 582 -19.59 -40.66 36.05
N VAL A 583 -19.20 -39.46 35.62
CA VAL A 583 -18.98 -39.16 34.20
C VAL A 583 -17.49 -38.96 33.93
N ARG A 584 -16.96 -39.74 33.00
CA ARG A 584 -15.64 -39.50 32.41
C ARG A 584 -15.79 -38.62 31.18
N ILE A 585 -14.86 -37.69 30.99
CA ILE A 585 -14.80 -36.88 29.78
C ILE A 585 -13.55 -37.24 29.01
N VAL A 586 -13.72 -37.62 27.74
CA VAL A 586 -12.62 -37.97 26.84
C VAL A 586 -12.55 -36.91 25.74
N SER A 587 -11.34 -36.42 25.46
CA SER A 587 -11.10 -35.57 24.30
C SER A 587 -10.63 -36.44 23.15
N PHE A 588 -11.23 -36.24 21.97
CA PHE A 588 -10.96 -37.09 20.80
C PHE A 588 -10.49 -36.23 19.64
N PRO A 589 -9.35 -35.56 19.77
CA PRO A 589 -8.91 -34.66 18.68
C PRO A 589 -8.57 -35.36 17.37
N SER A 590 -8.18 -36.64 17.35
CA SER A 590 -7.80 -37.25 16.07
C SER A 590 -8.11 -38.73 16.02
N TRP A 591 -9.06 -39.13 15.18
CA TRP A 591 -9.32 -40.55 14.96
C TRP A 591 -8.09 -41.24 14.37
N THR A 592 -7.37 -40.57 13.47
CA THR A 592 -6.28 -41.23 12.77
C THR A 592 -5.11 -41.50 13.73
N LEU A 593 -4.79 -40.51 14.57
CA LEU A 593 -3.72 -40.72 15.56
C LEU A 593 -4.12 -41.76 16.61
N PHE A 594 -5.40 -41.79 16.98
CA PHE A 594 -5.88 -42.80 17.93
C PHE A 594 -5.76 -44.21 17.37
N LYS A 595 -6.11 -44.39 16.10
CA LYS A 595 -6.07 -45.71 15.50
C LYS A 595 -4.65 -46.28 15.46
N LYS A 596 -3.63 -45.42 15.45
CA LYS A 596 -2.23 -45.84 15.52
C LYS A 596 -1.89 -46.45 16.86
N GLN A 597 -2.65 -46.15 17.91
CA GLN A 597 -2.26 -46.60 19.25
C GLN A 597 -2.59 -48.08 19.47
N PRO A 598 -1.86 -48.74 20.38
CA PRO A 598 -2.18 -50.14 20.69
C PRO A 598 -3.60 -50.27 21.18
N GLU A 599 -4.22 -51.42 20.89
CA GLU A 599 -5.60 -51.63 21.30
C GLU A 599 -5.79 -51.49 22.80
N ASP A 600 -4.80 -51.92 23.60
CA ASP A 600 -4.96 -51.79 25.06
C ASP A 600 -5.16 -50.34 25.46
N TYR A 601 -4.43 -49.41 24.82
CA TYR A 601 -4.64 -47.98 25.09
C TYR A 601 -6.03 -47.55 24.63
N GLN A 602 -6.43 -47.93 23.42
CA GLN A 602 -7.75 -47.51 22.91
C GLN A 602 -8.89 -47.95 23.83
N TYR A 603 -8.86 -49.21 24.29
CA TYR A 603 -9.89 -49.69 25.21
C TYR A 603 -9.80 -48.99 26.57
N SER A 604 -8.59 -48.68 27.03
N SER A 604 -8.58 -48.67 27.03
CA SER A 604 -8.44 -47.98 28.30
CA SER A 604 -8.46 -47.98 28.32
C SER A 604 -9.16 -46.63 28.28
C SER A 604 -9.13 -46.62 28.29
N VAL A 605 -9.17 -45.96 27.12
CA VAL A 605 -9.82 -44.67 26.99
C VAL A 605 -11.32 -44.76 26.72
N MET A 606 -11.72 -45.50 25.68
CA MET A 606 -13.13 -45.54 25.27
C MET A 606 -13.94 -46.62 25.96
N MET A 607 -13.28 -47.65 26.49
CA MET A 607 -13.96 -48.76 27.19
C MET A 607 -15.03 -49.38 26.32
N HIS A 608 -14.79 -49.41 25.00
CA HIS A 608 -15.77 -49.95 24.06
C HIS A 608 -15.87 -51.50 24.09
N ASN A 609 -15.16 -52.15 25.02
CA ASN A 609 -15.40 -53.56 25.30
C ASN A 609 -16.53 -53.78 26.30
N HIS A 610 -17.21 -52.71 26.75
CA HIS A 610 -18.32 -52.78 27.69
C HIS A 610 -19.63 -52.44 26.98
N PRO A 611 -20.43 -53.45 26.63
CA PRO A 611 -21.65 -53.15 25.85
C PRO A 611 -22.68 -52.31 26.58
N ASN A 612 -22.82 -52.43 27.89
CA ASN A 612 -23.86 -51.69 28.60
C ASN A 612 -23.40 -50.36 29.18
N LEU A 613 -22.11 -50.05 29.07
CA LEU A 613 -21.62 -48.76 29.53
C LEU A 613 -22.04 -47.68 28.55
N PRO A 614 -22.74 -46.63 28.99
CA PRO A 614 -23.08 -45.54 28.07
C PRO A 614 -21.82 -44.85 27.57
N ARG A 615 -21.63 -44.88 26.24
CA ARG A 615 -20.41 -44.37 25.63
C ARG A 615 -20.84 -43.38 24.55
N PHE A 616 -20.84 -42.12 24.90
CA PHE A 616 -21.46 -41.06 24.13
C PHE A 616 -20.44 -40.31 23.28
N TYR A 617 -20.89 -39.88 22.11
CA TYR A 617 -20.05 -39.04 21.24
C TYR A 617 -20.91 -37.98 20.59
N ILE A 618 -20.33 -36.81 20.39
CA ILE A 618 -21.02 -35.73 19.70
C ILE A 618 -20.06 -35.14 18.66
N GLU A 619 -20.57 -34.96 17.44
CA GLU A 619 -19.76 -34.40 16.36
C GLU A 619 -20.65 -33.92 15.22
N PRO A 620 -20.41 -32.73 14.69
CA PRO A 620 -21.31 -32.15 13.67
C PRO A 620 -21.00 -32.67 12.28
N ALA A 621 -21.18 -33.97 12.10
CA ALA A 621 -20.80 -34.61 10.84
C ALA A 621 -21.49 -35.96 10.74
N SER A 622 -21.31 -36.60 9.59
CA SER A 622 -21.87 -37.93 9.34
C SER A 622 -21.52 -38.89 10.48
N THR A 623 -22.49 -39.74 10.87
CA THR A 623 -22.23 -40.70 11.93
C THR A 623 -21.51 -41.94 11.41
N HIS A 624 -21.15 -41.98 10.13
CA HIS A 624 -20.41 -43.12 9.59
C HIS A 624 -19.16 -43.36 10.44
N GLY A 625 -19.04 -44.57 10.98
CA GLY A 625 -17.90 -44.96 11.80
C GLY A 625 -18.10 -44.85 13.29
N PHE A 626 -19.14 -44.16 13.77
CA PHE A 626 -19.23 -43.89 15.20
C PHE A 626 -19.43 -45.15 16.03
N ASP A 627 -20.03 -46.20 15.45
CA ASP A 627 -20.30 -47.42 16.23
C ASP A 627 -19.04 -48.14 16.67
N THR A 628 -17.87 -47.80 16.14
CA THR A 628 -16.63 -48.44 16.58
C THR A 628 -16.40 -48.24 18.08
N TYR A 629 -16.54 -47.01 18.55
CA TYR A 629 -16.22 -46.67 19.94
C TYR A 629 -17.43 -46.32 20.79
N PHE A 630 -18.59 -46.07 20.18
CA PHE A 630 -19.69 -45.42 20.88
C PHE A 630 -21.00 -46.16 20.66
N ASN A 631 -21.91 -46.07 21.64
CA ASN A 631 -23.21 -46.70 21.52
C ASN A 631 -24.37 -45.72 21.66
N VAL A 632 -24.10 -44.44 21.85
CA VAL A 632 -25.13 -43.40 21.80
C VAL A 632 -24.44 -42.12 21.33
N TYR A 633 -25.06 -41.40 20.40
CA TYR A 633 -24.34 -40.28 19.83
C TYR A 633 -25.27 -39.30 19.13
N ILE A 634 -24.76 -38.09 18.97
CA ILE A 634 -25.40 -37.00 18.24
C ILE A 634 -24.50 -36.64 17.08
N GLY A 635 -25.00 -36.82 15.86
CA GLY A 635 -24.28 -36.42 14.67
C GLY A 635 -25.19 -35.66 13.72
N ILE A 636 -24.75 -35.47 12.48
CA ILE A 636 -25.56 -34.78 11.48
C ILE A 636 -25.54 -35.58 10.19
N ASN A 637 -26.66 -36.24 9.89
CA ASN A 637 -26.78 -37.07 8.70
C ASN A 637 -27.68 -36.39 7.68
N GLN A 638 -27.40 -35.11 7.43
CA GLN A 638 -28.17 -34.28 6.51
C GLN A 638 -27.27 -33.08 6.19
N PHE A 639 -27.66 -32.32 5.16
CA PHE A 639 -26.97 -31.05 4.91
C PHE A 639 -27.43 -29.99 5.93
N GLY A 640 -26.67 -28.91 6.00
CA GLY A 640 -26.88 -27.88 7.01
C GLY A 640 -27.90 -26.83 6.62
N TYR A 641 -27.72 -25.63 7.17
CA TYR A 641 -28.69 -24.55 7.06
C TYR A 641 -27.99 -23.21 6.99
N SER A 642 -28.59 -22.28 6.26
CA SER A 642 -28.16 -20.88 6.32
C SER A 642 -28.89 -20.23 7.48
N ALA A 643 -28.24 -20.14 8.63
CA ALA A 643 -28.85 -19.64 9.85
C ALA A 643 -27.75 -19.37 10.86
N PRO A 644 -28.01 -18.56 11.88
CA PRO A 644 -27.02 -18.37 12.95
C PRO A 644 -26.67 -19.70 13.61
N LYS A 645 -25.42 -19.80 14.07
CA LYS A 645 -24.94 -21.01 14.72
C LYS A 645 -25.87 -21.46 15.84
N ASN A 646 -26.30 -20.54 16.70
CA ASN A 646 -27.08 -20.97 17.85
C ASN A 646 -28.40 -21.59 17.40
N LYS A 647 -29.00 -21.08 16.33
CA LYS A 647 -30.25 -21.65 15.82
C LYS A 647 -30.04 -23.05 15.25
N ILE A 648 -28.92 -23.25 14.53
CA ILE A 648 -28.62 -24.57 13.99
C ILE A 648 -28.38 -25.57 15.11
N TRP A 649 -27.55 -25.20 16.09
CA TRP A 649 -27.28 -26.10 17.21
C TRP A 649 -28.55 -26.45 17.98
N GLU A 650 -29.41 -25.45 18.23
CA GLU A 650 -30.70 -25.74 18.88
C GLU A 650 -31.53 -26.72 18.05
N HIS A 651 -31.64 -26.47 16.74
CA HIS A 651 -32.50 -27.33 15.93
C HIS A 651 -31.97 -28.77 15.86
N LEU A 652 -30.66 -28.95 15.76
CA LEU A 652 -30.07 -30.26 15.60
C LEU A 652 -29.70 -30.94 16.92
N GLY A 653 -29.95 -30.29 18.05
CA GLY A 653 -29.73 -30.93 19.32
C GLY A 653 -28.32 -30.85 19.84
N PHE A 654 -27.54 -29.86 19.40
CA PHE A 654 -26.18 -29.68 19.91
C PHE A 654 -26.26 -28.75 21.12
N THR A 655 -26.80 -29.31 22.20
CA THR A 655 -27.01 -28.60 23.45
C THR A 655 -26.68 -29.54 24.59
N PRO A 656 -26.29 -29.00 25.75
CA PRO A 656 -26.07 -29.87 26.92
C PRO A 656 -27.32 -30.63 27.31
N GLU A 657 -28.46 -29.96 27.22
CA GLU A 657 -29.74 -30.58 27.56
C GLU A 657 -30.03 -31.79 26.69
N ASN A 658 -29.73 -31.70 25.39
CA ASN A 658 -29.97 -32.86 24.52
C ASN A 658 -28.98 -33.98 24.76
N ILE A 659 -27.71 -33.65 25.03
CA ILE A 659 -26.76 -34.69 25.44
C ILE A 659 -27.33 -35.43 26.64
N VAL A 660 -27.77 -34.68 27.65
CA VAL A 660 -28.32 -35.29 28.86
C VAL A 660 -29.46 -36.24 28.51
N GLN A 661 -30.43 -35.76 27.72
CA GLN A 661 -31.58 -36.60 27.41
C GLN A 661 -31.18 -37.85 26.64
N LYS A 662 -30.23 -37.74 25.72
CA LYS A 662 -29.81 -38.91 24.96
C LYS A 662 -29.19 -39.96 25.87
N VAL A 663 -28.32 -39.51 26.78
CA VAL A 663 -27.66 -40.45 27.69
C VAL A 663 -28.67 -41.07 28.63
N LEU A 664 -29.54 -40.26 29.22
CA LEU A 664 -30.53 -40.81 30.14
C LEU A 664 -31.44 -41.82 29.44
N ALA A 665 -31.85 -41.51 28.21
CA ALA A 665 -32.72 -42.45 27.49
C ALA A 665 -31.98 -43.76 27.19
N PHE A 666 -30.70 -43.69 26.80
CA PHE A 666 -29.94 -44.92 26.59
C PHE A 666 -29.89 -45.74 27.88
N MET A 667 -29.69 -45.07 29.01
CA MET A 667 -29.46 -45.76 30.27
C MET A 667 -30.74 -46.38 30.81
N LYS A 668 -31.84 -45.64 30.74
CA LYS A 668 -33.12 -46.16 31.23
C LYS A 668 -33.50 -47.40 30.44
N ASN A 669 -33.31 -47.38 29.12
CA ASN A 669 -33.60 -48.55 28.32
C ASN A 669 -32.66 -49.71 28.65
N LYS A 670 -31.37 -49.42 28.86
CA LYS A 670 -30.40 -50.48 29.19
C LYS A 670 -30.75 -51.16 30.51
N LEU A 671 -31.09 -50.37 31.54
CA LEU A 671 -31.39 -50.93 32.84
C LEU A 671 -32.63 -51.82 32.77
N LYS A 672 -33.66 -51.39 32.04
CA LYS A 672 -34.87 -52.18 31.90
C LYS A 672 -34.59 -53.51 31.21
N GLU A 673 -33.73 -53.50 30.19
CA GLU A 673 -33.34 -54.75 29.53
C GLU A 673 -32.54 -55.64 30.47
N ASN A 674 -31.65 -55.03 31.26
CA ASN A 674 -30.89 -55.76 32.27
C ASN A 674 -31.82 -56.21 33.39
N ASN B 6 -34.82 9.41 -20.17
CA ASN B 6 -35.57 9.20 -18.95
C ASN B 6 -34.63 9.00 -17.76
N GLU B 7 -35.19 9.04 -16.55
CA GLU B 7 -34.45 8.76 -15.33
C GLU B 7 -34.84 7.46 -14.66
N ILE B 8 -35.87 6.76 -15.17
CA ILE B 8 -36.43 5.60 -14.46
C ILE B 8 -35.43 4.46 -14.34
N ASP B 9 -34.60 4.25 -15.36
CA ASP B 9 -33.67 3.11 -15.30
C ASP B 9 -32.65 3.31 -14.19
N THR B 10 -32.08 4.51 -14.10
CA THR B 10 -31.15 4.81 -13.01
C THR B 10 -31.84 4.69 -11.66
N LYS B 11 -33.08 5.16 -11.56
CA LYS B 11 -33.80 5.05 -10.29
C LYS B 11 -34.02 3.58 -9.92
N CYS B 12 -34.41 2.75 -10.88
CA CYS B 12 -34.55 1.32 -10.62
C CYS B 12 -33.24 0.71 -10.14
N ILE B 13 -32.16 0.96 -10.87
CA ILE B 13 -30.85 0.42 -10.51
C ILE B 13 -30.48 0.80 -9.09
N ASN B 14 -30.70 2.07 -8.72
CA ASN B 14 -30.25 2.52 -7.40
C ASN B 14 -31.11 1.95 -6.30
N GLU B 15 -32.41 1.79 -6.53
CA GLU B 15 -33.23 1.15 -5.51
C GLU B 15 -32.85 -0.31 -5.36
N ILE B 16 -32.49 -0.97 -6.47
CA ILE B 16 -31.98 -2.34 -6.39
C ILE B 16 -30.68 -2.39 -5.60
N ARG B 17 -29.75 -1.46 -5.87
CA ARG B 17 -28.52 -1.42 -5.08
C ARG B 17 -28.83 -1.36 -3.61
N MET B 18 -29.81 -0.53 -3.23
CA MET B 18 -29.91 -0.21 -1.82
C MET B 18 -30.72 -1.26 -1.10
N LEU B 19 -31.80 -1.75 -1.71
CA LEU B 19 -32.54 -2.84 -1.12
C LEU B 19 -31.65 -4.07 -0.97
N SER B 20 -30.87 -4.39 -2.01
CA SER B 20 -29.95 -5.53 -1.92
C SER B 20 -28.96 -5.35 -0.77
N ALA B 21 -28.40 -4.16 -0.60
CA ALA B 21 -27.43 -3.91 0.46
C ALA B 21 -28.06 -3.99 1.85
N GLU B 22 -29.37 -3.82 1.97
CA GLU B 22 -30.03 -3.88 3.26
C GLU B 22 -30.22 -5.31 3.78
N LEU B 23 -30.28 -6.31 2.90
CA LEU B 23 -30.54 -7.66 3.41
C LEU B 23 -29.40 -8.15 4.30
N PRO B 24 -28.12 -8.05 3.91
CA PRO B 24 -27.05 -8.48 4.83
C PRO B 24 -27.01 -7.65 6.10
N LEU B 25 -27.28 -6.36 5.99
CA LEU B 25 -27.27 -5.51 7.18
C LEU B 25 -28.31 -5.99 8.19
N GLU B 26 -29.52 -6.29 7.71
CA GLU B 26 -30.56 -6.83 8.58
C GLU B 26 -30.13 -8.15 9.21
N ALA B 27 -29.46 -9.01 8.45
CA ALA B 27 -28.99 -10.27 8.99
C ALA B 27 -27.71 -10.15 9.79
N LYS B 28 -27.06 -8.98 9.73
CA LYS B 28 -25.73 -8.80 10.32
C LYS B 28 -24.76 -9.85 9.79
N SER B 29 -24.94 -10.25 8.53
CA SER B 29 -24.17 -11.32 7.92
C SER B 29 -24.38 -11.26 6.41
N GLY B 30 -23.29 -11.43 5.66
CA GLY B 30 -23.39 -11.49 4.21
C GLY B 30 -22.62 -10.42 3.46
N HIS B 31 -22.93 -10.28 2.18
CA HIS B 31 -22.09 -9.56 1.22
C HIS B 31 -22.90 -8.46 0.55
N GLN B 32 -22.43 -7.22 0.68
CA GLN B 32 -23.11 -6.07 0.08
C GLN B 32 -22.46 -5.56 -1.19
N GLY B 33 -21.16 -5.77 -1.37
CA GLY B 33 -20.43 -5.04 -2.40
C GLY B 33 -20.79 -5.46 -3.81
N ALA B 34 -20.80 -6.78 -4.06
CA ALA B 34 -21.10 -7.24 -5.41
C ALA B 34 -22.57 -7.00 -5.75
N PRO B 35 -23.53 -7.20 -4.84
CA PRO B 35 -24.91 -6.82 -5.17
C PRO B 35 -25.03 -5.37 -5.60
N ILE B 36 -24.36 -4.44 -4.91
CA ILE B 36 -24.35 -3.04 -5.35
C ILE B 36 -23.71 -2.93 -6.72
N GLY B 37 -22.54 -3.55 -6.88
CA GLY B 37 -21.78 -3.39 -8.11
C GLY B 37 -22.47 -3.97 -9.33
N CYS B 38 -23.20 -5.07 -9.17
CA CYS B 38 -23.82 -5.75 -10.29
C CYS B 38 -25.28 -5.35 -10.52
N ALA B 39 -25.83 -4.44 -9.72
CA ALA B 39 -27.21 -4.02 -9.93
C ALA B 39 -27.52 -3.55 -11.35
N PRO B 40 -26.65 -2.80 -12.05
CA PRO B 40 -27.01 -2.43 -13.43
C PRO B 40 -27.19 -3.63 -14.35
N ILE B 41 -26.29 -4.62 -14.27
CA ILE B 41 -26.46 -5.85 -15.05
C ILE B 41 -27.82 -6.48 -14.76
N ALA B 42 -28.16 -6.63 -13.48
CA ALA B 42 -29.41 -7.27 -13.11
C ALA B 42 -30.62 -6.54 -13.67
N HIS B 43 -30.65 -5.21 -13.52
CA HIS B 43 -31.77 -4.43 -14.04
C HIS B 43 -31.93 -4.67 -15.53
N ILE B 44 -30.83 -4.63 -16.27
CA ILE B 44 -30.89 -4.84 -17.72
C ILE B 44 -31.35 -6.27 -18.04
N LEU B 45 -30.84 -7.26 -17.31
CA LEU B 45 -31.20 -8.65 -17.61
C LEU B 45 -32.70 -8.88 -17.40
N TRP B 46 -33.23 -8.50 -16.23
CA TRP B 46 -34.63 -8.82 -15.98
C TRP B 46 -35.62 -7.88 -16.67
N SER B 47 -35.25 -6.62 -16.91
CA SER B 47 -36.20 -5.70 -17.52
C SER B 47 -36.22 -5.77 -19.03
N TYR B 48 -35.09 -6.02 -19.68
CA TYR B 48 -35.04 -5.94 -21.14
C TYR B 48 -34.60 -7.22 -21.83
N VAL B 49 -33.65 -7.95 -21.29
CA VAL B 49 -33.03 -9.03 -22.06
C VAL B 49 -33.79 -10.35 -21.93
N MET B 50 -34.01 -10.78 -20.71
CA MET B 50 -34.35 -12.17 -20.47
C MET B 50 -35.83 -12.39 -20.73
N ASN B 51 -36.15 -13.53 -21.34
CA ASN B 51 -37.54 -13.95 -21.57
C ASN B 51 -37.90 -14.99 -20.54
N TYR B 52 -38.91 -14.69 -19.74
CA TYR B 52 -39.36 -15.57 -18.69
C TYR B 52 -40.85 -15.31 -18.47
N TYR B 53 -41.44 -16.11 -17.60
CA TYR B 53 -42.85 -15.95 -17.25
C TYR B 53 -42.95 -16.04 -15.73
N ASN B 54 -43.26 -14.92 -15.08
CA ASN B 54 -43.18 -14.86 -13.62
C ASN B 54 -44.12 -15.84 -12.95
N GLU B 55 -45.24 -16.19 -13.60
CA GLU B 55 -46.19 -17.11 -12.99
C GLU B 55 -45.81 -18.58 -13.19
N ASP B 56 -44.79 -18.87 -14.00
CA ASP B 56 -44.29 -20.24 -14.18
C ASP B 56 -42.77 -20.22 -14.27
N THR B 57 -42.12 -20.38 -13.12
CA THR B 57 -40.66 -20.43 -13.11
C THR B 57 -40.12 -21.74 -13.70
N LYS B 58 -40.98 -22.67 -14.11
CA LYS B 58 -40.53 -23.87 -14.81
C LYS B 58 -40.93 -23.86 -16.30
N TRP B 59 -41.28 -22.71 -16.85
CA TRP B 59 -41.59 -22.63 -18.28
C TRP B 59 -40.44 -23.23 -19.10
N ILE B 60 -40.75 -24.21 -19.95
CA ILE B 60 -39.70 -24.94 -20.63
C ILE B 60 -38.88 -24.09 -21.61
N ASN B 61 -39.40 -22.97 -22.09
CA ASN B 61 -38.63 -22.13 -23.00
C ASN B 61 -38.14 -20.84 -22.34
N ARG B 62 -38.15 -20.78 -21.01
CA ARG B 62 -37.60 -19.60 -20.34
C ARG B 62 -36.10 -19.48 -20.61
N ASP B 63 -35.60 -18.25 -20.51
CA ASP B 63 -34.17 -18.02 -20.44
C ASP B 63 -33.73 -18.37 -19.02
N ARG B 64 -32.81 -19.31 -18.85
CA ARG B 64 -32.31 -19.65 -17.52
C ARG B 64 -31.20 -18.69 -17.09
N PHE B 65 -31.25 -18.25 -15.83
CA PHE B 65 -30.25 -17.37 -15.23
C PHE B 65 -29.50 -18.06 -14.10
N ILE B 66 -28.19 -17.84 -14.01
CA ILE B 66 -27.36 -18.42 -12.95
C ILE B 66 -26.46 -17.35 -12.34
N LEU B 67 -26.48 -17.23 -11.01
CA LEU B 67 -25.59 -16.35 -10.26
C LEU B 67 -24.40 -17.18 -9.80
N SER B 68 -23.31 -17.16 -10.58
CA SER B 68 -22.14 -17.96 -10.23
C SER B 68 -21.41 -17.41 -9.02
N ASN B 69 -21.39 -16.07 -8.88
CA ASN B 69 -20.82 -15.47 -7.68
C ASN B 69 -21.93 -15.42 -6.64
N GLY B 70 -22.19 -16.59 -6.05
CA GLY B 70 -23.38 -16.81 -5.22
C GLY B 70 -23.44 -15.98 -3.97
N HIS B 71 -22.30 -15.46 -3.52
CA HIS B 71 -22.32 -14.55 -2.36
C HIS B 71 -23.09 -13.27 -2.65
N ALA B 72 -23.32 -12.95 -3.94
CA ALA B 72 -24.17 -11.83 -4.30
C ALA B 72 -25.65 -12.16 -4.22
N SER B 73 -26.04 -13.20 -3.46
CA SER B 73 -27.43 -13.67 -3.45
C SER B 73 -28.46 -12.57 -3.18
N ALA B 74 -28.13 -11.58 -2.36
CA ALA B 74 -29.09 -10.54 -2.03
C ALA B 74 -29.61 -9.85 -3.29
N LEU B 75 -28.75 -9.70 -4.31
CA LEU B 75 -29.18 -9.12 -5.58
C LEU B 75 -30.20 -10.00 -6.28
N LEU B 76 -29.91 -11.30 -6.39
CA LEU B 76 -30.85 -12.22 -7.02
C LEU B 76 -32.20 -12.20 -6.31
N TYR B 77 -32.20 -12.20 -4.97
CA TYR B 77 -33.47 -12.21 -4.25
C TYR B 77 -34.27 -10.93 -4.52
N THR B 78 -33.60 -9.78 -4.52
CA THR B 78 -34.26 -8.52 -4.89
C THR B 78 -34.94 -8.62 -6.25
N MET B 79 -34.28 -9.24 -7.22
CA MET B 79 -34.89 -9.31 -8.55
C MET B 79 -36.06 -10.27 -8.58
N LEU B 80 -35.97 -11.38 -7.83
CA LEU B 80 -37.10 -12.31 -7.76
C LEU B 80 -38.27 -11.68 -7.06
N TYR B 81 -38.00 -10.80 -6.10
CA TYR B 81 -39.08 -10.03 -5.48
C TYR B 81 -39.70 -9.06 -6.47
N LEU B 82 -38.87 -8.26 -7.15
CA LEU B 82 -39.39 -7.22 -8.05
C LEU B 82 -40.16 -7.80 -9.23
N THR B 83 -39.73 -8.94 -9.75
CA THR B 83 -40.41 -9.57 -10.86
C THR B 83 -41.50 -10.54 -10.40
N GLU B 84 -41.85 -10.53 -9.10
CA GLU B 84 -42.92 -11.35 -8.53
C GLU B 84 -42.78 -12.82 -8.92
N GLN B 85 -41.60 -13.38 -8.68
CA GLN B 85 -41.36 -14.80 -8.90
C GLN B 85 -41.30 -15.60 -7.60
N GLY B 86 -42.05 -15.16 -6.59
CA GLY B 86 -42.29 -15.98 -5.42
C GLY B 86 -41.63 -15.57 -4.12
N LEU B 87 -40.93 -14.43 -4.06
CA LEU B 87 -40.39 -13.90 -2.82
C LEU B 87 -41.14 -12.63 -2.41
N SER B 88 -41.54 -12.55 -1.15
CA SER B 88 -42.14 -11.36 -0.59
C SER B 88 -41.09 -10.48 0.10
N MET B 89 -41.50 -9.27 0.46
CA MET B 89 -40.63 -8.41 1.29
C MET B 89 -40.26 -9.10 2.60
N GLU B 90 -41.22 -9.79 3.23
CA GLU B 90 -40.89 -10.48 4.47
C GLU B 90 -39.84 -11.57 4.25
N ASP B 91 -39.87 -12.24 3.10
CA ASP B 91 -38.80 -13.19 2.77
C ASP B 91 -37.45 -12.49 2.67
N LEU B 92 -37.40 -11.33 1.98
CA LEU B 92 -36.13 -10.60 1.89
C LEU B 92 -35.63 -10.23 3.27
N LYS B 93 -36.53 -9.84 4.17
CA LYS B 93 -36.13 -9.49 5.52
C LYS B 93 -35.72 -10.69 6.35
N SER B 94 -35.91 -11.91 5.84
CA SER B 94 -35.52 -13.14 6.51
C SER B 94 -34.25 -13.73 5.92
N PHE B 95 -33.51 -12.92 5.18
CA PHE B 95 -32.22 -13.29 4.62
C PHE B 95 -31.37 -13.97 5.68
N ARG B 96 -30.82 -15.14 5.34
CA ARG B 96 -29.87 -15.88 6.20
C ARG B 96 -30.47 -16.29 7.54
N GLN B 97 -31.80 -16.38 7.63
CA GLN B 97 -32.45 -16.83 8.85
C GLN B 97 -32.95 -18.26 8.70
N PHE B 98 -33.02 -18.98 9.82
CA PHE B 98 -33.38 -20.39 9.80
C PHE B 98 -34.73 -20.61 9.11
N GLY B 99 -34.74 -21.51 8.14
CA GLY B 99 -35.97 -21.88 7.44
C GLY B 99 -36.44 -20.91 6.40
N SER B 100 -35.66 -19.89 6.07
CA SER B 100 -36.15 -18.88 5.15
C SER B 100 -35.94 -19.30 3.70
N LEU B 101 -36.66 -18.62 2.80
CA LEU B 101 -36.50 -18.83 1.37
C LEU B 101 -35.33 -18.05 0.80
N THR B 102 -34.56 -17.38 1.66
CA THR B 102 -33.50 -16.47 1.22
C THR B 102 -32.19 -16.81 1.92
N PRO B 103 -31.67 -18.02 1.72
CA PRO B 103 -30.40 -18.40 2.36
C PRO B 103 -29.22 -17.59 1.81
N GLY B 104 -28.13 -17.58 2.60
CA GLY B 104 -27.00 -16.72 2.26
C GLY B 104 -26.36 -16.99 0.91
N HIS B 105 -26.41 -18.23 0.45
CA HIS B 105 -26.05 -18.56 -0.93
C HIS B 105 -27.23 -19.27 -1.57
N PRO B 106 -27.50 -19.04 -2.87
CA PRO B 106 -28.77 -19.51 -3.44
C PRO B 106 -28.80 -21.04 -3.56
N GLU B 107 -29.97 -21.61 -3.25
CA GLU B 107 -30.23 -23.06 -3.24
C GLU B 107 -31.45 -23.34 -4.10
N ASN B 108 -31.25 -24.06 -5.21
CA ASN B 108 -32.39 -24.30 -6.10
C ASN B 108 -33.50 -25.12 -5.45
N HIS B 109 -33.17 -25.99 -4.50
CA HIS B 109 -34.20 -26.78 -3.84
C HIS B 109 -35.08 -25.95 -2.93
N ILE B 110 -34.60 -24.79 -2.49
CA ILE B 110 -35.35 -23.96 -1.54
C ILE B 110 -36.23 -22.93 -2.23
N THR B 111 -35.73 -22.28 -3.27
CA THR B 111 -36.30 -21.02 -3.79
C THR B 111 -36.71 -21.17 -5.24
N LYS B 112 -37.96 -20.80 -5.55
CA LYS B 112 -38.39 -20.72 -6.94
C LYS B 112 -37.60 -19.66 -7.70
N GLY B 113 -37.31 -19.96 -8.95
CA GLY B 113 -36.53 -19.04 -9.75
C GLY B 113 -35.05 -19.11 -9.52
N VAL B 114 -34.58 -19.94 -8.59
CA VAL B 114 -33.16 -20.25 -8.43
C VAL B 114 -32.92 -21.58 -9.14
N GLU B 115 -32.11 -21.55 -10.22
CA GLU B 115 -31.96 -22.69 -11.12
C GLU B 115 -30.97 -23.73 -10.61
N VAL B 116 -29.87 -23.28 -10.00
CA VAL B 116 -28.84 -24.19 -9.47
C VAL B 116 -28.41 -23.64 -8.13
N THR B 117 -27.63 -24.43 -7.41
CA THR B 117 -27.12 -24.03 -6.11
C THR B 117 -25.69 -23.54 -6.32
N THR B 118 -25.41 -22.31 -5.87
CA THR B 118 -24.10 -21.72 -6.03
C THR B 118 -23.61 -21.22 -4.67
N GLY B 119 -22.42 -20.64 -4.66
CA GLY B 119 -21.71 -20.38 -3.42
C GLY B 119 -20.30 -20.95 -3.50
N PRO B 120 -20.16 -22.23 -3.83
CA PRO B 120 -18.82 -22.74 -4.19
C PRO B 120 -18.46 -22.19 -5.55
N LEU B 121 -17.36 -21.42 -5.61
CA LEU B 121 -17.08 -20.65 -6.82
C LEU B 121 -16.75 -21.54 -8.01
N GLY B 122 -17.03 -21.00 -9.20
CA GLY B 122 -16.82 -21.73 -10.44
C GLY B 122 -17.95 -22.64 -10.86
N GLN B 123 -18.79 -23.08 -9.91
CA GLN B 123 -19.82 -24.08 -10.23
C GLN B 123 -20.90 -23.52 -11.14
N GLY B 124 -21.47 -22.36 -10.81
CA GLY B 124 -22.61 -21.85 -11.56
C GLY B 124 -22.28 -21.60 -13.02
N ALA B 125 -21.16 -20.92 -13.27
CA ALA B 125 -20.73 -20.71 -14.65
C ALA B 125 -20.51 -22.04 -15.38
N SER B 126 -20.06 -23.08 -14.67
CA SER B 126 -19.88 -24.37 -15.32
C SER B 126 -21.22 -25.08 -15.55
N ASN B 127 -22.15 -24.93 -14.60
CA ASN B 127 -23.52 -25.40 -14.80
C ASN B 127 -24.11 -24.75 -16.05
N ALA B 128 -23.84 -23.46 -16.24
CA ALA B 128 -24.38 -22.73 -17.38
C ALA B 128 -23.92 -23.32 -18.71
N VAL B 129 -22.72 -23.90 -18.76
CA VAL B 129 -22.29 -24.59 -19.97
C VAL B 129 -23.18 -25.78 -20.25
N GLY B 130 -23.49 -26.59 -19.24
CA GLY B 130 -24.43 -27.67 -19.45
C GLY B 130 -25.79 -27.17 -19.89
N MET B 131 -26.25 -26.06 -19.30
CA MET B 131 -27.56 -25.55 -19.67
C MET B 131 -27.55 -25.11 -21.14
N ALA B 132 -26.43 -24.56 -21.60
CA ALA B 132 -26.32 -24.14 -22.99
C ALA B 132 -26.31 -25.34 -23.94
N ILE B 133 -25.64 -26.43 -23.57
CA ILE B 133 -25.74 -27.67 -24.36
C ILE B 133 -27.19 -28.08 -24.53
N ALA B 134 -27.95 -28.08 -23.42
CA ALA B 134 -29.36 -28.45 -23.50
C ALA B 134 -30.14 -27.53 -24.43
N ALA B 135 -29.91 -26.21 -24.32
CA ALA B 135 -30.64 -25.26 -25.16
C ALA B 135 -30.35 -25.47 -26.63
N HIS B 136 -29.08 -25.72 -26.97
CA HIS B 136 -28.72 -26.00 -28.35
C HIS B 136 -29.32 -27.32 -28.81
N ASN B 137 -29.24 -28.35 -27.97
CA ASN B 137 -29.72 -29.68 -28.32
C ASN B 137 -31.22 -29.66 -28.61
N LEU B 138 -32.00 -29.05 -27.72
CA LEU B 138 -33.45 -29.09 -27.87
C LEU B 138 -33.90 -28.29 -29.07
N ALA B 139 -33.23 -27.16 -29.37
CA ALA B 139 -33.58 -26.42 -30.58
C ALA B 139 -33.38 -27.27 -31.82
N ASP B 140 -32.24 -27.96 -31.91
N ASP B 140 -32.25 -27.97 -31.91
CA ASP B 140 -31.96 -28.82 -33.05
CA ASP B 140 -32.02 -28.79 -33.10
C ASP B 140 -32.93 -30.00 -33.12
C ASP B 140 -32.92 -30.02 -33.13
N LYS B 141 -33.24 -30.61 -31.98
CA LYS B 141 -34.10 -31.79 -31.98
C LYS B 141 -35.54 -31.46 -32.37
N TYR B 142 -36.11 -30.40 -31.79
CA TYR B 142 -37.56 -30.21 -31.87
C TYR B 142 -38.03 -29.04 -32.72
N ASN B 143 -37.23 -28.02 -32.96
CA ASN B 143 -37.76 -26.85 -33.67
C ASN B 143 -38.03 -27.19 -35.13
N THR B 144 -39.11 -26.61 -35.66
CA THR B 144 -39.42 -26.66 -37.08
C THR B 144 -39.26 -25.26 -37.65
N GLU B 145 -39.47 -25.14 -38.97
CA GLU B 145 -39.38 -23.82 -39.60
C GLU B 145 -40.40 -22.86 -39.02
N GLU B 146 -41.59 -23.35 -38.67
CA GLU B 146 -42.66 -22.49 -38.17
C GLU B 146 -42.76 -22.45 -36.65
N HIS B 147 -42.24 -23.46 -35.95
CA HIS B 147 -42.43 -23.57 -34.50
C HIS B 147 -41.07 -23.58 -33.82
N LYS B 148 -40.67 -22.44 -33.26
CA LYS B 148 -39.45 -22.36 -32.47
C LYS B 148 -39.83 -22.66 -31.02
N ILE B 149 -39.98 -23.95 -30.73
CA ILE B 149 -40.37 -24.37 -29.38
C ILE B 149 -39.28 -24.02 -28.38
N PHE B 150 -38.02 -24.28 -28.73
CA PHE B 150 -36.90 -24.01 -27.84
C PHE B 150 -36.00 -23.00 -28.53
N ASP B 151 -36.09 -21.75 -28.07
CA ASP B 151 -35.27 -20.69 -28.58
C ASP B 151 -34.94 -19.80 -27.38
N ASN B 152 -34.03 -20.28 -26.52
CA ASN B 152 -33.71 -19.55 -25.30
C ASN B 152 -32.19 -19.49 -25.11
N TYR B 153 -31.79 -18.64 -24.19
CA TYR B 153 -30.39 -18.32 -23.95
C TYR B 153 -30.09 -18.52 -22.47
N VAL B 154 -28.84 -18.82 -22.17
CA VAL B 154 -28.40 -19.02 -20.78
C VAL B 154 -27.61 -17.79 -20.38
N TYR B 155 -28.04 -17.11 -19.32
CA TYR B 155 -27.35 -15.93 -18.80
C TYR B 155 -26.75 -16.24 -17.45
N ALA B 156 -25.51 -15.81 -17.26
CA ALA B 156 -24.85 -16.02 -15.98
C ALA B 156 -24.02 -14.79 -15.63
N ILE B 157 -23.88 -14.54 -14.34
CA ILE B 157 -22.98 -13.54 -13.82
C ILE B 157 -21.91 -14.27 -13.01
N CYS B 158 -20.67 -13.88 -13.17
CA CYS B 158 -19.62 -14.44 -12.32
C CYS B 158 -18.66 -13.32 -11.93
N GLY B 159 -17.82 -13.60 -10.93
CA GLY B 159 -16.80 -12.70 -10.49
C GLY B 159 -15.41 -13.23 -10.77
N ASP B 160 -14.42 -12.62 -10.10
CA ASP B 160 -13.03 -13.01 -10.29
C ASP B 160 -12.78 -14.43 -9.79
N GLY B 161 -13.43 -14.81 -8.69
CA GLY B 161 -13.20 -16.13 -8.14
C GLY B 161 -13.57 -17.24 -9.12
N CYS B 162 -14.72 -17.12 -9.76
CA CYS B 162 -15.12 -18.13 -10.73
C CYS B 162 -14.14 -18.22 -11.89
N MET B 163 -13.56 -17.08 -12.29
CA MET B 163 -12.60 -17.06 -13.39
C MET B 163 -11.26 -17.68 -13.02
N GLN B 164 -11.03 -17.97 -11.75
CA GLN B 164 -9.79 -18.62 -11.33
C GLN B 164 -9.96 -20.12 -11.08
N GLU B 165 -11.17 -20.62 -10.87
CA GLU B 165 -11.38 -22.00 -10.49
C GLU B 165 -11.25 -22.97 -11.65
N GLY B 166 -10.51 -24.05 -11.41
CA GLY B 166 -10.34 -25.09 -12.41
C GLY B 166 -11.62 -25.66 -12.99
N VAL B 167 -12.69 -25.78 -12.19
CA VAL B 167 -13.91 -26.40 -12.72
C VAL B 167 -14.42 -25.58 -13.91
N PHE B 168 -14.38 -24.24 -13.79
CA PHE B 168 -14.83 -23.41 -14.91
C PHE B 168 -13.77 -23.27 -16.00
N CYS B 169 -12.48 -23.34 -15.66
CA CYS B 169 -11.48 -23.43 -16.73
C CYS B 169 -11.80 -24.62 -17.65
N GLU B 170 -12.16 -25.76 -17.05
CA GLU B 170 -12.55 -26.94 -17.83
C GLU B 170 -13.82 -26.70 -18.62
N ALA B 171 -14.87 -26.18 -17.98
CA ALA B 171 -16.15 -26.07 -18.68
C ALA B 171 -16.09 -25.03 -19.79
N ALA B 172 -15.35 -23.93 -19.55
CA ALA B 172 -15.24 -22.89 -20.58
C ALA B 172 -14.53 -23.41 -21.81
N SER B 173 -13.52 -24.27 -21.61
CA SER B 173 -12.85 -24.88 -22.75
C SER B 173 -13.84 -25.69 -23.59
N LEU B 174 -14.69 -26.49 -22.93
CA LEU B 174 -15.70 -27.25 -23.65
C LEU B 174 -16.75 -26.35 -24.32
N ALA B 175 -17.14 -25.27 -23.66
CA ALA B 175 -18.12 -24.36 -24.25
C ALA B 175 -17.61 -23.78 -25.56
N GLY B 176 -16.35 -23.36 -25.58
CA GLY B 176 -15.79 -22.83 -26.82
C GLY B 176 -15.59 -23.91 -27.87
N HIS B 177 -15.16 -25.10 -27.44
CA HIS B 177 -15.01 -26.21 -28.38
C HIS B 177 -16.34 -26.55 -29.06
N LEU B 178 -17.44 -26.51 -28.31
CA LEU B 178 -18.75 -26.85 -28.85
C LEU B 178 -19.48 -25.66 -29.49
N GLY B 179 -18.91 -24.46 -29.41
CA GLY B 179 -19.50 -23.30 -30.07
C GLY B 179 -20.87 -22.93 -29.53
N LEU B 180 -21.02 -22.88 -28.21
CA LEU B 180 -22.33 -22.70 -27.58
C LEU B 180 -22.69 -21.21 -27.51
N GLY B 181 -23.11 -20.68 -28.67
CA GLY B 181 -23.47 -19.28 -28.74
C GLY B 181 -24.71 -18.90 -27.94
N ARG B 182 -25.48 -19.85 -27.42
CA ARG B 182 -26.61 -19.49 -26.59
C ARG B 182 -26.20 -19.18 -25.15
N LEU B 183 -24.91 -19.31 -24.82
CA LEU B 183 -24.37 -18.94 -23.52
C LEU B 183 -23.85 -17.51 -23.53
N ILE B 184 -24.32 -16.69 -22.58
CA ILE B 184 -23.85 -15.32 -22.40
C ILE B 184 -23.43 -15.17 -20.93
N LEU B 185 -22.14 -14.96 -20.70
CA LEU B 185 -21.57 -14.82 -19.36
C LEU B 185 -21.14 -13.38 -19.13
N LEU B 186 -21.69 -12.74 -18.10
CA LEU B 186 -21.27 -11.39 -17.72
C LEU B 186 -20.31 -11.49 -16.53
N TYR B 187 -19.09 -11.00 -16.73
CA TYR B 187 -18.02 -11.10 -15.74
C TYR B 187 -17.87 -9.77 -15.02
N ASP B 188 -18.14 -9.78 -13.70
CA ASP B 188 -18.00 -8.61 -12.83
C ASP B 188 -16.51 -8.40 -12.58
N ASP B 189 -15.89 -7.61 -13.44
CA ASP B 189 -14.45 -7.32 -13.40
C ASP B 189 -14.25 -6.13 -12.46
N ASN B 190 -14.11 -6.41 -11.16
CA ASN B 190 -14.08 -5.33 -10.17
C ASN B 190 -12.75 -5.22 -9.43
N LYS B 191 -11.73 -5.96 -9.86
CA LYS B 191 -10.36 -5.87 -9.35
C LYS B 191 -10.26 -6.21 -7.86
N ILE B 192 -11.25 -6.91 -7.32
CA ILE B 192 -11.37 -7.19 -5.89
C ILE B 192 -11.64 -8.67 -5.69
N THR B 193 -10.90 -9.30 -4.78
CA THR B 193 -11.35 -10.56 -4.18
C THR B 193 -11.25 -10.39 -2.66
N ILE B 194 -11.31 -11.49 -1.90
CA ILE B 194 -11.37 -11.32 -0.45
C ILE B 194 -10.05 -10.80 0.10
N ASP B 195 -8.92 -11.35 -0.37
CA ASP B 195 -7.63 -10.95 0.19
C ASP B 195 -7.27 -9.52 -0.19
N GLY B 196 -7.87 -8.98 -1.24
CA GLY B 196 -7.58 -7.63 -1.68
C GLY B 196 -7.65 -7.44 -3.17
N ASN B 197 -6.79 -6.58 -3.70
CA ASN B 197 -6.70 -6.35 -5.14
C ASN B 197 -6.42 -7.66 -5.87
N THR B 198 -7.00 -7.80 -7.06
CA THR B 198 -6.70 -9.01 -7.84
C THR B 198 -5.22 -9.09 -8.19
N ASP B 199 -4.52 -7.95 -8.21
N ASP B 199 -4.50 -7.96 -8.21
CA ASP B 199 -3.10 -7.93 -8.52
CA ASP B 199 -3.10 -8.05 -8.60
C ASP B 199 -2.28 -8.80 -7.58
C ASP B 199 -2.26 -8.80 -7.57
N LEU B 200 -2.84 -9.18 -6.42
CA LEU B 200 -2.12 -10.05 -5.51
C LEU B 200 -1.89 -11.43 -6.09
N SER B 201 -2.79 -11.91 -6.96
CA SER B 201 -2.71 -13.30 -7.38
C SER B 201 -3.30 -13.60 -8.75
N PHE B 202 -3.81 -12.61 -9.48
CA PHE B 202 -4.63 -12.90 -10.67
C PHE B 202 -4.45 -11.75 -11.66
N THR B 203 -3.60 -11.97 -12.66
CA THR B 203 -3.24 -10.91 -13.61
C THR B 203 -3.31 -11.39 -15.06
N GLU B 204 -4.08 -12.44 -15.34
CA GLU B 204 -4.23 -12.95 -16.70
C GLU B 204 -4.84 -11.90 -17.63
N ASN B 205 -4.49 -12.01 -18.91
CA ASN B 205 -5.19 -11.25 -19.94
C ASN B 205 -6.43 -12.06 -20.30
N ILE B 206 -7.55 -11.76 -19.64
CA ILE B 206 -8.76 -12.57 -19.78
C ILE B 206 -9.29 -12.53 -21.21
N GLU B 207 -9.29 -11.36 -21.83
CA GLU B 207 -9.81 -11.25 -23.18
C GLU B 207 -9.05 -12.17 -24.14
N LYS B 208 -7.72 -12.12 -24.10
CA LYS B 208 -6.91 -12.97 -24.97
C LYS B 208 -7.10 -14.45 -24.64
N LYS B 209 -7.14 -14.79 -23.36
CA LYS B 209 -7.36 -16.19 -22.97
C LYS B 209 -8.68 -16.73 -23.53
N PHE B 210 -9.78 -16.00 -23.33
CA PHE B 210 -11.06 -16.53 -23.80
C PHE B 210 -11.15 -16.54 -25.33
N GLU B 211 -10.49 -15.61 -26.01
CA GLU B 211 -10.41 -15.74 -27.46
C GLU B 211 -9.68 -17.03 -27.84
N ALA B 212 -8.63 -17.38 -27.11
CA ALA B 212 -7.93 -18.63 -27.40
C ALA B 212 -8.82 -19.85 -27.14
N LEU B 213 -9.78 -19.75 -26.22
CA LEU B 213 -10.74 -20.80 -25.99
C LEU B 213 -11.90 -20.82 -26.98
N ASN B 214 -11.91 -19.88 -27.94
CA ASN B 214 -12.90 -19.76 -29.00
C ASN B 214 -14.21 -19.16 -28.46
N TRP B 215 -14.11 -18.33 -27.43
CA TRP B 215 -15.21 -17.47 -27.04
C TRP B 215 -15.11 -16.15 -27.79
N GLU B 216 -16.25 -15.50 -27.97
CA GLU B 216 -16.29 -14.10 -28.34
C GLU B 216 -16.20 -13.29 -27.05
N VAL B 217 -15.43 -12.20 -27.08
CA VAL B 217 -15.24 -11.36 -25.88
C VAL B 217 -15.71 -9.95 -26.19
N ARG B 218 -16.56 -9.40 -25.33
CA ARG B 218 -17.02 -8.02 -25.41
C ARG B 218 -16.73 -7.33 -24.09
N ARG B 219 -16.79 -5.99 -24.09
CA ARG B 219 -16.42 -5.22 -22.91
C ARG B 219 -17.36 -4.06 -22.66
N VAL B 220 -17.53 -3.75 -21.39
CA VAL B 220 -18.23 -2.55 -20.92
C VAL B 220 -17.27 -1.83 -19.98
N GLU B 221 -16.70 -0.70 -20.42
CA GLU B 221 -15.69 -0.05 -19.59
C GLU B 221 -16.27 0.63 -18.36
N ASP B 222 -17.52 1.08 -18.42
CA ASP B 222 -18.15 1.72 -17.27
C ASP B 222 -19.41 0.93 -16.92
N GLY B 223 -19.22 -0.19 -16.22
CA GLY B 223 -20.37 -0.97 -15.84
C GLY B 223 -21.16 -0.43 -14.67
N ASN B 224 -20.69 0.65 -14.04
CA ASN B 224 -21.48 1.24 -12.98
C ASN B 224 -22.58 2.14 -13.52
N LYS B 225 -22.33 2.81 -14.63
CA LYS B 225 -23.30 3.79 -15.14
C LYS B 225 -23.74 3.56 -16.58
N ASP B 226 -22.99 2.81 -17.39
CA ASP B 226 -23.33 2.64 -18.82
C ASP B 226 -24.21 1.42 -19.04
N TYR B 227 -25.45 1.51 -18.52
CA TYR B 227 -26.34 0.37 -18.62
C TYR B 227 -26.84 0.17 -20.05
N LYS B 228 -26.88 1.23 -20.86
CA LYS B 228 -27.25 1.05 -22.27
C LYS B 228 -26.19 0.22 -22.99
N LYS B 229 -24.92 0.40 -22.63
CA LYS B 229 -23.87 -0.40 -23.25
C LYS B 229 -23.93 -1.86 -22.79
N ILE B 230 -24.26 -2.10 -21.51
CA ILE B 230 -24.50 -3.47 -21.07
C ILE B 230 -25.55 -4.12 -21.95
N LEU B 231 -26.69 -3.44 -22.13
CA LEU B 231 -27.74 -3.99 -22.98
C LEU B 231 -27.24 -4.22 -24.40
N HIS B 232 -26.51 -3.25 -24.94
CA HIS B 232 -26.04 -3.36 -26.33
C HIS B 232 -25.13 -4.58 -26.52
N GLU B 233 -24.18 -4.79 -25.60
CA GLU B 233 -23.25 -5.91 -25.79
C GLU B 233 -23.94 -7.25 -25.61
N ILE B 234 -24.87 -7.36 -24.67
CA ILE B 234 -25.66 -8.59 -24.55
C ILE B 234 -26.40 -8.89 -25.86
N GLU B 235 -27.11 -7.90 -26.40
CA GLU B 235 -27.87 -8.16 -27.63
C GLU B 235 -26.95 -8.52 -28.79
N GLN B 236 -25.80 -7.88 -28.91
CA GLN B 236 -24.85 -8.27 -29.94
C GLN B 236 -24.29 -9.68 -29.69
N GLY B 237 -24.01 -10.01 -28.43
CA GLY B 237 -23.54 -11.35 -28.12
C GLY B 237 -24.50 -12.43 -28.57
N LYS B 238 -25.81 -12.18 -28.41
CA LYS B 238 -26.81 -13.16 -28.80
C LYS B 238 -26.76 -13.46 -30.30
N LYS B 239 -26.40 -12.46 -31.11
CA LYS B 239 -26.41 -12.64 -32.55
C LYS B 239 -25.32 -13.61 -33.03
N ASN B 240 -24.24 -13.75 -32.27
CA ASN B 240 -23.17 -14.71 -32.60
C ASN B 240 -23.55 -16.05 -31.97
N LEU B 241 -24.27 -16.89 -32.71
CA LEU B 241 -24.65 -18.19 -32.18
C LEU B 241 -23.55 -19.23 -32.28
N GLN B 242 -22.42 -18.94 -32.93
CA GLN B 242 -21.35 -19.91 -33.09
C GLN B 242 -20.29 -19.86 -31.99
N GLN B 243 -20.34 -18.86 -31.11
CA GLN B 243 -19.39 -18.79 -30.00
C GLN B 243 -20.08 -18.34 -28.73
N PRO B 244 -19.75 -18.94 -27.57
CA PRO B 244 -20.21 -18.36 -26.31
C PRO B 244 -19.60 -16.97 -26.16
N THR B 245 -20.33 -16.07 -25.53
CA THR B 245 -19.89 -14.69 -25.36
C THR B 245 -19.57 -14.41 -23.90
N LEU B 246 -18.37 -13.89 -23.66
CA LEU B 246 -17.99 -13.32 -22.39
C LEU B 246 -18.09 -11.80 -22.49
N ILE B 247 -18.81 -11.18 -21.56
CA ILE B 247 -18.87 -9.73 -21.49
C ILE B 247 -18.15 -9.30 -20.22
N ILE B 248 -17.01 -8.63 -20.39
CA ILE B 248 -16.20 -8.15 -19.29
C ILE B 248 -16.75 -6.79 -18.86
N VAL B 249 -17.41 -6.75 -17.70
CA VAL B 249 -18.09 -5.55 -17.20
C VAL B 249 -17.26 -4.99 -16.04
N ARG B 250 -16.57 -3.88 -16.28
CA ARG B 250 -15.80 -3.25 -15.22
C ARG B 250 -16.76 -2.54 -14.26
N THR B 251 -16.78 -2.97 -13.00
CA THR B 251 -17.58 -2.30 -11.99
C THR B 251 -16.70 -1.93 -10.81
N ALA B 252 -17.27 -1.13 -9.93
CA ALA B 252 -16.68 -0.89 -8.61
C ALA B 252 -17.50 -1.65 -7.58
N CYS B 253 -16.84 -2.56 -6.87
CA CYS B 253 -17.49 -3.23 -5.75
C CYS B 253 -17.93 -2.18 -4.75
N GLY B 254 -19.21 -2.21 -4.35
CA GLY B 254 -19.69 -1.20 -3.41
C GLY B 254 -19.79 0.20 -3.99
N PHE B 255 -19.95 0.32 -5.31
CA PHE B 255 -20.02 1.59 -6.00
C PHE B 255 -20.95 2.58 -5.31
N GLY B 256 -20.46 3.81 -5.14
CA GLY B 256 -21.22 4.89 -4.56
C GLY B 256 -21.26 4.93 -3.06
N THR B 257 -20.62 3.98 -2.37
CA THR B 257 -20.68 3.91 -0.92
C THR B 257 -19.32 4.22 -0.33
N LYS B 258 -19.25 4.31 1.00
CA LYS B 258 -17.97 4.65 1.62
C LYS B 258 -16.91 3.57 1.43
N VAL B 259 -17.30 2.33 1.10
CA VAL B 259 -16.32 1.26 0.96
C VAL B 259 -15.99 0.97 -0.49
N GLU B 260 -16.47 1.80 -1.42
CA GLU B 260 -16.27 1.55 -2.84
C GLU B 260 -14.82 1.22 -3.19
N GLY B 261 -14.62 0.10 -3.87
CA GLY B 261 -13.32 -0.23 -4.42
C GLY B 261 -12.31 -0.78 -3.45
N THR B 262 -12.69 -1.07 -2.21
CA THR B 262 -11.81 -1.65 -1.21
C THR B 262 -12.23 -3.09 -0.97
N CYS B 263 -11.29 -3.95 -0.55
CA CYS B 263 -11.71 -5.33 -0.36
C CYS B 263 -12.64 -5.49 0.85
N LYS B 264 -12.68 -4.49 1.74
CA LYS B 264 -13.71 -4.47 2.77
C LYS B 264 -15.10 -4.46 2.15
N SER B 265 -15.25 -3.94 0.93
CA SER B 265 -16.55 -3.90 0.28
C SER B 265 -17.09 -5.29 -0.04
N HIS B 266 -16.23 -6.31 -0.07
CA HIS B 266 -16.68 -7.65 -0.44
C HIS B 266 -17.80 -8.13 0.47
N GLY B 267 -17.69 -7.86 1.77
CA GLY B 267 -18.59 -8.44 2.75
C GLY B 267 -19.58 -7.43 3.31
N LEU B 268 -19.66 -7.38 4.64
CA LEU B 268 -20.63 -6.55 5.37
C LEU B 268 -19.88 -5.36 5.97
N ALA B 269 -19.83 -4.25 5.25
CA ALA B 269 -19.05 -3.11 5.71
C ALA B 269 -19.85 -1.81 5.69
N LEU B 270 -21.16 -1.85 5.43
CA LEU B 270 -22.01 -0.67 5.41
C LEU B 270 -23.08 -0.82 6.48
N ASN B 271 -23.10 0.10 7.44
CA ASN B 271 -24.08 0.08 8.50
C ASN B 271 -25.25 1.01 8.17
N ASP B 272 -26.13 1.21 9.14
CA ASP B 272 -27.33 2.02 8.93
C ASP B 272 -26.97 3.42 8.42
N GLU B 273 -26.02 4.08 9.09
CA GLU B 273 -25.61 5.43 8.69
C GLU B 273 -24.98 5.42 7.30
N ASP B 274 -24.13 4.43 7.03
CA ASP B 274 -23.52 4.32 5.71
C ASP B 274 -24.58 4.20 4.62
N LEU B 275 -25.62 3.40 4.86
CA LEU B 275 -26.65 3.22 3.85
C LEU B 275 -27.49 4.48 3.68
N LYS B 276 -27.72 5.23 4.76
CA LYS B 276 -28.37 6.53 4.59
C LYS B 276 -27.54 7.44 3.69
N ASN B 277 -26.22 7.48 3.92
CA ASN B 277 -25.36 8.31 3.08
C ASN B 277 -25.38 7.85 1.63
N ALA B 278 -25.38 6.52 1.42
CA ALA B 278 -25.44 6.00 0.05
C ALA B 278 -26.75 6.36 -0.62
N LYS B 279 -27.86 6.23 0.12
CA LYS B 279 -29.15 6.61 -0.46
C LYS B 279 -29.14 8.07 -0.87
N SER B 280 -28.59 8.95 -0.03
CA SER B 280 -28.50 10.36 -0.44
C SER B 280 -27.65 10.51 -1.70
N PHE B 281 -26.52 9.79 -1.77
CA PHE B 281 -25.70 9.87 -2.96
C PHE B 281 -26.48 9.45 -4.20
N PHE B 282 -27.34 8.45 -4.08
CA PHE B 282 -28.10 7.95 -5.21
C PHE B 282 -29.46 8.65 -5.37
N GLY B 283 -29.73 9.71 -4.61
CA GLY B 283 -30.97 10.43 -4.84
C GLY B 283 -32.21 9.76 -4.29
N LEU B 284 -32.07 8.87 -3.31
CA LEU B 284 -33.19 8.21 -2.67
C LEU B 284 -33.44 8.77 -1.26
N ASP B 285 -34.62 8.52 -0.74
CA ASP B 285 -34.99 8.99 0.59
C ASP B 285 -34.24 8.19 1.65
N PRO B 286 -33.30 8.80 2.39
CA PRO B 286 -32.54 8.01 3.37
C PRO B 286 -33.37 7.56 4.55
N GLN B 287 -34.59 8.06 4.74
CA GLN B 287 -35.40 7.67 5.88
C GLN B 287 -36.29 6.47 5.61
N LYS B 288 -36.36 5.96 4.38
CA LYS B 288 -37.21 4.82 4.06
C LYS B 288 -36.35 3.58 3.92
N LYS B 289 -36.63 2.56 4.72
CA LYS B 289 -35.87 1.32 4.71
C LYS B 289 -36.69 0.20 4.07
N PHE B 290 -36.00 -0.73 3.43
CA PHE B 290 -36.66 -1.82 2.71
C PHE B 290 -37.80 -1.29 1.83
N HIS B 291 -37.45 -0.34 0.97
CA HIS B 291 -38.43 0.50 0.29
C HIS B 291 -38.23 0.42 -1.21
N ILE B 292 -39.30 0.19 -1.95
CA ILE B 292 -39.33 0.37 -3.39
C ILE B 292 -40.37 1.41 -3.70
N SER B 293 -39.99 2.44 -4.46
CA SER B 293 -40.91 3.53 -4.72
C SER B 293 -42.00 3.09 -5.69
N ASP B 294 -43.10 3.85 -5.69
CA ASP B 294 -44.23 3.55 -6.57
C ASP B 294 -43.80 3.55 -8.04
N GLU B 295 -42.94 4.50 -8.41
CA GLU B 295 -42.48 4.58 -9.79
C GLU B 295 -41.70 3.33 -10.21
N VAL B 296 -40.86 2.81 -9.31
CA VAL B 296 -40.11 1.59 -9.63
C VAL B 296 -41.03 0.38 -9.64
N LYS B 297 -41.95 0.27 -8.68
CA LYS B 297 -42.92 -0.82 -8.71
C LYS B 297 -43.71 -0.82 -10.01
N GLU B 298 -44.13 0.38 -10.47
CA GLU B 298 -44.89 0.49 -11.70
C GLU B 298 -44.06 0.05 -12.90
N PHE B 299 -42.78 0.40 -12.90
CA PHE B 299 -41.89 -0.04 -13.97
C PHE B 299 -41.82 -1.55 -14.03
N TYR B 300 -41.63 -2.21 -12.88
CA TYR B 300 -41.49 -3.66 -12.91
C TYR B 300 -42.83 -4.35 -13.13
N LYS B 301 -43.94 -3.74 -12.74
CA LYS B 301 -45.24 -4.27 -13.15
C LYS B 301 -45.34 -4.34 -14.67
N ASN B 302 -44.88 -3.29 -15.36
CA ASN B 302 -44.94 -3.29 -16.81
C ASN B 302 -43.99 -4.31 -17.42
N VAL B 303 -42.79 -4.48 -16.83
CA VAL B 303 -41.88 -5.54 -17.26
C VAL B 303 -42.59 -6.90 -17.23
N ILE B 304 -43.20 -7.22 -16.08
CA ILE B 304 -43.84 -8.52 -15.91
C ILE B 304 -44.94 -8.73 -16.94
N GLN B 305 -45.72 -7.67 -17.22
CA GLN B 305 -46.78 -7.78 -18.21
C GLN B 305 -46.21 -8.01 -19.60
N LYS B 306 -45.10 -7.36 -19.93
CA LYS B 306 -44.49 -7.60 -21.23
C LYS B 306 -43.95 -9.01 -21.35
N LYS B 307 -43.37 -9.55 -20.26
CA LYS B 307 -42.90 -10.94 -20.30
C LYS B 307 -44.08 -11.89 -20.52
N LYS B 308 -45.21 -11.61 -19.85
CA LYS B 308 -46.39 -12.47 -20.04
C LYS B 308 -46.91 -12.44 -21.47
N GLU B 309 -46.93 -11.26 -22.10
N GLU B 309 -46.90 -11.26 -22.10
CA GLU B 309 -47.33 -11.17 -23.50
CA GLU B 309 -47.33 -11.16 -23.49
C GLU B 309 -46.48 -12.08 -24.37
C GLU B 309 -46.48 -12.04 -24.40
N ASN B 310 -45.17 -12.08 -24.13
CA ASN B 310 -44.27 -12.94 -24.92
C ASN B 310 -44.57 -14.41 -24.67
N TYR B 311 -44.86 -14.76 -23.41
CA TYR B 311 -45.18 -16.14 -23.08
C TYR B 311 -46.47 -16.60 -23.76
N ILE B 312 -47.50 -15.76 -23.76
CA ILE B 312 -48.75 -16.13 -24.40
C ILE B 312 -48.54 -16.39 -25.89
N LYS B 313 -47.70 -15.59 -26.53
CA LYS B 313 -47.36 -15.84 -27.92
C LYS B 313 -46.74 -17.23 -28.10
N TRP B 314 -45.81 -17.59 -27.21
CA TRP B 314 -45.21 -18.93 -27.26
C TRP B 314 -46.24 -20.01 -27.01
N LYS B 315 -47.09 -19.82 -26.01
CA LYS B 315 -48.08 -20.85 -25.66
C LYS B 315 -49.02 -21.12 -26.83
N ASN B 316 -49.41 -20.07 -27.55
CA ASN B 316 -50.28 -20.25 -28.70
C ASN B 316 -49.56 -21.00 -29.81
N MET B 317 -48.27 -20.73 -29.99
CA MET B 317 -47.51 -21.45 -30.99
C MET B 317 -47.33 -22.91 -30.58
N PHE B 318 -47.07 -23.16 -29.29
CA PHE B 318 -46.94 -24.54 -28.82
C PHE B 318 -48.25 -25.30 -28.96
N ASP B 319 -49.38 -24.63 -28.73
CA ASP B 319 -50.67 -25.28 -28.93
C ASP B 319 -50.87 -25.66 -30.39
N ASP B 320 -50.47 -24.79 -31.32
CA ASP B 320 -50.57 -25.11 -32.74
C ASP B 320 -49.61 -26.24 -33.11
N PHE B 321 -48.40 -26.23 -32.54
CA PHE B 321 -47.46 -27.32 -32.77
C PHE B 321 -48.05 -28.64 -32.27
N SER B 322 -48.69 -28.62 -31.11
CA SER B 322 -49.15 -29.87 -30.49
C SER B 322 -50.28 -30.50 -31.29
N LEU B 323 -51.09 -29.69 -31.96
CA LEU B 323 -52.13 -30.26 -32.82
C LEU B 323 -51.51 -30.87 -34.07
N LYS B 324 -50.44 -30.28 -34.60
CA LYS B 324 -49.85 -30.79 -35.83
C LYS B 324 -48.94 -31.99 -35.59
N TYR B 325 -48.27 -32.02 -34.44
CA TYR B 325 -47.31 -33.08 -34.09
C TYR B 325 -47.62 -33.59 -32.70
N PRO B 326 -48.73 -34.30 -32.52
CA PRO B 326 -49.12 -34.69 -31.15
C PRO B 326 -48.14 -35.62 -30.47
N GLN B 327 -47.58 -36.60 -31.18
CA GLN B 327 -46.63 -37.51 -30.52
C GLN B 327 -45.39 -36.79 -30.05
N VAL B 328 -44.85 -35.87 -30.87
CA VAL B 328 -43.68 -35.08 -30.47
C VAL B 328 -44.01 -34.21 -29.26
N SER B 329 -45.17 -33.55 -29.29
CA SER B 329 -45.56 -32.71 -28.17
C SER B 329 -45.67 -33.53 -26.89
N GLN B 330 -46.24 -34.73 -26.98
CA GLN B 330 -46.39 -35.59 -25.82
C GLN B 330 -45.04 -36.00 -25.25
N GLU B 331 -44.05 -36.25 -26.12
CA GLU B 331 -42.70 -36.55 -25.67
C GLU B 331 -42.06 -35.38 -24.93
N ILE B 332 -42.18 -34.17 -25.48
CA ILE B 332 -41.65 -32.98 -24.79
C ILE B 332 -42.25 -32.84 -23.40
N ILE B 333 -43.58 -32.96 -23.32
CA ILE B 333 -44.27 -32.86 -22.03
C ILE B 333 -43.77 -33.94 -21.07
N ARG B 334 -43.69 -35.19 -21.55
CA ARG B 334 -43.25 -36.30 -20.71
C ARG B 334 -41.85 -36.04 -20.15
N ARG B 335 -40.92 -35.61 -21.01
CA ARG B 335 -39.54 -35.37 -20.59
C ARG B 335 -39.46 -34.28 -19.52
N PHE B 336 -40.19 -33.17 -19.73
CA PHE B 336 -40.09 -32.08 -18.77
C PHE B 336 -40.90 -32.33 -17.51
N GLN B 337 -41.80 -33.31 -17.52
CA GLN B 337 -42.47 -33.75 -16.30
C GLN B 337 -41.63 -34.75 -15.51
N ASN B 338 -40.44 -35.13 -16.01
CA ASN B 338 -39.62 -36.19 -15.44
C ASN B 338 -40.31 -37.56 -15.45
N ASP B 339 -41.34 -37.77 -16.28
CA ASP B 339 -41.95 -39.08 -16.31
C ASP B 339 -41.16 -40.03 -17.21
N LEU B 340 -41.19 -41.31 -16.86
CA LEU B 340 -40.42 -42.32 -17.57
C LEU B 340 -41.24 -42.94 -18.71
N PRO B 341 -40.58 -43.48 -19.73
CA PRO B 341 -41.31 -44.15 -20.82
C PRO B 341 -42.12 -45.33 -20.33
N ASN B 342 -43.23 -45.60 -21.03
CA ASN B 342 -44.05 -46.78 -20.75
C ASN B 342 -43.20 -48.05 -20.84
N ASN B 343 -43.38 -48.93 -19.85
CA ASN B 343 -42.71 -50.23 -19.82
C ASN B 343 -41.19 -50.10 -19.90
N TRP B 344 -40.64 -49.03 -19.29
CA TRP B 344 -39.20 -48.82 -19.37
C TRP B 344 -38.42 -49.95 -18.70
N LYS B 345 -38.99 -50.58 -17.68
CA LYS B 345 -38.27 -51.64 -16.97
C LYS B 345 -38.04 -52.87 -17.84
N ASP B 346 -38.79 -53.01 -18.93
CA ASP B 346 -38.52 -54.10 -19.87
C ASP B 346 -37.16 -53.97 -20.53
N ALA B 347 -36.54 -52.79 -20.45
CA ALA B 347 -35.21 -52.61 -21.02
C ALA B 347 -34.09 -53.14 -20.13
N LEU B 348 -34.39 -53.56 -18.90
CA LEU B 348 -33.36 -54.01 -17.97
C LEU B 348 -33.14 -55.52 -18.15
N PRO B 349 -31.96 -55.95 -18.61
CA PRO B 349 -31.73 -57.39 -18.84
C PRO B 349 -31.75 -58.19 -17.55
N LYS B 350 -32.01 -59.48 -17.71
CA LYS B 350 -32.09 -60.47 -16.64
C LYS B 350 -31.10 -61.59 -16.92
N TYR B 351 -30.50 -62.16 -15.86
CA TYR B 351 -29.48 -63.19 -16.03
C TYR B 351 -29.72 -64.32 -15.03
N THR B 352 -29.03 -65.45 -15.23
CA THR B 352 -29.03 -66.54 -14.27
C THR B 352 -27.60 -67.05 -14.12
N PRO B 353 -27.33 -67.86 -13.10
CA PRO B 353 -25.97 -68.40 -12.95
C PRO B 353 -25.49 -69.25 -14.14
N LYS B 354 -26.39 -69.67 -15.03
CA LYS B 354 -25.97 -70.40 -16.22
C LYS B 354 -25.32 -69.49 -17.26
N ASP B 355 -25.58 -68.19 -17.22
CA ASP B 355 -24.98 -67.29 -18.19
C ASP B 355 -23.47 -67.13 -17.95
N ALA B 356 -22.76 -66.75 -19.00
CA ALA B 356 -21.32 -66.65 -18.90
C ALA B 356 -20.93 -65.46 -18.02
N PRO B 357 -19.83 -65.56 -17.28
CA PRO B 357 -19.37 -64.42 -16.47
C PRO B 357 -19.14 -63.17 -17.30
N GLY B 358 -19.44 -62.03 -16.70
CA GLY B 358 -19.14 -60.74 -17.32
C GLY B 358 -18.66 -59.76 -16.27
N ALA B 359 -17.81 -58.82 -16.71
CA ALA B 359 -17.42 -57.71 -15.85
C ALA B 359 -18.62 -56.79 -15.63
N THR B 360 -18.76 -56.21 -14.43
CA THR B 360 -19.94 -55.38 -14.25
C THR B 360 -19.85 -54.08 -15.06
N ARG B 361 -18.64 -53.62 -15.44
CA ARG B 361 -18.61 -52.45 -16.33
C ARG B 361 -19.21 -52.79 -17.70
N ASN B 362 -18.90 -53.98 -18.24
CA ASN B 362 -19.47 -54.38 -19.53
C ASN B 362 -20.97 -54.58 -19.41
N LEU B 363 -21.42 -55.18 -18.32
CA LEU B 363 -22.85 -55.37 -18.11
C LEU B 363 -23.57 -54.04 -18.03
N SER B 364 -22.94 -53.05 -17.38
CA SER B 364 -23.49 -51.71 -17.36
C SER B 364 -23.61 -51.13 -18.77
N GLY B 365 -22.60 -51.35 -19.61
CA GLY B 365 -22.69 -50.88 -20.99
C GLY B 365 -23.88 -51.46 -21.73
N ILE B 366 -24.19 -52.73 -21.47
CA ILE B 366 -25.37 -53.36 -22.10
C ILE B 366 -26.64 -52.67 -21.66
N VAL B 367 -26.80 -52.42 -20.35
CA VAL B 367 -28.00 -51.73 -19.87
C VAL B 367 -28.11 -50.34 -20.47
N LEU B 368 -27.01 -49.57 -20.43
CA LEU B 368 -27.02 -48.22 -21.00
C LEU B 368 -27.53 -48.22 -22.42
N ASN B 369 -27.01 -49.14 -23.24
CA ASN B 369 -27.45 -49.16 -24.64
C ASN B 369 -28.90 -49.60 -24.77
N SER B 370 -29.36 -50.46 -23.86
CA SER B 370 -30.77 -50.88 -23.90
C SER B 370 -31.70 -49.71 -23.54
N ILE B 371 -31.40 -49.00 -22.46
CA ILE B 371 -32.29 -47.89 -22.10
C ILE B 371 -32.13 -46.74 -23.10
N ASN B 372 -30.97 -46.61 -23.74
CA ASN B 372 -30.80 -45.56 -24.75
C ASN B 372 -31.86 -45.65 -25.84
N LYS B 373 -32.27 -46.87 -26.20
CA LYS B 373 -33.23 -47.04 -27.28
C LYS B 373 -34.60 -46.46 -26.93
N ILE B 374 -34.95 -46.37 -25.65
CA ILE B 374 -36.28 -45.93 -25.28
C ILE B 374 -36.29 -44.63 -24.48
N PHE B 375 -35.12 -44.07 -24.15
CA PHE B 375 -35.00 -42.81 -23.42
C PHE B 375 -34.47 -41.75 -24.37
N PRO B 376 -35.32 -40.99 -25.08
CA PRO B 376 -34.79 -39.86 -25.88
C PRO B 376 -34.11 -38.81 -25.03
N GLU B 377 -34.39 -38.77 -23.72
CA GLU B 377 -33.83 -37.78 -22.81
C GLU B 377 -32.49 -38.20 -22.19
N LEU B 378 -31.99 -39.41 -22.51
CA LEU B 378 -30.68 -39.83 -22.04
C LEU B 378 -29.60 -39.05 -22.76
N ILE B 379 -28.67 -38.47 -21.99
CA ILE B 379 -27.58 -37.67 -22.53
C ILE B 379 -26.37 -37.86 -21.64
N GLY B 380 -25.17 -37.91 -22.23
CA GLY B 380 -23.98 -37.91 -21.38
C GLY B 380 -22.78 -38.50 -22.09
N GLY B 381 -21.81 -38.93 -21.28
CA GLY B 381 -20.56 -39.41 -21.84
C GLY B 381 -19.52 -39.60 -20.76
N SER B 382 -18.30 -39.87 -21.20
CA SER B 382 -17.18 -40.16 -20.33
C SER B 382 -16.12 -39.06 -20.43
N ALA B 383 -15.34 -38.91 -19.36
CA ALA B 383 -14.18 -38.01 -19.38
C ALA B 383 -12.98 -38.73 -20.00
N ASP B 384 -13.03 -38.87 -21.35
CA ASP B 384 -11.95 -39.50 -22.12
C ASP B 384 -11.69 -40.96 -21.76
N LEU B 385 -12.70 -41.66 -21.25
CA LEU B 385 -12.57 -43.07 -20.93
C LEU B 385 -13.77 -43.86 -21.44
N SER B 386 -14.28 -43.50 -22.64
CA SER B 386 -15.54 -44.08 -23.11
C SER B 386 -15.46 -45.59 -23.23
N GLU B 387 -14.38 -46.12 -23.80
CA GLU B 387 -14.29 -47.57 -23.97
C GLU B 387 -14.09 -48.26 -22.62
N SER B 388 -13.16 -47.75 -21.80
CA SER B 388 -12.88 -48.41 -20.52
C SER B 388 -14.06 -48.30 -19.55
N ASN B 389 -14.76 -47.16 -19.53
CA ASN B 389 -15.97 -47.00 -18.70
C ASN B 389 -17.18 -47.72 -19.27
N CYS B 390 -17.12 -48.17 -20.53
CA CYS B 390 -18.25 -48.80 -21.22
C CYS B 390 -19.45 -47.86 -21.31
N THR B 391 -19.21 -46.59 -21.66
CA THR B 391 -20.30 -45.62 -21.77
C THR B 391 -20.72 -45.33 -23.20
N SER B 392 -20.02 -45.87 -24.19
CA SER B 392 -20.33 -45.55 -25.58
C SER B 392 -21.72 -46.03 -25.94
N LEU B 393 -22.44 -45.24 -26.73
CA LEU B 393 -23.79 -45.58 -27.19
C LEU B 393 -23.69 -45.95 -28.67
N LYS B 394 -23.92 -47.22 -28.98
CA LYS B 394 -23.92 -47.69 -30.36
C LYS B 394 -24.93 -46.93 -31.22
N GLU B 395 -24.46 -46.49 -32.38
CA GLU B 395 -25.27 -45.78 -33.37
C GLU B 395 -25.84 -44.46 -32.85
N GLU B 396 -25.22 -43.89 -31.82
CA GLU B 396 -25.46 -42.49 -31.48
C GLU B 396 -24.27 -41.69 -31.95
N ASN B 397 -24.44 -40.37 -32.04
CA ASN B 397 -23.40 -39.49 -32.53
C ASN B 397 -22.98 -38.51 -31.43
N ASP B 398 -21.78 -37.96 -31.58
CA ASP B 398 -21.29 -36.94 -30.66
C ASP B 398 -22.01 -35.61 -30.86
N ILE B 399 -22.31 -34.93 -29.74
CA ILE B 399 -22.60 -33.50 -29.83
C ILE B 399 -21.35 -32.77 -30.27
N LYS B 400 -21.49 -31.93 -31.29
CA LYS B 400 -20.36 -31.13 -31.74
C LYS B 400 -20.89 -29.84 -32.35
N LYS B 401 -19.96 -28.91 -32.58
CA LYS B 401 -20.34 -27.61 -33.13
C LYS B 401 -21.12 -27.81 -34.41
N ASN B 402 -22.27 -27.14 -34.51
CA ASN B 402 -23.22 -27.24 -35.62
C ASN B 402 -23.94 -28.58 -35.68
N SER B 403 -23.90 -29.41 -34.62
CA SER B 403 -24.61 -30.68 -34.60
C SER B 403 -24.94 -31.01 -33.13
N TYR B 404 -26.02 -30.41 -32.63
CA TYR B 404 -26.30 -30.46 -31.19
C TYR B 404 -27.37 -31.45 -30.78
N GLY B 405 -28.22 -31.90 -31.70
CA GLY B 405 -29.31 -32.78 -31.33
C GLY B 405 -28.91 -34.23 -31.17
N ASN B 406 -27.72 -34.46 -30.66
CA ASN B 406 -27.20 -35.81 -30.45
C ASN B 406 -27.15 -36.09 -28.95
N LYS B 407 -26.78 -37.32 -28.60
CA LYS B 407 -26.88 -37.76 -27.21
C LYS B 407 -25.55 -37.96 -26.51
N TYR B 408 -24.43 -38.07 -27.22
CA TYR B 408 -23.15 -38.37 -26.59
C TYR B 408 -22.27 -37.13 -26.49
N ILE B 409 -21.65 -36.93 -25.31
CA ILE B 409 -20.73 -35.82 -25.08
C ILE B 409 -19.32 -36.35 -24.83
N ARG B 410 -18.36 -35.86 -25.61
CA ARG B 410 -16.94 -36.12 -25.38
C ARG B 410 -16.46 -35.05 -24.40
N PHE B 411 -16.43 -35.39 -23.12
CA PHE B 411 -15.99 -34.40 -22.13
C PHE B 411 -14.49 -34.15 -22.13
N GLY B 412 -13.69 -35.03 -22.74
CA GLY B 412 -12.25 -34.86 -22.61
C GLY B 412 -11.78 -35.12 -21.18
N VAL B 413 -10.57 -34.69 -20.89
CA VAL B 413 -9.96 -34.96 -19.57
C VAL B 413 -10.33 -33.88 -18.56
N ARG B 414 -11.61 -33.86 -18.16
CA ARG B 414 -12.21 -32.75 -17.42
C ARG B 414 -13.28 -33.28 -16.45
N GLU B 415 -12.87 -34.03 -15.42
CA GLU B 415 -13.87 -34.67 -14.55
C GLU B 415 -14.73 -33.65 -13.83
N HIS B 416 -14.10 -32.64 -13.22
CA HIS B 416 -14.88 -31.66 -12.46
C HIS B 416 -15.84 -30.89 -13.35
N GLY B 417 -15.33 -30.37 -14.47
CA GLY B 417 -16.22 -29.68 -15.40
C GLY B 417 -17.32 -30.58 -15.92
N MET B 418 -17.01 -31.86 -16.12
CA MET B 418 -18.00 -32.81 -16.60
C MET B 418 -19.16 -32.95 -15.61
N VAL B 419 -18.85 -33.14 -14.31
CA VAL B 419 -19.93 -33.27 -13.35
C VAL B 419 -20.73 -31.98 -13.23
N ALA B 420 -20.06 -30.81 -13.26
CA ALA B 420 -20.81 -29.55 -13.19
C ALA B 420 -21.70 -29.35 -14.42
N ILE B 421 -21.21 -29.75 -15.59
CA ILE B 421 -22.03 -29.70 -16.81
C ILE B 421 -23.21 -30.67 -16.73
N THR B 422 -22.96 -31.87 -16.22
CA THR B 422 -24.04 -32.83 -16.01
C THR B 422 -25.11 -32.27 -15.06
N ASN B 423 -24.69 -31.61 -13.98
CA ASN B 423 -25.64 -30.91 -13.11
C ASN B 423 -26.47 -29.91 -13.91
N GLY B 424 -25.81 -29.13 -14.76
CA GLY B 424 -26.51 -28.12 -15.54
C GLY B 424 -27.51 -28.73 -16.50
N LEU B 425 -27.13 -29.85 -17.14
CA LEU B 425 -28.06 -30.54 -18.04
C LEU B 425 -29.30 -30.99 -17.30
N TYR B 426 -29.14 -31.56 -16.10
CA TYR B 426 -30.34 -31.94 -15.34
C TYR B 426 -31.16 -30.72 -14.95
N ALA B 427 -30.48 -29.69 -14.41
CA ALA B 427 -31.17 -28.52 -13.88
C ALA B 427 -31.96 -27.79 -14.94
N TYR B 428 -31.54 -27.91 -16.21
CA TYR B 428 -32.26 -27.25 -17.30
C TYR B 428 -33.68 -27.77 -17.43
N GLY B 429 -33.85 -29.08 -17.19
CA GLY B 429 -35.08 -29.80 -17.36
C GLY B 429 -35.08 -30.60 -18.65
N GLY B 430 -35.88 -31.65 -18.69
CA GLY B 430 -36.02 -32.43 -19.91
C GLY B 430 -34.98 -33.51 -20.14
N PHE B 431 -34.02 -33.70 -19.23
CA PHE B 431 -32.91 -34.61 -19.46
C PHE B 431 -32.69 -35.55 -18.29
N LYS B 432 -32.17 -36.74 -18.61
CA LYS B 432 -31.69 -37.71 -17.64
C LYS B 432 -30.21 -37.90 -17.97
N PRO B 433 -29.32 -37.07 -17.43
CA PRO B 433 -27.91 -37.14 -17.82
C PRO B 433 -27.10 -38.17 -17.04
N TYR B 434 -26.02 -38.62 -17.69
CA TYR B 434 -25.05 -39.51 -17.04
C TYR B 434 -23.64 -39.08 -17.40
N CYS B 435 -22.69 -39.45 -16.54
CA CYS B 435 -21.29 -39.13 -16.81
C CYS B 435 -20.45 -40.33 -16.36
N GLY B 436 -19.18 -40.31 -16.72
CA GLY B 436 -18.34 -41.46 -16.43
C GLY B 436 -16.87 -41.13 -16.28
N THR B 437 -16.23 -41.75 -15.28
CA THR B 437 -14.77 -41.81 -15.18
C THR B 437 -14.45 -42.98 -14.24
N PHE B 438 -13.15 -43.23 -14.03
CA PHE B 438 -12.75 -44.18 -13.00
C PHE B 438 -13.21 -43.67 -11.64
N LEU B 439 -13.60 -44.60 -10.75
CA LEU B 439 -14.13 -44.18 -9.45
C LEU B 439 -13.13 -43.29 -8.70
N ASN B 440 -11.83 -43.60 -8.77
CA ASN B 440 -10.86 -42.84 -8.00
C ASN B 440 -10.77 -41.39 -8.47
N PHE B 441 -11.19 -41.09 -9.68
CA PHE B 441 -11.08 -39.72 -10.16
C PHE B 441 -12.36 -38.93 -10.02
N TYR B 442 -13.40 -39.50 -9.39
CA TYR B 442 -14.52 -38.67 -8.99
C TYR B 442 -14.13 -37.72 -7.85
N THR B 443 -13.01 -37.95 -7.14
CA THR B 443 -12.67 -36.93 -6.15
C THR B 443 -12.09 -35.68 -6.79
N TYR B 444 -11.67 -35.76 -8.07
CA TYR B 444 -11.38 -34.54 -8.82
C TYR B 444 -12.63 -33.67 -8.94
N ALA B 445 -13.80 -34.31 -8.96
CA ALA B 445 -15.06 -33.68 -9.30
C ALA B 445 -15.99 -33.55 -8.10
N PHE B 446 -15.49 -33.79 -6.88
CA PHE B 446 -16.43 -33.86 -5.76
C PHE B 446 -17.09 -32.52 -5.43
N GLY B 447 -16.45 -31.39 -5.75
CA GLY B 447 -17.14 -30.11 -5.57
C GLY B 447 -18.51 -30.12 -6.21
N ALA B 448 -18.59 -30.61 -7.45
CA ALA B 448 -19.85 -30.64 -8.18
C ALA B 448 -20.73 -31.81 -7.76
N LEU B 449 -20.12 -32.97 -7.47
CA LEU B 449 -20.91 -34.13 -7.07
C LEU B 449 -21.66 -33.88 -5.77
N ARG B 450 -20.98 -33.29 -4.78
CA ARG B 450 -21.66 -32.93 -3.53
C ARG B 450 -22.81 -31.97 -3.79
N LEU B 451 -22.66 -31.05 -4.75
CA LEU B 451 -23.76 -30.14 -5.06
C LEU B 451 -24.93 -30.85 -5.77
N ALA B 452 -24.66 -31.87 -6.59
CA ALA B 452 -25.77 -32.68 -7.09
C ALA B 452 -26.63 -33.20 -5.95
N ALA B 453 -25.99 -33.70 -4.89
CA ALA B 453 -26.73 -34.22 -3.74
C ALA B 453 -27.51 -33.11 -3.03
N LEU B 454 -26.83 -32.01 -2.73
CA LEU B 454 -27.49 -30.89 -2.06
C LEU B 454 -28.62 -30.30 -2.90
N SER B 455 -28.45 -30.26 -4.22
CA SER B 455 -29.42 -29.65 -5.13
C SER B 455 -30.50 -30.61 -5.60
N ASN B 456 -30.45 -31.89 -5.20
CA ASN B 456 -31.38 -32.90 -5.70
C ASN B 456 -31.31 -33.09 -7.21
N HIS B 457 -30.12 -32.92 -7.80
CA HIS B 457 -29.94 -33.18 -9.23
C HIS B 457 -29.89 -34.68 -9.48
N HIS B 458 -30.76 -35.15 -10.37
CA HIS B 458 -30.88 -36.57 -10.65
C HIS B 458 -29.88 -36.93 -11.74
N ILE B 459 -28.62 -37.08 -11.35
CA ILE B 459 -27.57 -37.42 -12.31
C ILE B 459 -27.08 -38.83 -12.03
N LEU B 460 -26.63 -39.50 -13.10
CA LEU B 460 -26.09 -40.86 -13.02
C LEU B 460 -24.57 -40.81 -13.22
N CYS B 461 -23.82 -41.29 -12.24
CA CYS B 461 -22.36 -41.32 -12.34
C CYS B 461 -21.87 -42.75 -12.47
N ILE B 462 -21.39 -43.09 -13.66
CA ILE B 462 -20.80 -44.40 -13.93
C ILE B 462 -19.34 -44.36 -13.46
N ALA B 463 -19.00 -45.25 -12.52
CA ALA B 463 -17.67 -45.21 -11.88
C ALA B 463 -17.02 -46.59 -11.97
N THR B 464 -16.22 -46.83 -13.02
CA THR B 464 -15.60 -48.14 -13.20
C THR B 464 -14.22 -48.20 -12.53
N HIS B 465 -13.64 -49.40 -12.55
CA HIS B 465 -12.32 -49.63 -11.97
C HIS B 465 -12.33 -49.21 -10.50
N ASP B 466 -13.25 -49.81 -9.77
CA ASP B 466 -13.64 -49.34 -8.44
C ASP B 466 -12.75 -49.81 -7.30
N SER B 467 -11.69 -50.58 -7.55
CA SER B 467 -10.89 -51.10 -6.44
C SER B 467 -9.52 -51.57 -6.94
N VAL B 468 -8.73 -52.13 -6.02
CA VAL B 468 -7.45 -52.75 -6.37
C VAL B 468 -7.64 -53.86 -7.39
N GLU B 469 -8.86 -54.36 -7.57
CA GLU B 469 -9.16 -55.35 -8.60
C GLU B 469 -8.73 -54.87 -9.98
N LEU B 470 -8.57 -53.55 -10.18
CA LEU B 470 -8.12 -53.04 -11.48
C LEU B 470 -6.67 -53.40 -11.78
N GLY B 471 -5.85 -53.65 -10.78
CA GLY B 471 -4.55 -54.26 -11.01
C GLY B 471 -3.45 -53.24 -11.32
N GLU B 472 -2.80 -53.43 -12.47
CA GLU B 472 -1.45 -52.86 -12.67
C GLU B 472 -1.38 -51.33 -12.72
N ASP B 473 -2.47 -50.62 -12.99
CA ASP B 473 -2.35 -49.16 -12.95
C ASP B 473 -1.95 -48.66 -11.56
N GLY B 474 -2.21 -49.43 -10.51
CA GLY B 474 -1.57 -49.18 -9.24
C GLY B 474 -2.28 -48.19 -8.33
N PRO B 475 -1.60 -47.81 -7.25
CA PRO B 475 -2.27 -47.09 -6.14
C PRO B 475 -2.75 -45.69 -6.48
N THR B 476 -2.19 -45.00 -7.50
CA THR B 476 -2.77 -43.71 -7.88
C THR B 476 -4.15 -43.84 -8.50
N HIS B 477 -4.54 -45.05 -8.92
CA HIS B 477 -5.82 -45.31 -9.58
C HIS B 477 -6.78 -46.11 -8.71
N GLN B 478 -6.34 -46.66 -7.58
CA GLN B 478 -7.15 -47.59 -6.82
C GLN B 478 -7.79 -46.88 -5.63
N PRO B 479 -9.10 -46.72 -5.63
CA PRO B 479 -9.77 -46.06 -4.50
C PRO B 479 -9.64 -46.89 -3.22
N ILE B 480 -9.55 -46.19 -2.09
CA ILE B 480 -9.57 -46.80 -0.76
C ILE B 480 -10.61 -46.09 0.10
N GLU B 481 -10.70 -44.77 -0.08
CA GLU B 481 -11.47 -43.88 0.77
C GLU B 481 -12.80 -43.45 0.15
N VAL B 482 -13.04 -43.78 -1.12
CA VAL B 482 -14.14 -43.17 -1.88
C VAL B 482 -15.49 -43.73 -1.49
N LEU B 483 -15.60 -45.07 -1.37
CA LEU B 483 -16.88 -45.65 -0.93
C LEU B 483 -17.32 -45.02 0.38
N SER B 484 -16.37 -44.86 1.31
CA SER B 484 -16.67 -44.26 2.62
C SER B 484 -17.14 -42.81 2.48
N LEU B 485 -16.43 -42.02 1.68
CA LEU B 485 -16.86 -40.65 1.39
C LEU B 485 -18.30 -40.61 0.90
N LEU B 486 -18.63 -41.46 -0.09
CA LEU B 486 -19.97 -41.40 -0.67
C LEU B 486 -21.03 -41.83 0.33
N ARG B 487 -20.71 -42.84 1.15
CA ARG B 487 -21.64 -43.27 2.20
C ARG B 487 -21.86 -42.21 3.27
N SER B 488 -20.95 -41.25 3.40
CA SER B 488 -21.01 -40.19 4.40
C SER B 488 -21.62 -38.90 3.86
N THR B 489 -22.07 -38.90 2.60
CA THR B 489 -22.65 -37.73 1.94
C THR B 489 -24.16 -37.85 1.95
N PRO B 490 -24.89 -36.90 2.52
CA PRO B 490 -26.37 -36.97 2.48
C PRO B 490 -26.89 -36.95 1.05
N ASN B 491 -28.07 -37.55 0.86
CA ASN B 491 -28.79 -37.55 -0.42
C ASN B 491 -27.92 -37.97 -1.60
N LEU B 492 -27.24 -39.10 -1.42
CA LEU B 492 -26.43 -39.64 -2.51
C LEU B 492 -26.46 -41.14 -2.39
N ASN B 493 -26.69 -41.83 -3.50
CA ASN B 493 -26.68 -43.28 -3.50
C ASN B 493 -25.39 -43.77 -4.13
N ILE B 494 -24.70 -44.66 -3.44
CA ILE B 494 -23.57 -45.38 -4.01
C ILE B 494 -23.96 -46.86 -4.06
N ILE B 495 -23.93 -47.45 -5.25
CA ILE B 495 -24.35 -48.83 -5.48
C ILE B 495 -23.19 -49.58 -6.15
N ARG B 496 -22.88 -50.75 -5.61
CA ARG B 496 -21.75 -51.55 -6.09
C ARG B 496 -22.27 -52.94 -6.45
N PRO B 497 -22.85 -53.09 -7.63
CA PRO B 497 -23.53 -54.35 -7.95
C PRO B 497 -22.57 -55.51 -8.17
N ALA B 498 -23.00 -56.69 -7.73
CA ALA B 498 -22.13 -57.86 -7.78
C ALA B 498 -22.15 -58.59 -9.11
N ASP B 499 -23.22 -58.46 -9.89
CA ASP B 499 -23.35 -59.29 -11.10
C ASP B 499 -24.38 -58.64 -12.03
N GLY B 500 -24.79 -59.39 -13.06
CA GLY B 500 -25.66 -58.83 -14.08
C GLY B 500 -27.02 -58.40 -13.54
N ASN B 501 -27.65 -59.24 -12.73
CA ASN B 501 -28.94 -58.86 -12.15
C ASN B 501 -28.82 -57.61 -11.30
N GLU B 502 -27.72 -57.49 -10.53
CA GLU B 502 -27.62 -56.31 -9.69
C GLU B 502 -27.25 -55.06 -10.48
N VAL B 503 -26.60 -55.22 -11.63
CA VAL B 503 -26.39 -54.04 -12.48
C VAL B 503 -27.73 -53.49 -12.96
N SER B 504 -28.64 -54.37 -13.41
CA SER B 504 -29.99 -53.90 -13.72
C SER B 504 -30.67 -53.29 -12.50
N GLY B 505 -30.48 -53.89 -11.32
CA GLY B 505 -31.06 -53.32 -10.12
C GLY B 505 -30.52 -51.95 -9.78
N ALA B 506 -29.28 -51.67 -10.17
CA ALA B 506 -28.70 -50.36 -9.87
C ALA B 506 -29.30 -49.29 -10.77
N TYR B 507 -29.49 -49.59 -12.04
CA TYR B 507 -30.21 -48.67 -12.92
C TYR B 507 -31.66 -48.52 -12.48
N LEU B 508 -32.30 -49.63 -12.08
CA LEU B 508 -33.65 -49.55 -11.52
C LEU B 508 -33.68 -48.61 -10.33
N SER B 509 -32.67 -48.70 -9.46
N SER B 509 -32.67 -48.68 -9.46
CA SER B 509 -32.62 -47.86 -8.27
CA SER B 509 -32.66 -47.83 -8.28
C SER B 509 -32.47 -46.39 -8.64
C SER B 509 -32.50 -46.37 -8.66
N HIS B 510 -31.61 -46.09 -9.61
CA HIS B 510 -31.44 -44.70 -10.04
C HIS B 510 -32.76 -44.10 -10.48
N PHE B 511 -33.45 -44.76 -11.41
CA PHE B 511 -34.68 -44.18 -11.93
C PHE B 511 -35.87 -44.30 -10.97
N SER B 512 -35.75 -45.09 -9.89
CA SER B 512 -36.77 -45.15 -8.86
C SER B 512 -36.56 -44.13 -7.74
N ASN B 513 -35.47 -43.37 -7.78
CA ASN B 513 -35.13 -42.40 -6.74
C ASN B 513 -34.78 -41.08 -7.43
N PRO B 514 -35.78 -40.38 -7.96
CA PRO B 514 -35.52 -39.32 -8.94
C PRO B 514 -35.07 -37.98 -8.38
N HIS B 515 -34.79 -37.87 -7.08
CA HIS B 515 -34.28 -36.63 -6.52
C HIS B 515 -32.90 -36.81 -5.88
N THR B 516 -32.19 -37.87 -6.25
CA THR B 516 -30.95 -38.29 -5.62
C THR B 516 -29.94 -38.75 -6.67
N PRO B 517 -28.75 -38.17 -6.71
CA PRO B 517 -27.72 -38.67 -7.65
C PRO B 517 -27.28 -40.07 -7.26
N THR B 518 -26.91 -40.86 -8.27
CA THR B 518 -26.44 -42.23 -8.09
C THR B 518 -25.02 -42.36 -8.64
N VAL B 519 -24.14 -42.99 -7.86
CA VAL B 519 -22.84 -43.46 -8.33
C VAL B 519 -22.92 -44.98 -8.40
N ILE B 520 -22.65 -45.57 -9.57
CA ILE B 520 -22.60 -47.02 -9.73
C ILE B 520 -21.13 -47.44 -9.86
N ALA B 521 -20.64 -48.17 -8.86
CA ALA B 521 -19.26 -48.65 -8.83
C ALA B 521 -19.16 -49.98 -9.55
N LEU B 522 -18.28 -50.07 -10.53
CA LEU B 522 -18.22 -51.22 -11.43
C LEU B 522 -16.80 -51.72 -11.55
N CYS B 523 -16.65 -53.04 -11.67
CA CYS B 523 -15.33 -53.68 -11.69
C CYS B 523 -14.84 -53.89 -13.12
N ARG B 524 -13.53 -54.17 -13.23
CA ARG B 524 -12.82 -54.30 -14.50
C ARG B 524 -12.93 -55.67 -15.14
N ASN B 525 -12.79 -56.75 -14.37
CA ASN B 525 -12.71 -58.12 -14.89
C ASN B 525 -13.99 -58.91 -14.64
N LYS B 526 -14.12 -60.04 -15.35
CA LYS B 526 -15.34 -60.83 -15.29
C LYS B 526 -15.59 -61.40 -13.91
N VAL B 527 -16.86 -61.44 -13.51
CA VAL B 527 -17.30 -62.10 -12.28
C VAL B 527 -18.50 -62.98 -12.61
N PRO B 528 -18.76 -64.02 -11.83
CA PRO B 528 -19.88 -64.92 -12.15
C PRO B 528 -21.23 -64.31 -11.82
N HIS B 529 -22.25 -64.72 -12.57
CA HIS B 529 -23.62 -64.45 -12.17
C HIS B 529 -23.97 -65.31 -10.94
N LEU B 530 -24.60 -64.70 -9.94
CA LEU B 530 -24.76 -65.34 -8.64
C LEU B 530 -26.18 -65.82 -8.39
N ASN B 531 -26.29 -66.79 -7.47
CA ASN B 531 -27.58 -67.37 -7.10
C ASN B 531 -28.49 -66.34 -6.45
N ASN B 532 -29.74 -66.27 -6.93
CA ASN B 532 -30.82 -65.50 -6.30
C ASN B 532 -30.58 -63.99 -6.26
N THR B 533 -29.70 -63.44 -7.09
CA THR B 533 -29.64 -61.99 -7.16
C THR B 533 -30.88 -61.49 -7.90
N GLN B 534 -31.36 -60.31 -7.50
CA GLN B 534 -32.65 -59.80 -7.96
C GLN B 534 -32.61 -58.29 -8.13
N PRO B 535 -32.92 -57.75 -9.30
CA PRO B 535 -32.87 -56.28 -9.48
C PRO B 535 -33.73 -55.52 -8.49
N GLU B 536 -34.97 -55.96 -8.24
CA GLU B 536 -35.84 -55.19 -7.36
C GLU B 536 -35.30 -55.14 -5.94
N GLN B 537 -34.59 -56.18 -5.50
CA GLN B 537 -34.07 -56.20 -4.14
C GLN B 537 -32.89 -55.26 -3.96
N VAL B 538 -32.22 -54.85 -5.04
CA VAL B 538 -31.13 -53.88 -4.92
C VAL B 538 -31.67 -52.58 -4.33
N LEU B 539 -32.96 -52.29 -4.56
CA LEU B 539 -33.58 -51.07 -4.03
C LEU B 539 -33.55 -51.04 -2.51
N LYS B 540 -33.44 -52.19 -1.85
CA LYS B 540 -33.37 -52.23 -0.40
C LYS B 540 -31.92 -52.16 0.12
N GLY B 541 -30.95 -52.07 -0.78
CA GLY B 541 -29.56 -51.87 -0.34
C GLY B 541 -28.79 -53.09 0.12
N ALA B 542 -29.43 -53.95 0.93
CA ALA B 542 -28.90 -55.27 1.25
C ALA B 542 -30.04 -56.26 1.34
N TYR B 543 -29.78 -57.51 0.94
CA TYR B 543 -30.80 -58.55 0.95
C TYR B 543 -30.14 -59.92 0.98
N ILE B 544 -30.91 -60.93 1.41
CA ILE B 544 -30.41 -62.28 1.58
C ILE B 544 -30.44 -63.03 0.25
N LEU B 545 -29.29 -63.59 -0.13
CA LEU B 545 -29.21 -64.46 -1.31
C LEU B 545 -29.44 -65.92 -0.96
N GLU B 546 -28.85 -66.39 0.14
CA GLU B 546 -29.06 -67.74 0.65
C GLU B 546 -29.29 -67.64 2.15
N ASP B 547 -30.40 -68.17 2.63
CA ASP B 547 -30.74 -68.09 4.04
C ASP B 547 -30.38 -69.38 4.76
N PHE B 548 -30.40 -69.31 6.09
CA PHE B 548 -30.09 -70.46 6.94
C PHE B 548 -31.00 -71.66 6.66
N ASP B 549 -30.44 -72.86 6.81
CA ASP B 549 -31.26 -74.06 6.83
C ASP B 549 -31.82 -74.24 8.23
N THR B 550 -32.67 -75.25 8.41
CA THR B 550 -33.33 -75.47 9.68
C THR B 550 -32.53 -76.32 10.66
N SER B 551 -31.23 -76.54 10.40
CA SER B 551 -30.43 -77.35 11.32
C SER B 551 -30.10 -76.57 12.59
N ASN B 552 -29.44 -77.26 13.52
CA ASN B 552 -28.95 -76.65 14.75
C ASN B 552 -27.46 -76.36 14.68
N ASN B 553 -26.86 -76.41 13.50
CA ASN B 553 -25.44 -76.16 13.34
C ASN B 553 -25.14 -74.68 13.62
N PRO B 554 -23.91 -74.35 14.03
CA PRO B 554 -23.61 -72.94 14.37
C PRO B 554 -23.78 -72.05 13.14
N LYS B 555 -24.37 -70.88 13.36
CA LYS B 555 -24.65 -69.96 12.26
C LYS B 555 -23.51 -68.99 11.99
N VAL B 556 -23.44 -68.55 10.74
CA VAL B 556 -22.47 -67.57 10.23
C VAL B 556 -23.20 -66.76 9.17
N ILE B 557 -22.93 -65.45 9.12
CA ILE B 557 -23.35 -64.63 7.99
C ILE B 557 -22.10 -64.15 7.26
N LEU B 558 -22.08 -64.32 5.95
CA LEU B 558 -21.07 -63.75 5.07
C LEU B 558 -21.74 -62.70 4.19
N THR B 559 -21.21 -61.47 4.21
CA THR B 559 -21.72 -60.37 3.41
C THR B 559 -20.63 -59.84 2.49
N GLY B 560 -21.01 -59.48 1.26
CA GLY B 560 -20.09 -58.84 0.34
C GLY B 560 -20.85 -58.10 -0.73
N SER B 561 -20.09 -57.49 -1.63
CA SER B 561 -20.66 -56.74 -2.74
C SER B 561 -19.67 -56.77 -3.91
N GLY B 562 -20.11 -56.23 -5.04
CA GLY B 562 -19.20 -56.03 -6.16
C GLY B 562 -18.43 -57.29 -6.52
N SER B 563 -17.14 -57.12 -6.80
CA SER B 563 -16.35 -58.21 -7.32
C SER B 563 -15.92 -59.22 -6.25
N GLU B 564 -16.24 -59.00 -4.96
CA GLU B 564 -15.83 -59.95 -3.94
C GLU B 564 -16.96 -60.82 -3.41
N LEU B 565 -18.21 -60.53 -3.74
CA LEU B 565 -19.30 -61.35 -3.24
C LEU B 565 -19.15 -62.81 -3.66
N HIS B 566 -18.68 -63.07 -4.88
CA HIS B 566 -18.51 -64.47 -5.28
C HIS B 566 -17.51 -65.21 -4.40
N LEU B 567 -16.58 -64.50 -3.76
CA LEU B 567 -15.66 -65.15 -2.82
C LEU B 567 -16.41 -65.68 -1.60
N CYS B 568 -17.51 -65.02 -1.22
CA CYS B 568 -18.31 -65.50 -0.10
C CYS B 568 -19.00 -66.81 -0.45
N PHE B 569 -19.41 -66.99 -1.70
CA PHE B 569 -19.99 -68.27 -2.09
C PHE B 569 -18.97 -69.38 -1.99
N GLU B 570 -17.73 -69.10 -2.43
CA GLU B 570 -16.68 -70.13 -2.36
C GLU B 570 -16.29 -70.44 -0.93
N ALA B 571 -16.26 -69.41 -0.06
CA ALA B 571 -16.01 -69.67 1.35
C ALA B 571 -17.14 -70.47 2.00
N LYS B 572 -18.40 -70.12 1.68
CA LYS B 572 -19.52 -70.88 2.23
C LYS B 572 -19.38 -72.37 1.96
N GLU B 573 -18.99 -72.72 0.73
CA GLU B 573 -18.87 -74.14 0.38
C GLU B 573 -17.90 -74.87 1.31
N ILE B 574 -16.79 -74.21 1.65
CA ILE B 574 -15.84 -74.80 2.59
C ILE B 574 -16.43 -74.85 4.00
N LEU B 575 -17.03 -73.75 4.46
CA LEU B 575 -17.57 -73.73 5.82
C LEU B 575 -18.68 -74.77 5.99
N LYS B 576 -19.53 -74.93 4.98
CA LYS B 576 -20.62 -75.91 5.08
C LYS B 576 -20.09 -77.33 4.99
N ASN B 577 -19.27 -77.62 3.97
CA ASN B 577 -18.89 -79.02 3.71
C ASN B 577 -17.74 -79.49 4.56
N GLN B 578 -16.79 -78.62 4.91
CA GLN B 578 -15.68 -79.06 5.75
C GLN B 578 -15.86 -78.74 7.22
N HIS B 579 -16.77 -77.84 7.59
CA HIS B 579 -16.92 -77.46 8.99
C HIS B 579 -18.33 -77.53 9.52
N GLN B 580 -19.30 -77.95 8.69
CA GLN B 580 -20.67 -78.22 9.13
C GLN B 580 -21.32 -76.98 9.80
N LEU B 581 -21.18 -75.83 9.15
CA LEU B 581 -21.78 -74.59 9.62
C LEU B 581 -22.98 -74.22 8.75
N ASN B 582 -23.90 -73.46 9.35
CA ASN B 582 -25.13 -72.97 8.72
C ASN B 582 -24.88 -71.52 8.29
N VAL B 583 -24.73 -71.30 6.98
CA VAL B 583 -24.15 -70.06 6.48
C VAL B 583 -25.17 -69.29 5.65
N ARG B 584 -25.49 -68.08 6.08
CA ARG B 584 -26.28 -67.14 5.29
C ARG B 584 -25.34 -66.30 4.43
N ILE B 585 -25.74 -66.02 3.19
CA ILE B 585 -25.03 -65.06 2.35
C ILE B 585 -25.94 -63.87 2.10
N VAL B 586 -25.42 -62.67 2.38
CA VAL B 586 -26.14 -61.42 2.18
C VAL B 586 -25.41 -60.64 1.09
N SER B 587 -26.16 -60.13 0.11
CA SER B 587 -25.60 -59.17 -0.85
C SER B 587 -25.83 -57.76 -0.32
N PHE B 588 -24.77 -56.93 -0.36
CA PHE B 588 -24.82 -55.57 0.19
C PHE B 588 -24.46 -54.55 -0.89
N PRO B 589 -25.27 -54.46 -1.96
CA PRO B 589 -24.92 -53.52 -3.05
C PRO B 589 -24.91 -52.04 -2.63
N SER B 590 -25.69 -51.61 -1.64
CA SER B 590 -25.73 -50.17 -1.34
C SER B 590 -25.96 -49.90 0.14
N TRP B 591 -24.94 -49.33 0.81
CA TRP B 591 -25.11 -48.89 2.20
C TRP B 591 -26.16 -47.79 2.31
N THR B 592 -26.19 -46.88 1.33
CA THR B 592 -27.09 -45.72 1.43
C THR B 592 -28.54 -46.13 1.26
N LEU B 593 -28.84 -47.02 0.31
CA LEU B 593 -30.21 -47.53 0.18
C LEU B 593 -30.60 -48.38 1.38
N PHE B 594 -29.65 -49.10 1.96
CA PHE B 594 -29.93 -49.91 3.14
C PHE B 594 -30.25 -49.06 4.35
N LYS B 595 -29.51 -47.95 4.54
CA LYS B 595 -29.74 -47.12 5.71
C LYS B 595 -31.11 -46.48 5.71
N LYS B 596 -31.69 -46.26 4.55
CA LYS B 596 -33.02 -45.68 4.55
C LYS B 596 -34.13 -46.70 4.86
N GLN B 597 -33.81 -48.00 4.96
CA GLN B 597 -34.82 -48.98 5.33
C GLN B 597 -35.10 -48.94 6.84
N PRO B 598 -36.30 -49.36 7.25
CA PRO B 598 -36.61 -49.44 8.68
C PRO B 598 -35.60 -50.32 9.40
N GLU B 599 -35.29 -49.95 10.64
CA GLU B 599 -34.34 -50.73 11.43
C GLU B 599 -34.74 -52.19 11.50
N ASP B 600 -36.04 -52.48 11.61
CA ASP B 600 -36.45 -53.88 11.69
C ASP B 600 -35.99 -54.67 10.47
N TYR B 601 -36.06 -54.06 9.28
CA TYR B 601 -35.54 -54.73 8.09
C TYR B 601 -34.03 -54.91 8.19
N GLN B 602 -33.30 -53.85 8.58
CA GLN B 602 -31.85 -53.94 8.65
C GLN B 602 -31.40 -55.07 9.58
N TYR B 603 -32.00 -55.15 10.77
CA TYR B 603 -31.65 -56.22 11.70
C TYR B 603 -32.04 -57.60 11.16
N SER B 604 -33.15 -57.69 10.41
CA SER B 604 -33.53 -59.02 9.89
C SER B 604 -32.50 -59.54 8.91
N VAL B 605 -31.80 -58.65 8.21
CA VAL B 605 -30.79 -59.04 7.22
C VAL B 605 -29.43 -59.27 7.87
N MET B 606 -28.92 -58.27 8.62
CA MET B 606 -27.57 -58.28 9.18
C MET B 606 -27.46 -58.99 10.52
N MET B 607 -28.56 -59.05 11.28
CA MET B 607 -28.60 -59.70 12.59
C MET B 607 -27.56 -59.11 13.54
N HIS B 608 -27.29 -57.81 13.38
CA HIS B 608 -26.25 -57.18 14.17
C HIS B 608 -26.70 -56.85 15.59
N ASN B 609 -27.90 -57.26 15.99
CA ASN B 609 -28.24 -57.30 17.40
C ASN B 609 -27.75 -58.57 18.11
N HIS B 610 -27.02 -59.45 17.42
CA HIS B 610 -26.46 -60.65 18.04
C HIS B 610 -24.95 -60.54 18.17
N PRO B 611 -24.42 -60.30 19.37
CA PRO B 611 -22.97 -60.07 19.52
C PRO B 611 -22.11 -61.28 19.21
N ASN B 612 -22.58 -62.49 19.46
CA ASN B 612 -21.75 -63.69 19.31
C ASN B 612 -21.91 -64.35 17.95
N LEU B 613 -22.85 -63.89 17.14
CA LEU B 613 -23.00 -64.42 15.80
C LEU B 613 -21.90 -63.89 14.90
N PRO B 614 -21.12 -64.75 14.25
CA PRO B 614 -20.09 -64.28 13.30
C PRO B 614 -20.77 -63.54 12.16
N ARG B 615 -20.45 -62.26 12.02
CA ARG B 615 -21.03 -61.40 11.00
C ARG B 615 -19.89 -60.82 10.18
N PHE B 616 -19.61 -61.47 9.07
CA PHE B 616 -18.45 -61.22 8.22
C PHE B 616 -18.77 -60.26 7.08
N TYR B 617 -17.76 -59.45 6.72
CA TYR B 617 -17.86 -58.56 5.57
C TYR B 617 -16.50 -58.51 4.88
N ILE B 618 -16.52 -58.42 3.56
CA ILE B 618 -15.31 -58.23 2.79
C ILE B 618 -15.54 -57.10 1.79
N GLU B 619 -14.58 -56.18 1.72
CA GLU B 619 -14.65 -55.03 0.81
C GLU B 619 -13.26 -54.46 0.62
N PRO B 620 -12.85 -54.19 -0.62
CA PRO B 620 -11.49 -53.70 -0.88
C PRO B 620 -11.39 -52.19 -0.66
N ALA B 621 -11.57 -51.78 0.59
CA ALA B 621 -11.60 -50.36 0.92
C ALA B 621 -11.45 -50.20 2.43
N SER B 622 -11.41 -48.94 2.87
CA SER B 622 -11.23 -48.61 4.28
C SER B 622 -12.31 -49.29 5.12
N THR B 623 -11.91 -49.78 6.31
CA THR B 623 -12.88 -50.43 7.20
C THR B 623 -13.72 -49.43 7.99
N HIS B 624 -13.53 -48.12 7.76
CA HIS B 624 -14.32 -47.09 8.45
C HIS B 624 -15.81 -47.36 8.26
N GLY B 625 -16.54 -47.51 9.37
CA GLY B 625 -17.96 -47.78 9.34
C GLY B 625 -18.34 -49.24 9.48
N PHE B 626 -17.40 -50.19 9.29
CA PHE B 626 -17.76 -51.61 9.20
C PHE B 626 -18.35 -52.15 10.50
N ASP B 627 -17.91 -51.61 11.66
CA ASP B 627 -18.42 -52.09 12.95
C ASP B 627 -19.93 -51.88 13.15
N THR B 628 -20.59 -51.09 12.31
CA THR B 628 -22.05 -50.95 12.47
C THR B 628 -22.77 -52.28 12.32
N TYR B 629 -22.40 -53.09 11.33
CA TYR B 629 -23.13 -54.31 11.00
C TYR B 629 -22.33 -55.58 11.19
N PHE B 630 -21.01 -55.49 11.35
CA PHE B 630 -20.11 -56.64 11.26
C PHE B 630 -19.15 -56.69 12.45
N ASN B 631 -18.73 -57.90 12.80
CA ASN B 631 -17.75 -58.08 13.87
C ASN B 631 -16.49 -58.82 13.43
N VAL B 632 -16.40 -59.22 12.17
CA VAL B 632 -15.16 -59.75 11.61
C VAL B 632 -15.14 -59.37 10.14
N TYR B 633 -14.00 -58.89 9.65
CA TYR B 633 -14.02 -58.38 8.27
C TYR B 633 -12.61 -58.29 7.69
N ILE B 634 -12.59 -58.28 6.36
CA ILE B 634 -11.39 -58.08 5.56
C ILE B 634 -11.60 -56.79 4.77
N GLY B 635 -10.76 -55.79 5.03
CA GLY B 635 -10.79 -54.55 4.28
C GLY B 635 -9.38 -54.19 3.82
N ILE B 636 -9.18 -52.95 3.37
CA ILE B 636 -7.87 -52.46 2.95
C ILE B 636 -7.68 -51.09 3.60
N ASN B 637 -6.80 -51.01 4.60
CA ASN B 637 -6.54 -49.76 5.30
C ASN B 637 -5.14 -49.27 4.93
N GLN B 638 -4.84 -49.27 3.65
CA GLN B 638 -3.54 -48.86 3.13
C GLN B 638 -3.76 -48.55 1.66
N PHE B 639 -2.77 -47.88 1.03
CA PHE B 639 -2.88 -47.74 -0.42
C PHE B 639 -2.52 -49.06 -1.10
N GLY B 640 -2.81 -49.14 -2.39
CA GLY B 640 -2.67 -50.38 -3.16
C GLY B 640 -1.30 -50.58 -3.78
N TYR B 641 -1.30 -51.29 -4.91
CA TYR B 641 -0.07 -51.77 -5.55
C TYR B 641 -0.22 -51.78 -7.06
N SER B 642 0.88 -51.48 -7.75
CA SER B 642 0.92 -51.74 -9.19
C SER B 642 1.32 -53.21 -9.37
N ALA B 643 0.32 -54.06 -9.59
CA ALA B 643 0.53 -55.50 -9.71
C ALA B 643 -0.72 -56.13 -10.31
N PRO B 644 -0.61 -57.33 -10.88
CA PRO B 644 -1.82 -58.05 -11.31
C PRO B 644 -2.80 -58.21 -10.16
N LYS B 645 -4.08 -58.16 -10.51
CA LYS B 645 -5.15 -58.32 -9.53
C LYS B 645 -4.95 -59.56 -8.65
N ASN B 646 -4.63 -60.72 -9.25
CA ASN B 646 -4.54 -61.93 -8.43
C ASN B 646 -3.42 -61.83 -7.40
N LYS B 647 -2.31 -61.17 -7.76
CA LYS B 647 -1.23 -60.96 -6.81
C LYS B 647 -1.66 -60.07 -5.64
N ILE B 648 -2.41 -59.00 -5.92
CA ILE B 648 -2.88 -58.11 -4.85
C ILE B 648 -3.84 -58.86 -3.93
N TRP B 649 -4.82 -59.55 -4.52
CA TRP B 649 -5.78 -60.28 -3.69
C TRP B 649 -5.10 -61.33 -2.82
N GLU B 650 -4.14 -62.08 -3.38
CA GLU B 650 -3.39 -63.04 -2.56
C GLU B 650 -2.66 -62.35 -1.42
N HIS B 651 -1.99 -61.23 -1.72
CA HIS B 651 -1.22 -60.55 -0.68
C HIS B 651 -2.11 -60.02 0.44
N LEU B 652 -3.25 -59.43 0.08
CA LEU B 652 -4.11 -58.78 1.06
C LEU B 652 -5.17 -59.70 1.63
N GLY B 653 -5.19 -60.97 1.23
CA GLY B 653 -6.08 -61.93 1.84
C GLY B 653 -7.48 -61.97 1.27
N PHE B 654 -7.68 -61.53 0.02
CA PHE B 654 -8.98 -61.61 -0.65
C PHE B 654 -9.08 -62.96 -1.36
N THR B 655 -9.25 -64.01 -0.55
CA THR B 655 -9.34 -65.39 -0.99
C THR B 655 -10.39 -66.11 -0.15
N PRO B 656 -11.06 -67.12 -0.73
CA PRO B 656 -12.02 -67.91 0.09
C PRO B 656 -11.38 -68.51 1.33
N GLU B 657 -10.14 -69.00 1.19
CA GLU B 657 -9.45 -69.62 2.32
C GLU B 657 -9.16 -68.62 3.42
N ASN B 658 -8.87 -67.36 3.08
CA ASN B 658 -8.68 -66.38 4.15
C ASN B 658 -10.00 -65.98 4.78
N ILE B 659 -11.10 -65.93 4.02
CA ILE B 659 -12.40 -65.70 4.66
C ILE B 659 -12.67 -66.80 5.66
N VAL B 660 -12.42 -68.06 5.27
CA VAL B 660 -12.65 -69.18 6.16
C VAL B 660 -11.83 -69.05 7.43
N GLN B 661 -10.54 -68.75 7.29
CA GLN B 661 -9.68 -68.67 8.47
C GLN B 661 -10.13 -67.58 9.43
N LYS B 662 -10.54 -66.42 8.91
CA LYS B 662 -10.98 -65.34 9.79
C LYS B 662 -12.27 -65.70 10.51
N VAL B 663 -13.22 -66.33 9.81
CA VAL B 663 -14.47 -66.72 10.46
C VAL B 663 -14.20 -67.75 11.54
N LEU B 664 -13.45 -68.80 11.21
CA LEU B 664 -13.18 -69.86 12.18
C LEU B 664 -12.44 -69.33 13.40
N ALA B 665 -11.48 -68.41 13.19
CA ALA B 665 -10.76 -67.83 14.33
C ALA B 665 -11.69 -67.00 15.20
N PHE B 666 -12.61 -66.24 14.59
CA PHE B 666 -13.59 -65.51 15.37
C PHE B 666 -14.45 -66.48 16.18
N MET B 667 -14.88 -67.58 15.56
CA MET B 667 -15.77 -68.49 16.27
C MET B 667 -15.06 -69.19 17.41
N LYS B 668 -13.84 -69.68 17.15
CA LYS B 668 -13.12 -70.38 18.21
C LYS B 668 -12.95 -69.49 19.42
N ASN B 669 -12.57 -68.24 19.18
CA ASN B 669 -12.38 -67.28 20.26
C ASN B 669 -13.68 -67.01 21.00
N LYS B 670 -14.80 -66.88 20.28
CA LYS B 670 -16.08 -66.62 20.94
C LYS B 670 -16.51 -67.78 21.81
N LEU B 671 -16.35 -69.02 21.32
CA LEU B 671 -16.65 -70.18 22.15
C LEU B 671 -15.85 -70.13 23.45
N LYS B 672 -14.57 -69.81 23.36
CA LYS B 672 -13.70 -69.79 24.52
C LYS B 672 -14.16 -68.74 25.52
N GLU B 673 -14.46 -67.54 25.04
CA GLU B 673 -14.94 -66.47 25.91
C GLU B 673 -16.27 -66.84 26.55
N ASN B 674 -17.19 -67.40 25.76
CA ASN B 674 -18.50 -67.78 26.29
C ASN B 674 -18.40 -68.91 27.32
N LEU B 675 -17.43 -69.81 27.19
CA LEU B 675 -17.27 -70.90 28.15
C LEU B 675 -16.86 -70.37 29.52
N TYR B 676 -16.14 -69.25 29.57
CA TYR B 676 -15.76 -68.63 30.84
C TYR B 676 -17.00 -68.37 31.70
N ILE C 3 24.97 -17.56 18.61
CA ILE C 3 26.18 -18.13 19.20
C ILE C 3 27.45 -17.78 18.40
N MET C 4 27.32 -17.00 17.33
CA MET C 4 28.53 -16.49 16.68
C MET C 4 29.18 -15.43 17.55
N ASP C 5 30.50 -15.49 17.64
CA ASP C 5 31.23 -14.40 18.27
C ASP C 5 31.02 -13.12 17.46
N ASN C 6 31.02 -11.98 18.15
CA ASN C 6 31.00 -10.66 17.51
C ASN C 6 32.42 -10.18 17.23
N GLU C 7 32.59 -9.52 16.08
CA GLU C 7 33.80 -8.72 15.93
C GLU C 7 33.76 -7.49 16.83
N ILE C 8 34.94 -6.93 17.14
CA ILE C 8 35.04 -5.76 18.01
C ILE C 8 34.19 -4.59 17.50
N ASP C 9 33.98 -4.51 16.18
CA ASP C 9 33.18 -3.40 15.65
C ASP C 9 31.74 -3.46 16.15
N THR C 10 31.17 -4.66 16.26
CA THR C 10 29.81 -4.77 16.76
C THR C 10 29.70 -4.36 18.22
N LYS C 11 30.68 -4.74 19.04
CA LYS C 11 30.69 -4.31 20.43
C LYS C 11 30.86 -2.79 20.55
N CYS C 12 31.75 -2.21 19.75
CA CYS C 12 31.84 -0.74 19.70
C CYS C 12 30.50 -0.10 19.37
N ILE C 13 29.85 -0.58 18.31
CA ILE C 13 28.57 0.00 17.88
C ILE C 13 27.53 -0.09 18.99
N ASN C 14 27.44 -1.24 19.66
CA ASN C 14 26.39 -1.39 20.66
C ASN C 14 26.67 -0.54 21.89
N GLU C 15 27.94 -0.41 22.27
CA GLU C 15 28.25 0.47 23.39
C GLU C 15 27.98 1.93 23.04
N ILE C 16 28.21 2.32 21.78
CA ILE C 16 27.84 3.66 21.32
C ILE C 16 26.32 3.85 21.36
N ARG C 17 25.55 2.86 20.90
CA ARG C 17 24.10 2.93 21.00
C ARG C 17 23.67 3.23 22.43
N MET C 18 24.26 2.52 23.39
CA MET C 18 23.77 2.61 24.76
C MET C 18 24.24 3.88 25.45
N LEU C 19 25.51 4.24 25.31
CA LEU C 19 25.97 5.49 25.90
C LEU C 19 25.18 6.67 25.32
N SER C 20 24.99 6.69 24.00
CA SER C 20 24.20 7.75 23.39
C SER C 20 22.80 7.82 24.00
N ALA C 21 22.14 6.67 24.14
CA ALA C 21 20.77 6.65 24.66
C ALA C 21 20.69 7.09 26.12
N GLU C 22 21.76 6.95 26.88
CA GLU C 22 21.72 7.35 28.29
C GLU C 22 21.78 8.86 28.49
N LEU C 23 22.28 9.63 27.52
CA LEU C 23 22.36 11.08 27.71
C LEU C 23 20.99 11.71 27.82
N PRO C 24 20.04 11.49 26.91
CA PRO C 24 18.69 12.05 27.12
C PRO C 24 18.03 11.55 28.40
N LEU C 25 18.22 10.27 28.74
CA LEU C 25 17.65 9.75 29.98
C LEU C 25 18.17 10.52 31.20
N GLU C 26 19.48 10.75 31.25
CA GLU C 26 20.05 11.55 32.34
C GLU C 26 19.43 12.94 32.39
N ALA C 27 19.27 13.56 31.22
CA ALA C 27 18.68 14.89 31.14
C ALA C 27 17.18 14.89 31.28
N LYS C 28 16.53 13.73 31.20
CA LYS C 28 15.07 13.65 31.14
C LYS C 28 14.52 14.50 30.00
N SER C 29 15.26 14.53 28.89
CA SER C 29 14.95 15.41 27.78
C SER C 29 15.79 14.98 26.59
N GLY C 30 15.18 14.93 25.41
CA GLY C 30 15.96 14.66 24.21
C GLY C 30 15.60 13.39 23.49
N HIS C 31 16.46 12.95 22.56
CA HIS C 31 16.11 12.01 21.50
C HIS C 31 17.03 10.81 21.55
N GLN C 32 16.45 9.62 21.69
CA GLN C 32 17.22 8.39 21.78
C GLN C 32 17.23 7.57 20.50
N GLY C 33 16.18 7.64 19.69
CA GLY C 33 15.99 6.65 18.63
C GLY C 33 17.01 6.76 17.51
N ALA C 34 17.21 7.98 17.00
CA ALA C 34 18.15 8.17 15.90
C ALA C 34 19.60 7.94 16.36
N PRO C 35 20.00 8.40 17.56
CA PRO C 35 21.35 8.03 18.03
C PRO C 35 21.58 6.53 18.02
N ILE C 36 20.57 5.77 18.44
CA ILE C 36 20.68 4.31 18.40
C ILE C 36 20.77 3.83 16.96
N GLY C 37 19.84 4.31 16.11
CA GLY C 37 19.79 3.81 14.75
C GLY C 37 21.00 4.15 13.92
N CYS C 38 21.63 5.31 14.16
CA CYS C 38 22.76 5.75 13.35
C CYS C 38 24.12 5.36 13.92
N ALA C 39 24.16 4.65 15.03
CA ALA C 39 25.45 4.24 15.61
C ALA C 39 26.34 3.49 14.64
N PRO C 40 25.84 2.56 13.80
CA PRO C 40 26.75 1.91 12.84
C PRO C 40 27.39 2.88 11.87
N ILE C 41 26.64 3.83 11.31
CA ILE C 41 27.24 4.83 10.43
C ILE C 41 28.35 5.58 11.16
N ALA C 42 28.08 6.01 12.40
CA ALA C 42 29.04 6.81 13.14
C ALA C 42 30.31 6.02 13.43
N HIS C 43 30.16 4.77 13.90
CA HIS C 43 31.35 3.96 14.17
C HIS C 43 32.22 3.86 12.92
N ILE C 44 31.59 3.61 11.77
CA ILE C 44 32.34 3.49 10.52
C ILE C 44 33.00 4.82 10.13
N LEU C 45 32.28 5.92 10.27
CA LEU C 45 32.83 7.21 9.86
C LEU C 45 34.07 7.58 10.67
N TRP C 46 33.97 7.54 12.01
CA TRP C 46 35.11 7.95 12.83
C TRP C 46 36.20 6.91 12.91
N SER C 47 35.87 5.62 12.80
CA SER C 47 36.95 4.63 12.94
C SER C 47 37.70 4.33 11.65
N TYR C 48 37.01 4.33 10.50
CA TYR C 48 37.67 3.93 9.25
C TYR C 48 37.70 5.01 8.17
N VAL C 49 36.64 5.78 7.98
CA VAL C 49 36.53 6.64 6.78
C VAL C 49 37.23 7.99 6.97
N MET C 50 36.80 8.76 7.98
CA MET C 50 37.19 10.15 8.13
C MET C 50 38.65 10.32 8.55
N ASN C 51 39.32 11.25 7.89
CA ASN C 51 40.66 11.70 8.25
C ASN C 51 40.55 12.98 9.06
N TYR C 52 40.97 12.91 10.31
CA TYR C 52 40.92 14.06 11.20
C TYR C 52 42.09 13.94 12.16
N TYR C 53 42.28 14.95 12.98
CA TYR C 53 43.37 14.97 13.95
C TYR C 53 42.79 15.42 15.28
N ASN C 54 42.71 14.49 16.25
CA ASN C 54 41.93 14.77 17.45
C ASN C 54 42.51 15.92 18.26
N GLU C 55 43.82 16.18 18.14
CA GLU C 55 44.46 17.26 18.87
C GLU C 55 44.33 18.62 18.16
N ASP C 56 43.83 18.65 16.93
CA ASP C 56 43.55 19.93 16.23
C ASP C 56 42.25 19.80 15.44
N THR C 57 41.14 20.19 16.08
CA THR C 57 39.85 20.16 15.41
C THR C 57 39.70 21.26 14.36
N LYS C 58 40.74 22.10 14.17
CA LYS C 58 40.74 23.09 13.09
C LYS C 58 41.76 22.78 12.01
N TRP C 59 42.23 21.53 11.95
CA TRP C 59 43.17 21.15 10.91
C TRP C 59 42.60 21.48 9.54
N ILE C 60 43.35 22.24 8.73
CA ILE C 60 42.78 22.77 7.51
C ILE C 60 42.43 21.69 6.48
N ASN C 61 43.02 20.50 6.55
CA ASN C 61 42.74 19.41 5.61
C ASN C 61 41.92 18.29 6.24
N ARG C 62 41.29 18.53 7.37
CA ARG C 62 40.44 17.52 7.96
C ARG C 62 39.24 17.25 7.07
N ASP C 63 38.69 16.04 7.19
CA ASP C 63 37.36 15.76 6.67
C ASP C 63 36.34 16.43 7.61
N ARG C 64 35.50 17.32 7.09
CA ARG C 64 34.45 17.93 7.92
C ARG C 64 33.20 17.05 7.97
N PHE C 65 32.63 16.92 9.17
CA PHE C 65 31.42 16.14 9.42
C PHE C 65 30.28 17.04 9.89
N ILE C 66 29.07 16.76 9.42
CA ILE C 66 27.89 17.54 9.80
C ILE C 66 26.74 16.59 10.14
N LEU C 67 26.15 16.81 11.31
CA LEU C 67 24.97 16.06 11.72
C LEU C 67 23.74 16.90 11.37
N SER C 68 23.16 16.65 10.19
CA SER C 68 22.00 17.45 9.76
C SER C 68 20.75 17.12 10.56
N ASN C 69 20.60 15.87 11.01
CA ASN C 69 19.51 15.53 11.93
C ASN C 69 19.99 15.80 13.35
N GLY C 70 20.06 17.10 13.66
CA GLY C 70 20.74 17.55 14.87
C GLY C 70 20.11 17.07 16.16
N HIS C 71 18.85 16.63 16.11
CA HIS C 71 18.27 16.03 17.31
C HIS C 71 19.00 14.77 17.73
N ALA C 72 19.82 14.19 16.85
CA ALA C 72 20.66 13.05 17.20
C ALA C 72 21.96 13.47 17.89
N SER C 73 21.99 14.66 18.49
CA SER C 73 23.23 15.22 19.05
C SER C 73 23.95 14.26 20.00
N ALA C 74 23.21 13.46 20.77
CA ALA C 74 23.83 12.59 21.75
C ALA C 74 24.84 11.64 21.09
N LEU C 75 24.55 11.20 19.85
CA LEU C 75 25.47 10.36 19.10
C LEU C 75 26.76 11.09 18.77
N LEU C 76 26.64 12.30 18.22
CA LEU C 76 27.81 13.11 17.91
C LEU C 76 28.68 13.32 19.15
N TYR C 77 28.07 13.67 20.27
CA TYR C 77 28.84 13.91 21.49
C TYR C 77 29.57 12.64 21.92
N THR C 78 28.88 11.50 21.90
CA THR C 78 29.55 10.22 22.21
C THR C 78 30.77 10.00 21.33
N MET C 79 30.67 10.36 20.06
CA MET C 79 31.80 10.14 19.15
C MET C 79 32.95 11.10 19.46
N LEU C 80 32.62 12.35 19.80
CA LEU C 80 33.68 13.30 20.16
C LEU C 80 34.36 12.91 21.47
N TYR C 81 33.60 12.29 22.39
CA TYR C 81 34.21 11.77 23.60
C TYR C 81 35.13 10.60 23.27
N LEU C 82 34.65 9.64 22.48
CA LEU C 82 35.45 8.46 22.18
C LEU C 82 36.71 8.78 21.39
N THR C 83 36.63 9.76 20.49
CA THR C 83 37.81 10.12 19.71
C THR C 83 38.63 11.22 20.39
N GLU C 84 38.33 11.54 21.65
CA GLU C 84 39.08 12.52 22.44
C GLU C 84 39.26 13.85 21.70
N GLN C 85 38.14 14.39 21.23
CA GLN C 85 38.14 15.69 20.58
C GLN C 85 37.57 16.79 21.48
N GLY C 86 37.67 16.63 22.80
CA GLY C 86 37.41 17.72 23.73
C GLY C 86 36.20 17.59 24.64
N LEU C 87 35.50 16.45 24.64
CA LEU C 87 34.41 16.20 25.58
C LEU C 87 34.78 15.09 26.54
N SER C 88 34.56 15.34 27.83
CA SER C 88 34.76 14.35 28.88
C SER C 88 33.45 13.62 29.18
N MET C 89 33.55 12.57 30.00
CA MET C 89 32.34 11.85 30.34
C MET C 89 31.43 12.74 31.18
N GLU C 90 32.03 13.64 31.97
CA GLU C 90 31.24 14.60 32.74
C GLU C 90 30.51 15.58 31.84
N ASP C 91 31.11 15.97 30.70
CA ASP C 91 30.36 16.79 29.75
C ASP C 91 29.17 16.03 29.19
N LEU C 92 29.36 14.75 28.84
CA LEU C 92 28.26 13.94 28.34
C LEU C 92 27.14 13.88 29.36
N LYS C 93 27.49 13.77 30.64
CA LYS C 93 26.50 13.72 31.69
C LYS C 93 25.85 15.07 31.95
N SER C 94 26.37 16.14 31.34
CA SER C 94 25.78 17.46 31.42
C SER C 94 24.92 17.80 30.21
N PHE C 95 24.56 16.79 29.40
CA PHE C 95 23.72 16.95 28.22
C PHE C 95 22.50 17.80 28.56
N ARG C 96 22.26 18.84 27.75
CA ARG C 96 21.08 19.71 27.87
C ARG C 96 21.00 20.46 29.20
N GLN C 97 22.12 20.66 29.89
CA GLN C 97 22.12 21.47 31.11
C GLN C 97 22.72 22.84 30.86
N PHE C 98 22.31 23.81 31.68
CA PHE C 98 22.77 25.20 31.53
C PHE C 98 24.28 25.29 31.52
N GLY C 99 24.80 25.93 30.49
CA GLY C 99 26.22 26.20 30.42
C GLY C 99 27.07 25.04 29.97
N SER C 100 26.48 23.92 29.56
CA SER C 100 27.29 22.75 29.23
C SER C 100 27.82 22.82 27.80
N LEU C 101 28.84 21.99 27.53
CA LEU C 101 29.37 21.80 26.18
C LEU C 101 28.51 20.86 25.34
N THR C 102 27.42 20.33 25.89
CA THR C 102 26.60 19.34 25.20
C THR C 102 25.14 19.80 25.11
N PRO C 103 24.88 20.90 24.40
CA PRO C 103 23.48 21.35 24.24
C PRO C 103 22.66 20.36 23.43
N GLY C 104 21.33 20.49 23.58
CA GLY C 104 20.42 19.52 23.00
C GLY C 104 20.52 19.39 21.49
N HIS C 105 20.84 20.49 20.81
CA HIS C 105 21.19 20.47 19.40
C HIS C 105 22.58 21.06 19.23
N PRO C 106 23.39 20.52 18.32
CA PRO C 106 24.81 20.91 18.30
C PRO C 106 24.98 22.37 17.88
N GLU C 107 25.90 23.06 18.57
CA GLU C 107 26.22 24.47 18.31
C GLU C 107 27.71 24.59 18.08
N ASN C 108 28.12 25.06 16.89
CA ASN C 108 29.54 25.13 16.59
C ASN C 108 30.27 26.13 17.48
N HIS C 109 29.57 27.15 17.96
CA HIS C 109 30.22 28.16 18.78
C HIS C 109 30.56 27.62 20.17
N ILE C 110 29.81 26.63 20.64
CA ILE C 110 30.01 26.07 21.98
C ILE C 110 31.02 24.93 22.01
N THR C 111 31.02 24.03 21.03
CA THR C 111 31.68 22.74 21.13
C THR C 111 32.73 22.55 20.05
N LYS C 112 33.96 22.19 20.45
CA LYS C 112 34.96 21.79 19.46
C LYS C 112 34.54 20.51 18.75
N GLY C 113 34.88 20.41 17.48
CA GLY C 113 34.47 19.28 16.70
C GLY C 113 33.09 19.38 16.11
N VAL C 114 32.32 20.41 16.48
CA VAL C 114 31.02 20.70 15.87
C VAL C 114 31.25 21.81 14.85
N GLU C 115 31.00 21.52 13.57
CA GLU C 115 31.38 22.44 12.51
C GLU C 115 30.33 23.50 12.21
N VAL C 116 29.05 23.17 12.35
CA VAL C 116 27.96 24.10 12.11
C VAL C 116 26.90 23.83 13.17
N THR C 117 25.92 24.74 13.25
CA THR C 117 24.83 24.60 14.20
C THR C 117 23.63 23.99 13.48
N THR C 118 23.13 22.87 14.00
CA THR C 118 21.99 22.19 13.39
C THR C 118 20.91 22.00 14.45
N GLY C 119 19.83 21.34 14.06
CA GLY C 119 18.63 21.39 14.85
C GLY C 119 17.46 21.81 13.97
N PRO C 120 17.58 22.98 13.32
CA PRO C 120 16.60 23.33 12.29
C PRO C 120 16.86 22.45 11.07
N LEU C 121 15.91 21.61 10.71
CA LEU C 121 16.16 20.57 9.72
C LEU C 121 16.46 21.13 8.34
N GLY C 122 17.24 20.36 7.58
CA GLY C 122 17.66 20.74 6.25
C GLY C 122 18.91 21.60 6.19
N GLN C 123 19.25 22.29 7.29
CA GLN C 123 20.35 23.26 7.25
C GLN C 123 21.71 22.58 7.14
N GLY C 124 21.95 21.55 7.96
CA GLY C 124 23.28 20.93 7.97
C GLY C 124 23.64 20.33 6.63
N ALA C 125 22.70 19.59 6.03
CA ALA C 125 22.94 19.00 4.71
C ALA C 125 23.21 20.09 3.68
N SER C 126 22.52 21.23 3.79
CA SER C 126 22.78 22.33 2.87
C SER C 126 24.12 22.99 3.15
N ASN C 127 24.46 23.17 4.43
CA ASN C 127 25.81 23.64 4.78
C ASN C 127 26.87 22.75 4.17
N ALA C 128 26.62 21.44 4.18
CA ALA C 128 27.58 20.48 3.62
C ALA C 128 27.86 20.75 2.16
N VAL C 129 26.85 21.20 1.41
CA VAL C 129 27.06 21.54 0.01
C VAL C 129 28.06 22.69 -0.11
N GLY C 130 27.92 23.71 0.74
CA GLY C 130 28.89 24.80 0.76
C GLY C 130 30.28 24.33 1.11
N MET C 131 30.41 23.42 2.09
CA MET C 131 31.73 22.90 2.42
C MET C 131 32.33 22.12 1.28
N ALA C 132 31.49 21.40 0.52
CA ALA C 132 32.03 20.66 -0.61
C ALA C 132 32.53 21.61 -1.71
N ILE C 133 31.81 22.71 -1.95
CA ILE C 133 32.33 23.71 -2.88
C ILE C 133 33.71 24.17 -2.44
N ALA C 134 33.87 24.43 -1.14
CA ALA C 134 35.17 24.87 -0.62
C ALA C 134 36.23 23.80 -0.82
N ALA C 135 35.90 22.53 -0.53
CA ALA C 135 36.88 21.46 -0.65
C ALA C 135 37.34 21.30 -2.10
N HIS C 136 36.41 21.35 -3.05
CA HIS C 136 36.78 21.29 -4.46
C HIS C 136 37.59 22.52 -4.87
N ASN C 137 37.16 23.71 -4.42
CA ASN C 137 37.84 24.94 -4.81
C ASN C 137 39.30 24.94 -4.38
N LEU C 138 39.55 24.60 -3.11
CA LEU C 138 40.92 24.70 -2.61
C LEU C 138 41.81 23.66 -3.22
N ALA C 139 41.27 22.47 -3.51
CA ALA C 139 42.05 21.46 -4.23
C ALA C 139 42.51 22.00 -5.56
N ASP C 140 41.60 22.63 -6.31
N ASP C 140 41.61 22.62 -6.31
CA ASP C 140 41.97 23.14 -7.63
CA ASP C 140 41.98 23.14 -7.63
C ASP C 140 42.91 24.33 -7.51
C ASP C 140 42.93 24.32 -7.50
N LYS C 141 42.69 25.20 -6.52
CA LYS C 141 43.53 26.40 -6.41
C LYS C 141 44.97 26.06 -6.00
N TYR C 142 45.16 25.16 -5.04
CA TYR C 142 46.46 25.07 -4.38
C TYR C 142 47.22 23.77 -4.59
N ASN C 143 46.55 22.67 -4.93
CA ASN C 143 47.28 21.41 -5.00
C ASN C 143 48.24 21.41 -6.18
N THR C 144 49.40 20.76 -5.99
CA THR C 144 50.34 20.46 -7.06
C THR C 144 50.32 18.96 -7.32
N GLU C 145 51.08 18.53 -8.33
CA GLU C 145 51.19 17.09 -8.60
C GLU C 145 51.70 16.33 -7.38
N GLU C 146 52.68 16.91 -6.68
CA GLU C 146 53.32 16.23 -5.56
C GLU C 146 52.76 16.64 -4.20
N HIS C 147 52.02 17.75 -4.10
CA HIS C 147 51.52 18.24 -2.82
C HIS C 147 49.99 18.34 -2.85
N LYS C 148 49.30 17.36 -2.29
CA LYS C 148 47.84 17.43 -2.17
C LYS C 148 47.52 18.08 -0.84
N ILE C 149 47.67 19.41 -0.81
CA ILE C 149 47.40 20.18 0.41
C ILE C 149 45.97 19.97 0.86
N PHE C 150 45.03 20.10 -0.08
CA PHE C 150 43.60 19.97 0.19
C PHE C 150 43.04 18.79 -0.58
N ASP C 151 42.75 17.72 0.14
CA ASP C 151 42.24 16.48 -0.41
C ASP C 151 41.35 15.88 0.67
N ASN C 152 40.21 16.52 0.91
CA ASN C 152 39.32 16.07 1.96
C ASN C 152 37.90 15.99 1.41
N TYR C 153 37.06 15.31 2.17
CA TYR C 153 35.69 15.02 1.81
C TYR C 153 34.76 15.54 2.89
N VAL C 154 33.52 15.84 2.50
CA VAL C 154 32.50 16.31 3.42
C VAL C 154 31.52 15.18 3.66
N TYR C 155 31.37 14.79 4.91
CA TYR C 155 30.43 13.72 5.30
C TYR C 155 29.30 14.33 6.11
N ALA C 156 28.08 13.92 5.79
CA ALA C 156 26.92 14.38 6.55
C ALA C 156 25.97 13.23 6.76
N ILE C 157 25.28 13.23 7.90
CA ILE C 157 24.16 12.35 8.17
C ILE C 157 22.90 13.20 8.17
N CYS C 158 21.83 12.70 7.58
CA CYS C 158 20.53 13.38 7.64
C CYS C 158 19.41 12.36 7.79
N GLY C 159 18.24 12.85 8.18
CA GLY C 159 17.06 12.02 8.31
C GLY C 159 15.99 12.37 7.28
N ASP C 160 14.79 11.83 7.51
CA ASP C 160 13.67 12.11 6.61
C ASP C 160 13.28 13.58 6.62
N GLY C 161 13.42 14.26 7.76
CA GLY C 161 13.02 15.67 7.81
C GLY C 161 13.87 16.53 6.89
N CYS C 162 15.19 16.31 6.89
CA CYS C 162 16.06 17.09 6.01
C CYS C 162 15.74 16.84 4.55
N MET C 163 15.33 15.62 4.20
CA MET C 163 14.94 15.28 2.84
C MET C 163 13.67 15.96 2.37
N GLN C 164 12.85 16.46 3.29
CA GLN C 164 11.61 17.15 2.94
C GLN C 164 11.75 18.66 2.87
N GLU C 165 12.78 19.24 3.48
CA GLU C 165 12.84 20.69 3.59
C GLU C 165 13.34 21.35 2.31
N GLY C 166 12.66 22.44 1.93
CA GLY C 166 13.03 23.17 0.73
C GLY C 166 14.48 23.64 0.69
N VAL C 167 15.07 23.99 1.83
CA VAL C 167 16.42 24.54 1.80
C VAL C 167 17.40 23.52 1.24
N PHE C 168 17.26 22.25 1.66
CA PHE C 168 18.10 21.19 1.09
C PHE C 168 17.63 20.72 -0.28
N CYS C 169 16.34 20.82 -0.61
CA CYS C 169 15.97 20.59 -2.02
C CYS C 169 16.75 21.55 -2.93
N GLU C 170 16.87 22.80 -2.52
CA GLU C 170 17.62 23.79 -3.28
C GLU C 170 19.11 23.44 -3.32
N ALA C 171 19.71 23.21 -2.15
CA ALA C 171 21.15 22.98 -2.13
C ALA C 171 21.52 21.66 -2.83
N ALA C 172 20.67 20.65 -2.73
CA ALA C 172 20.99 19.38 -3.40
C ALA C 172 20.98 19.53 -4.91
N SER C 173 20.06 20.34 -5.43
CA SER C 173 20.05 20.66 -6.86
C SER C 173 21.36 21.30 -7.29
N LEU C 174 21.86 22.27 -6.52
CA LEU C 174 23.13 22.91 -6.87
C LEU C 174 24.30 21.95 -6.76
N ALA C 175 24.29 21.08 -5.74
CA ALA C 175 25.38 20.12 -5.56
C ALA C 175 25.48 19.17 -6.75
N GLY C 176 24.35 18.74 -7.29
CA GLY C 176 24.39 17.89 -8.47
C GLY C 176 24.81 18.66 -9.71
N HIS C 177 24.28 19.88 -9.87
CA HIS C 177 24.66 20.70 -11.03
C HIS C 177 26.17 20.97 -11.05
N LEU C 178 26.77 21.21 -9.89
CA LEU C 178 28.20 21.46 -9.81
C LEU C 178 29.06 20.20 -9.76
N GLY C 179 28.46 19.01 -9.63
CA GLY C 179 29.21 17.77 -9.60
C GLY C 179 30.14 17.62 -8.42
N LEU C 180 29.66 17.88 -7.20
CA LEU C 180 30.53 17.91 -6.02
C LEU C 180 30.71 16.50 -5.46
N GLY C 181 31.58 15.73 -6.12
CA GLY C 181 31.87 14.38 -5.68
C GLY C 181 32.60 14.28 -4.34
N ARG C 182 33.10 15.38 -3.79
CA ARG C 182 33.68 15.28 -2.45
C ARG C 182 32.62 15.27 -1.36
N LEU C 183 31.34 15.39 -1.72
CA LEU C 183 30.24 15.35 -0.77
C LEU C 183 29.66 13.93 -0.68
N ILE C 184 29.58 13.40 0.54
CA ILE C 184 29.02 12.07 0.82
C ILE C 184 27.95 12.25 1.88
N LEU C 185 26.69 12.01 1.50
CA LEU C 185 25.55 12.20 2.41
C LEU C 185 24.96 10.83 2.76
N LEU C 186 24.90 10.52 4.05
CA LEU C 186 24.28 9.29 4.52
C LEU C 186 22.89 9.59 5.06
N TYR C 187 21.89 9.01 4.41
CA TYR C 187 20.47 9.24 4.73
C TYR C 187 19.94 8.12 5.60
N ASP C 188 19.53 8.46 6.83
CA ASP C 188 18.90 7.55 7.79
C ASP C 188 17.46 7.31 7.37
N ASP C 189 17.28 6.33 6.50
CA ASP C 189 15.99 5.93 5.96
C ASP C 189 15.31 4.97 6.94
N ASN C 190 14.62 5.53 7.94
CA ASN C 190 14.04 4.71 9.00
C ASN C 190 12.50 4.72 9.02
N LYS C 191 11.85 5.28 7.99
CA LYS C 191 10.40 5.26 7.82
C LYS C 191 9.65 5.93 8.96
N ILE C 192 10.29 6.82 9.70
CA ILE C 192 9.72 7.42 10.90
C ILE C 192 9.99 8.92 10.89
N THR C 193 8.96 9.72 11.18
CA THR C 193 9.17 11.09 11.65
C THR C 193 8.36 11.28 12.93
N ILE C 194 8.15 12.51 13.40
CA ILE C 194 7.49 12.71 14.69
C ILE C 194 6.03 12.25 14.64
N ASP C 195 5.29 12.61 13.59
CA ASP C 195 3.87 12.27 13.56
C ASP C 195 3.61 10.78 13.39
N GLY C 196 4.56 10.03 12.88
CA GLY C 196 4.37 8.60 12.68
C GLY C 196 5.19 8.10 11.51
N ASN C 197 4.66 7.07 10.86
CA ASN C 197 5.28 6.52 9.66
C ASN C 197 5.44 7.60 8.58
N THR C 198 6.52 7.50 7.81
CA THR C 198 6.68 8.45 6.71
C THR C 198 5.54 8.36 5.70
N ASP C 199 4.85 7.20 5.62
N ASP C 199 4.83 7.22 5.63
CA ASP C 199 3.72 7.05 4.70
CA ASP C 199 3.76 7.11 4.65
C ASP C 199 2.61 8.08 4.95
C ASP C 199 2.60 8.06 4.95
N LEU C 200 2.59 8.72 6.12
CA LEU C 200 1.59 9.75 6.36
C LEU C 200 1.76 10.94 5.44
N SER C 201 2.99 11.23 5.00
CA SER C 201 3.24 12.50 4.32
C SER C 201 4.40 12.48 3.31
N PHE C 202 5.13 11.38 3.15
CA PHE C 202 6.43 11.42 2.46
C PHE C 202 6.69 10.07 1.80
N THR C 203 6.40 9.97 0.50
CA THR C 203 6.48 8.70 -0.21
C THR C 203 7.25 8.82 -1.53
N GLU C 204 8.09 9.84 -1.67
CA GLU C 204 8.87 10.03 -2.89
C GLU C 204 9.77 8.83 -3.16
N ASN C 205 10.11 8.64 -4.44
CA ASN C 205 11.16 7.69 -4.80
C ASN C 205 12.48 8.46 -4.70
N ILE C 206 13.11 8.38 -3.53
CA ILE C 206 14.31 9.19 -3.27
C ILE C 206 15.44 8.86 -4.25
N GLU C 207 15.68 7.56 -4.52
CA GLU C 207 16.76 7.20 -5.44
C GLU C 207 16.56 7.83 -6.80
N LYS C 208 15.35 7.70 -7.37
CA LYS C 208 15.09 8.26 -8.70
C LYS C 208 15.19 9.78 -8.70
N LYS C 209 14.67 10.42 -7.66
CA LYS C 209 14.77 11.87 -7.55
C LYS C 209 16.23 12.33 -7.54
N PHE C 210 17.05 11.74 -6.68
CA PHE C 210 18.44 12.19 -6.59
C PHE C 210 19.23 11.87 -7.84
N GLU C 211 18.95 10.76 -8.53
CA GLU C 211 19.57 10.53 -9.83
C GLU C 211 19.16 11.62 -10.82
N ALA C 212 17.90 12.08 -10.75
CA ALA C 212 17.46 13.18 -11.60
C ALA C 212 18.22 14.46 -11.29
N LEU C 213 18.64 14.64 -10.03
CA LEU C 213 19.44 15.79 -9.64
C LEU C 213 20.93 15.65 -9.96
N ASN C 214 21.32 14.55 -10.62
CA ASN C 214 22.72 14.24 -10.95
C ASN C 214 23.55 13.81 -9.75
N TRP C 215 22.92 13.29 -8.70
CA TRP C 215 23.65 12.58 -7.67
C TRP C 215 23.82 11.11 -8.06
N GLU C 216 24.84 10.49 -7.49
CA GLU C 216 24.96 9.04 -7.50
C GLU C 216 24.27 8.52 -6.25
N VAL C 217 23.54 7.41 -6.37
CA VAL C 217 22.79 6.87 -5.24
C VAL C 217 23.25 5.45 -4.97
N ARG C 218 23.57 5.16 -3.70
CA ARG C 218 23.92 3.83 -3.24
C ARG C 218 23.01 3.46 -2.09
N ARG C 219 22.93 2.16 -1.77
CA ARG C 219 22.03 1.67 -0.74
C ARG C 219 22.69 0.68 0.21
N VAL C 220 22.27 0.74 1.47
CA VAL C 220 22.56 -0.27 2.48
C VAL C 220 21.22 -0.80 2.99
N GLU C 221 20.89 -2.05 2.64
N GLU C 221 20.88 -2.04 2.64
CA GLU C 221 19.60 -2.61 3.03
CA GLU C 221 19.59 -2.60 3.05
C GLU C 221 19.52 -2.92 4.52
C GLU C 221 19.52 -2.89 4.54
N ASP C 222 20.62 -3.32 5.15
CA ASP C 222 20.64 -3.59 6.59
C ASP C 222 21.60 -2.61 7.24
N GLY C 223 21.12 -1.38 7.48
CA GLY C 223 21.95 -0.41 8.16
C GLY C 223 22.10 -0.62 9.65
N ASN C 224 21.36 -1.57 10.22
CA ASN C 224 21.50 -1.85 11.64
C ASN C 224 22.69 -2.75 11.95
N LYS C 225 23.01 -3.68 11.05
CA LYS C 225 24.04 -4.69 11.32
C LYS C 225 25.13 -4.78 10.27
N ASP C 226 24.87 -4.40 9.02
CA ASP C 226 25.84 -4.55 7.94
C ASP C 226 26.77 -3.33 7.83
N TYR C 227 27.60 -3.18 8.86
CA TYR C 227 28.50 -2.04 8.89
C TYR C 227 29.60 -2.16 7.84
N LYS C 228 29.95 -3.37 7.41
CA LYS C 228 30.94 -3.49 6.34
C LYS C 228 30.42 -2.96 5.02
N LYS C 229 29.11 -3.13 4.76
CA LYS C 229 28.52 -2.55 3.55
C LYS C 229 28.47 -1.02 3.62
N ILE C 230 28.15 -0.46 4.79
CA ILE C 230 28.24 0.99 4.94
C ILE C 230 29.62 1.48 4.53
N LEU C 231 30.66 0.85 5.09
CA LEU C 231 32.03 1.22 4.74
C LEU C 231 32.28 1.08 3.25
N HIS C 232 31.85 -0.05 2.67
CA HIS C 232 32.09 -0.28 1.25
C HIS C 232 31.39 0.77 0.38
N GLU C 233 30.15 1.13 0.71
CA GLU C 233 29.45 2.10 -0.13
C GLU C 233 30.06 3.49 -0.03
N ILE C 234 30.51 3.89 1.17
CA ILE C 234 31.20 5.16 1.33
C ILE C 234 32.47 5.19 0.49
N GLU C 235 33.29 4.13 0.59
CA GLU C 235 34.55 4.12 -0.14
C GLU C 235 34.33 4.12 -1.65
N GLN C 236 33.29 3.44 -2.12
CA GLN C 236 32.98 3.51 -3.55
C GLN C 236 32.46 4.90 -3.92
N GLY C 237 31.64 5.50 -3.06
CA GLY C 237 31.15 6.84 -3.34
C GLY C 237 32.27 7.85 -3.55
N LYS C 238 33.32 7.77 -2.72
CA LYS C 238 34.44 8.72 -2.83
C LYS C 238 35.15 8.62 -4.18
N LYS C 239 35.17 7.43 -4.78
CA LYS C 239 35.87 7.27 -6.06
C LYS C 239 35.17 8.01 -7.19
N ASN C 240 33.87 8.25 -7.05
CA ASN C 240 33.12 9.04 -8.04
C ASN C 240 33.22 10.51 -7.65
N LEU C 241 34.26 11.18 -8.16
CA LEU C 241 34.47 12.59 -7.87
C LEU C 241 33.60 13.55 -8.69
N GLN C 242 32.88 13.05 -9.70
N GLN C 242 32.88 13.06 -9.69
CA GLN C 242 32.07 13.89 -10.56
CA GLN C 242 32.07 13.92 -10.55
C GLN C 242 30.62 14.06 -10.10
C GLN C 242 30.62 14.05 -10.11
N GLN C 243 30.18 13.30 -9.10
CA GLN C 243 28.82 13.41 -8.59
C GLN C 243 28.82 13.31 -7.07
N PRO C 244 28.03 14.13 -6.39
CA PRO C 244 27.83 13.91 -4.96
C PRO C 244 27.11 12.58 -4.76
N THR C 245 27.41 11.91 -3.65
CA THR C 245 26.88 10.59 -3.42
C THR C 245 25.91 10.60 -2.25
N LEU C 246 24.73 10.05 -2.48
CA LEU C 246 23.75 9.79 -1.44
C LEU C 246 23.78 8.30 -1.12
N ILE C 247 23.96 7.96 0.14
CA ILE C 247 23.88 6.57 0.58
C ILE C 247 22.62 6.43 1.43
N ILE C 248 21.65 5.68 0.90
CA ILE C 248 20.39 5.44 1.58
C ILE C 248 20.59 4.26 2.52
N VAL C 249 20.62 4.53 3.82
CA VAL C 249 20.91 3.53 4.83
C VAL C 249 19.62 3.20 5.56
N ARG C 250 19.07 2.01 5.30
CA ARG C 250 17.84 1.58 5.99
C ARG C 250 18.16 1.20 7.43
N THR C 251 17.58 1.91 8.39
CA THR C 251 17.77 1.59 9.81
C THR C 251 16.41 1.45 10.49
N ALA C 252 16.46 0.91 11.70
CA ALA C 252 15.31 0.93 12.59
C ALA C 252 15.59 1.97 13.68
N CYS C 253 14.72 2.97 13.78
CA CYS C 253 14.81 3.92 14.88
C CYS C 253 14.70 3.18 16.21
N GLY C 254 15.64 3.42 17.11
CA GLY C 254 15.65 2.69 18.38
C GLY C 254 15.92 1.20 18.25
N PHE C 255 16.65 0.78 17.23
CA PHE C 255 16.98 -0.63 16.99
C PHE C 255 17.42 -1.34 18.27
N GLY C 256 16.83 -2.52 18.49
CA GLY C 256 17.18 -3.38 19.60
C GLY C 256 16.51 -3.05 20.92
N THR C 257 15.64 -2.05 20.96
CA THR C 257 14.97 -1.64 22.19
C THR C 257 13.47 -1.87 22.07
N LYS C 258 12.75 -1.67 23.19
CA LYS C 258 11.32 -1.93 23.18
C LYS C 258 10.56 -1.01 22.22
N VAL C 259 11.11 0.14 21.86
CA VAL C 259 10.37 1.09 21.02
C VAL C 259 10.82 1.04 19.57
N GLU C 260 11.63 0.04 19.19
CA GLU C 260 12.15 -0.03 17.83
C GLU C 260 11.05 0.10 16.79
N GLY C 261 11.25 0.99 15.81
CA GLY C 261 10.37 1.08 14.68
C GLY C 261 9.08 1.84 14.89
N THR C 262 8.89 2.47 16.03
CA THR C 262 7.69 3.26 16.29
C THR C 262 8.06 4.73 16.45
N CYS C 263 7.11 5.62 16.12
CA CYS C 263 7.45 7.04 16.21
C CYS C 263 7.67 7.49 17.64
N LYS C 264 7.22 6.70 18.63
CA LYS C 264 7.61 6.95 20.02
C LYS C 264 9.13 6.91 20.19
N SER C 265 9.84 6.14 19.36
CA SER C 265 11.29 6.03 19.48
C SER C 265 12.01 7.32 19.11
N HIS C 266 11.35 8.24 18.40
CA HIS C 266 12.01 9.47 17.98
C HIS C 266 12.60 10.23 19.16
N GLY C 267 11.88 10.30 20.28
CA GLY C 267 12.27 11.12 21.41
C GLY C 267 12.78 10.34 22.61
N LEU C 268 12.22 10.64 23.78
CA LEU C 268 12.64 10.01 25.04
C LEU C 268 11.63 8.94 25.42
N ALA C 269 11.88 7.70 25.01
CA ALA C 269 10.94 6.64 25.26
C ALA C 269 11.53 5.45 26.00
N LEU C 270 12.79 5.52 26.43
CA LEU C 270 13.47 4.41 27.08
C LEU C 270 13.92 4.85 28.48
N ASN C 271 13.40 4.19 29.51
CA ASN C 271 13.79 4.51 30.87
C ASN C 271 14.94 3.61 31.33
N ASP C 272 15.27 3.67 32.62
CA ASP C 272 16.37 2.89 33.19
C ASP C 272 16.22 1.40 32.89
N GLU C 273 15.04 0.84 33.19
CA GLU C 273 14.82 -0.59 32.98
C GLU C 273 14.88 -0.94 31.50
N ASP C 274 14.32 -0.08 30.64
CA ASP C 274 14.37 -0.32 29.20
C ASP C 274 15.81 -0.40 28.70
N LEU C 275 16.69 0.46 29.22
CA LEU C 275 18.08 0.43 28.78
C LEU C 275 18.83 -0.75 29.36
N LYS C 276 18.44 -1.20 30.55
CA LYS C 276 18.99 -2.46 31.04
C LYS C 276 18.66 -3.59 30.10
N ASN C 277 17.39 -3.66 29.67
CA ASN C 277 16.97 -4.73 28.76
C ASN C 277 17.68 -4.65 27.44
N ALA C 278 17.86 -3.44 26.89
CA ALA C 278 18.58 -3.29 25.63
C ALA C 278 20.04 -3.73 25.77
N LYS C 279 20.67 -3.35 26.87
CA LYS C 279 22.04 -3.79 27.12
C LYS C 279 22.14 -5.31 27.13
N SER C 280 21.19 -5.97 27.80
CA SER C 280 21.16 -7.43 27.78
C SER C 280 20.96 -7.95 26.36
N PHE C 281 20.06 -7.33 25.60
CA PHE C 281 19.83 -7.76 24.22
C PHE C 281 21.12 -7.69 23.39
N PHE C 282 21.95 -6.67 23.65
CA PHE C 282 23.20 -6.47 22.90
C PHE C 282 24.39 -7.18 23.53
N GLY C 283 24.21 -7.93 24.61
CA GLY C 283 25.33 -8.61 25.22
C GLY C 283 26.21 -7.75 26.08
N LEU C 284 25.69 -6.65 26.60
CA LEU C 284 26.43 -5.76 27.47
C LEU C 284 25.94 -5.90 28.90
N ASP C 285 26.78 -5.49 29.84
CA ASP C 285 26.41 -5.57 31.26
C ASP C 285 25.30 -4.57 31.59
N PRO C 286 24.09 -5.02 31.91
CA PRO C 286 23.02 -4.06 32.21
C PRO C 286 23.22 -3.28 33.49
N GLN C 287 24.14 -3.68 34.37
CA GLN C 287 24.33 -3.00 35.63
C GLN C 287 25.38 -1.90 35.59
N LYS C 288 26.06 -1.70 34.46
CA LYS C 288 27.08 -0.67 34.33
C LYS C 288 26.52 0.49 33.51
N LYS C 289 26.46 1.67 34.11
CA LYS C 289 25.91 2.85 33.47
C LYS C 289 27.03 3.77 33.00
N PHE C 290 26.79 4.47 31.87
CA PHE C 290 27.78 5.38 31.30
C PHE C 290 29.13 4.67 31.15
N HIS C 291 29.09 3.49 30.52
CA HIS C 291 30.20 2.55 30.55
C HIS C 291 30.73 2.30 29.15
N ILE C 292 32.04 2.42 28.99
CA ILE C 292 32.72 1.95 27.79
C ILE C 292 33.72 0.90 28.25
N SER C 293 33.62 -0.30 27.69
CA SER C 293 34.50 -1.39 28.10
C SER C 293 35.94 -1.12 27.68
N ASP C 294 36.87 -1.78 28.36
CA ASP C 294 38.30 -1.62 28.04
C ASP C 294 38.59 -1.97 26.59
N GLU C 295 37.96 -3.03 26.06
CA GLU C 295 38.26 -3.42 24.69
C GLU C 295 37.79 -2.36 23.70
N VAL C 296 36.67 -1.69 23.99
CA VAL C 296 36.22 -0.60 23.12
C VAL C 296 37.10 0.62 23.29
N LYS C 297 37.46 0.95 24.54
CA LYS C 297 38.43 2.02 24.76
C LYS C 297 39.71 1.78 23.99
N GLU C 298 40.23 0.53 24.05
CA GLU C 298 41.47 0.21 23.36
C GLU C 298 41.32 0.36 21.85
N PHE C 299 40.17 -0.05 21.30
CA PHE C 299 39.95 0.11 19.86
C PHE C 299 40.04 1.58 19.45
N TYR C 300 39.34 2.47 20.17
CA TYR C 300 39.38 3.89 19.79
C TYR C 300 40.72 4.57 20.13
N LYS C 301 41.43 4.09 21.15
CA LYS C 301 42.81 4.57 21.31
C LYS C 301 43.61 4.31 20.03
N ASN C 302 43.42 3.15 19.42
CA ASN C 302 44.17 2.83 18.21
C ASN C 302 43.68 3.65 17.02
N VAL C 303 42.36 3.90 16.93
CA VAL C 303 41.84 4.78 15.88
C VAL C 303 42.53 6.14 15.93
N ILE C 304 42.60 6.72 17.13
CA ILE C 304 43.18 8.04 17.32
C ILE C 304 44.63 8.06 16.88
N GLN C 305 45.37 7.01 17.22
N GLN C 305 45.39 7.03 17.25
CA GLN C 305 46.79 6.98 16.88
CA GLN C 305 46.80 6.95 16.86
C GLN C 305 46.98 6.80 15.37
C GLN C 305 46.95 6.84 15.36
N LYS C 306 46.09 6.05 14.72
CA LYS C 306 46.15 5.93 13.26
C LYS C 306 45.84 7.27 12.58
N LYS C 307 44.87 8.02 13.11
CA LYS C 307 44.58 9.33 12.54
C LYS C 307 45.76 10.29 12.74
N LYS C 308 46.40 10.25 13.90
CA LYS C 308 47.60 11.07 14.11
C LYS C 308 48.70 10.73 13.10
N GLU C 309 48.91 9.44 12.80
CA GLU C 309 49.93 9.06 11.82
C GLU C 309 49.66 9.66 10.46
N ASN C 310 48.39 9.68 10.03
CA ASN C 310 48.05 10.28 8.74
C ASN C 310 48.27 11.78 8.77
N TYR C 311 47.92 12.42 9.89
CA TYR C 311 48.16 13.86 10.03
C TYR C 311 49.64 14.19 9.92
N ILE C 312 50.50 13.41 10.58
CA ILE C 312 51.94 13.67 10.53
C ILE C 312 52.46 13.57 9.11
N LYS C 313 51.96 12.60 8.35
CA LYS C 313 52.33 12.52 6.94
C LYS C 313 51.92 13.78 6.20
N TRP C 314 50.71 14.28 6.45
CA TRP C 314 50.29 15.52 5.79
C TRP C 314 51.15 16.69 6.22
N LYS C 315 51.45 16.77 7.53
CA LYS C 315 52.23 17.89 8.05
C LYS C 315 53.62 17.96 7.42
N ASN C 316 54.26 16.80 7.23
CA ASN C 316 55.57 16.79 6.59
C ASN C 316 55.48 17.23 5.14
N MET C 317 54.43 16.78 4.44
CA MET C 317 54.17 17.25 3.09
C MET C 317 53.93 18.76 3.06
N PHE C 318 53.15 19.29 4.00
CA PHE C 318 52.90 20.74 4.00
C PHE C 318 54.19 21.52 4.26
N ASP C 319 55.04 21.03 5.18
CA ASP C 319 56.32 21.69 5.42
C ASP C 319 57.19 21.69 4.16
N ASP C 320 57.19 20.58 3.43
CA ASP C 320 57.93 20.55 2.17
C ASP C 320 57.36 21.53 1.16
N PHE C 321 56.02 21.54 1.02
CA PHE C 321 55.37 22.51 0.16
C PHE C 321 55.74 23.94 0.55
N SER C 322 55.72 24.23 1.85
CA SER C 322 55.94 25.62 2.28
C SER C 322 57.35 26.08 1.98
N LEU C 323 58.34 25.18 2.01
CA LEU C 323 59.68 25.61 1.68
C LEU C 323 59.83 25.87 0.17
N LYS C 324 59.09 25.13 -0.66
CA LYS C 324 59.18 25.33 -2.10
C LYS C 324 58.34 26.51 -2.58
N TYR C 325 57.18 26.74 -1.95
CA TYR C 325 56.27 27.82 -2.34
C TYR C 325 55.93 28.66 -1.11
N PRO C 326 56.88 29.46 -0.62
CA PRO C 326 56.61 30.20 0.62
C PRO C 326 55.48 31.20 0.52
N GLN C 327 55.40 31.97 -0.57
CA GLN C 327 54.32 32.95 -0.70
C GLN C 327 52.94 32.29 -0.74
N VAL C 328 52.81 31.14 -1.40
CA VAL C 328 51.52 30.43 -1.42
C VAL C 328 51.17 29.92 -0.03
N SER C 329 52.13 29.26 0.63
CA SER C 329 51.91 28.77 1.99
C SER C 329 51.48 29.91 2.91
N GLN C 330 52.13 31.07 2.79
CA GLN C 330 51.77 32.23 3.61
C GLN C 330 50.32 32.67 3.36
N GLU C 331 49.89 32.65 2.10
CA GLU C 331 48.49 32.96 1.80
C GLU C 331 47.53 31.96 2.43
N ILE C 332 47.84 30.65 2.34
CA ILE C 332 46.99 29.64 2.95
C ILE C 332 46.86 29.87 4.44
N ILE C 333 48.00 30.12 5.10
CA ILE C 333 47.99 30.37 6.55
C ILE C 333 47.17 31.62 6.85
N ARG C 334 47.39 32.71 6.10
CA ARG C 334 46.66 33.95 6.38
C ARG C 334 45.15 33.75 6.27
N ARG C 335 44.71 33.09 5.19
CA ARG C 335 43.28 32.83 4.99
C ARG C 335 42.67 32.04 6.14
N PHE C 336 43.33 30.95 6.52
CA PHE C 336 42.73 30.10 7.55
C PHE C 336 42.86 30.68 8.94
N GLN C 337 43.69 31.70 9.12
N GLN C 337 43.70 31.69 9.13
CA GLN C 337 43.74 32.43 10.38
CA GLN C 337 43.73 32.42 10.40
C GLN C 337 42.73 33.56 10.43
C GLN C 337 42.73 33.56 10.44
N ASN C 338 41.94 33.75 9.37
CA ASN C 338 40.98 34.84 9.24
C ASN C 338 41.65 36.21 9.19
N ASP C 339 42.97 36.28 8.98
CA ASP C 339 43.64 37.56 8.86
C ASP C 339 43.37 38.19 7.51
N LEU C 340 43.30 39.53 7.50
CA LEU C 340 43.01 40.30 6.30
C LEU C 340 44.27 40.66 5.53
N PRO C 341 44.15 40.92 4.24
CA PRO C 341 45.31 41.32 3.43
C PRO C 341 45.95 42.61 3.92
N ASN C 342 47.27 42.73 3.74
CA ASN C 342 47.96 43.96 4.09
C ASN C 342 47.37 45.16 3.34
N ASN C 343 47.15 46.25 4.07
CA ASN C 343 46.65 47.51 3.50
C ASN C 343 45.29 47.34 2.81
N TRP C 344 44.48 46.39 3.28
CA TRP C 344 43.19 46.14 2.63
C TRP C 344 42.28 47.36 2.62
N LYS C 345 42.40 48.24 3.63
CA LYS C 345 41.52 49.41 3.65
C LYS C 345 41.81 50.38 2.50
N ASP C 346 42.98 50.30 1.88
CA ASP C 346 43.25 51.12 0.69
C ASP C 346 42.33 50.77 -0.46
N ALA C 347 41.66 49.62 -0.43
CA ALA C 347 40.75 49.25 -1.51
C ALA C 347 39.37 49.89 -1.38
N LEU C 348 39.08 50.60 -0.30
CA LEU C 348 37.76 51.18 -0.09
C LEU C 348 37.71 52.59 -0.70
N PRO C 349 36.86 52.84 -1.68
CA PRO C 349 36.86 54.16 -2.34
C PRO C 349 36.39 55.28 -1.42
N LYS C 350 36.85 56.50 -1.74
CA LYS C 350 36.43 57.72 -1.05
C LYS C 350 35.76 58.68 -2.04
N TYR C 351 34.79 59.45 -1.55
CA TYR C 351 34.02 60.37 -2.38
C TYR C 351 33.82 61.70 -1.65
N THR C 352 33.40 62.71 -2.40
CA THR C 352 33.01 63.99 -1.83
C THR C 352 31.72 64.43 -2.53
N PRO C 353 31.03 65.46 -2.02
CA PRO C 353 29.80 65.91 -2.70
C PRO C 353 30.02 66.42 -4.12
N LYS C 354 31.26 66.69 -4.54
CA LYS C 354 31.50 67.09 -5.92
C LYS C 354 31.35 65.91 -6.89
N ASP C 355 31.47 64.68 -6.41
CA ASP C 355 31.35 63.53 -7.29
C ASP C 355 29.91 63.34 -7.76
N ALA C 356 29.75 62.70 -8.91
CA ALA C 356 28.43 62.53 -9.49
C ALA C 356 27.59 61.56 -8.65
N PRO C 357 26.28 61.76 -8.58
CA PRO C 357 25.42 60.87 -7.79
C PRO C 357 25.50 59.44 -8.29
N GLY C 358 25.34 58.49 -7.37
CA GLY C 358 25.31 57.09 -7.73
C GLY C 358 24.38 56.32 -6.83
N ALA C 359 23.78 55.26 -7.37
CA ALA C 359 22.96 54.37 -6.56
C ALA C 359 23.85 53.58 -5.61
N THR C 360 23.39 53.33 -4.37
CA THR C 360 24.28 52.63 -3.45
C THR C 360 24.52 51.18 -3.89
N ARG C 361 23.58 50.57 -4.64
CA ARG C 361 23.87 49.23 -5.16
C ARG C 361 25.06 49.26 -6.12
N ASN C 362 25.11 50.28 -6.98
CA ASN C 362 26.23 50.40 -7.91
C ASN C 362 27.53 50.71 -7.18
N LEU C 363 27.44 51.58 -6.17
CA LEU C 363 28.61 51.88 -5.35
C LEU C 363 29.11 50.64 -4.63
N SER C 364 28.18 49.78 -4.19
CA SER C 364 28.57 48.49 -3.60
C SER C 364 29.31 47.64 -4.62
N GLY C 365 28.83 47.58 -5.86
CA GLY C 365 29.54 46.83 -6.89
C GLY C 365 30.98 47.29 -7.08
N ILE C 366 31.22 48.60 -7.01
CA ILE C 366 32.58 49.12 -7.13
C ILE C 366 33.46 48.63 -5.99
N VAL C 367 32.97 48.71 -4.75
CA VAL C 367 33.73 48.22 -3.60
C VAL C 367 34.03 46.72 -3.75
N LEU C 368 32.99 45.93 -4.07
CA LEU C 368 33.19 44.50 -4.20
C LEU C 368 34.27 44.17 -5.23
N ASN C 369 34.27 44.88 -6.36
CA ASN C 369 35.30 44.61 -7.37
C ASN C 369 36.67 45.10 -6.94
N SER C 370 36.74 46.19 -6.18
CA SER C 370 38.03 46.64 -5.66
C SER C 370 38.62 45.63 -4.67
N ILE C 371 37.82 45.20 -3.69
CA ILE C 371 38.35 44.24 -2.73
C ILE C 371 38.57 42.86 -3.35
N ASN C 372 37.85 42.53 -4.43
CA ASN C 372 38.12 41.26 -5.10
C ASN C 372 39.58 41.17 -5.52
N LYS C 373 40.17 42.29 -5.91
CA LYS C 373 41.52 42.25 -6.44
C LYS C 373 42.55 41.85 -5.38
N ILE C 374 42.27 42.06 -4.11
CA ILE C 374 43.23 41.77 -3.06
C ILE C 374 42.78 40.70 -2.08
N PHE C 375 41.54 40.19 -2.19
CA PHE C 375 41.04 39.12 -1.33
C PHE C 375 40.95 37.82 -2.14
N PRO C 376 41.99 36.97 -2.15
CA PRO C 376 41.82 35.66 -2.81
C PRO C 376 40.76 34.80 -2.13
N GLU C 377 40.41 35.09 -0.88
CA GLU C 377 39.42 34.32 -0.14
C GLU C 377 37.99 34.81 -0.38
N LEU C 378 37.78 35.84 -1.19
CA LEU C 378 36.43 36.32 -1.47
C LEU C 378 35.73 35.33 -2.41
N ILE C 379 34.53 34.91 -2.04
CA ILE C 379 33.75 33.97 -2.83
C ILE C 379 32.27 34.31 -2.67
N GLY C 380 31.49 34.14 -3.72
CA GLY C 380 30.05 34.30 -3.55
C GLY C 380 29.34 34.59 -4.86
N GLY C 381 28.14 35.16 -4.73
CA GLY C 381 27.34 35.46 -5.91
C GLY C 381 25.92 35.79 -5.53
N SER C 382 25.07 35.83 -6.54
CA SER C 382 23.69 36.27 -6.37
C SER C 382 22.71 35.15 -6.71
N ALA C 383 21.52 35.21 -6.12
CA ALA C 383 20.46 34.27 -6.45
C ALA C 383 19.73 34.72 -7.72
N ASP C 384 20.42 34.56 -8.87
CA ASP C 384 19.86 34.90 -10.19
C ASP C 384 19.55 36.38 -10.35
N LEU C 385 20.24 37.25 -9.61
CA LEU C 385 20.05 38.69 -9.74
C LEU C 385 21.39 39.40 -9.81
N SER C 386 22.36 38.81 -10.53
CA SER C 386 23.73 39.31 -10.48
C SER C 386 23.84 40.74 -10.95
N GLU C 387 23.19 41.08 -12.05
CA GLU C 387 23.28 42.45 -12.57
C GLU C 387 22.53 43.43 -11.68
N SER C 388 21.28 43.10 -11.31
CA SER C 388 20.50 44.02 -10.48
C SER C 388 21.10 44.22 -9.10
N ASN C 389 21.63 43.14 -8.49
CA ASN C 389 22.29 43.22 -7.18
C ASN C 389 23.68 43.83 -7.26
N CYS C 390 24.24 44.00 -8.45
CA CYS C 390 25.60 44.49 -8.66
C CYS C 390 26.64 43.63 -7.94
N THR C 391 26.50 42.29 -8.07
CA THR C 391 27.44 41.38 -7.43
C THR C 391 28.47 40.80 -8.39
N SER C 392 28.34 41.07 -9.69
CA SER C 392 29.22 40.45 -10.67
C SER C 392 30.67 40.90 -10.43
N LEU C 393 31.60 39.95 -10.56
CA LEU C 393 33.03 40.24 -10.43
C LEU C 393 33.66 40.19 -11.82
N LYS C 394 34.13 41.35 -12.27
CA LYS C 394 34.72 41.44 -13.60
C LYS C 394 36.02 40.65 -13.64
N GLU C 395 36.24 39.97 -14.75
CA GLU C 395 37.43 39.14 -14.98
C GLU C 395 37.51 37.94 -14.04
N GLU C 396 36.44 37.62 -13.32
CA GLU C 396 36.37 36.35 -12.60
C GLU C 396 35.44 35.41 -13.36
N ASN C 397 35.51 34.13 -13.02
CA ASN C 397 34.75 33.11 -13.73
C ASN C 397 33.86 32.36 -12.75
N ASP C 398 32.82 31.72 -13.30
CA ASP C 398 31.91 30.93 -12.50
C ASP C 398 32.57 29.64 -12.01
N ILE C 399 32.27 29.27 -10.77
CA ILE C 399 32.46 27.89 -10.34
C ILE C 399 31.51 27.00 -11.14
N LYS C 400 32.05 25.93 -11.72
CA LYS C 400 31.24 25.01 -12.48
C LYS C 400 31.90 23.64 -12.46
N LYS C 401 31.12 22.63 -12.83
CA LYS C 401 31.62 21.26 -12.84
C LYS C 401 32.96 21.23 -13.58
N ASN C 402 33.97 20.65 -12.93
CA ASN C 402 35.33 20.51 -13.46
C ASN C 402 36.09 21.83 -13.55
N SER C 403 35.63 22.90 -12.87
CA SER C 403 36.30 24.20 -12.85
C SER C 403 36.00 24.90 -11.52
N TYR C 404 36.61 24.43 -10.44
CA TYR C 404 36.21 24.84 -9.09
C TYR C 404 37.05 25.94 -8.47
N GLY C 405 38.27 26.17 -8.95
CA GLY C 405 39.10 27.19 -8.33
C GLY C 405 38.75 28.60 -8.78
N ASN C 406 37.46 28.88 -8.91
CA ASN C 406 36.97 30.19 -9.30
C ASN C 406 36.23 30.82 -8.13
N LYS C 407 35.81 32.07 -8.30
CA LYS C 407 35.30 32.85 -7.18
C LYS C 407 33.81 33.14 -7.24
N TYR C 408 33.16 32.98 -8.39
CA TYR C 408 31.76 33.39 -8.52
C TYR C 408 30.83 32.18 -8.57
N ILE C 409 29.77 32.21 -7.77
CA ILE C 409 28.75 31.16 -7.74
C ILE C 409 27.45 31.67 -8.34
N ARG C 410 26.90 30.91 -9.29
CA ARG C 410 25.57 31.13 -9.85
C ARG C 410 24.60 30.32 -9.01
N PHE C 411 24.00 30.96 -8.00
CA PHE C 411 23.10 30.22 -7.11
C PHE C 411 21.77 29.85 -7.75
N GLY C 412 21.39 30.50 -8.85
CA GLY C 412 20.04 30.31 -9.37
C GLY C 412 19.00 30.89 -8.40
N VAL C 413 17.74 30.52 -8.63
CA VAL C 413 16.63 31.06 -7.86
C VAL C 413 16.43 30.26 -6.57
N ARG C 414 17.38 30.42 -5.63
CA ARG C 414 17.51 29.54 -4.47
C ARG C 414 18.04 30.35 -3.28
N GLU C 415 17.23 31.29 -2.77
CA GLU C 415 17.72 32.16 -1.70
C GLU C 415 18.09 31.38 -0.45
N HIS C 416 17.21 30.48 0.00
CA HIS C 416 17.48 29.77 1.25
C HIS C 416 18.71 28.87 1.12
N GLY C 417 18.76 28.06 0.05
CA GLY C 417 19.94 27.25 -0.18
C GLY C 417 21.20 28.08 -0.30
N MET C 418 21.08 29.27 -0.92
CA MET C 418 22.23 30.16 -1.06
C MET C 418 22.81 30.54 0.29
N VAL C 419 21.96 31.03 1.20
CA VAL C 419 22.48 31.44 2.49
C VAL C 419 23.02 30.25 3.27
N ALA C 420 22.34 29.08 3.24
CA ALA C 420 22.90 27.92 3.93
C ALA C 420 24.25 27.50 3.33
N ILE C 421 24.39 27.54 2.01
CA ILE C 421 25.67 27.24 1.37
C ILE C 421 26.73 28.26 1.79
N THR C 422 26.35 29.54 1.81
CA THR C 422 27.27 30.59 2.26
C THR C 422 27.75 30.34 3.68
N ASN C 423 26.83 29.97 4.59
CA ASN C 423 27.24 29.54 5.93
C ASN C 423 28.27 28.42 5.86
N GLY C 424 28.02 27.41 5.02
CA GLY C 424 28.94 26.29 4.92
C GLY C 424 30.30 26.71 4.40
N LEU C 425 30.33 27.62 3.44
CA LEU C 425 31.60 28.12 2.94
C LEU C 425 32.40 28.78 4.06
N TYR C 426 31.74 29.61 4.87
CA TYR C 426 32.46 30.24 5.96
C TYR C 426 32.93 29.22 6.98
N ALA C 427 32.03 28.31 7.36
CA ALA C 427 32.32 27.34 8.40
C ALA C 427 33.47 26.41 8.03
N TYR C 428 33.66 26.17 6.73
CA TYR C 428 34.76 25.31 6.28
C TYR C 428 36.11 25.86 6.73
N GLY C 429 36.28 27.18 6.68
CA GLY C 429 37.52 27.88 6.94
C GLY C 429 38.14 28.42 5.64
N GLY C 430 38.91 29.49 5.78
CA GLY C 430 39.67 30.03 4.67
C GLY C 430 38.90 30.92 3.69
N PHE C 431 37.64 31.24 3.97
CA PHE C 431 36.83 32.00 3.03
C PHE C 431 36.15 33.19 3.70
N LYS C 432 35.93 34.24 2.91
CA LYS C 432 35.08 35.37 3.30
C LYS C 432 33.96 35.38 2.27
N PRO C 433 32.87 34.66 2.50
CA PRO C 433 31.82 34.55 1.48
C PRO C 433 30.81 35.68 1.54
N TYR C 434 30.16 35.89 0.38
CA TYR C 434 29.08 36.87 0.28
C TYR C 434 27.97 36.31 -0.60
N CYS C 435 26.76 36.80 -0.40
CA CYS C 435 25.64 36.38 -1.22
C CYS C 435 24.77 37.59 -1.52
N GLY C 436 23.83 37.43 -2.46
CA GLY C 436 23.02 38.56 -2.85
C GLY C 436 21.61 38.19 -3.28
N THR C 437 20.64 39.02 -2.90
CA THR C 437 19.30 39.00 -3.48
C THR C 437 18.65 40.33 -3.11
N PHE C 438 17.41 40.52 -3.57
CA PHE C 438 16.63 41.67 -3.11
C PHE C 438 16.38 41.53 -1.61
N LEU C 439 16.37 42.66 -0.90
CA LEU C 439 16.17 42.62 0.55
C LEU C 439 14.91 41.87 0.94
N ASN C 440 13.82 42.08 0.20
CA ASN C 440 12.55 41.44 0.54
C ASN C 440 12.58 39.91 0.45
N PHE C 441 13.49 39.33 -0.32
CA PHE C 441 13.53 37.86 -0.43
C PHE C 441 14.55 37.23 0.49
N TYR C 442 15.19 38.00 1.36
CA TYR C 442 15.95 37.39 2.43
C TYR C 442 15.03 36.70 3.42
N THR C 443 13.74 37.05 3.45
CA THR C 443 12.89 36.29 4.37
C THR C 443 12.63 34.89 3.84
N TYR C 444 12.87 34.63 2.54
CA TYR C 444 12.87 33.25 2.06
C TYR C 444 13.96 32.44 2.73
N ALA C 445 15.05 33.11 3.12
CA ALA C 445 16.27 32.47 3.57
C ALA C 445 16.53 32.70 5.05
N PHE C 446 15.55 33.22 5.80
CA PHE C 446 15.86 33.59 7.18
C PHE C 446 16.19 32.40 8.09
N GLY C 447 15.72 31.20 7.78
CA GLY C 447 16.15 30.04 8.55
C GLY C 447 17.67 29.97 8.66
N ALA C 448 18.36 30.19 7.54
CA ALA C 448 19.81 30.11 7.51
C ALA C 448 20.46 31.42 7.98
N LEU C 449 19.85 32.56 7.67
CA LEU C 449 20.42 33.83 8.10
C LEU C 449 20.47 33.91 9.63
N ARG C 450 19.40 33.47 10.29
CA ARG C 450 19.38 33.44 11.75
C ARG C 450 20.48 32.53 12.30
N LEU C 451 20.72 31.40 11.63
CA LEU C 451 21.79 30.51 12.07
C LEU C 451 23.17 31.12 11.86
N ALA C 452 23.36 31.94 10.82
CA ALA C 452 24.62 32.67 10.71
C ALA C 452 24.88 33.50 11.96
N ALA C 453 23.84 34.19 12.44
CA ALA C 453 23.98 34.99 13.65
C ALA C 453 24.27 34.13 14.87
N LEU C 454 23.50 33.07 15.06
CA LEU C 454 23.70 32.20 16.23
C LEU C 454 25.06 31.51 16.18
N SER C 455 25.55 31.17 15.00
CA SER C 455 26.76 30.40 14.82
C SER C 455 28.02 31.27 14.72
N ASN C 456 27.87 32.59 14.70
CA ASN C 456 28.98 33.53 14.46
C ASN C 456 29.60 33.36 13.08
N HIS C 457 28.82 32.99 12.06
CA HIS C 457 29.36 32.88 10.71
C HIS C 457 29.54 34.27 10.10
N HIS C 458 30.76 34.57 9.63
CA HIS C 458 31.07 35.89 9.10
C HIS C 458 30.71 35.94 7.62
N ILE C 459 29.41 36.11 7.33
CA ILE C 459 28.95 36.16 5.96
C ILE C 459 28.45 37.56 5.63
N LEU C 460 28.60 37.95 4.38
CA LEU C 460 28.19 39.25 3.87
C LEU C 460 26.95 39.08 3.00
N CYS C 461 25.85 39.72 3.35
CA CYS C 461 24.62 39.61 2.55
C CYS C 461 24.33 40.94 1.87
N ILE C 462 24.52 40.97 0.56
CA ILE C 462 24.16 42.12 -0.26
C ILE C 462 22.64 42.10 -0.49
N ALA C 463 21.96 43.19 -0.12
CA ALA C 463 20.50 43.21 -0.16
C ALA C 463 20.05 44.49 -0.84
N THR C 464 19.84 44.44 -2.16
CA THR C 464 19.48 45.63 -2.91
C THR C 464 17.95 45.78 -2.99
N HIS C 465 17.51 46.88 -3.58
CA HIS C 465 16.07 47.17 -3.73
C HIS C 465 15.39 47.13 -2.36
N ASP C 466 15.92 47.93 -1.46
CA ASP C 466 15.61 47.81 -0.04
C ASP C 466 14.31 48.50 0.39
N SER C 467 13.52 49.10 -0.49
CA SER C 467 12.32 49.83 -0.04
C SER C 467 11.40 50.12 -1.23
N VAL C 468 10.31 50.84 -0.94
CA VAL C 468 9.38 51.31 -1.98
C VAL C 468 10.10 52.13 -3.04
N GLU C 469 11.31 52.63 -2.74
CA GLU C 469 12.12 53.35 -3.72
C GLU C 469 12.35 52.53 -4.97
N LEU C 470 12.21 51.20 -4.91
CA LEU C 470 12.37 50.38 -6.10
C LEU C 470 11.25 50.59 -7.11
N GLY C 471 10.09 51.05 -6.66
CA GLY C 471 9.05 51.45 -7.60
C GLY C 471 8.16 50.36 -8.15
N GLU C 472 8.12 50.22 -9.48
CA GLU C 472 7.02 49.54 -10.14
C GLU C 472 6.88 48.05 -9.86
N ASP C 473 7.95 47.35 -9.45
CA ASP C 473 7.74 45.94 -9.13
C ASP C 473 6.72 45.74 -8.00
N GLY C 474 6.51 46.76 -7.16
CA GLY C 474 5.33 46.79 -6.30
C GLY C 474 5.45 46.07 -4.97
N PRO C 475 4.32 45.91 -4.27
CA PRO C 475 4.36 45.51 -2.86
C PRO C 475 4.87 44.10 -2.58
N THR C 476 4.81 43.17 -3.54
CA THR C 476 5.40 41.85 -3.25
C THR C 476 6.92 41.90 -3.19
N HIS C 477 7.52 42.98 -3.67
CA HIS C 477 8.97 43.17 -3.71
C HIS C 477 9.47 44.19 -2.71
N GLN C 478 8.59 45.00 -2.12
CA GLN C 478 9.01 46.12 -1.28
C GLN C 478 8.96 45.77 0.20
N PRO C 479 10.11 45.68 0.87
CA PRO C 479 10.13 45.36 2.31
C PRO C 479 9.49 46.47 3.13
N ILE C 480 8.83 46.05 4.22
CA ILE C 480 8.26 46.94 5.22
C ILE C 480 8.76 46.53 6.60
N GLU C 481 8.82 45.22 6.81
CA GLU C 481 9.06 44.59 8.10
C GLU C 481 10.48 44.07 8.28
N VAL C 482 11.30 44.09 7.23
CA VAL C 482 12.58 43.38 7.25
C VAL C 482 13.64 44.12 8.08
N LEU C 483 13.77 45.44 7.90
CA LEU C 483 14.73 46.18 8.72
C LEU C 483 14.46 45.92 10.20
N SER C 484 13.18 45.94 10.59
CA SER C 484 12.81 45.69 12.00
C SER C 484 13.19 44.27 12.44
N LEU C 485 12.91 43.25 11.61
CA LEU C 485 13.33 41.88 11.89
C LEU C 485 14.83 41.81 12.16
N LEU C 486 15.63 42.41 11.28
CA LEU C 486 17.08 42.31 11.41
C LEU C 486 17.58 43.03 12.65
N ARG C 487 16.95 44.16 13.00
CA ARG C 487 17.32 44.89 14.21
C ARG C 487 16.93 44.15 15.48
N SER C 488 16.01 43.22 15.38
CA SER C 488 15.56 42.42 16.52
C SER C 488 16.28 41.08 16.62
N THR C 489 17.25 40.80 15.74
CA THR C 489 17.99 39.53 15.73
C THR C 489 19.33 39.71 16.42
N PRO C 490 19.65 38.94 17.46
CA PRO C 490 20.96 39.12 18.12
C PRO C 490 22.10 38.78 17.19
N ASN C 491 23.26 39.43 17.42
CA ASN C 491 24.50 39.18 16.66
C ASN C 491 24.28 39.23 15.15
N LEU C 492 23.64 40.30 14.71
CA LEU C 492 23.45 40.51 13.29
C LEU C 492 23.52 42.00 13.03
N ASN C 493 24.28 42.40 12.04
CA ASN C 493 24.41 43.81 11.68
C ASN C 493 23.61 44.09 10.42
N ILE C 494 22.75 45.10 10.47
CA ILE C 494 22.07 45.60 9.28
C ILE C 494 22.52 47.04 9.09
N ILE C 495 23.10 47.33 7.93
CA ILE C 495 23.65 48.63 7.61
C ILE C 495 23.00 49.14 6.33
N ARG C 496 22.58 50.40 6.34
CA ARG C 496 21.85 51.00 5.22
C ARG C 496 22.53 52.31 4.82
N PRO C 497 23.63 52.21 4.07
CA PRO C 497 24.45 53.40 3.79
C PRO C 497 23.73 54.39 2.88
N ALA C 498 24.00 55.67 3.13
CA ALA C 498 23.32 56.74 2.40
C ALA C 498 24.03 57.18 1.14
N ASP C 499 25.32 56.91 1.01
CA ASP C 499 26.08 57.44 -0.12
C ASP C 499 27.37 56.63 -0.27
N GLY C 500 28.25 57.08 -1.17
CA GLY C 500 29.46 56.32 -1.48
C GLY C 500 30.36 56.11 -0.28
N ASN C 501 30.60 57.17 0.50
CA ASN C 501 31.45 57.03 1.68
C ASN C 501 30.86 56.03 2.66
N GLU C 502 29.54 56.02 2.82
CA GLU C 502 28.97 55.08 3.78
C GLU C 502 28.94 53.65 3.25
N VAL C 503 28.90 53.46 1.93
CA VAL C 503 29.04 52.11 1.39
C VAL C 503 30.42 51.55 1.72
N SER C 504 31.47 52.38 1.58
CA SER C 504 32.79 51.95 2.05
C SER C 504 32.76 51.67 3.55
N GLY C 505 32.08 52.52 4.33
CA GLY C 505 31.96 52.27 5.75
C GLY C 505 31.25 50.96 6.09
N ALA C 506 30.27 50.57 5.29
CA ALA C 506 29.57 49.30 5.57
C ALA C 506 30.47 48.11 5.33
N TYR C 507 31.29 48.15 4.28
CA TYR C 507 32.25 47.07 4.05
C TYR C 507 33.34 47.10 5.11
N LEU C 508 33.79 48.30 5.48
CA LEU C 508 34.72 48.44 6.59
C LEU C 508 34.15 47.81 7.85
N SER C 509 32.87 48.08 8.15
N SER C 509 32.87 48.06 8.15
CA SER C 509 32.24 47.51 9.34
CA SER C 509 32.27 47.50 9.35
C SER C 509 32.19 45.98 9.27
C SER C 509 32.19 45.98 9.27
N HIS C 510 31.82 45.43 8.11
CA HIS C 510 31.77 43.97 7.98
C HIS C 510 33.12 43.36 8.37
N PHE C 511 34.21 43.81 7.73
CA PHE C 511 35.50 43.21 8.02
C PHE C 511 36.09 43.61 9.36
N SER C 512 35.54 44.62 10.03
CA SER C 512 35.97 44.97 11.39
C SER C 512 35.20 44.23 12.47
N ASN C 513 34.18 43.45 12.11
CA ASN C 513 33.36 42.71 13.08
C ASN C 513 33.30 41.26 12.63
N PRO C 514 34.38 40.50 12.82
CA PRO C 514 34.54 39.22 12.11
C PRO C 514 33.80 38.03 12.70
N HIS C 515 32.91 38.22 13.68
CA HIS C 515 32.13 37.11 14.21
C HIS C 515 30.62 37.36 14.06
N THR C 516 30.24 38.25 13.17
CA THR C 516 28.86 38.73 13.04
C THR C 516 28.49 38.86 11.57
N PRO C 517 27.43 38.22 11.09
CA PRO C 517 27.02 38.43 9.70
C PRO C 517 26.55 39.88 9.50
N THR C 518 26.74 40.38 8.28
CA THR C 518 26.31 41.72 7.91
C THR C 518 25.33 41.64 6.74
N VAL C 519 24.23 42.39 6.85
CA VAL C 519 23.33 42.66 5.72
C VAL C 519 23.51 44.14 5.37
N ILE C 520 23.86 44.41 4.10
CA ILE C 520 23.98 45.78 3.60
C ILE C 520 22.78 46.06 2.70
N ALA C 521 21.91 46.99 3.14
CA ALA C 521 20.70 47.35 2.40
C ALA C 521 21.04 48.49 1.44
N LEU C 522 20.74 48.27 0.15
CA LEU C 522 21.17 49.17 -0.92
C LEU C 522 20.00 49.57 -1.80
N CYS C 523 19.99 50.83 -2.27
CA CYS C 523 18.88 51.36 -3.05
C CYS C 523 19.11 51.21 -4.54
N ARG C 524 18.02 51.37 -5.29
CA ARG C 524 18.00 51.11 -6.74
C ARG C 524 18.51 52.30 -7.55
N ASN C 525 18.13 53.52 -7.19
CA ASN C 525 18.39 54.68 -8.02
C ASN C 525 19.42 55.61 -7.38
N LYS C 526 19.93 56.55 -8.20
CA LYS C 526 21.04 57.40 -7.78
C LYS C 526 20.66 58.30 -6.62
N VAL C 527 21.61 58.48 -5.71
CA VAL C 527 21.47 59.43 -4.60
C VAL C 527 22.73 60.29 -4.55
N PRO C 528 22.67 61.50 -4.02
CA PRO C 528 23.86 62.36 -4.00
C PRO C 528 24.86 61.94 -2.94
N HIS C 529 26.13 62.25 -3.18
CA HIS C 529 27.13 62.14 -2.12
C HIS C 529 26.91 63.29 -1.14
N LEU C 530 26.96 62.99 0.16
CA LEU C 530 26.54 63.92 1.18
C LEU C 530 27.72 64.51 1.94
N ASN C 531 27.49 65.71 2.50
N ASN C 531 27.45 65.66 2.58
CA ASN C 531 28.51 66.42 3.28
CA ASN C 531 28.47 66.39 3.33
C ASN C 531 28.89 65.65 4.54
C ASN C 531 28.90 65.61 4.56
N ASN C 532 30.20 65.49 4.75
N ASN C 532 30.22 65.49 4.76
CA ASN C 532 30.77 64.99 6.00
CA ASN C 532 30.82 64.98 6.00
C ASN C 532 30.50 63.52 6.29
C ASN C 532 30.49 63.52 6.30
N THR C 533 30.07 62.73 5.31
CA THR C 533 29.93 61.31 5.56
C THR C 533 31.33 60.72 5.69
N GLN C 534 31.46 59.72 6.57
CA GLN C 534 32.76 59.18 6.96
C GLN C 534 32.72 57.67 7.08
N PRO C 535 33.54 56.93 6.34
CA PRO C 535 33.51 55.46 6.47
C PRO C 535 33.74 54.97 7.88
N GLU C 536 34.71 55.52 8.61
CA GLU C 536 35.02 55.04 9.95
C GLU C 536 33.86 55.23 10.91
N GLN C 537 33.06 56.29 10.75
CA GLN C 537 31.99 56.55 11.69
C GLN C 537 30.76 55.66 11.45
N VAL C 538 30.66 55.01 10.29
CA VAL C 538 29.61 54.00 10.11
C VAL C 538 29.73 52.90 11.17
N LEU C 539 30.95 52.64 11.64
CA LEU C 539 31.19 51.63 12.66
C LEU C 539 30.46 51.93 13.96
N LYS C 540 30.13 53.19 14.22
N LYS C 540 30.13 53.20 14.21
CA LYS C 540 29.39 53.55 15.43
CA LYS C 540 29.39 53.57 15.42
C LYS C 540 27.88 53.57 15.21
C LYS C 540 27.89 53.56 15.21
N GLY C 541 27.42 53.22 14.01
CA GLY C 541 25.99 53.07 13.78
C GLY C 541 25.22 54.35 13.50
N ALA C 542 25.48 55.42 14.24
CA ALA C 542 24.93 56.74 13.95
C ALA C 542 25.96 57.79 14.33
N TYR C 543 25.98 58.88 13.59
CA TYR C 543 26.95 59.95 13.84
C TYR C 543 26.45 61.24 13.22
N ILE C 544 27.03 62.36 13.68
CA ILE C 544 26.57 63.69 13.28
C ILE C 544 27.27 64.13 11.99
N LEU C 545 26.46 64.47 10.98
CA LEU C 545 26.98 65.04 9.74
C LEU C 545 27.14 66.56 9.83
N GLU C 546 26.11 67.25 10.33
CA GLU C 546 26.15 68.69 10.59
C GLU C 546 25.62 68.96 11.98
N ASP C 547 26.42 69.61 12.83
CA ASP C 547 26.01 69.87 14.19
C ASP C 547 25.35 71.25 14.31
N PHE C 548 24.81 71.52 15.49
CA PHE C 548 24.20 72.82 15.78
C PHE C 548 25.23 73.95 15.68
N ASP C 549 24.76 75.13 15.26
CA ASP C 549 25.60 76.32 15.35
C ASP C 549 25.49 76.89 16.77
N THR C 550 26.15 78.01 17.03
CA THR C 550 26.20 78.57 18.38
C THR C 550 25.07 79.55 18.66
N SER C 551 24.09 79.67 17.76
CA SER C 551 23.02 80.64 17.96
C SER C 551 22.08 80.21 19.09
N ASN C 552 21.16 81.12 19.45
CA ASN C 552 20.10 80.77 20.37
C ASN C 552 18.80 80.41 19.65
N ASN C 553 18.87 80.07 18.36
CA ASN C 553 17.66 79.71 17.62
C ASN C 553 17.13 78.34 18.06
N PRO C 554 15.83 78.08 17.89
CA PRO C 554 15.27 76.79 18.34
C PRO C 554 15.94 75.62 17.61
N LYS C 555 16.23 74.58 18.37
CA LYS C 555 16.99 73.44 17.85
C LYS C 555 16.07 72.35 17.30
N VAL C 556 16.58 71.64 16.30
CA VAL C 556 15.92 70.51 15.62
C VAL C 556 16.99 69.48 15.28
N ILE C 557 16.67 68.19 15.39
CA ILE C 557 17.51 67.13 14.83
C ILE C 557 16.74 66.42 13.73
N LEU C 558 17.38 66.27 12.57
CA LEU C 558 16.83 65.48 11.46
C LEU C 558 17.75 64.27 11.32
N THR C 559 17.17 63.08 11.37
CA THR C 559 17.92 61.84 11.21
C THR C 559 17.37 61.03 10.06
N GLY C 560 18.26 60.38 9.31
CA GLY C 560 17.83 59.48 8.25
C GLY C 560 18.95 58.54 7.87
N SER C 561 18.65 57.68 6.89
CA SER C 561 19.65 56.77 6.36
C SER C 561 19.33 56.47 4.90
N GLY C 562 20.22 55.70 4.27
CA GLY C 562 19.92 55.18 2.95
C GLY C 562 19.49 56.25 1.97
N SER C 563 18.49 55.93 1.15
CA SER C 563 18.08 56.80 0.07
C SER C 563 17.27 58.01 0.52
N GLU C 564 16.93 58.16 1.82
CA GLU C 564 16.15 59.31 2.27
C GLU C 564 16.97 60.35 3.03
N LEU C 565 18.21 60.05 3.40
CA LEU C 565 18.98 61.02 4.16
C LEU C 565 19.14 62.33 3.40
N HIS C 566 19.28 62.26 2.06
CA HIS C 566 19.42 63.51 1.30
C HIS C 566 18.18 64.40 1.44
N LEU C 567 17.01 63.81 1.71
CA LEU C 567 15.81 64.60 1.96
C LEU C 567 15.96 65.47 3.21
N CYS C 568 16.71 64.98 4.21
CA CYS C 568 16.93 65.76 5.43
C CYS C 568 17.80 66.98 5.17
N PHE C 569 18.73 66.88 4.24
CA PHE C 569 19.52 68.06 3.87
C PHE C 569 18.64 69.09 3.18
N GLU C 570 17.77 68.65 2.29
CA GLU C 570 16.87 69.57 1.59
C GLU C 570 15.90 70.21 2.56
N ALA C 571 15.41 69.44 3.54
CA ALA C 571 14.54 70.02 4.55
C ALA C 571 15.29 71.00 5.44
N LYS C 572 16.54 70.69 5.79
CA LYS C 572 17.29 71.61 6.65
C LYS C 572 17.44 72.97 6.00
N GLU C 573 17.73 72.99 4.69
CA GLU C 573 17.82 74.25 3.95
C GLU C 573 16.59 75.13 4.20
N ILE C 574 15.41 74.53 4.14
CA ILE C 574 14.17 75.30 4.36
C ILE C 574 14.04 75.72 5.81
N LEU C 575 14.26 74.79 6.74
CA LEU C 575 14.08 75.12 8.15
C LEU C 575 15.08 76.20 8.59
N LYS C 576 16.29 76.15 8.05
CA LYS C 576 17.31 77.11 8.43
C LYS C 576 17.04 78.48 7.80
N ASN C 577 16.83 78.53 6.49
CA ASN C 577 16.76 79.80 5.79
C ASN C 577 15.39 80.45 5.81
N GLN C 578 14.31 79.67 5.87
CA GLN C 578 12.98 80.26 5.91
C GLN C 578 12.34 80.25 7.29
N HIS C 579 12.88 79.48 8.24
CA HIS C 579 12.33 79.49 9.59
C HIS C 579 13.36 79.74 10.67
N GLN C 580 14.61 80.03 10.32
CA GLN C 580 15.65 80.42 11.29
C GLN C 580 15.76 79.41 12.44
N LEU C 581 15.80 78.13 12.08
CA LEU C 581 16.02 77.07 13.06
C LEU C 581 17.46 76.56 12.97
N ASN C 582 17.92 75.99 14.09
CA ASN C 582 19.29 75.50 14.28
C ASN C 582 19.22 73.97 14.18
N VAL C 583 19.62 73.43 13.02
CA VAL C 583 19.28 72.05 12.66
C VAL C 583 20.53 71.19 12.66
N ARG C 584 20.50 70.11 13.46
CA ARG C 584 21.50 69.07 13.37
C ARG C 584 21.02 67.99 12.41
N ILE C 585 21.93 67.47 11.59
CA ILE C 585 21.64 66.29 10.76
C ILE C 585 22.47 65.10 11.26
N VAL C 586 21.79 63.99 11.53
CA VAL C 586 22.41 62.76 11.97
C VAL C 586 22.25 61.70 10.88
N SER C 587 23.34 61.01 10.54
CA SER C 587 23.26 59.84 9.68
C SER C 587 23.13 58.60 10.56
N PHE C 588 22.18 57.72 10.23
CA PHE C 588 21.88 56.55 11.06
C PHE C 588 21.98 55.28 10.22
N PRO C 589 23.17 54.97 9.69
CA PRO C 589 23.28 53.79 8.83
C PRO C 589 23.00 52.45 9.54
N SER C 590 23.15 52.34 10.85
CA SER C 590 22.97 51.01 11.47
C SER C 590 22.48 51.09 12.90
N TRP C 591 21.24 50.62 13.12
CA TRP C 591 20.71 50.52 14.48
C TRP C 591 21.50 49.54 15.32
N THR C 592 21.94 48.42 14.72
CA THR C 592 22.61 47.37 15.49
C THR C 592 23.99 47.82 15.95
N LEU C 593 24.75 48.46 15.05
CA LEU C 593 26.04 49.02 15.47
C LEU C 593 25.88 50.15 16.48
N PHE C 594 24.81 50.94 16.36
CA PHE C 594 24.59 52.03 17.29
C PHE C 594 24.26 51.49 18.68
N LYS C 595 23.42 50.45 18.75
CA LYS C 595 23.05 49.90 20.05
C LYS C 595 24.25 49.30 20.80
N LYS C 596 25.30 48.90 20.08
CA LYS C 596 26.55 48.46 20.70
C LYS C 596 27.26 49.59 21.42
N GLN C 597 27.01 50.83 21.05
CA GLN C 597 27.77 51.91 21.66
C GLN C 597 27.27 52.22 23.07
N PRO C 598 28.15 52.72 23.93
CA PRO C 598 27.73 53.10 25.28
C PRO C 598 26.62 54.14 25.21
N GLU C 599 25.74 54.12 26.21
CA GLU C 599 24.61 55.03 26.20
C GLU C 599 25.03 56.48 26.15
N ASP C 600 26.16 56.84 26.79
CA ASP C 600 26.61 58.22 26.70
C ASP C 600 26.79 58.66 25.25
N TYR C 601 27.36 57.80 24.41
CA TYR C 601 27.52 58.11 22.99
C TYR C 601 26.16 58.24 22.30
N GLN C 602 25.25 57.29 22.56
CA GLN C 602 23.94 57.34 21.92
C GLN C 602 23.20 58.63 22.24
N TYR C 603 23.19 59.04 23.52
CA TYR C 603 22.52 60.28 23.89
C TYR C 603 23.20 61.50 23.29
N SER C 604 24.53 61.47 23.14
CA SER C 604 25.21 62.61 22.54
C SER C 604 24.78 62.82 21.10
N VAL C 605 24.43 61.74 20.39
CA VAL C 605 24.01 61.86 18.99
C VAL C 605 22.52 62.20 18.88
N MET C 606 21.66 61.43 19.54
CA MET C 606 20.22 61.48 19.32
C MET C 606 19.52 62.46 20.25
N MET C 607 20.12 62.74 21.41
N MET C 607 20.11 62.70 21.43
CA MET C 607 19.56 63.68 22.41
CA MET C 607 19.58 63.64 22.41
C MET C 607 18.15 63.29 22.84
C MET C 607 18.17 63.28 22.85
N HIS C 608 17.90 61.98 22.92
CA HIS C 608 16.57 61.50 23.22
C HIS C 608 16.27 61.55 24.71
N ASN C 609 17.16 62.16 25.50
CA ASN C 609 16.81 62.53 26.87
C ASN C 609 16.13 63.89 26.94
N HIS C 610 15.86 64.53 25.81
CA HIS C 610 15.15 65.81 25.79
C HIS C 610 13.74 65.64 25.20
N PRO C 611 12.70 65.68 26.04
CA PRO C 611 11.33 65.40 25.53
C PRO C 611 10.79 66.44 24.57
N ASN C 612 11.18 67.71 24.70
CA ASN C 612 10.63 68.76 23.87
C ASN C 612 11.51 69.12 22.67
N LEU C 613 12.70 68.56 22.57
CA LEU C 613 13.52 68.77 21.39
C LEU C 613 12.92 68.00 20.22
N PRO C 614 12.65 68.65 19.08
CA PRO C 614 12.16 67.90 17.91
C PRO C 614 13.24 66.94 17.44
N ARG C 615 12.91 65.64 17.46
CA ARG C 615 13.85 64.58 17.09
C ARG C 615 13.20 63.76 15.98
N PHE C 616 13.50 64.14 14.74
CA PHE C 616 12.84 63.63 13.56
C PHE C 616 13.58 62.43 12.97
N TYR C 617 12.81 61.50 12.40
CA TYR C 617 13.37 60.36 11.66
C TYR C 617 12.50 60.07 10.47
N ILE C 618 13.11 59.67 9.36
CA ILE C 618 12.39 59.23 8.17
C ILE C 618 12.97 57.90 7.72
N GLU C 619 12.10 56.93 7.40
CA GLU C 619 12.56 55.63 6.94
C GLU C 619 11.40 54.92 6.27
N PRO C 620 11.61 54.30 5.10
CA PRO C 620 10.50 53.67 4.37
C PRO C 620 10.19 52.27 4.87
N ALA C 621 9.64 52.17 6.08
CA ALA C 621 9.48 50.88 6.73
C ALA C 621 8.62 51.06 7.99
N SER C 622 8.34 49.93 8.65
CA SER C 622 7.49 49.95 9.85
C SER C 622 8.08 50.87 10.90
N THR C 623 7.20 51.58 11.65
CA THR C 623 7.68 52.50 12.68
C THR C 623 7.96 51.80 13.99
N HIS C 624 7.84 50.47 14.04
CA HIS C 624 8.20 49.69 15.23
C HIS C 624 9.62 50.03 15.66
N GLY C 625 9.77 50.44 16.94
CA GLY C 625 11.05 50.81 17.48
C GLY C 625 11.39 52.30 17.45
N PHE C 626 10.72 53.09 16.59
CA PHE C 626 11.15 54.47 16.36
C PHE C 626 11.07 55.32 17.63
N ASP C 627 10.12 55.03 18.53
CA ASP C 627 10.00 55.85 19.74
C ASP C 627 11.22 55.79 20.65
N THR C 628 12.13 54.85 20.45
CA THR C 628 13.33 54.82 21.29
C THR C 628 14.12 56.13 21.19
N TYR C 629 14.30 56.65 19.98
CA TYR C 629 15.16 57.80 19.76
C TYR C 629 14.44 59.04 19.24
N PHE C 630 13.21 58.92 18.77
CA PHE C 630 12.54 59.98 18.02
C PHE C 630 11.15 60.25 18.56
N ASN C 631 10.69 61.50 18.37
CA ASN C 631 9.35 61.89 18.79
C ASN C 631 8.50 62.44 17.65
N VAL C 632 9.02 62.47 16.43
CA VAL C 632 8.23 62.80 15.24
C VAL C 632 8.90 62.09 14.07
N TYR C 633 8.10 61.47 13.20
CA TYR C 633 8.74 60.65 12.18
C TYR C 633 7.79 60.34 11.03
N ILE C 634 8.40 60.00 9.91
CA ILE C 634 7.69 59.51 8.73
C ILE C 634 8.15 58.09 8.46
N GLY C 635 7.20 57.15 8.52
CA GLY C 635 7.50 55.77 8.19
C GLY C 635 6.43 55.22 7.27
N ILE C 636 6.38 53.90 7.12
CA ILE C 636 5.38 53.25 6.28
C ILE C 636 4.85 52.05 7.06
N ASN C 637 3.61 52.14 7.53
CA ASN C 637 2.94 51.08 8.27
C ASN C 637 1.85 50.43 7.41
N GLN C 638 2.19 50.14 6.17
CA GLN C 638 1.28 49.54 5.20
C GLN C 638 2.14 48.89 4.15
N PHE C 639 1.53 48.05 3.28
CA PHE C 639 2.29 47.59 2.13
C PHE C 639 2.35 48.68 1.06
N GLY C 640 3.23 48.49 0.09
CA GLY C 640 3.54 49.48 -0.92
C GLY C 640 2.64 49.45 -2.13
N TYR C 641 3.19 49.87 -3.27
CA TYR C 641 2.45 50.13 -4.51
C TYR C 641 3.27 49.75 -5.73
N SER C 642 2.60 49.24 -6.75
CA SER C 642 3.23 49.13 -8.06
C SER C 642 3.06 50.48 -8.76
N ALA C 643 4.09 51.31 -8.69
CA ALA C 643 4.05 52.68 -9.21
C ALA C 643 5.48 53.19 -9.29
N PRO C 644 5.72 54.22 -10.10
CA PRO C 644 7.04 54.87 -10.10
C PRO C 644 7.40 55.37 -8.70
N LYS C 645 8.70 55.30 -8.40
CA LYS C 645 9.20 55.75 -7.11
C LYS C 645 8.69 57.14 -6.74
N ASN C 646 8.75 58.09 -7.68
CA ASN C 646 8.40 59.46 -7.28
C ASN C 646 6.92 59.58 -6.95
N LYS C 647 6.07 58.79 -7.61
CA LYS C 647 4.65 58.76 -7.26
C LYS C 647 4.44 58.21 -5.85
N ILE C 648 5.15 57.14 -5.49
CA ILE C 648 5.00 56.56 -4.16
C ILE C 648 5.47 57.56 -3.10
N TRP C 649 6.65 58.14 -3.30
CA TRP C 649 7.17 59.09 -2.32
C TRP C 649 6.25 60.29 -2.14
N GLU C 650 5.71 60.81 -3.25
CA GLU C 650 4.74 61.91 -3.14
C GLU C 650 3.51 61.49 -2.35
N HIS C 651 2.97 60.29 -2.61
CA HIS C 651 1.77 59.84 -1.90
C HIS C 651 2.02 59.64 -0.41
N LEU C 652 3.17 59.07 -0.05
CA LEU C 652 3.43 58.73 1.34
C LEU C 652 4.15 59.85 2.09
N GLY C 653 4.42 60.98 1.44
CA GLY C 653 4.98 62.13 2.13
C GLY C 653 6.47 62.07 2.33
N PHE C 654 7.19 61.34 1.47
CA PHE C 654 8.65 61.33 1.50
C PHE C 654 9.18 62.49 0.64
N THR C 655 9.01 63.70 1.18
CA THR C 655 9.42 64.92 0.50
C THR C 655 10.01 65.89 1.52
N PRO C 656 10.89 66.80 1.08
CA PRO C 656 11.42 67.79 2.05
C PRO C 656 10.30 68.64 2.64
N GLU C 657 9.33 69.02 1.79
CA GLU C 657 8.20 69.82 2.25
C GLU C 657 7.41 69.13 3.35
N ASN C 658 7.22 67.81 3.23
CA ASN C 658 6.49 67.13 4.30
C ASN C 658 7.32 66.97 5.57
N ILE C 659 8.64 66.77 5.44
CA ILE C 659 9.47 66.79 6.63
C ILE C 659 9.32 68.13 7.35
N VAL C 660 9.41 69.22 6.58
CA VAL C 660 9.27 70.56 7.17
C VAL C 660 7.94 70.71 7.90
N GLN C 661 6.84 70.32 7.24
CA GLN C 661 5.53 70.54 7.84
C GLN C 661 5.36 69.73 9.12
N LYS C 662 5.86 68.49 9.13
CA LYS C 662 5.75 67.67 10.34
C LYS C 662 6.59 68.24 11.48
N VAL C 663 7.79 68.73 11.18
CA VAL C 663 8.63 69.31 12.23
C VAL C 663 8.00 70.60 12.77
N LEU C 664 7.59 71.49 11.87
CA LEU C 664 6.94 72.74 12.31
C LEU C 664 5.70 72.45 13.15
N ALA C 665 4.88 71.48 12.72
CA ALA C 665 3.67 71.14 13.48
C ALA C 665 4.01 70.63 14.88
N PHE C 666 5.04 69.78 14.98
CA PHE C 666 5.49 69.32 16.28
C PHE C 666 5.92 70.50 17.16
N MET C 667 6.71 71.41 16.59
CA MET C 667 7.24 72.54 17.36
C MET C 667 6.14 73.47 17.83
N LYS C 668 5.21 73.83 16.94
CA LYS C 668 4.12 74.72 17.36
C LYS C 668 3.29 74.10 18.46
N ASN C 669 3.02 72.79 18.37
CA ASN C 669 2.26 72.14 19.43
C ASN C 669 3.02 72.13 20.76
N LYS C 670 4.32 71.87 20.73
CA LYS C 670 5.09 71.84 21.98
C LYS C 670 5.14 73.21 22.65
N LEU C 671 5.41 74.26 21.87
CA LEU C 671 5.36 75.60 22.44
C LEU C 671 4.00 75.87 23.07
N LYS C 672 2.94 75.38 22.43
CA LYS C 672 1.59 75.64 22.91
C LYS C 672 1.37 74.93 24.25
N GLU C 673 1.81 73.66 24.34
CA GLU C 673 1.69 72.92 25.58
C GLU C 673 2.54 73.55 26.68
N ASN C 674 3.73 74.06 26.32
CA ASN C 674 4.61 74.66 27.32
C ASN C 674 4.08 75.99 27.82
N LEU C 675 3.45 76.78 26.93
CA LEU C 675 2.86 78.06 27.35
C LEU C 675 1.80 77.85 28.43
N TYR C 676 1.08 76.73 28.36
CA TYR C 676 0.14 76.35 29.40
C TYR C 676 0.86 76.21 30.75
N MET D 1 5.14 36.32 -43.63
CA MET D 1 4.52 35.77 -42.43
C MET D 1 4.43 34.25 -42.54
N ASN D 2 4.11 33.59 -41.43
CA ASN D 2 3.94 32.15 -41.43
C ASN D 2 2.65 31.75 -42.15
N ILE D 3 2.66 30.56 -42.74
CA ILE D 3 1.47 30.08 -43.46
C ILE D 3 0.25 30.01 -42.56
N MET D 4 0.44 29.91 -41.25
N MET D 4 0.44 29.90 -41.24
CA MET D 4 -0.68 29.79 -40.32
CA MET D 4 -0.66 29.80 -40.30
C MET D 4 -1.06 31.12 -39.67
C MET D 4 -1.10 31.14 -39.71
N ASP D 5 -0.35 32.21 -39.96
CA ASP D 5 -0.58 33.48 -39.26
C ASP D 5 -1.94 34.13 -39.55
N ASN D 6 -2.68 33.73 -40.60
CA ASN D 6 -4.02 34.27 -40.81
C ASN D 6 -5.14 33.33 -40.33
N GLU D 7 -4.79 32.13 -39.87
CA GLU D 7 -5.74 31.24 -39.20
C GLU D 7 -6.10 31.78 -37.81
N ILE D 8 -7.38 31.66 -37.44
CA ILE D 8 -7.91 32.41 -36.30
C ILE D 8 -7.17 32.08 -34.99
N ASP D 9 -6.88 30.80 -34.73
CA ASP D 9 -6.19 30.50 -33.46
C ASP D 9 -4.79 31.13 -33.42
N THR D 10 -4.02 30.93 -34.48
CA THR D 10 -2.68 31.54 -34.54
C THR D 10 -2.76 33.07 -34.50
N LYS D 11 -3.75 33.64 -35.19
CA LYS D 11 -3.91 35.09 -35.15
C LYS D 11 -4.24 35.58 -33.73
N CYS D 12 -5.15 34.88 -33.05
CA CYS D 12 -5.42 35.22 -31.64
C CYS D 12 -4.13 35.21 -30.83
N ILE D 13 -3.35 34.14 -30.96
CA ILE D 13 -2.13 34.01 -30.17
C ILE D 13 -1.19 35.19 -30.44
N ASN D 14 -1.01 35.53 -31.72
CA ASN D 14 -0.06 36.59 -32.07
C ASN D 14 -0.54 37.96 -31.61
N GLU D 15 -1.85 38.21 -31.69
CA GLU D 15 -2.35 39.47 -31.17
C GLU D 15 -2.24 39.54 -29.65
N ILE D 16 -2.35 38.39 -28.98
CA ILE D 16 -2.09 38.36 -27.54
C ILE D 16 -0.61 38.62 -27.24
N ARG D 17 0.30 38.00 -28.00
CA ARG D 17 1.73 38.31 -27.83
C ARG D 17 1.97 39.80 -27.89
N MET D 18 1.37 40.47 -28.88
CA MET D 18 1.76 41.85 -29.12
C MET D 18 1.09 42.80 -28.14
N LEU D 19 -0.18 42.59 -27.83
CA LEU D 19 -0.81 43.43 -26.82
C LEU D 19 -0.12 43.29 -25.47
N SER D 20 0.20 42.05 -25.08
CA SER D 20 0.90 41.83 -23.81
C SER D 20 2.24 42.58 -23.78
N ALA D 21 3.01 42.51 -24.86
CA ALA D 21 4.32 43.16 -24.90
C ALA D 21 4.20 44.68 -24.85
N GLU D 22 3.07 45.23 -25.29
CA GLU D 22 2.88 46.67 -25.29
C GLU D 22 2.67 47.24 -23.88
N LEU D 23 2.20 46.42 -22.93
CA LEU D 23 1.95 46.96 -21.60
C LEU D 23 3.23 47.39 -20.91
N PRO D 24 4.29 46.58 -20.84
CA PRO D 24 5.54 47.06 -20.22
C PRO D 24 6.15 48.22 -20.98
N LEU D 25 6.02 48.22 -22.31
CA LEU D 25 6.59 49.31 -23.10
C LEU D 25 5.90 50.64 -22.76
N GLU D 26 4.58 50.63 -22.64
CA GLU D 26 3.87 51.83 -22.23
C GLU D 26 4.33 52.31 -20.86
N ALA D 27 4.55 51.38 -19.93
CA ALA D 27 4.96 51.72 -18.58
C ALA D 27 6.46 52.00 -18.48
N LYS D 28 7.22 51.71 -19.54
CA LYS D 28 8.67 51.73 -19.51
C LYS D 28 9.22 50.91 -18.35
N SER D 29 8.54 49.80 -18.05
CA SER D 29 8.96 48.98 -16.93
C SER D 29 8.24 47.65 -17.05
N GLY D 30 8.94 46.56 -16.76
CA GLY D 30 8.27 45.27 -16.75
C GLY D 30 8.86 44.25 -17.71
N HIS D 31 8.10 43.19 -17.98
CA HIS D 31 8.64 41.97 -18.59
C HIS D 31 7.82 41.60 -19.82
N GLN D 32 8.49 41.53 -20.96
CA GLN D 32 7.83 41.18 -22.22
C GLN D 32 8.05 39.75 -22.67
N GLY D 33 9.18 39.13 -22.31
CA GLY D 33 9.57 37.88 -22.94
C GLY D 33 8.64 36.72 -22.62
N ALA D 34 8.33 36.52 -21.35
CA ALA D 34 7.50 35.38 -21.00
C ALA D 34 6.05 35.60 -21.41
N PRO D 35 5.47 36.82 -21.31
CA PRO D 35 4.13 37.02 -21.89
C PRO D 35 4.05 36.60 -23.34
N ILE D 36 5.05 36.97 -24.14
CA ILE D 36 5.09 36.53 -25.54
C ILE D 36 5.20 35.01 -25.63
N GLY D 37 6.16 34.44 -24.90
CA GLY D 37 6.41 33.01 -25.04
C GLY D 37 5.26 32.14 -24.57
N CYS D 38 4.50 32.61 -23.56
CA CYS D 38 3.40 31.83 -22.99
C CYS D 38 2.06 32.11 -23.64
N ALA D 39 2.00 33.00 -24.64
CA ALA D 39 0.71 33.32 -25.24
C ALA D 39 -0.03 32.10 -25.79
N PRO D 40 0.62 31.11 -26.42
CA PRO D 40 -0.13 29.93 -26.88
C PRO D 40 -0.81 29.17 -25.74
N ILE D 41 -0.12 29.01 -24.62
CA ILE D 41 -0.74 28.35 -23.46
C ILE D 41 -1.99 29.11 -23.03
N ALA D 42 -1.88 30.44 -22.92
CA ALA D 42 -3.00 31.23 -22.45
C ALA D 42 -4.18 31.16 -23.42
N HIS D 43 -3.92 31.26 -24.73
CA HIS D 43 -5.01 31.16 -25.69
C HIS D 43 -5.76 29.83 -25.51
N ILE D 44 -5.03 28.73 -25.35
CA ILE D 44 -5.66 27.42 -25.18
C ILE D 44 -6.42 27.35 -23.87
N LEU D 45 -5.83 27.86 -22.78
CA LEU D 45 -6.48 27.75 -21.47
C LEU D 45 -7.81 28.49 -21.45
N TRP D 46 -7.82 29.77 -21.87
CA TRP D 46 -9.06 30.55 -21.79
C TRP D 46 -10.05 30.23 -22.91
N SER D 47 -9.60 29.87 -24.12
CA SER D 47 -10.56 29.58 -25.19
C SER D 47 -11.12 28.17 -25.18
N TYR D 48 -10.35 27.16 -24.79
CA TYR D 48 -10.81 25.78 -24.92
C TYR D 48 -10.90 25.02 -23.62
N VAL D 49 -9.95 25.17 -22.70
CA VAL D 49 -9.80 24.28 -21.57
C VAL D 49 -10.65 24.70 -20.37
N MET D 50 -10.44 25.92 -19.89
CA MET D 50 -10.94 26.25 -18.58
C MET D 50 -12.42 26.60 -18.61
N ASN D 51 -13.12 26.21 -17.55
CA ASN D 51 -14.53 26.53 -17.37
C ASN D 51 -14.62 27.64 -16.33
N TYR D 52 -15.17 28.77 -16.75
CA TYR D 52 -15.32 29.94 -15.90
C TYR D 52 -16.54 30.68 -16.41
N TYR D 53 -16.90 31.74 -15.70
CA TYR D 53 -18.06 32.55 -16.05
C TYR D 53 -17.64 34.01 -15.92
N ASN D 54 -17.57 34.71 -17.06
CA ASN D 54 -16.93 36.03 -17.03
C ASN D 54 -17.68 37.02 -16.16
N GLU D 55 -19.00 36.82 -15.96
CA GLU D 55 -19.79 37.74 -15.15
C GLU D 55 -19.74 37.42 -13.65
N ASP D 56 -19.13 36.30 -13.25
CA ASP D 56 -18.96 35.97 -11.82
C ASP D 56 -17.60 35.33 -11.62
N THR D 57 -16.61 36.18 -11.34
CA THR D 57 -15.27 35.67 -11.09
C THR D 57 -15.17 34.94 -9.77
N LYS D 58 -16.25 34.88 -8.98
CA LYS D 58 -16.26 34.09 -7.74
C LYS D 58 -17.17 32.85 -7.86
N TRP D 59 -17.53 32.44 -9.06
CA TRP D 59 -18.32 31.23 -9.25
C TRP D 59 -17.67 30.05 -8.52
N ILE D 60 -18.43 29.38 -7.65
CA ILE D 60 -17.82 28.40 -6.75
C ILE D 60 -17.29 27.17 -7.47
N ASN D 61 -17.72 26.92 -8.71
CA ASN D 61 -17.23 25.77 -9.46
C ASN D 61 -16.37 26.18 -10.67
N ARG D 62 -15.84 27.40 -10.66
CA ARG D 62 -14.92 27.78 -11.72
C ARG D 62 -13.64 26.97 -11.62
N ASP D 63 -12.96 26.83 -12.76
CA ASP D 63 -11.58 26.39 -12.76
C ASP D 63 -10.73 27.58 -12.32
N ARG D 64 -9.93 27.40 -11.26
CA ARG D 64 -9.05 28.47 -10.79
C ARG D 64 -7.74 28.44 -11.57
N PHE D 65 -7.28 29.61 -12.03
CA PHE D 65 -6.01 29.78 -12.73
C PHE D 65 -5.03 30.55 -11.86
N ILE D 66 -3.75 30.16 -11.88
CA ILE D 66 -2.71 30.85 -11.12
C ILE D 66 -1.48 31.07 -11.99
N LEU D 67 -1.04 32.33 -12.08
CA LEU D 67 0.20 32.69 -12.79
C LEU D 67 1.35 32.71 -11.79
N SER D 68 2.03 31.56 -11.64
CA SER D 68 3.13 31.48 -10.67
C SER D 68 4.34 32.30 -11.12
N ASN D 69 4.61 32.36 -12.43
CA ASN D 69 5.66 33.27 -12.92
C ASN D 69 5.03 34.65 -13.06
N GLY D 70 4.86 35.30 -11.90
CA GLY D 70 4.06 36.51 -11.80
C GLY D 70 4.57 37.69 -12.60
N HIS D 71 5.87 37.69 -12.93
CA HIS D 71 6.40 38.76 -13.77
C HIS D 71 5.77 38.77 -15.15
N ALA D 72 5.10 37.69 -15.55
CA ALA D 72 4.39 37.65 -16.83
C ALA D 72 2.97 38.24 -16.73
N SER D 73 2.74 39.12 -15.75
CA SER D 73 1.40 39.66 -15.48
C SER D 73 0.73 40.28 -16.70
N ALA D 74 1.49 40.91 -17.60
CA ALA D 74 0.85 41.54 -18.76
C ALA D 74 0.04 40.55 -19.57
N LEU D 75 0.50 39.29 -19.66
CA LEU D 75 -0.26 38.23 -20.32
C LEU D 75 -1.59 37.97 -19.60
N LEU D 76 -1.54 37.78 -18.28
CA LEU D 76 -2.78 37.56 -17.54
C LEU D 76 -3.75 38.72 -17.73
N TYR D 77 -3.26 39.96 -17.65
CA TYR D 77 -4.16 41.09 -17.84
C TYR D 77 -4.78 41.10 -19.23
N THR D 78 -3.99 40.75 -20.26
CA THR D 78 -4.53 40.67 -21.62
C THR D 78 -5.69 39.67 -21.70
N MET D 79 -5.52 38.48 -21.10
CA MET D 79 -6.60 37.48 -21.10
C MET D 79 -7.83 37.94 -20.31
N LEU D 80 -7.64 38.64 -19.19
CA LEU D 80 -8.82 39.13 -18.46
C LEU D 80 -9.54 40.23 -19.23
N TYR D 81 -8.81 41.01 -20.03
CA TYR D 81 -9.46 41.96 -20.92
C TYR D 81 -10.25 41.23 -21.99
N LEU D 82 -9.62 40.26 -22.67
CA LEU D 82 -10.26 39.59 -23.80
C LEU D 82 -11.48 38.79 -23.38
N THR D 83 -11.45 38.19 -22.19
CA THR D 83 -12.58 37.42 -21.69
C THR D 83 -13.56 38.28 -20.89
N GLU D 84 -13.36 39.59 -20.87
CA GLU D 84 -14.27 40.54 -20.23
C GLU D 84 -14.53 40.16 -18.78
N GLN D 85 -13.45 39.96 -18.03
CA GLN D 85 -13.54 39.67 -16.61
C GLN D 85 -13.15 40.87 -15.74
N GLY D 86 -13.31 42.08 -16.27
CA GLY D 86 -13.27 43.28 -15.44
C GLY D 86 -12.15 44.26 -15.73
N LEU D 87 -11.29 44.04 -16.73
CA LEU D 87 -10.28 45.01 -17.11
C LEU D 87 -10.64 45.62 -18.46
N SER D 88 -10.53 46.93 -18.54
CA SER D 88 -10.74 47.65 -19.78
C SER D 88 -9.40 47.90 -20.46
N MET D 89 -9.44 48.37 -21.70
CA MET D 89 -8.18 48.66 -22.37
C MET D 89 -7.47 49.83 -21.68
N GLU D 90 -8.23 50.73 -21.05
CA GLU D 90 -7.60 51.79 -20.28
C GLU D 90 -6.87 51.22 -19.07
N ASP D 91 -7.45 50.20 -18.43
CA ASP D 91 -6.74 49.53 -17.35
C ASP D 91 -5.42 48.95 -17.85
N LEU D 92 -5.43 48.35 -19.04
CA LEU D 92 -4.19 47.76 -19.57
C LEU D 92 -3.15 48.85 -19.79
N LYS D 93 -3.58 50.00 -20.29
CA LYS D 93 -2.66 51.12 -20.53
C LYS D 93 -2.19 51.76 -19.23
N SER D 94 -2.77 51.38 -18.09
CA SER D 94 -2.34 51.87 -16.79
C SER D 94 -1.46 50.85 -16.06
N PHE D 95 -0.92 49.87 -16.78
CA PHE D 95 0.01 48.89 -16.23
C PHE D 95 1.08 49.57 -15.40
N ARG D 96 1.26 49.09 -14.16
CA ARG D 96 2.31 49.56 -13.26
C ARG D 96 2.18 51.03 -12.87
N GLN D 97 0.99 51.61 -12.96
CA GLN D 97 0.79 52.99 -12.53
C GLN D 97 0.07 53.06 -11.20
N PHE D 98 0.33 54.13 -10.45
CA PHE D 98 -0.25 54.28 -9.13
C PHE D 98 -1.77 54.09 -9.16
N GLY D 99 -2.27 53.20 -8.31
CA GLY D 99 -3.69 53.01 -8.14
C GLY D 99 -4.39 52.25 -9.25
N SER D 100 -3.65 51.69 -10.20
CA SER D 100 -4.26 50.97 -11.29
C SER D 100 -4.67 49.55 -10.87
N LEU D 101 -5.54 48.94 -11.69
CA LEU D 101 -5.95 47.56 -11.51
C LEU D 101 -4.97 46.58 -12.12
N THR D 102 -3.85 47.08 -12.68
CA THR D 102 -2.89 46.24 -13.40
C THR D 102 -1.48 46.42 -12.83
N PRO D 103 -1.26 46.05 -11.58
CA PRO D 103 0.09 46.18 -11.00
C PRO D 103 1.07 45.22 -11.65
N GLY D 104 2.37 45.52 -11.46
CA GLY D 104 3.42 44.80 -12.18
C GLY D 104 3.48 43.33 -11.84
N HIS D 105 3.07 42.96 -10.63
CA HIS D 105 2.84 41.57 -10.31
C HIS D 105 1.42 41.42 -9.81
N PRO D 106 0.74 40.32 -10.11
CA PRO D 106 -0.70 40.27 -9.89
C PRO D 106 -1.01 40.21 -8.40
N GLU D 107 -2.05 40.94 -8.00
CA GLU D 107 -2.51 41.03 -6.62
C GLU D 107 -3.97 40.65 -6.57
N ASN D 108 -4.31 39.61 -5.81
CA ASN D 108 -5.71 39.16 -5.80
C ASN D 108 -6.63 40.17 -5.14
N HIS D 109 -6.12 40.96 -4.17
CA HIS D 109 -6.94 41.95 -3.49
C HIS D 109 -7.31 43.12 -4.38
N ILE D 110 -6.53 43.36 -5.42
CA ILE D 110 -6.76 44.48 -6.34
C ILE D 110 -7.65 44.08 -7.51
N THR D 111 -7.44 42.91 -8.10
CA THR D 111 -7.96 42.60 -9.44
C THR D 111 -8.89 41.39 -9.43
N LYS D 112 -10.10 41.59 -9.96
CA LYS D 112 -11.01 40.46 -10.21
C LYS D 112 -10.36 39.48 -11.17
N GLY D 113 -10.59 38.19 -10.92
CA GLY D 113 -10.01 37.18 -11.79
C GLY D 113 -8.58 36.84 -11.48
N VAL D 114 -7.96 37.55 -10.53
CA VAL D 114 -6.65 37.19 -10.00
C VAL D 114 -6.90 36.47 -8.69
N GLU D 115 -6.50 35.20 -8.59
CA GLU D 115 -6.89 34.36 -7.47
C GLU D 115 -5.95 34.45 -6.29
N VAL D 116 -4.65 34.60 -6.53
CA VAL D 116 -3.64 34.74 -5.48
C VAL D 116 -2.66 35.82 -5.93
N THR D 117 -1.84 36.28 -4.99
CA THR D 117 -0.81 37.26 -5.29
C THR D 117 0.50 36.54 -5.57
N THR D 118 1.09 36.80 -6.73
CA THR D 118 2.33 36.15 -7.13
C THR D 118 3.35 37.24 -7.48
N GLY D 119 4.53 36.82 -7.93
CA GLY D 119 5.65 37.72 -7.98
C GLY D 119 6.84 37.13 -7.25
N PRO D 120 6.66 36.79 -5.98
CA PRO D 120 7.68 35.99 -5.25
C PRO D 120 7.63 34.56 -5.77
N LEU D 121 8.71 34.10 -6.37
CA LEU D 121 8.62 32.87 -7.15
C LEU D 121 8.35 31.63 -6.30
N GLY D 122 7.69 30.65 -6.92
CA GLY D 122 7.33 29.41 -6.27
C GLY D 122 6.04 29.46 -5.50
N GLN D 123 5.56 30.65 -5.14
CA GLN D 123 4.35 30.75 -4.30
C GLN D 123 3.10 30.30 -5.07
N GLY D 124 2.91 30.79 -6.29
CA GLY D 124 1.68 30.49 -7.01
C GLY D 124 1.51 29.00 -7.25
N ALA D 125 2.56 28.33 -7.72
CA ALA D 125 2.49 26.89 -7.93
C ALA D 125 2.19 26.16 -6.64
N SER D 126 2.72 26.66 -5.52
CA SER D 126 2.45 26.03 -4.23
C SER D 126 1.02 26.30 -3.77
N ASN D 127 0.54 27.52 -3.94
CA ASN D 127 -0.87 27.84 -3.70
C ASN D 127 -1.78 26.90 -4.48
N ALA D 128 -1.39 26.60 -5.73
CA ALA D 128 -2.20 25.72 -6.59
C ALA D 128 -2.36 24.33 -5.98
N VAL D 129 -1.35 23.84 -5.26
CA VAL D 129 -1.50 22.56 -4.56
C VAL D 129 -2.60 22.63 -3.52
N GLY D 130 -2.66 23.74 -2.78
CA GLY D 130 -3.74 23.91 -1.81
C GLY D 130 -5.11 24.00 -2.46
N MET D 131 -5.20 24.69 -3.60
CA MET D 131 -6.45 24.77 -4.33
C MET D 131 -6.87 23.39 -4.83
N ALA D 132 -5.90 22.57 -5.24
CA ALA D 132 -6.24 21.22 -5.70
C ALA D 132 -6.77 20.37 -4.55
N ILE D 133 -6.20 20.51 -3.35
CA ILE D 133 -6.76 19.80 -2.20
C ILE D 133 -8.22 20.19 -2.00
N ALA D 134 -8.51 21.50 -2.09
CA ALA D 134 -9.90 21.97 -1.94
C ALA D 134 -10.81 21.35 -2.99
N ALA D 135 -10.37 21.37 -4.25
CA ALA D 135 -11.20 20.87 -5.34
C ALA D 135 -11.50 19.38 -5.18
N HIS D 136 -10.51 18.59 -4.74
CA HIS D 136 -10.76 17.18 -4.46
C HIS D 136 -11.66 17.00 -3.25
N ASN D 137 -11.42 17.77 -2.20
CA ASN D 137 -12.18 17.62 -0.97
C ASN D 137 -13.68 17.90 -1.18
N LEU D 138 -13.99 18.98 -1.89
CA LEU D 138 -15.39 19.37 -2.01
C LEU D 138 -16.13 18.46 -2.97
N ALA D 139 -15.46 17.96 -3.99
CA ALA D 139 -16.08 16.95 -4.84
C ALA D 139 -16.48 15.74 -4.01
N ASP D 140 -15.57 15.26 -3.16
CA ASP D 140 -15.87 14.08 -2.36
C ASP D 140 -16.96 14.39 -1.34
N LYS D 141 -16.91 15.56 -0.72
CA LYS D 141 -17.85 15.87 0.36
C LYS D 141 -19.28 16.07 -0.15
N TYR D 142 -19.45 16.75 -1.29
CA TYR D 142 -20.77 17.26 -1.63
C TYR D 142 -21.40 16.67 -2.89
N ASN D 143 -20.63 16.11 -3.83
CA ASN D 143 -21.24 15.64 -5.05
C ASN D 143 -22.14 14.44 -4.80
N THR D 144 -23.25 14.37 -5.53
CA THR D 144 -24.08 13.18 -5.60
C THR D 144 -23.81 12.48 -6.92
N GLU D 145 -24.48 11.34 -7.14
CA GLU D 145 -24.36 10.68 -8.43
C GLU D 145 -24.79 11.61 -9.56
N GLU D 146 -25.88 12.36 -9.34
N GLU D 146 -25.87 12.36 -9.35
CA GLU D 146 -26.49 13.21 -10.36
CA GLU D 146 -26.47 13.21 -10.37
C GLU D 146 -25.89 14.61 -10.40
C GLU D 146 -25.85 14.60 -10.41
N HIS D 147 -25.50 15.15 -9.26
CA HIS D 147 -25.09 16.55 -9.14
C HIS D 147 -23.59 16.65 -8.88
N LYS D 148 -22.84 16.99 -9.92
CA LYS D 148 -21.41 17.28 -9.77
C LYS D 148 -21.27 18.78 -9.49
N ILE D 149 -21.61 19.15 -8.26
CA ILE D 149 -21.52 20.56 -7.83
C ILE D 149 -20.11 21.08 -7.99
N PHE D 150 -19.14 20.32 -7.50
CA PHE D 150 -17.72 20.66 -7.59
C PHE D 150 -17.05 19.66 -8.52
N ASP D 151 -16.71 20.12 -9.71
CA ASP D 151 -15.98 19.26 -10.60
C ASP D 151 -15.10 20.21 -11.41
N ASN D 152 -14.06 20.75 -10.76
CA ASN D 152 -13.22 21.73 -11.39
C ASN D 152 -11.75 21.35 -11.20
N TYR D 153 -10.92 22.00 -11.99
CA TYR D 153 -9.50 21.73 -12.08
C TYR D 153 -8.73 23.00 -11.78
N VAL D 154 -7.50 22.83 -11.31
CA VAL D 154 -6.60 23.93 -10.99
C VAL D 154 -5.51 23.97 -12.06
N TYR D 155 -5.42 25.11 -12.75
CA TYR D 155 -4.42 25.34 -13.80
C TYR D 155 -3.42 26.38 -13.33
N ALA D 156 -2.14 26.12 -13.57
CA ALA D 156 -1.11 27.07 -13.20
C ALA D 156 -0.06 27.07 -14.30
N ILE D 157 0.53 28.24 -14.51
CA ILE D 157 1.73 28.40 -15.32
C ILE D 157 2.88 28.76 -14.40
N CYS D 158 4.03 28.15 -14.63
CA CYS D 158 5.24 28.54 -13.91
C CYS D 158 6.43 28.55 -14.88
N GLY D 159 7.53 29.14 -14.43
CA GLY D 159 8.77 29.17 -15.17
C GLY D 159 9.89 28.43 -14.45
N ASP D 160 11.13 28.64 -14.89
CA ASP D 160 12.27 27.96 -14.29
C ASP D 160 12.49 28.38 -12.84
N GLY D 161 12.19 29.63 -12.51
CA GLY D 161 12.40 30.11 -11.15
C GLY D 161 11.56 29.37 -10.14
N CYS D 162 10.27 29.15 -10.45
CA CYS D 162 9.40 28.41 -9.54
C CYS D 162 9.88 26.99 -9.34
N MET D 163 10.47 26.38 -10.39
CA MET D 163 10.96 25.01 -10.31
C MET D 163 12.23 24.87 -9.47
N GLN D 164 12.89 25.98 -9.14
CA GLN D 164 14.07 25.96 -8.29
C GLN D 164 13.76 26.28 -6.82
N GLU D 165 12.64 26.92 -6.53
CA GLU D 165 12.35 27.35 -5.17
C GLU D 165 11.90 26.22 -4.26
N GLY D 166 12.45 26.23 -3.04
CA GLY D 166 12.13 25.20 -2.08
C GLY D 166 10.67 25.12 -1.69
N VAL D 167 9.97 26.26 -1.69
CA VAL D 167 8.57 26.22 -1.26
C VAL D 167 7.77 25.32 -2.20
N PHE D 168 8.03 25.41 -3.51
CA PHE D 168 7.35 24.53 -4.45
C PHE D 168 7.95 23.13 -4.49
N CYS D 169 9.25 22.97 -4.18
CA CYS D 169 9.76 21.62 -3.99
C CYS D 169 8.94 20.90 -2.92
N GLU D 170 8.63 21.62 -1.84
CA GLU D 170 7.86 21.02 -0.75
C GLU D 170 6.43 20.74 -1.20
N ALA D 171 5.76 21.75 -1.79
CA ALA D 171 4.36 21.57 -2.15
C ALA D 171 4.19 20.49 -3.23
N ALA D 172 5.14 20.40 -4.17
CA ALA D 172 5.01 19.41 -5.23
C ALA D 172 5.14 18.00 -4.69
N SER D 173 5.99 17.81 -3.68
CA SER D 173 6.12 16.51 -3.02
C SER D 173 4.79 16.09 -2.40
N LEU D 174 4.14 17.02 -1.68
CA LEU D 174 2.84 16.71 -1.09
C LEU D 174 1.77 16.44 -2.17
N ALA D 175 1.78 17.20 -3.27
CA ALA D 175 0.78 17.01 -4.31
C ALA D 175 0.85 15.61 -4.90
N GLY D 176 2.06 15.13 -5.16
CA GLY D 176 2.20 13.76 -5.65
C GLY D 176 1.84 12.75 -4.58
N HIS D 177 2.22 13.01 -3.33
CA HIS D 177 1.86 12.08 -2.27
C HIS D 177 0.34 11.96 -2.14
N LEU D 178 -0.37 13.08 -2.30
CA LEU D 178 -1.82 13.06 -2.17
C LEU D 178 -2.54 12.67 -3.47
N GLY D 179 -1.82 12.49 -4.58
CA GLY D 179 -2.46 12.09 -5.82
C GLY D 179 -3.46 13.11 -6.36
N LEU D 180 -3.08 14.39 -6.37
CA LEU D 180 -4.02 15.46 -6.75
C LEU D 180 -4.13 15.61 -8.26
N GLY D 181 -4.87 14.68 -8.88
CA GLY D 181 -5.04 14.73 -10.33
C GLY D 181 -5.82 15.94 -10.86
N ARG D 182 -6.47 16.70 -10.00
CA ARG D 182 -7.13 17.91 -10.51
C ARG D 182 -6.16 19.06 -10.72
N LEU D 183 -4.87 18.87 -10.43
CA LEU D 183 -3.86 19.90 -10.63
C LEU D 183 -3.16 19.68 -11.97
N ILE D 184 -3.15 20.72 -12.81
CA ILE D 184 -2.43 20.75 -14.09
C ILE D 184 -1.46 21.94 -14.05
N LEU D 185 -0.16 21.66 -14.09
CA LEU D 185 0.87 22.70 -14.05
C LEU D 185 1.57 22.74 -15.41
N LEU D 186 1.53 23.89 -16.06
CA LEU D 186 2.22 24.10 -17.33
C LEU D 186 3.50 24.87 -17.07
N TYR D 187 4.62 24.23 -17.36
CA TYR D 187 5.95 24.76 -17.08
C TYR D 187 6.53 25.35 -18.36
N ASP D 188 6.84 26.65 -18.33
CA ASP D 188 7.43 27.38 -19.45
C ASP D 188 8.92 27.08 -19.45
N ASP D 189 9.27 26.01 -20.16
CA ASP D 189 10.65 25.50 -20.27
C ASP D 189 11.36 26.27 -21.37
N ASN D 190 11.89 27.44 -21.02
CA ASN D 190 12.44 28.34 -22.02
C ASN D 190 13.96 28.51 -21.93
N LYS D 191 14.63 27.76 -21.06
CA LYS D 191 16.10 27.74 -20.92
C LYS D 191 16.69 29.08 -20.51
N ILE D 192 15.89 29.97 -19.94
CA ILE D 192 16.29 31.33 -19.62
C ILE D 192 15.88 31.66 -18.20
N THR D 193 16.78 32.29 -17.43
CA THR D 193 16.39 33.02 -16.22
C THR D 193 17.06 34.39 -16.29
N ILE D 194 17.08 35.17 -15.20
CA ILE D 194 17.59 36.54 -15.33
C ILE D 194 19.09 36.55 -15.65
N ASP D 195 19.88 35.71 -14.96
CA ASP D 195 21.33 35.74 -15.19
C ASP D 195 21.75 35.21 -16.57
N GLY D 196 20.89 34.47 -17.23
CA GLY D 196 21.26 33.93 -18.55
C GLY D 196 20.65 32.55 -18.75
N ASN D 197 21.38 31.72 -19.49
CA ASN D 197 20.93 30.36 -19.77
C ASN D 197 20.75 29.59 -18.47
N THR D 198 19.74 28.73 -18.43
CA THR D 198 19.56 27.89 -17.24
C THR D 198 20.77 27.00 -16.98
N ASP D 199 21.58 26.70 -18.01
N ASP D 199 21.56 26.71 -18.02
CA ASP D 199 22.74 25.84 -17.78
CA ASP D 199 22.77 25.90 -17.87
C ASP D 199 23.75 26.49 -16.85
C ASP D 199 23.73 26.49 -16.84
N LEU D 200 23.58 27.77 -16.50
CA LEU D 200 24.45 28.38 -15.50
C LEU D 200 24.25 27.77 -14.12
N SER D 201 23.03 27.32 -13.80
CA SER D 201 22.71 26.97 -12.42
C SER D 201 21.67 25.86 -12.26
N PHE D 202 21.07 25.40 -13.34
CA PHE D 202 19.84 24.59 -13.23
C PHE D 202 19.81 23.59 -14.37
N THR D 203 20.22 22.33 -14.09
CA THR D 203 20.34 21.30 -15.13
C THR D 203 19.69 19.98 -14.71
N GLU D 204 18.76 20.01 -13.76
CA GLU D 204 18.06 18.80 -13.35
C GLU D 204 17.28 18.18 -14.51
N ASN D 205 17.04 16.87 -14.38
CA ASN D 205 16.16 16.13 -15.28
C ASN D 205 14.76 16.26 -14.69
N ILE D 206 14.07 17.32 -15.07
CA ILE D 206 12.77 17.65 -14.48
C ILE D 206 11.78 16.50 -14.64
N GLU D 207 11.72 15.91 -15.84
CA GLU D 207 10.77 14.80 -16.05
C GLU D 207 11.03 13.66 -15.08
N LYS D 208 12.28 13.20 -14.97
CA LYS D 208 12.58 12.10 -14.06
C LYS D 208 12.31 12.50 -12.61
N LYS D 209 12.64 13.74 -12.25
CA LYS D 209 12.42 14.19 -10.88
C LYS D 209 10.93 14.18 -10.52
N PHE D 210 10.07 14.71 -11.39
CA PHE D 210 8.66 14.78 -11.05
C PHE D 210 7.99 13.40 -11.10
N GLU D 211 8.47 12.50 -11.95
CA GLU D 211 7.96 11.13 -11.87
C GLU D 211 8.31 10.50 -10.51
N ALA D 212 9.50 10.80 -9.99
CA ALA D 212 9.87 10.29 -8.67
C ALA D 212 9.00 10.86 -7.57
N LEU D 213 8.41 12.04 -7.78
CA LEU D 213 7.47 12.64 -6.85
C LEU D 213 6.03 12.14 -7.03
N ASN D 214 5.79 11.17 -7.92
CA ASN D 214 4.47 10.65 -8.24
C ASN D 214 3.63 11.62 -9.06
N TRP D 215 4.26 12.53 -9.82
CA TRP D 215 3.53 13.30 -10.82
C TRP D 215 3.53 12.52 -12.12
N GLU D 216 2.51 12.76 -12.95
CA GLU D 216 2.57 12.38 -14.35
C GLU D 216 3.21 13.54 -15.12
N VAL D 217 4.06 13.22 -16.11
CA VAL D 217 4.80 14.25 -16.84
C VAL D 217 4.49 14.11 -18.32
N ARG D 218 4.12 15.24 -18.95
CA ARG D 218 3.88 15.30 -20.37
C ARG D 218 4.74 16.40 -20.98
N ARG D 219 4.88 16.36 -22.30
CA ARG D 219 5.78 17.28 -22.99
C ARG D 219 5.14 17.86 -24.23
N VAL D 220 5.47 19.11 -24.51
CA VAL D 220 5.14 19.78 -25.77
C VAL D 220 6.47 20.29 -26.34
N GLU D 221 6.91 19.70 -27.45
CA GLU D 221 8.22 20.04 -28.00
C GLU D 221 8.23 21.42 -28.65
N ASP D 222 7.16 21.81 -29.31
CA ASP D 222 7.07 23.14 -29.93
C ASP D 222 5.95 23.94 -29.25
N GLY D 223 6.25 24.55 -28.12
CA GLY D 223 5.22 25.34 -27.46
C GLY D 223 4.96 26.69 -28.07
N ASN D 224 5.75 27.10 -29.08
CA ASN D 224 5.51 28.37 -29.73
C ASN D 224 4.38 28.27 -30.75
N LYS D 225 4.27 27.12 -31.41
CA LYS D 225 3.34 26.99 -32.53
C LYS D 225 2.36 25.82 -32.43
N ASP D 226 2.66 24.78 -31.66
CA ASP D 226 1.83 23.59 -31.60
C ASP D 226 0.80 23.71 -30.48
N TYR D 227 -0.14 24.63 -30.69
CA TYR D 227 -1.18 24.82 -29.67
C TYR D 227 -2.12 23.62 -29.59
N LYS D 228 -2.29 22.84 -30.67
CA LYS D 228 -3.12 21.65 -30.53
C LYS D 228 -2.48 20.63 -29.59
N LYS D 229 -1.15 20.55 -29.58
CA LYS D 229 -0.48 19.64 -28.66
C LYS D 229 -0.61 20.10 -27.21
N ILE D 230 -0.53 21.41 -26.98
CA ILE D 230 -0.79 21.93 -25.63
C ILE D 230 -2.16 21.47 -25.17
N LEU D 231 -3.17 21.71 -26.01
CA LEU D 231 -4.54 21.30 -25.68
C LEU D 231 -4.63 19.79 -25.45
N HIS D 232 -4.02 19.00 -26.32
CA HIS D 232 -4.09 17.55 -26.19
C HIS D 232 -3.47 17.07 -24.88
N GLU D 233 -2.31 17.61 -24.51
CA GLU D 233 -1.67 17.12 -23.29
C GLU D 233 -2.45 17.53 -22.06
N ILE D 234 -3.05 18.73 -22.06
CA ILE D 234 -3.91 19.13 -20.94
C ILE D 234 -5.09 18.16 -20.81
N GLU D 235 -5.77 17.87 -21.94
CA GLU D 235 -6.94 17.02 -21.87
C GLU D 235 -6.59 15.61 -21.39
N GLN D 236 -5.46 15.07 -21.84
CA GLN D 236 -5.02 13.77 -21.34
C GLN D 236 -4.64 13.84 -19.86
N GLY D 237 -3.97 14.91 -19.45
CA GLY D 237 -3.62 15.05 -18.04
C GLY D 237 -4.84 15.05 -17.14
N LYS D 238 -5.93 15.70 -17.57
CA LYS D 238 -7.14 15.71 -16.76
C LYS D 238 -7.72 14.30 -16.57
N LYS D 239 -7.52 13.41 -17.55
CA LYS D 239 -8.08 12.06 -17.44
C LYS D 239 -7.38 11.23 -16.38
N ASN D 240 -6.15 11.58 -16.03
CA ASN D 240 -5.43 10.91 -14.94
C ASN D 240 -5.73 11.65 -13.64
N LEU D 241 -6.79 11.20 -12.95
CA LEU D 241 -7.17 11.88 -11.72
C LEU D 241 -6.34 11.44 -10.51
N GLN D 242 -5.47 10.44 -10.67
CA GLN D 242 -4.69 9.91 -9.55
C GLN D 242 -3.31 10.56 -9.41
N GLN D 243 -2.88 11.38 -10.36
CA GLN D 243 -1.61 12.07 -10.23
C GLN D 243 -1.72 13.49 -10.76
N PRO D 244 -1.09 14.44 -10.08
CA PRO D 244 -0.96 15.79 -10.64
C PRO D 244 -0.13 15.69 -11.91
N THR D 245 -0.42 16.56 -12.86
CA THR D 245 0.21 16.51 -14.17
C THR D 245 1.07 17.74 -14.40
N LEU D 246 2.34 17.49 -14.73
CA LEU D 246 3.27 18.54 -15.16
C LEU D 246 3.37 18.47 -16.67
N ILE D 247 3.09 19.58 -17.35
CA ILE D 247 3.29 19.68 -18.79
C ILE D 247 4.48 20.60 -19.05
N ILE D 248 5.57 20.00 -19.52
CA ILE D 248 6.79 20.72 -19.88
C ILE D 248 6.60 21.28 -21.28
N VAL D 249 6.45 22.59 -21.38
CA VAL D 249 6.17 23.28 -22.64
C VAL D 249 7.42 24.03 -23.05
N ARG D 250 8.08 23.54 -24.10
CA ARG D 250 9.28 24.21 -24.58
C ARG D 250 8.86 25.44 -25.38
N THR D 251 9.30 26.63 -24.95
CA THR D 251 8.99 27.87 -25.65
C THR D 251 10.28 28.65 -25.83
N ALA D 252 10.21 29.66 -26.71
CA ALA D 252 11.27 30.65 -26.82
C ALA D 252 10.77 31.93 -26.14
N CYS D 253 11.51 32.38 -25.13
CA CYS D 253 11.23 33.68 -24.51
C CYS D 253 11.31 34.77 -25.57
N GLY D 254 10.27 35.60 -25.66
CA GLY D 254 10.26 36.62 -26.69
C GLY D 254 10.14 36.10 -28.12
N PHE D 255 9.49 34.94 -28.30
CA PHE D 255 9.34 34.32 -29.61
C PHE D 255 8.90 35.30 -30.70
N GLY D 256 9.58 35.27 -31.84
CA GLY D 256 9.19 36.10 -32.97
C GLY D 256 9.73 37.52 -32.95
N THR D 257 10.51 37.90 -31.95
CA THR D 257 11.01 39.26 -31.81
C THR D 257 12.53 39.24 -31.87
N LYS D 258 13.13 40.44 -31.90
CA LYS D 258 14.59 40.51 -32.06
C LYS D 258 15.33 39.94 -30.86
N VAL D 259 14.70 39.88 -29.69
CA VAL D 259 15.35 39.39 -28.48
C VAL D 259 15.04 37.91 -28.22
N GLU D 260 14.39 37.22 -29.16
CA GLU D 260 14.02 35.82 -28.97
C GLU D 260 15.18 34.97 -28.44
N GLY D 261 14.96 34.30 -27.31
CA GLY D 261 15.87 33.31 -26.78
C GLY D 261 17.08 33.85 -26.04
N THR D 262 17.14 35.13 -25.75
CA THR D 262 18.24 35.70 -25.01
C THR D 262 17.74 36.14 -23.64
N CYS D 263 18.65 36.18 -22.66
CA CYS D 263 18.19 36.52 -21.32
C CYS D 263 17.73 37.97 -21.21
N LYS D 264 18.16 38.84 -22.13
CA LYS D 264 17.59 40.18 -22.21
C LYS D 264 16.09 40.14 -22.47
N SER D 265 15.59 39.08 -23.11
CA SER D 265 14.15 38.99 -23.37
C SER D 265 13.33 38.91 -22.09
N HIS D 266 13.96 38.54 -20.97
CA HIS D 266 13.21 38.38 -19.72
C HIS D 266 12.46 39.66 -19.35
N GLY D 267 13.08 40.82 -19.56
CA GLY D 267 12.52 42.08 -19.10
C GLY D 267 11.99 42.95 -20.21
N LEU D 268 12.41 44.22 -20.21
CA LEU D 268 11.92 45.22 -21.15
C LEU D 268 13.05 45.48 -22.15
N ALA D 269 12.98 44.82 -23.31
CA ALA D 269 14.03 44.96 -24.29
C ALA D 269 13.47 45.21 -25.70
N LEU D 270 12.17 45.42 -25.83
CA LEU D 270 11.53 45.65 -27.12
C LEU D 270 10.92 47.04 -27.10
N ASN D 271 11.43 47.94 -27.95
CA ASN D 271 10.91 49.29 -28.04
C ASN D 271 9.84 49.40 -29.13
N ASP D 272 9.39 50.63 -29.39
CA ASP D 272 8.34 50.87 -30.38
C ASP D 272 8.66 50.22 -31.71
N GLU D 273 9.88 50.44 -32.21
CA GLU D 273 10.23 49.92 -33.53
C GLU D 273 10.29 48.40 -33.52
N ASP D 274 10.77 47.82 -32.42
CA ASP D 274 10.88 46.37 -32.34
C ASP D 274 9.50 45.71 -32.42
N LEU D 275 8.51 46.34 -31.78
CA LEU D 275 7.16 45.78 -31.81
C LEU D 275 6.49 45.96 -33.17
N LYS D 276 6.83 47.04 -33.89
CA LYS D 276 6.38 47.13 -35.27
C LYS D 276 6.96 45.99 -36.09
N ASN D 277 8.27 45.73 -35.94
CA ASN D 277 8.89 44.64 -36.68
C ASN D 277 8.28 43.29 -36.32
N ALA D 278 7.96 43.08 -35.03
CA ALA D 278 7.35 41.82 -34.64
C ALA D 278 5.94 41.69 -35.19
N LYS D 279 5.18 42.78 -35.18
CA LYS D 279 3.84 42.75 -35.75
C LYS D 279 3.90 42.37 -37.23
N SER D 280 4.82 43.00 -37.97
CA SER D 280 5.01 42.63 -39.38
C SER D 280 5.41 41.16 -39.52
N PHE D 281 6.27 40.67 -38.63
CA PHE D 281 6.68 39.26 -38.68
C PHE D 281 5.48 38.33 -38.58
N PHE D 282 4.49 38.70 -37.77
CA PHE D 282 3.29 37.89 -37.58
C PHE D 282 2.15 38.26 -38.52
N GLY D 283 2.39 39.11 -39.51
CA GLY D 283 1.33 39.51 -40.41
C GLY D 283 0.29 40.44 -39.81
N LEU D 284 0.63 41.15 -38.74
CA LEU D 284 -0.29 42.11 -38.13
C LEU D 284 0.07 43.52 -38.59
N ASP D 285 -0.86 44.44 -38.40
CA ASP D 285 -0.63 45.83 -38.80
C ASP D 285 0.32 46.54 -37.85
N PRO D 286 1.54 46.87 -38.27
CA PRO D 286 2.48 47.52 -37.34
C PRO D 286 2.09 48.93 -36.95
N GLN D 287 1.18 49.57 -37.67
CA GLN D 287 0.81 50.96 -37.36
C GLN D 287 -0.29 51.06 -36.32
N LYS D 288 -0.84 49.94 -35.85
CA LYS D 288 -1.96 49.96 -34.91
C LYS D 288 -1.45 49.53 -33.54
N LYS D 289 -1.55 50.42 -32.55
CA LYS D 289 -1.08 50.15 -31.20
C LYS D 289 -2.26 49.80 -30.30
N PHE D 290 -2.00 48.90 -29.35
CA PHE D 290 -3.03 48.44 -28.42
C PHE D 290 -4.26 47.99 -29.19
N HIS D 291 -4.03 47.13 -30.17
CA HIS D 291 -5.03 46.77 -31.17
C HIS D 291 -5.36 45.30 -31.09
N ILE D 292 -6.66 44.99 -31.07
CA ILE D 292 -7.19 43.64 -31.29
C ILE D 292 -8.14 43.71 -32.48
N SER D 293 -7.94 42.82 -33.45
CA SER D 293 -8.72 42.87 -34.67
C SER D 293 -10.15 42.39 -34.44
N ASP D 294 -11.04 42.78 -35.36
CA ASP D 294 -12.45 42.38 -35.25
C ASP D 294 -12.60 40.87 -35.19
N GLU D 295 -11.81 40.13 -35.98
CA GLU D 295 -11.93 38.67 -36.01
C GLU D 295 -11.53 38.07 -34.67
N VAL D 296 -10.47 38.59 -34.04
CA VAL D 296 -10.08 38.09 -32.73
C VAL D 296 -11.11 38.48 -31.67
N LYS D 297 -11.61 39.72 -31.72
CA LYS D 297 -12.67 40.11 -30.79
C LYS D 297 -13.89 39.21 -30.93
N GLU D 298 -14.29 38.92 -32.17
CA GLU D 298 -15.44 38.06 -32.40
C GLU D 298 -15.18 36.64 -31.90
N PHE D 299 -13.96 36.13 -32.07
CA PHE D 299 -13.62 34.81 -31.54
C PHE D 299 -13.78 34.77 -30.03
N TYR D 300 -13.22 35.77 -29.31
CA TYR D 300 -13.33 35.74 -27.86
C TYR D 300 -14.76 36.05 -27.39
N LYS D 301 -15.53 36.81 -28.16
CA LYS D 301 -16.93 37.00 -27.81
C LYS D 301 -17.68 35.66 -27.84
N ASN D 302 -17.37 34.80 -28.83
CA ASN D 302 -17.93 33.46 -28.88
C ASN D 302 -17.43 32.58 -27.74
N VAL D 303 -16.15 32.70 -27.38
CA VAL D 303 -15.62 31.98 -26.22
C VAL D 303 -16.46 32.27 -24.99
N ILE D 304 -16.64 33.57 -24.68
CA ILE D 304 -17.38 33.99 -23.50
C ILE D 304 -18.80 33.42 -23.51
N GLN D 305 -19.43 33.41 -24.69
CA GLN D 305 -20.78 32.86 -24.83
C GLN D 305 -20.83 31.37 -24.51
N LYS D 306 -19.87 30.60 -25.02
CA LYS D 306 -19.84 29.18 -24.71
C LYS D 306 -19.57 28.95 -23.22
N LYS D 307 -18.75 29.79 -22.58
CA LYS D 307 -18.54 29.62 -21.15
C LYS D 307 -19.82 29.88 -20.36
N LYS D 308 -20.60 30.89 -20.78
CA LYS D 308 -21.87 31.18 -20.11
C LYS D 308 -22.87 30.04 -20.29
N GLU D 309 -22.92 29.43 -21.48
CA GLU D 309 -23.78 28.27 -21.69
C GLU D 309 -23.46 27.15 -20.70
N ASN D 310 -22.17 26.88 -20.50
CA ASN D 310 -21.78 25.85 -19.54
C ASN D 310 -22.19 26.25 -18.13
N TYR D 311 -21.98 27.52 -17.78
CA TYR D 311 -22.36 27.99 -16.46
C TYR D 311 -23.85 27.78 -16.22
N ILE D 312 -24.67 28.07 -17.24
CA ILE D 312 -26.13 27.93 -17.12
C ILE D 312 -26.52 26.48 -16.86
N LYS D 313 -25.88 25.52 -17.55
CA LYS D 313 -26.10 24.11 -17.24
C LYS D 313 -25.79 23.82 -15.78
N TRP D 314 -24.65 24.33 -15.28
CA TRP D 314 -24.31 24.11 -13.87
C TRP D 314 -25.33 24.74 -12.94
N LYS D 315 -25.71 26.00 -13.19
CA LYS D 315 -26.65 26.70 -12.32
C LYS D 315 -27.98 25.97 -12.25
N ASN D 316 -28.49 25.48 -13.37
CA ASN D 316 -29.72 24.71 -13.33
C ASN D 316 -29.54 23.42 -12.52
N MET D 317 -28.37 22.80 -12.62
CA MET D 317 -28.18 21.59 -11.86
C MET D 317 -28.04 21.92 -10.36
N PHE D 318 -27.39 23.04 -10.03
CA PHE D 318 -27.30 23.47 -8.63
C PHE D 318 -28.67 23.81 -8.05
N ASP D 319 -29.52 24.47 -8.83
CA ASP D 319 -30.89 24.73 -8.39
C ASP D 319 -31.65 23.43 -8.12
N ASP D 320 -31.52 22.43 -9.00
CA ASP D 320 -32.14 21.11 -8.74
C ASP D 320 -31.61 20.52 -7.43
N PHE D 321 -30.29 20.53 -7.26
CA PHE D 321 -29.67 20.00 -6.04
C PHE D 321 -30.20 20.72 -4.80
N SER D 322 -30.37 22.04 -4.86
CA SER D 322 -30.75 22.81 -3.68
C SER D 322 -32.18 22.49 -3.24
N LEU D 323 -33.09 22.25 -4.19
CA LEU D 323 -34.42 21.75 -3.85
C LEU D 323 -34.37 20.38 -3.18
N LYS D 324 -33.50 19.49 -3.65
CA LYS D 324 -33.50 18.12 -3.11
C LYS D 324 -32.71 18.02 -1.82
N TYR D 325 -31.71 18.86 -1.63
CA TYR D 325 -30.82 18.79 -0.48
C TYR D 325 -30.69 20.19 0.12
N PRO D 326 -31.78 20.72 0.67
CA PRO D 326 -31.76 22.13 1.11
C PRO D 326 -30.70 22.41 2.18
N GLN D 327 -30.58 21.56 3.21
CA GLN D 327 -29.62 21.86 4.28
C GLN D 327 -28.17 21.79 3.78
N VAL D 328 -27.89 20.89 2.83
CA VAL D 328 -26.52 20.82 2.31
C VAL D 328 -26.22 22.04 1.45
N SER D 329 -27.17 22.43 0.59
CA SER D 329 -27.01 23.63 -0.22
C SER D 329 -26.79 24.87 0.65
N GLN D 330 -27.54 24.98 1.75
CA GLN D 330 -27.38 26.10 2.67
C GLN D 330 -25.98 26.15 3.27
N GLU D 331 -25.44 24.97 3.61
CA GLU D 331 -24.07 24.91 4.14
C GLU D 331 -23.06 25.37 3.09
N ILE D 332 -23.22 24.91 1.84
CA ILE D 332 -22.33 25.36 0.77
C ILE D 332 -22.39 26.86 0.62
N ILE D 333 -23.60 27.42 0.59
CA ILE D 333 -23.75 28.87 0.43
C ILE D 333 -23.08 29.59 1.61
N ARG D 334 -23.33 29.11 2.83
CA ARG D 334 -22.75 29.77 4.01
C ARG D 334 -21.23 29.76 3.95
N ARG D 335 -20.65 28.60 3.64
CA ARG D 335 -19.18 28.49 3.58
C ARG D 335 -18.60 29.44 2.54
N PHE D 336 -19.17 29.47 1.34
CA PHE D 336 -18.56 30.32 0.32
C PHE D 336 -18.88 31.80 0.50
N GLN D 337 -19.86 32.15 1.32
N GLN D 337 -19.85 32.15 1.34
CA GLN D 337 -20.09 33.54 1.68
CA GLN D 337 -20.09 33.53 1.69
C GLN D 337 -19.22 33.99 2.86
C GLN D 337 -19.22 33.99 2.86
N ASN D 338 -18.35 33.12 3.37
CA ASN D 338 -17.51 33.37 4.53
C ASN D 338 -18.31 33.58 5.82
N ASP D 339 -19.60 33.23 5.83
CA ASP D 339 -20.38 33.36 7.06
C ASP D 339 -20.06 32.27 8.06
N LEU D 340 -20.20 32.62 9.32
CA LEU D 340 -19.83 31.70 10.39
C LEU D 340 -21.02 30.88 10.83
N PRO D 341 -20.77 29.71 11.43
CA PRO D 341 -21.88 28.86 11.89
C PRO D 341 -22.72 29.56 12.96
N ASN D 342 -24.02 29.26 12.98
CA ASN D 342 -24.88 29.82 14.02
C ASN D 342 -24.39 29.45 15.42
N ASN D 343 -24.40 30.43 16.32
CA ASN D 343 -24.00 30.27 17.72
C ASN D 343 -22.57 29.76 17.87
N TRP D 344 -21.69 30.10 16.92
CA TRP D 344 -20.33 29.55 16.95
C TRP D 344 -19.57 29.94 18.21
N LYS D 345 -19.83 31.13 18.77
CA LYS D 345 -19.08 31.55 19.97
C LYS D 345 -19.40 30.69 21.19
N ASP D 346 -20.53 29.97 21.21
CA ASP D 346 -20.80 29.03 22.28
C ASP D 346 -19.80 27.89 22.33
N ALA D 347 -19.02 27.68 21.26
CA ALA D 347 -17.99 26.65 21.27
C ALA D 347 -16.69 27.09 21.93
N LEU D 348 -16.57 28.36 22.33
CA LEU D 348 -15.36 28.85 23.00
C LEU D 348 -15.44 28.63 24.50
N PRO D 349 -14.55 27.83 25.09
CA PRO D 349 -14.64 27.53 26.53
C PRO D 349 -14.34 28.73 27.41
N LYS D 350 -14.88 28.70 28.63
CA LYS D 350 -14.63 29.72 29.65
C LYS D 350 -13.98 29.08 30.88
N TYR D 351 -13.18 29.88 31.60
CA TYR D 351 -12.41 29.39 32.74
C TYR D 351 -12.44 30.43 33.86
N THR D 352 -12.13 29.98 35.07
CA THR D 352 -11.93 30.86 36.22
C THR D 352 -10.62 30.47 36.88
N PRO D 353 -10.09 31.31 37.77
CA PRO D 353 -8.86 30.94 38.48
C PRO D 353 -9.01 29.72 39.37
N LYS D 354 -10.24 29.23 39.56
CA LYS D 354 -10.42 27.97 40.27
C LYS D 354 -10.05 26.77 39.42
N ASP D 355 -10.03 26.90 38.10
CA ASP D 355 -9.69 25.77 37.25
C ASP D 355 -8.20 25.45 37.36
N ALA D 356 -7.86 24.19 37.04
CA ALA D 356 -6.48 23.75 37.15
C ALA D 356 -5.62 24.42 36.08
N PRO D 357 -4.34 24.65 36.38
CA PRO D 357 -3.44 25.25 35.39
C PRO D 357 -3.33 24.38 34.14
N GLY D 358 -3.09 25.04 33.01
CA GLY D 358 -2.93 24.34 31.74
C GLY D 358 -2.03 25.14 30.84
N ALA D 359 -1.31 24.45 29.96
CA ALA D 359 -0.44 25.14 29.01
C ALA D 359 -1.31 25.74 27.91
N THR D 360 -0.94 26.91 27.40
CA THR D 360 -1.85 27.48 26.40
C THR D 360 -1.86 26.65 25.12
N ARG D 361 -0.80 25.90 24.81
CA ARG D 361 -0.89 25.00 23.66
C ARG D 361 -2.00 23.97 23.86
N ASN D 362 -2.13 23.42 25.07
CA ASN D 362 -3.18 22.43 25.32
C ASN D 362 -4.55 23.09 25.31
N LEU D 363 -4.68 24.26 25.93
CA LEU D 363 -5.93 24.99 25.88
C LEU D 363 -6.34 25.28 24.44
N SER D 364 -5.36 25.60 23.59
CA SER D 364 -5.66 25.80 22.17
C SER D 364 -6.19 24.52 21.52
N GLY D 365 -5.58 23.37 21.84
CA GLY D 365 -6.10 22.10 21.33
C GLY D 365 -7.56 21.88 21.70
N ILE D 366 -7.93 22.25 22.93
CA ILE D 366 -9.32 22.12 23.35
C ILE D 366 -10.24 23.00 22.51
N VAL D 367 -9.84 24.25 22.25
CA VAL D 367 -10.66 25.11 21.41
C VAL D 367 -10.79 24.54 20.00
N LEU D 368 -9.66 24.15 19.41
CA LEU D 368 -9.67 23.60 18.06
C LEU D 368 -10.67 22.46 17.95
N ASN D 369 -10.60 21.52 18.90
CA ASN D 369 -11.51 20.38 18.83
C ASN D 369 -12.96 20.80 19.08
N SER D 370 -13.18 21.84 19.89
CA SER D 370 -14.54 22.30 20.11
C SER D 370 -15.13 22.95 18.87
N ILE D 371 -14.37 23.82 18.21
CA ILE D 371 -14.92 24.47 17.01
C ILE D 371 -14.93 23.49 15.84
N ASN D 372 -14.06 22.49 15.83
CA ASN D 372 -14.08 21.51 14.73
C ASN D 372 -15.46 20.87 14.61
N LYS D 373 -16.15 20.68 15.73
CA LYS D 373 -17.45 20.01 15.71
C LYS D 373 -18.51 20.80 14.96
N ILE D 374 -18.39 22.12 14.85
CA ILE D 374 -19.42 22.95 14.25
C ILE D 374 -18.95 23.72 13.03
N PHE D 375 -17.67 23.62 12.67
CA PHE D 375 -17.11 24.26 11.46
C PHE D 375 -16.83 23.16 10.44
N PRO D 376 -17.77 22.82 9.55
CA PRO D 376 -17.41 21.90 8.45
C PRO D 376 -16.29 22.45 7.59
N GLU D 377 -16.08 23.77 7.58
CA GLU D 377 -15.09 24.41 6.72
C GLU D 377 -13.70 24.48 7.36
N LEU D 378 -13.54 24.04 8.61
CA LEU D 378 -12.22 23.99 9.24
C LEU D 378 -11.36 22.91 8.57
N ILE D 379 -10.16 23.28 8.15
CA ILE D 379 -9.24 22.34 7.50
C ILE D 379 -7.82 22.72 7.90
N GLY D 380 -6.95 21.74 8.11
CA GLY D 380 -5.55 22.07 8.32
C GLY D 380 -4.79 20.97 9.06
N GLY D 381 -3.68 21.37 9.67
CA GLY D 381 -2.80 20.42 10.31
C GLY D 381 -1.47 21.05 10.67
N SER D 382 -0.52 20.20 11.03
CA SER D 382 0.78 20.62 11.51
C SER D 382 1.88 20.12 10.58
N ALA D 383 3.01 20.82 10.58
CA ALA D 383 4.19 20.34 9.86
C ALA D 383 4.96 19.33 10.72
N ASP D 384 4.40 18.13 10.83
CA ASP D 384 5.02 17.01 11.57
C ASP D 384 5.16 17.26 13.07
N LEU D 385 4.28 18.08 13.64
CA LEU D 385 4.32 18.37 15.08
C LEU D 385 2.93 18.35 15.66
N SER D 386 2.09 17.44 15.17
CA SER D 386 0.67 17.46 15.54
C SER D 386 0.48 17.35 17.05
N GLU D 387 1.19 16.42 17.70
CA GLU D 387 1.02 16.28 19.15
C GLU D 387 1.60 17.46 19.91
N SER D 388 2.83 17.89 19.58
CA SER D 388 3.44 18.99 20.31
C SER D 388 2.70 20.29 20.08
N ASN D 389 2.25 20.55 18.83
CA ASN D 389 1.48 21.74 18.52
C ASN D 389 0.04 21.67 19.03
N CYS D 390 -0.43 20.50 19.47
CA CYS D 390 -1.81 20.28 19.89
C CYS D 390 -2.81 20.61 18.78
N THR D 391 -2.51 20.18 17.54
CA THR D 391 -3.41 20.44 16.41
C THR D 391 -4.26 19.24 16.03
N SER D 392 -4.01 18.06 16.62
CA SER D 392 -4.76 16.86 16.25
C SER D 392 -6.26 17.05 16.51
N LEU D 393 -7.08 16.60 15.56
CA LEU D 393 -8.53 16.64 15.70
C LEU D 393 -9.05 15.24 16.02
N LYS D 394 -9.64 15.10 17.19
CA LYS D 394 -10.12 13.80 17.62
C LYS D 394 -11.27 13.33 16.72
N GLU D 395 -11.20 12.08 16.28
CA GLU D 395 -12.23 11.48 15.44
C GLU D 395 -12.35 12.18 14.08
N GLU D 396 -11.31 12.88 13.64
CA GLU D 396 -11.18 13.26 12.24
C GLU D 396 -10.14 12.36 11.60
N ASN D 397 -10.11 12.34 10.27
CA ASN D 397 -9.18 11.49 9.55
C ASN D 397 -8.31 12.34 8.63
N ASP D 398 -7.16 11.77 8.24
CA ASP D 398 -6.25 12.45 7.33
C ASP D 398 -6.83 12.53 5.92
N ILE D 399 -6.60 13.66 5.25
CA ILE D 399 -6.73 13.68 3.80
C ILE D 399 -5.63 12.79 3.22
N LYS D 400 -6.01 11.90 2.30
CA LYS D 400 -5.03 11.06 1.65
C LYS D 400 -5.57 10.63 0.29
N LYS D 401 -4.67 10.05 -0.51
CA LYS D 401 -5.05 9.52 -1.81
C LYS D 401 -6.34 8.74 -1.71
N ASN D 402 -7.32 9.13 -2.53
CA ASN D 402 -8.64 8.50 -2.63
C ASN D 402 -9.50 8.64 -1.38
N SER D 403 -9.16 9.55 -0.45
CA SER D 403 -10.01 9.89 0.68
C SER D 403 -9.87 11.38 0.97
N TYR D 404 -10.42 12.21 0.08
CA TYR D 404 -10.19 13.65 0.13
C TYR D 404 -11.18 14.43 0.99
N GLY D 405 -12.35 13.88 1.29
CA GLY D 405 -13.35 14.61 2.04
C GLY D 405 -13.09 14.72 3.53
N ASN D 406 -11.83 14.71 3.94
CA ASN D 406 -11.47 14.76 5.35
C ASN D 406 -10.92 16.13 5.70
N LYS D 407 -10.64 16.34 6.99
CA LYS D 407 -10.30 17.68 7.45
C LYS D 407 -8.86 17.87 7.89
N TYR D 408 -8.11 16.80 8.16
CA TYR D 408 -6.75 16.91 8.68
C TYR D 408 -5.69 16.65 7.59
N ILE D 409 -4.70 17.53 7.51
CA ILE D 409 -3.61 17.41 6.55
C ILE D 409 -2.30 17.12 7.26
N ARG D 410 -1.62 16.07 6.82
CA ARG D 410 -0.28 15.72 7.30
C ARG D 410 0.71 16.42 6.38
N PHE D 411 1.16 17.62 6.79
CA PHE D 411 2.08 18.39 5.95
C PHE D 411 3.49 17.83 5.92
N GLY D 412 3.86 16.99 6.89
CA GLY D 412 5.27 16.58 6.95
C GLY D 412 6.16 17.77 7.30
N VAL D 413 7.46 17.60 7.09
CA VAL D 413 8.42 18.61 7.52
C VAL D 413 8.59 19.67 6.43
N ARG D 414 7.52 20.49 6.21
CA ARG D 414 7.44 21.39 5.07
C ARG D 414 6.74 22.68 5.49
N GLU D 415 7.38 23.48 6.34
CA GLU D 415 6.74 24.69 6.85
C GLU D 415 6.38 25.65 5.73
N HIS D 416 7.31 25.92 4.81
CA HIS D 416 7.03 26.92 3.78
C HIS D 416 5.93 26.45 2.84
N GLY D 417 6.04 25.22 2.35
CA GLY D 417 4.99 24.65 1.54
C GLY D 417 3.65 24.61 2.26
N MET D 418 3.69 24.29 3.57
CA MET D 418 2.47 24.30 4.39
C MET D 418 1.73 25.63 4.31
N VAL D 419 2.44 26.73 4.58
CA VAL D 419 1.75 28.02 4.61
C VAL D 419 1.26 28.41 3.22
N ALA D 420 2.06 28.14 2.19
CA ALA D 420 1.59 28.43 0.83
C ALA D 420 0.36 27.60 0.47
N ILE D 421 0.32 26.32 0.88
CA ILE D 421 -0.85 25.48 0.62
C ILE D 421 -2.06 26.02 1.39
N THR D 422 -1.82 26.45 2.64
CA THR D 422 -2.87 27.03 3.45
C THR D 422 -3.44 28.29 2.81
N ASN D 423 -2.57 29.15 2.27
CA ASN D 423 -3.02 30.29 1.48
C ASN D 423 -3.93 29.86 0.35
N GLY D 424 -3.53 28.79 -0.36
CA GLY D 424 -4.31 28.33 -1.51
C GLY D 424 -5.66 27.78 -1.11
N LEU D 425 -5.72 27.07 0.01
CA LEU D 425 -7.01 26.60 0.51
C LEU D 425 -7.93 27.77 0.82
N TYR D 426 -7.41 28.81 1.48
CA TYR D 426 -8.26 29.96 1.75
C TYR D 426 -8.69 30.62 0.45
N ALA D 427 -7.74 30.86 -0.47
CA ALA D 427 -8.04 31.59 -1.70
C ALA D 427 -9.01 30.83 -2.59
N TYR D 428 -9.06 29.50 -2.46
CA TYR D 428 -10.04 28.73 -3.23
C TYR D 428 -11.46 29.19 -2.95
N GLY D 429 -11.77 29.50 -1.70
CA GLY D 429 -13.11 29.77 -1.24
C GLY D 429 -13.67 28.62 -0.41
N GLY D 430 -14.57 28.94 0.51
CA GLY D 430 -15.30 27.91 1.25
C GLY D 430 -14.56 27.28 2.40
N PHE D 431 -13.36 27.76 2.76
CA PHE D 431 -12.57 27.13 3.80
C PHE D 431 -12.07 28.15 4.83
N LYS D 432 -11.90 27.69 6.07
CA LYS D 432 -11.23 28.41 7.14
C LYS D 432 -10.04 27.55 7.54
N PRO D 433 -8.90 27.69 6.88
CA PRO D 433 -7.76 26.81 7.14
C PRO D 433 -6.87 27.26 8.30
N TYR D 434 -6.18 26.27 8.88
CA TYR D 434 -5.20 26.55 9.92
C TYR D 434 -3.97 25.68 9.68
N CYS D 435 -2.84 26.12 10.24
CA CYS D 435 -1.60 25.38 10.11
C CYS D 435 -0.85 25.49 11.43
N GLY D 436 0.17 24.67 11.59
CA GLY D 436 0.91 24.68 12.85
C GLY D 436 2.36 24.26 12.74
N THR D 437 3.22 24.96 13.47
CA THR D 437 4.60 24.55 13.73
C THR D 437 5.06 25.31 14.97
N PHE D 438 6.31 25.09 15.38
CA PHE D 438 6.89 25.90 16.44
C PHE D 438 7.03 27.33 15.95
N LEU D 439 6.84 28.30 16.87
CA LEU D 439 6.93 29.70 16.47
C LEU D 439 8.22 30.02 15.74
N ASN D 440 9.35 29.48 16.23
CA ASN D 440 10.64 29.78 15.61
C ASN D 440 10.75 29.30 14.18
N PHE D 441 9.99 28.28 13.76
CA PHE D 441 10.15 27.83 12.38
C PHE D 441 9.13 28.43 11.43
N TYR D 442 8.29 29.37 11.88
CA TYR D 442 7.55 30.15 10.89
C TYR D 442 8.46 31.02 10.05
N THR D 443 9.71 31.30 10.47
CA THR D 443 10.54 32.08 9.55
C THR D 443 11.05 31.24 8.38
N TYR D 444 10.94 29.91 8.45
CA TYR D 444 11.11 29.07 7.27
C TYR D 444 10.07 29.41 6.21
N ALA D 445 8.91 29.89 6.64
CA ALA D 445 7.72 30.04 5.80
C ALA D 445 7.30 31.49 5.63
N PHE D 446 8.13 32.44 6.04
CA PHE D 446 7.67 33.83 6.04
C PHE D 446 7.40 34.36 4.64
N GLY D 447 8.04 33.81 3.62
CA GLY D 447 7.67 34.20 2.26
C GLY D 447 6.19 34.09 2.01
N ALA D 448 5.58 32.97 2.47
CA ALA D 448 4.16 32.74 2.25
C ALA D 448 3.30 33.46 3.30
N LEU D 449 3.79 33.55 4.55
CA LEU D 449 3.03 34.25 5.59
C LEU D 449 2.85 35.73 5.25
N ARG D 450 3.92 36.37 4.78
CA ARG D 450 3.84 37.77 4.38
C ARG D 450 2.81 37.96 3.27
N LEU D 451 2.73 37.00 2.34
CA LEU D 451 1.74 37.08 1.28
C LEU D 451 0.32 36.90 1.80
N ALA D 452 0.11 36.07 2.84
CA ALA D 452 -1.21 36.01 3.46
C ALA D 452 -1.65 37.39 3.92
N ALA D 453 -0.74 38.14 4.55
CA ALA D 453 -1.09 39.49 5.01
C ALA D 453 -1.38 40.41 3.83
N LEU D 454 -0.53 40.38 2.81
CA LEU D 454 -0.71 41.25 1.64
C LEU D 454 -1.97 40.89 0.86
N SER D 455 -2.32 39.60 0.82
CA SER D 455 -3.45 39.12 0.03
C SER D 455 -4.75 39.09 0.78
N ASN D 456 -4.76 39.48 2.06
CA ASN D 456 -5.93 39.34 2.92
C ASN D 456 -6.41 37.89 3.05
N HIS D 457 -5.51 36.91 2.99
CA HIS D 457 -5.92 35.52 3.24
C HIS D 457 -6.17 35.29 4.71
N HIS D 458 -7.36 34.78 5.03
CA HIS D 458 -7.78 34.57 6.42
C HIS D 458 -7.34 33.19 6.88
N ILE D 459 -6.05 33.07 7.22
CA ILE D 459 -5.48 31.82 7.70
C ILE D 459 -5.11 31.93 9.16
N LEU D 460 -5.18 30.80 9.86
CA LEU D 460 -4.86 30.72 11.28
C LEU D 460 -3.56 29.96 11.44
N CYS D 461 -2.55 30.58 12.05
CA CYS D 461 -1.26 29.92 12.29
C CYS D 461 -1.08 29.65 13.78
N ILE D 462 -1.12 28.38 14.13
CA ILE D 462 -0.88 27.95 15.51
C ILE D 462 0.63 27.87 15.68
N ALA D 463 1.16 28.61 16.66
CA ALA D 463 2.62 28.68 16.82
C ALA D 463 2.96 28.39 18.27
N THR D 464 3.29 27.13 18.58
CA THR D 464 3.61 26.76 19.94
C THR D 464 5.10 26.92 20.22
N HIS D 465 5.48 26.71 21.48
CA HIS D 465 6.88 26.77 21.88
C HIS D 465 7.47 28.13 21.51
N ASP D 466 6.82 29.17 22.05
CA ASP D 466 6.99 30.54 21.61
C ASP D 466 8.16 31.28 22.26
N SER D 467 8.92 30.66 23.15
CA SER D 467 9.99 31.40 23.82
C SER D 467 10.98 30.44 24.49
N VAL D 468 11.94 31.01 25.22
CA VAL D 468 12.91 30.21 25.97
C VAL D 468 12.22 29.34 27.00
N GLU D 469 10.96 29.61 27.30
CA GLU D 469 10.16 28.77 28.18
C GLU D 469 10.12 27.32 27.70
N LEU D 470 10.39 27.08 26.42
CA LEU D 470 10.43 25.70 25.92
C LEU D 470 11.59 24.89 26.48
N GLY D 471 12.64 25.55 26.96
CA GLY D 471 13.71 24.83 27.65
C GLY D 471 14.78 24.15 26.82
N GLU D 472 14.95 22.84 27.02
CA GLU D 472 16.20 22.16 26.64
C GLU D 472 16.47 22.08 25.14
N ASP D 473 15.45 22.15 24.28
CA ASP D 473 15.77 22.14 22.85
C ASP D 473 16.69 23.29 22.45
N GLY D 474 16.72 24.38 23.22
CA GLY D 474 17.80 25.34 23.12
C GLY D 474 17.63 26.43 22.09
N PRO D 475 18.69 27.21 21.87
CA PRO D 475 18.56 28.47 21.12
C PRO D 475 18.17 28.32 19.65
N THR D 476 18.42 27.17 19.02
CA THR D 476 17.98 27.00 17.63
C THR D 476 16.45 26.92 17.52
N HIS D 477 15.77 26.66 18.63
CA HIS D 477 14.32 26.53 18.67
C HIS D 477 13.64 27.71 19.34
N GLN D 478 14.39 28.57 20.03
CA GLN D 478 13.81 29.62 20.86
C GLN D 478 13.75 30.95 20.10
N PRO D 479 12.55 31.45 19.76
CA PRO D 479 12.45 32.75 19.08
C PRO D 479 12.87 33.89 19.98
N ILE D 480 13.49 34.90 19.37
CA ILE D 480 13.89 36.16 20.02
C ILE D 480 13.33 37.31 19.20
N GLU D 481 13.40 37.16 17.88
CA GLU D 481 13.11 38.19 16.91
C GLU D 481 11.72 38.07 16.28
N VAL D 482 10.98 37.01 16.55
CA VAL D 482 9.80 36.71 15.73
C VAL D 482 8.62 37.58 16.11
N LEU D 483 8.36 37.77 17.40
CA LEU D 483 7.27 38.64 17.81
C LEU D 483 7.44 40.04 17.22
N SER D 484 8.67 40.54 17.19
CA SER D 484 8.93 41.86 16.64
C SER D 484 8.69 41.89 15.13
N LEU D 485 9.17 40.87 14.42
CA LEU D 485 8.86 40.75 12.99
C LEU D 485 7.37 40.82 12.72
N LEU D 486 6.59 40.02 13.46
CA LEU D 486 5.16 39.95 13.18
C LEU D 486 4.47 41.27 13.49
N ARG D 487 4.91 41.96 14.56
CA ARG D 487 4.36 43.27 14.89
C ARG D 487 4.72 44.33 13.86
N SER D 488 5.72 44.07 13.02
CA SER D 488 6.17 45.02 12.02
C SER D 488 5.60 44.72 10.64
N THR D 489 4.72 43.72 10.52
CA THR D 489 4.15 43.33 9.24
C THR D 489 2.74 43.88 9.13
N PRO D 490 2.41 44.65 8.10
CA PRO D 490 1.04 45.17 7.97
C PRO D 490 0.02 44.05 7.82
N ASN D 491 -1.20 44.32 8.26
CA ASN D 491 -2.32 43.39 8.14
C ASN D 491 -1.98 41.97 8.62
N LEU D 492 -1.41 41.88 9.81
CA LEU D 492 -1.16 40.58 10.42
C LEU D 492 -1.37 40.71 11.91
N ASN D 493 -2.12 39.79 12.51
CA ASN D 493 -2.30 39.81 13.96
C ASN D 493 -1.43 38.75 14.62
N ILE D 494 -0.72 39.16 15.67
CA ILE D 494 0.01 38.22 16.52
C ILE D 494 -0.60 38.34 17.91
N ILE D 495 -1.12 37.23 18.42
CA ILE D 495 -1.76 37.18 19.73
C ILE D 495 -1.04 36.16 20.59
N ARG D 496 -0.78 36.52 21.85
CA ARG D 496 0.00 35.69 22.76
C ARG D 496 -0.81 35.56 24.05
N PRO D 497 -1.80 34.67 24.07
CA PRO D 497 -2.72 34.61 25.22
C PRO D 497 -2.04 34.10 26.48
N ALA D 498 -2.49 34.64 27.62
CA ALA D 498 -1.89 34.32 28.91
C ALA D 498 -2.52 33.12 29.60
N ASP D 499 -3.76 32.78 29.26
CA ASP D 499 -4.45 31.69 29.97
C ASP D 499 -5.63 31.22 29.13
N GLY D 500 -6.49 30.41 29.75
CA GLY D 500 -7.58 29.78 29.01
C GLY D 500 -8.56 30.76 28.41
N ASN D 501 -9.00 31.74 29.21
CA ASN D 501 -9.93 32.73 28.68
C ASN D 501 -9.32 33.48 27.51
N GLU D 502 -8.02 33.81 27.59
CA GLU D 502 -7.41 34.53 26.49
C GLU D 502 -7.17 33.66 25.26
N VAL D 503 -6.98 32.35 25.43
CA VAL D 503 -6.93 31.48 24.26
C VAL D 503 -8.27 31.51 23.53
N SER D 504 -9.37 31.48 24.29
CA SER D 504 -10.68 31.65 23.64
C SER D 504 -10.78 33.01 22.96
N GLY D 505 -10.25 34.05 23.60
CA GLY D 505 -10.25 35.37 22.99
C GLY D 505 -9.41 35.45 21.73
N ALA D 506 -8.36 34.65 21.64
CA ALA D 506 -7.51 34.70 20.45
C ALA D 506 -8.22 34.08 19.25
N TYR D 507 -8.92 32.97 19.48
CA TYR D 507 -9.78 32.39 18.44
C TYR D 507 -10.95 33.32 18.11
N LEU D 508 -11.57 33.93 19.13
CA LEU D 508 -12.60 34.92 18.86
C LEU D 508 -12.06 36.04 17.97
N SER D 509 -10.84 36.49 18.26
N SER D 509 -10.85 36.51 18.26
CA SER D 509 -10.25 37.59 17.49
CA SER D 509 -10.29 37.60 17.45
C SER D 509 -10.02 37.18 16.04
C SER D 509 -10.05 37.17 16.02
N HIS D 510 -9.54 35.95 15.82
CA HIS D 510 -9.30 35.48 14.45
C HIS D 510 -10.58 35.55 13.63
N PHE D 511 -11.64 34.94 14.14
CA PHE D 511 -12.88 34.92 13.37
C PHE D 511 -13.63 36.23 13.35
N SER D 512 -13.26 37.19 14.20
CA SER D 512 -13.81 38.55 14.16
C SER D 512 -13.05 39.48 13.22
N ASN D 513 -11.93 39.03 12.64
CA ASN D 513 -11.10 39.84 11.75
C ASN D 513 -10.85 39.04 10.47
N PRO D 514 -11.86 38.93 9.59
CA PRO D 514 -11.83 37.90 8.55
C PRO D 514 -11.03 38.24 7.31
N HIS D 515 -10.28 39.35 7.27
CA HIS D 515 -9.42 39.63 6.12
C HIS D 515 -7.95 39.76 6.54
N THR D 516 -7.58 39.20 7.69
CA THR D 516 -6.27 39.35 8.33
C THR D 516 -5.80 38.01 8.87
N PRO D 517 -4.61 37.56 8.49
CA PRO D 517 -4.10 36.30 9.06
C PRO D 517 -3.77 36.49 10.54
N THR D 518 -3.91 35.42 11.31
CA THR D 518 -3.62 35.44 12.75
C THR D 518 -2.55 34.42 13.08
N VAL D 519 -1.56 34.83 13.87
CA VAL D 519 -0.61 33.91 14.49
C VAL D 519 -0.93 33.88 15.99
N ILE D 520 -1.16 32.70 16.54
CA ILE D 520 -1.38 32.54 17.98
C ILE D 520 -0.13 31.89 18.58
N ALA D 521 0.56 32.65 19.44
CA ALA D 521 1.78 32.19 20.11
C ALA D 521 1.40 31.51 21.42
N LEU D 522 1.89 30.27 21.60
CA LEU D 522 1.41 29.39 22.67
C LEU D 522 2.59 28.78 23.41
N CYS D 523 2.46 28.62 24.74
CA CYS D 523 3.57 28.13 25.54
C CYS D 523 3.52 26.63 25.76
N ARG D 524 4.66 26.06 26.18
CA ARG D 524 4.81 24.62 26.35
C ARG D 524 4.24 24.10 27.67
N ASN D 525 4.47 24.80 28.79
CA ASN D 525 4.15 24.30 30.12
C ASN D 525 2.96 25.03 30.75
N LYS D 526 2.41 24.42 31.81
CA LYS D 526 1.19 24.93 32.42
C LYS D 526 1.38 26.31 33.01
N VAL D 527 0.35 27.14 32.87
CA VAL D 527 0.27 28.45 33.52
C VAL D 527 -1.08 28.56 34.21
N PRO D 528 -1.20 29.35 35.27
CA PRO D 528 -2.49 29.44 35.97
C PRO D 528 -3.51 30.27 35.22
N HIS D 529 -4.77 29.95 35.42
CA HIS D 529 -5.84 30.83 34.97
C HIS D 529 -5.85 32.09 35.85
N LEU D 530 -6.01 33.24 35.21
CA LEU D 530 -5.76 34.52 35.87
C LEU D 530 -7.03 35.30 36.16
N ASN D 531 -6.95 36.15 37.18
N ASN D 531 -6.93 36.18 37.15
CA ASN D 531 -8.09 36.98 37.58
CA ASN D 531 -8.04 37.03 37.56
C ASN D 531 -8.50 37.94 36.47
C ASN D 531 -8.49 37.95 36.42
N ASN D 532 -9.80 37.93 36.13
N ASN D 532 -9.80 37.95 36.15
CA ASN D 532 -10.43 38.93 35.27
CA ASN D 532 -10.46 38.94 35.28
C ASN D 532 -10.02 38.87 33.81
C ASN D 532 -10.01 38.88 33.82
N THR D 533 -9.46 37.77 33.34
CA THR D 533 -9.21 37.66 31.91
C THR D 533 -10.55 37.51 31.20
N GLN D 534 -10.66 38.12 30.00
CA GLN D 534 -11.93 38.22 29.30
C GLN D 534 -11.72 37.96 27.81
N PRO D 535 -12.35 36.95 27.22
CA PRO D 535 -12.14 36.70 25.78
C PRO D 535 -12.45 37.89 24.90
N GLU D 536 -13.55 38.63 25.15
CA GLU D 536 -13.90 39.77 24.31
C GLU D 536 -12.87 40.88 24.35
N GLN D 537 -12.20 41.07 25.49
CA GLN D 537 -11.24 42.15 25.61
C GLN D 537 -9.94 41.87 24.87
N VAL D 538 -9.63 40.60 24.58
CA VAL D 538 -8.47 40.28 23.74
C VAL D 538 -8.58 41.00 22.40
N LEU D 539 -9.81 41.24 21.92
CA LEU D 539 -10.02 41.94 20.65
C LEU D 539 -9.44 43.35 20.67
N LYS D 540 -9.27 43.95 21.84
CA LYS D 540 -8.67 45.27 21.97
C LYS D 540 -7.16 45.25 22.15
N GLY D 541 -6.55 44.07 22.21
CA GLY D 541 -5.10 43.95 22.20
C GLY D 541 -4.46 44.08 23.56
N ALA D 542 -4.93 45.05 24.36
CA ALA D 542 -4.50 45.19 25.73
C ALA D 542 -5.68 45.67 26.55
N TYR D 543 -5.75 45.22 27.80
CA TYR D 543 -6.85 45.63 28.68
C TYR D 543 -6.44 45.43 30.14
N ILE D 544 -7.16 46.10 31.04
CA ILE D 544 -6.80 46.09 32.46
C ILE D 544 -7.40 44.88 33.15
N LEU D 545 -6.55 44.11 33.84
CA LEU D 545 -7.03 43.01 34.67
C LEU D 545 -7.35 43.48 36.08
N GLU D 546 -6.45 44.26 36.68
CA GLU D 546 -6.66 44.82 38.01
C GLU D 546 -6.27 46.28 37.96
N ASP D 547 -7.24 47.16 38.25
CA ASP D 547 -6.99 48.59 38.23
C ASP D 547 -6.42 49.07 39.57
N PHE D 548 -6.05 50.35 39.59
CA PHE D 548 -5.56 50.97 40.80
C PHE D 548 -6.64 50.97 41.88
N ASP D 549 -6.21 50.84 43.14
CA ASP D 549 -7.11 51.06 44.26
C ASP D 549 -7.26 52.57 44.49
N THR D 550 -8.05 52.96 45.49
CA THR D 550 -8.32 54.37 45.74
C THR D 550 -7.35 55.03 46.72
N SER D 551 -6.25 54.35 47.08
CA SER D 551 -5.27 54.90 48.00
C SER D 551 -4.46 56.03 47.37
N ASN D 552 -3.68 56.72 48.21
CA ASN D 552 -2.69 57.68 47.74
C ASN D 552 -1.29 57.09 47.64
N ASN D 553 -1.17 55.76 47.67
CA ASN D 553 0.14 55.13 47.54
C ASN D 553 0.69 55.31 46.13
N PRO D 554 2.02 55.27 45.97
CA PRO D 554 2.61 55.48 44.64
C PRO D 554 2.13 54.43 43.66
N LYS D 555 1.83 54.85 42.44
CA LYS D 555 1.26 53.95 41.45
C LYS D 555 2.34 53.31 40.59
N VAL D 556 2.00 52.13 40.08
CA VAL D 556 2.86 51.29 39.24
C VAL D 556 1.96 50.55 38.28
N ILE D 557 2.38 50.41 37.03
CA ILE D 557 1.72 49.51 36.09
C ILE D 557 2.65 48.36 35.76
N LEU D 558 2.16 47.12 35.88
CA LEU D 558 2.85 45.93 35.42
C LEU D 558 2.08 45.37 34.23
N THR D 559 2.77 45.18 33.11
CA THR D 559 2.16 44.66 31.90
C THR D 559 2.90 43.40 31.45
N GLY D 560 2.15 42.42 30.94
CA GLY D 560 2.74 41.18 30.47
C GLY D 560 1.78 40.44 29.57
N SER D 561 2.27 39.31 29.03
CA SER D 561 1.46 38.47 28.16
C SER D 561 1.91 37.04 28.32
N GLY D 562 1.13 36.12 27.71
CA GLY D 562 1.58 34.75 27.58
C GLY D 562 2.00 34.14 28.90
N SER D 563 3.11 33.42 28.86
CA SER D 563 3.53 32.64 30.02
C SER D 563 4.15 33.50 31.13
N GLU D 564 4.37 34.80 30.92
CA GLU D 564 4.98 35.61 31.96
C GLU D 564 4.00 36.52 32.69
N LEU D 565 2.74 36.61 32.24
CA LEU D 565 1.80 37.50 32.92
C LEU D 565 1.57 37.07 34.36
N HIS D 566 1.58 35.77 34.65
CA HIS D 566 1.39 35.35 36.04
C HIS D 566 2.50 35.85 36.94
N LEU D 567 3.70 36.11 36.39
CA LEU D 567 4.78 36.68 37.19
C LEU D 567 4.44 38.08 37.67
N CYS D 568 3.65 38.82 36.88
CA CYS D 568 3.24 40.16 37.28
C CYS D 568 2.32 40.11 38.48
N PHE D 569 1.42 39.13 38.54
CA PHE D 569 0.56 38.97 39.71
C PHE D 569 1.39 38.66 40.95
N GLU D 570 2.39 37.78 40.82
CA GLU D 570 3.25 37.47 41.95
C GLU D 570 4.08 38.67 42.37
N ALA D 571 4.58 39.45 41.40
CA ALA D 571 5.29 40.68 41.75
C ALA D 571 4.37 41.70 42.41
N LYS D 572 3.12 41.81 41.93
CA LYS D 572 2.19 42.75 42.55
C LYS D 572 1.98 42.44 44.01
N GLU D 573 1.86 41.15 44.36
CA GLU D 573 1.64 40.76 45.74
C GLU D 573 2.74 41.32 46.65
N ILE D 574 4.00 41.27 46.20
CA ILE D 574 5.11 41.79 46.98
C ILE D 574 5.10 43.32 47.00
N LEU D 575 4.91 43.96 45.83
CA LEU D 575 4.93 45.42 45.80
C LEU D 575 3.80 46.01 46.64
N LYS D 576 2.66 45.35 46.68
CA LYS D 576 1.52 45.84 47.45
C LYS D 576 1.72 45.60 48.94
N ASN D 577 2.01 44.36 49.34
CA ASN D 577 2.02 44.00 50.76
C ASN D 577 3.33 44.34 51.45
N GLN D 578 4.45 44.39 50.72
CA GLN D 578 5.72 44.71 51.35
C GLN D 578 6.23 46.11 51.05
N HIS D 579 5.75 46.75 49.99
CA HIS D 579 6.20 48.10 49.68
C HIS D 579 5.06 49.11 49.57
N GLN D 580 3.84 48.69 49.89
CA GLN D 580 2.67 49.58 49.94
C GLN D 580 2.56 50.44 48.69
N LEU D 581 2.56 49.77 47.53
CA LEU D 581 2.38 50.41 46.23
C LEU D 581 1.01 50.08 45.67
N ASN D 582 0.52 50.98 44.81
CA ASN D 582 -0.79 50.85 44.16
C ASN D 582 -0.55 50.36 42.74
N VAL D 583 -0.83 49.08 42.48
CA VAL D 583 -0.38 48.39 41.27
C VAL D 583 -1.56 48.04 40.37
N ARG D 584 -1.48 48.51 39.12
CA ARG D 584 -2.37 48.06 38.05
C ARG D 584 -1.70 46.93 37.28
N ILE D 585 -2.46 45.92 36.90
CA ILE D 585 -1.98 44.86 36.01
C ILE D 585 -2.71 44.95 34.69
N VAL D 586 -1.94 45.05 33.60
CA VAL D 586 -2.46 45.10 32.24
C VAL D 586 -2.09 43.80 31.53
N SER D 587 -3.05 43.19 30.84
CA SER D 587 -2.75 42.07 29.96
C SER D 587 -2.57 42.62 28.55
N PHE D 588 -1.51 42.20 27.88
CA PHE D 588 -1.14 42.71 26.55
C PHE D 588 -1.04 41.57 25.55
N PRO D 589 -2.16 40.88 25.26
CA PRO D 589 -2.05 39.72 24.35
C PRO D 589 -1.72 40.08 22.89
N SER D 590 -1.97 41.30 22.41
CA SER D 590 -1.71 41.55 20.98
C SER D 590 -1.36 43.01 20.74
N TRP D 591 -0.10 43.26 20.38
CA TRP D 591 0.32 44.60 19.99
C TRP D 591 -0.43 45.09 18.76
N THR D 592 -0.66 44.20 17.81
CA THR D 592 -1.27 44.60 16.54
C THR D 592 -2.74 44.98 16.75
N LEU D 593 -3.47 44.20 17.54
CA LEU D 593 -4.86 44.58 17.84
C LEU D 593 -4.92 45.83 18.69
N PHE D 594 -3.94 46.04 19.57
CA PHE D 594 -3.91 47.25 20.38
C PHE D 594 -3.66 48.49 19.52
N LYS D 595 -2.78 48.38 18.54
CA LYS D 595 -2.46 49.53 17.72
C LYS D 595 -3.62 49.96 16.85
N LYS D 596 -4.59 49.08 16.57
CA LYS D 596 -5.82 49.47 15.88
C LYS D 596 -6.70 50.37 16.73
N GLN D 597 -6.57 50.33 18.04
CA GLN D 597 -7.50 51.08 18.87
C GLN D 597 -7.19 52.57 18.85
N PRO D 598 -8.20 53.40 19.09
CA PRO D 598 -7.97 54.85 19.17
C PRO D 598 -6.94 55.17 20.24
N GLU D 599 -6.20 56.27 20.04
CA GLU D 599 -5.17 56.66 21.01
C GLU D 599 -5.74 56.85 22.40
N ASP D 600 -6.94 57.43 22.52
CA ASP D 600 -7.53 57.63 23.85
C ASP D 600 -7.64 56.33 24.62
N TYR D 601 -8.02 55.24 23.94
CA TYR D 601 -8.04 53.94 24.60
C TYR D 601 -6.64 53.48 24.98
N GLN D 602 -5.68 53.59 24.05
CA GLN D 602 -4.34 53.12 24.33
C GLN D 602 -3.75 53.83 25.56
N TYR D 603 -3.91 55.16 25.63
CA TYR D 603 -3.39 55.89 26.79
C TYR D 603 -4.14 55.54 28.07
N SER D 604 -5.43 55.28 27.97
N SER D 604 -5.44 55.27 27.99
CA SER D 604 -6.21 54.89 29.15
CA SER D 604 -6.18 54.91 29.19
C SER D 604 -5.65 53.62 29.78
C SER D 604 -5.65 53.61 29.80
N VAL D 605 -5.10 52.72 28.98
CA VAL D 605 -4.58 51.44 29.47
C VAL D 605 -3.13 51.54 29.92
N MET D 606 -2.26 52.05 29.05
CA MET D 606 -0.81 52.07 29.28
C MET D 606 -0.33 53.31 30.04
N MET D 607 -1.10 54.40 30.01
CA MET D 607 -0.76 55.68 30.63
C MET D 607 0.64 56.14 30.26
N HIS D 608 1.01 55.89 29.00
CA HIS D 608 2.36 56.24 28.57
C HIS D 608 2.52 57.73 28.28
N ASN D 609 1.52 58.55 28.60
CA ASN D 609 1.68 60.00 28.64
C ASN D 609 2.21 60.50 29.98
N HIS D 610 2.52 59.60 30.92
CA HIS D 610 3.07 59.97 32.23
C HIS D 610 4.53 59.55 32.32
N PRO D 611 5.47 60.49 32.22
CA PRO D 611 6.88 60.10 32.18
C PRO D 611 7.41 59.55 33.49
N ASN D 612 6.86 59.93 34.63
CA ASN D 612 7.39 59.46 35.90
C ASN D 612 6.64 58.27 36.47
N LEU D 613 5.58 57.82 35.80
CA LEU D 613 4.87 56.66 36.29
C LEU D 613 5.63 55.40 35.88
N PRO D 614 5.97 54.51 36.82
CA PRO D 614 6.63 53.26 36.44
C PRO D 614 5.71 52.43 35.56
N ARG D 615 6.16 52.17 34.33
CA ARG D 615 5.37 51.44 33.34
C ARG D 615 6.20 50.24 32.90
N PHE D 616 5.97 49.12 33.54
CA PHE D 616 6.80 47.93 33.40
C PHE D 616 6.23 46.98 32.37
N TYR D 617 7.14 46.28 31.67
CA TYR D 617 6.77 45.22 30.74
C TYR D 617 7.77 44.08 30.84
N ILE D 618 7.28 42.86 30.70
CA ILE D 618 8.15 41.68 30.66
C ILE D 618 7.76 40.85 29.44
N GLU D 619 8.76 40.42 28.68
CA GLU D 619 8.51 39.58 27.51
C GLU D 619 9.80 38.89 27.10
N PRO D 620 9.75 37.58 26.82
CA PRO D 620 10.97 36.81 26.49
C PRO D 620 11.39 36.99 25.03
N ALA D 621 11.73 38.22 24.66
CA ALA D 621 12.00 38.53 23.27
C ALA D 621 12.76 39.84 23.18
N SER D 622 13.15 40.20 21.96
CA SER D 622 13.86 41.44 21.71
C SER D 622 13.05 42.62 22.26
N THR D 623 13.77 43.60 22.86
CA THR D 623 13.12 44.80 23.40
C THR D 623 12.82 45.83 22.32
N HIS D 624 13.12 45.54 21.07
CA HIS D 624 12.77 46.44 19.98
C HIS D 624 11.29 46.82 20.08
N GLY D 625 11.01 48.12 20.12
CA GLY D 625 9.65 48.61 20.20
C GLY D 625 9.14 48.89 21.60
N PHE D 626 9.81 48.39 22.64
CA PHE D 626 9.24 48.46 23.99
C PHE D 626 9.09 49.90 24.50
N ASP D 627 9.95 50.82 24.04
CA ASP D 627 9.89 52.20 24.56
C ASP D 627 8.61 52.96 24.19
N THR D 628 7.79 52.44 23.27
CA THR D 628 6.52 53.09 22.95
C THR D 628 5.61 53.21 24.18
N TYR D 629 5.45 52.13 24.93
CA TYR D 629 4.50 52.09 26.04
C TYR D 629 5.14 52.01 27.42
N PHE D 630 6.42 51.71 27.51
CA PHE D 630 7.02 51.31 28.78
C PHE D 630 8.32 52.06 29.01
N ASN D 631 8.65 52.26 30.30
CA ASN D 631 9.90 52.91 30.66
C ASN D 631 10.80 52.05 31.55
N VAL D 632 10.39 50.84 31.88
CA VAL D 632 11.24 49.87 32.56
C VAL D 632 10.76 48.48 32.14
N TYR D 633 11.70 47.59 31.81
CA TYR D 633 11.28 46.32 31.22
C TYR D 633 12.37 45.27 31.30
N ILE D 634 11.93 44.02 31.24
CA ILE D 634 12.78 42.83 31.16
C ILE D 634 12.49 42.16 29.83
N GLY D 635 13.50 42.10 28.95
CA GLY D 635 13.38 41.40 27.68
C GLY D 635 14.55 40.46 27.47
N ILE D 636 14.76 39.94 26.26
CA ILE D 636 15.91 39.09 25.95
C ILE D 636 16.55 39.57 24.65
N ASN D 637 17.73 40.17 24.76
CA ASN D 637 18.45 40.70 23.60
C ASN D 637 19.67 39.84 23.30
N GLN D 638 19.46 38.54 23.28
CA GLN D 638 20.51 37.55 23.03
C GLN D 638 19.81 36.26 22.65
N PHE D 639 20.57 35.32 22.09
CA PHE D 639 19.99 34.00 21.88
C PHE D 639 19.86 33.27 23.23
N GLY D 640 19.11 32.17 23.22
CA GLY D 640 18.79 31.43 24.43
C GLY D 640 19.80 30.36 24.80
N TYR D 641 19.31 29.31 25.47
CA TYR D 641 20.15 28.27 26.05
C TYR D 641 19.47 26.92 25.96
N SER D 642 20.28 25.87 25.83
CA SER D 642 19.79 24.51 26.03
C SER D 642 19.86 24.22 27.52
N ALA D 643 18.73 24.35 28.20
CA ALA D 643 18.67 24.24 29.65
C ALA D 643 17.21 24.12 30.06
N PRO D 644 16.92 23.58 31.24
CA PRO D 644 15.53 23.58 31.73
C PRO D 644 15.00 25.00 31.84
N LYS D 645 13.70 25.14 31.59
CA LYS D 645 13.04 26.44 31.64
C LYS D 645 13.37 27.22 32.92
N ASN D 646 13.29 26.56 34.08
N ASN D 646 13.27 26.56 34.07
CA ASN D 646 13.50 27.30 35.32
CA ASN D 646 13.51 27.27 35.33
C ASN D 646 14.91 27.86 35.41
C ASN D 646 14.89 27.87 35.37
N LYS D 647 15.90 27.15 34.87
CA LYS D 647 17.27 27.66 34.91
C LYS D 647 17.44 28.87 34.00
N ILE D 648 16.80 28.86 32.83
CA ILE D 648 16.87 30.02 31.95
C ILE D 648 16.20 31.24 32.59
N TRP D 649 14.98 31.04 33.11
CA TRP D 649 14.27 32.15 33.73
C TRP D 649 15.05 32.75 34.91
N GLU D 650 15.64 31.89 35.77
CA GLU D 650 16.49 32.43 36.84
C GLU D 650 17.66 33.20 36.30
N HIS D 651 18.34 32.67 35.28
CA HIS D 651 19.53 33.35 34.78
C HIS D 651 19.19 34.69 34.14
N LEU D 652 18.10 34.76 33.37
CA LEU D 652 17.73 35.97 32.67
C LEU D 652 16.82 36.90 33.49
N GLY D 653 16.49 36.51 34.72
CA GLY D 653 15.74 37.42 35.58
C GLY D 653 14.24 37.41 35.38
N PHE D 654 13.69 36.32 34.84
CA PHE D 654 12.24 36.19 34.70
C PHE D 654 11.68 35.58 35.99
N THR D 655 11.67 36.41 37.04
CA THR D 655 11.21 36.03 38.37
C THR D 655 10.45 37.20 38.96
N PRO D 656 9.52 36.93 39.88
CA PRO D 656 8.83 38.04 40.57
C PRO D 656 9.79 38.95 41.34
N GLU D 657 10.76 38.36 42.02
CA GLU D 657 11.75 39.16 42.76
C GLU D 657 12.51 40.11 41.85
N ASN D 658 12.83 39.69 40.63
CA ASN D 658 13.56 40.59 39.74
C ASN D 658 12.66 41.69 39.17
N ILE D 659 11.39 41.37 38.87
CA ILE D 659 10.45 42.45 38.51
C ILE D 659 10.42 43.49 39.62
N VAL D 660 10.30 43.03 40.86
CA VAL D 660 10.24 43.93 42.01
C VAL D 660 11.48 44.82 42.06
N GLN D 661 12.67 44.22 41.91
CA GLN D 661 13.87 45.05 42.07
C GLN D 661 13.99 46.06 40.94
N LYS D 662 13.56 45.68 39.73
CA LYS D 662 13.60 46.61 38.61
C LYS D 662 12.66 47.78 38.83
N VAL D 663 11.45 47.50 39.33
CA VAL D 663 10.47 48.56 39.54
C VAL D 663 10.91 49.49 40.67
N LEU D 664 11.29 48.90 41.82
CA LEU D 664 11.76 49.70 42.94
C LEU D 664 12.96 50.56 42.56
N ALA D 665 13.89 50.00 41.77
CA ALA D 665 15.04 50.78 41.34
C ALA D 665 14.63 51.94 40.44
N PHE D 666 13.70 51.70 39.51
CA PHE D 666 13.19 52.81 38.71
C PHE D 666 12.58 53.89 39.61
N MET D 667 11.79 53.49 40.62
CA MET D 667 11.06 54.47 41.41
C MET D 667 11.96 55.26 42.34
N LYS D 668 12.89 54.59 43.04
CA LYS D 668 13.78 55.31 43.94
C LYS D 668 14.55 56.36 43.17
N ASN D 669 15.01 56.01 41.97
CA ASN D 669 15.75 56.95 41.13
C ASN D 669 14.86 58.12 40.69
N LYS D 670 13.62 57.84 40.28
CA LYS D 670 12.74 58.92 39.83
C LYS D 670 12.42 59.89 40.97
N LEU D 671 12.23 59.35 42.18
CA LEU D 671 11.96 60.21 43.33
C LEU D 671 13.10 61.19 43.56
N LYS D 672 14.34 60.72 43.38
CA LYS D 672 15.51 61.53 43.65
C LYS D 672 15.66 62.60 42.59
N GLU D 673 15.46 62.22 41.32
CA GLU D 673 15.50 63.18 40.23
C GLU D 673 14.44 64.27 40.40
N ASN D 674 13.23 63.88 40.80
CA ASN D 674 12.17 64.86 41.02
C ASN D 674 12.51 65.82 42.15
N LEU D 675 13.20 65.34 43.19
CA LEU D 675 13.58 66.21 44.29
C LEU D 675 14.54 67.29 43.84
N TYR D 676 15.48 66.96 42.96
CA TYR D 676 16.45 67.92 42.44
C TYR D 676 15.73 69.14 41.86
#